data_8UV2
#
_entry.id   8UV2
#
_cell.length_a   1.00
_cell.length_b   1.00
_cell.length_c   1.00
_cell.angle_alpha   90.00
_cell.angle_beta   90.00
_cell.angle_gamma   90.00
#
_symmetry.space_group_name_H-M   'P 1'
#
loop_
_entity.id
_entity.type
_entity.pdbx_description
1 polymer 'Transitional endoplasmic reticulum ATPase'
2 non-polymer "ADENOSINE-5'-DIPHOSPHATE"
3 non-polymer '3-(4-{[(4P)-5-{[(1R)-cyclohex-2-en-1-yl]sulfanyl}-4-(pyridin-3-yl)-4H-1,2,4-triazol-3-yl]methoxy}-2,6-difluorophenyl)prop-2-yn-1-yl (1-methylpiperidin-4-yl)carbamate'
#
_entity_poly.entity_id   1
_entity_poly.type   'polypeptide(L)'
_entity_poly.pdbx_seq_one_letter_code
;MASGADSKGDDLSTAILKQKNRPNRLIVDEAINEDNSVVSLSQPKMDELQLFRGDTVLLKGKKRREAVCIVLSDDTCSDE
KIRMNRVVRNNLRVRLGDVISIQPCPDVKYGKRIHVLPIDDTVEGITGNLFEVYLKPYFLEAYRPIRKGDIFLVRGGMRA
VEFKVVETDPSPYCIVAPDTVIHCEGEPIKREDEEESLNEVGYDDIGGCRKQLAQIKEMVELPLRHPALFKAIGVKPPRG
ILLYGPPGTGKTLIARAVANETGAFFFLINGPEIMSKLAGESESNLRKAFEEAEKNAPAIIFIDELDAIAPKREKTHGEV
ERRIVSQLLTLMDGLKQRAHVIVMAATNRPNSIDPALRRFGRFDREVDIGIPDATGRLEILQIHTKNMKLADDVDLEQVA
NETHGHVGADLAALCSEAALQAIRKKMDLIDLEDETIDAEVMNSLAVTMDDFRWALSQSNPSALRETVVEVPQVTWEDIG
GLEDVKRELQELVQYPVEHPDKFLKFGMTPSKGVLFYGPPGCGKTLLAKAIANECQANFISIKGPELLTMWFGESEANVR
EIFDKARQAAPCVLFFDELDSIAKARGGNIGDGGGAADRVINQILTEMDGMSTKKNVFIIGATNRPDIIDPAILRPGRLD
QLIYIPLPDEKSRVAILKANLRKSPVAKDVDLEFLAKMTNGFSGADLTEICQRACKLAIRESIESEIRRERERQTNPSAM
EVEEDDPVPEIRRDHFEEAMRFARRSVSDNDIRKYEMFAQTLQQSRGFGSFRFPSGNQGGAGPSQGSGGGTGGSVYTEDN
DDDLYG
;
_entity_poly.pdbx_strand_id   A,B,C,D,E,F
#
loop_
_chem_comp.id
_chem_comp.type
_chem_comp.name
_chem_comp.formula
ADP non-polymer ADENOSINE-5'-DIPHOSPHATE 'C10 H15 N5 O10 P2'
XKM non-polymer '3-(4-{[(4P)-5-{[(1R)-cyclohex-2-en-1-yl]sulfanyl}-4-(pyridin-3-yl)-4H-1,2,4-triazol-3-yl]methoxy}-2,6-difluorophenyl)prop-2-yn-1-yl (1-methylpiperidin-4-yl)carbamate' 'C30 H32 F2 N6 O3 S'
#
# COMPACT_ATOMS: atom_id res chain seq x y z
N ARG A 22 26.24 65.09 -6.46
CA ARG A 22 26.45 66.02 -5.36
C ARG A 22 26.75 65.27 -4.05
N PRO A 23 27.60 65.84 -3.19
CA PRO A 23 27.89 65.18 -1.91
C PRO A 23 26.78 65.34 -0.88
N ASN A 24 25.76 66.13 -1.17
CA ASN A 24 24.68 66.38 -0.23
C ASN A 24 23.55 65.39 -0.42
N ARG A 25 23.85 64.22 -1.00
CA ARG A 25 22.85 63.21 -1.28
C ARG A 25 23.22 61.90 -0.61
N LEU A 26 22.21 61.12 -0.25
CA LEU A 26 22.38 59.81 0.34
C LEU A 26 21.36 58.88 -0.29
N ILE A 27 21.35 57.63 0.16
CA ILE A 27 20.41 56.62 -0.33
C ILE A 27 19.47 56.25 0.80
N VAL A 28 18.17 56.25 0.51
CA VAL A 28 17.17 55.96 1.54
C VAL A 28 17.13 54.47 1.81
N ASP A 29 17.03 54.11 3.09
CA ASP A 29 16.97 52.72 3.51
C ASP A 29 15.93 52.58 4.62
N GLU A 30 15.70 51.34 5.04
CA GLU A 30 14.62 51.06 5.98
C GLU A 30 14.86 51.76 7.32
N ALA A 31 13.77 52.14 7.96
CA ALA A 31 13.84 52.92 9.19
C ALA A 31 14.22 52.04 10.38
N ILE A 32 14.81 52.68 11.40
CA ILE A 32 15.12 52.00 12.65
C ILE A 32 14.01 52.14 13.69
N ASN A 33 13.14 53.13 13.53
CA ASN A 33 12.08 53.38 14.49
C ASN A 33 10.77 53.60 13.74
N GLU A 34 9.66 53.35 14.43
CA GLU A 34 8.34 53.52 13.85
C GLU A 34 7.92 54.98 13.71
N ASP A 35 8.56 55.90 14.43
CA ASP A 35 8.18 57.30 14.40
C ASP A 35 8.60 57.92 13.07
N ASN A 36 7.77 58.82 12.56
CA ASN A 36 8.09 59.58 11.36
C ASN A 36 8.77 60.89 11.75
N SER A 37 9.14 61.67 10.74
CA SER A 37 9.78 62.97 10.91
C SER A 37 11.14 62.88 11.58
N VAL A 38 11.69 61.68 11.75
CA VAL A 38 13.01 61.48 12.34
C VAL A 38 13.82 60.63 11.37
N VAL A 39 14.99 61.12 10.99
CA VAL A 39 15.82 60.51 9.96
C VAL A 39 17.20 60.25 10.54
N SER A 40 17.73 59.06 10.28
CA SER A 40 19.02 58.67 10.85
C SER A 40 20.14 58.96 9.86
N LEU A 41 21.22 59.56 10.35
CA LEU A 41 22.40 59.85 9.56
C LEU A 41 23.63 59.26 10.23
N SER A 42 24.51 58.67 9.44
CA SER A 42 25.78 58.21 9.97
C SER A 42 26.53 59.39 10.61
N GLN A 43 26.96 59.20 11.85
CA GLN A 43 27.63 60.29 12.56
C GLN A 43 28.86 60.78 11.82
N PRO A 44 29.73 59.93 11.26
CA PRO A 44 30.79 60.43 10.39
C PRO A 44 30.29 61.24 9.21
N LYS A 45 29.12 60.89 8.65
CA LYS A 45 28.60 61.62 7.51
C LYS A 45 27.93 62.93 7.89
N MET A 46 27.54 63.10 9.15
CA MET A 46 26.79 64.29 9.55
C MET A 46 27.62 65.55 9.37
N ASP A 47 28.84 65.56 9.92
CA ASP A 47 29.66 66.76 9.86
C ASP A 47 30.01 67.13 8.43
N GLU A 48 30.40 66.14 7.61
CA GLU A 48 30.68 66.42 6.21
C GLU A 48 29.45 66.93 5.50
N LEU A 49 28.27 66.53 5.96
CA LEU A 49 27.01 67.03 5.44
C LEU A 49 26.63 68.38 6.03
N GLN A 50 27.46 68.93 6.93
CA GLN A 50 27.18 70.22 7.57
C GLN A 50 25.88 70.18 8.37
N LEU A 51 25.68 69.08 9.09
CA LEU A 51 24.54 68.90 9.98
C LEU A 51 25.05 68.42 11.35
N PHE A 52 24.34 68.81 12.39
CA PHE A 52 24.76 68.58 13.77
C PHE A 52 23.73 67.74 14.51
N ARG A 53 23.94 67.59 15.82
CA ARG A 53 23.26 66.58 16.61
C ARG A 53 21.74 66.67 16.56
N GLY A 54 21.17 67.86 16.39
CA GLY A 54 19.73 68.02 16.44
C GLY A 54 19.19 68.96 15.40
N ASP A 55 19.95 69.16 14.31
CA ASP A 55 19.54 70.10 13.29
C ASP A 55 18.34 69.56 12.51
N THR A 56 17.69 70.46 11.79
CA THR A 56 16.57 70.10 10.92
C THR A 56 17.12 69.65 9.58
N VAL A 57 16.95 68.37 9.25
CA VAL A 57 17.46 67.81 8.00
C VAL A 57 16.38 68.01 6.95
N LEU A 58 16.54 69.04 6.12
CA LEU A 58 15.66 69.21 4.97
C LEU A 58 15.97 68.13 3.95
N LEU A 59 14.96 67.76 3.16
CA LEU A 59 15.08 66.65 2.23
C LEU A 59 14.43 67.03 0.91
N LYS A 60 15.08 66.66 -0.19
CA LYS A 60 14.57 66.91 -1.54
C LYS A 60 14.56 65.59 -2.28
N GLY A 61 13.36 65.13 -2.64
CA GLY A 61 13.19 63.81 -3.20
C GLY A 61 13.50 63.73 -4.67
N LYS A 62 13.33 62.52 -5.21
CA LYS A 62 13.60 62.28 -6.61
C LYS A 62 12.68 63.10 -7.50
N LYS A 63 11.39 63.10 -7.21
CA LYS A 63 10.48 63.98 -7.92
C LYS A 63 10.65 65.41 -7.43
N ARG A 64 9.90 66.33 -8.02
CA ARG A 64 9.97 67.73 -7.64
C ARG A 64 9.25 67.91 -6.30
N ARG A 65 9.73 67.20 -5.28
CA ARG A 65 9.02 67.07 -4.01
C ARG A 65 10.01 67.21 -2.88
N GLU A 66 9.62 67.97 -1.85
CA GLU A 66 10.50 68.30 -0.75
C GLU A 66 9.78 68.09 0.57
N ALA A 67 10.56 67.80 1.60
CA ALA A 67 10.05 67.60 2.95
C ALA A 67 11.17 67.93 3.93
N VAL A 68 10.97 67.56 5.20
CA VAL A 68 11.96 67.85 6.24
C VAL A 68 11.77 66.85 7.36
N CYS A 69 12.85 66.62 8.11
CA CYS A 69 12.81 65.72 9.26
C CYS A 69 13.76 66.22 10.32
N ILE A 70 13.79 65.53 11.45
CA ILE A 70 14.76 65.80 12.51
C ILE A 70 15.85 64.75 12.43
N VAL A 71 17.07 65.16 12.76
CA VAL A 71 18.23 64.28 12.61
C VAL A 71 18.25 63.24 13.72
N LEU A 72 18.81 62.08 13.39
CA LEU A 72 19.03 60.99 14.33
C LEU A 72 20.28 60.27 13.86
N SER A 73 20.74 59.30 14.64
CA SER A 73 21.88 58.49 14.22
C SER A 73 21.83 57.13 14.92
N ASP A 74 22.18 56.09 14.17
CA ASP A 74 22.44 54.77 14.71
C ASP A 74 23.73 54.25 14.07
N ASP A 75 24.63 53.73 14.89
CA ASP A 75 25.95 53.36 14.41
C ASP A 75 25.92 52.25 13.37
N THR A 76 24.82 51.52 13.25
CA THR A 76 24.70 50.53 12.17
C THR A 76 24.58 51.19 10.81
N CYS A 77 24.15 52.44 10.74
CA CYS A 77 24.03 53.12 9.46
C CYS A 77 25.40 53.32 8.83
N SER A 78 25.50 53.02 7.54
CA SER A 78 26.70 53.35 6.78
C SER A 78 26.63 54.80 6.30
N ASP A 79 27.78 55.32 5.87
CA ASP A 79 27.83 56.67 5.32
C ASP A 79 26.94 56.79 4.09
N GLU A 80 26.62 55.69 3.42
CA GLU A 80 25.75 55.70 2.26
C GLU A 80 24.28 55.84 2.62
N LYS A 81 23.87 55.30 3.76
CA LYS A 81 22.45 55.13 4.06
C LYS A 81 21.91 56.28 4.90
N ILE A 82 20.65 56.63 4.63
CA ILE A 82 19.85 57.50 5.47
C ILE A 82 18.50 56.84 5.63
N ARG A 83 18.01 56.76 6.86
CA ARG A 83 16.87 55.94 7.20
C ARG A 83 15.59 56.78 7.18
N MET A 84 14.62 56.39 6.36
CA MET A 84 13.32 57.04 6.30
C MET A 84 12.23 55.99 6.14
N ASN A 85 11.19 56.08 6.97
CA ASN A 85 10.08 55.15 6.90
C ASN A 85 9.05 55.63 5.88
N ARG A 86 8.02 54.81 5.68
CA ARG A 86 7.05 55.05 4.61
C ARG A 86 6.43 56.44 4.70
N VAL A 87 6.26 56.95 5.92
CA VAL A 87 5.64 58.26 6.07
C VAL A 87 6.45 59.33 5.37
N VAL A 88 7.78 59.18 5.36
CA VAL A 88 8.66 60.17 4.75
C VAL A 88 8.96 59.82 3.30
N ARG A 89 9.18 58.54 3.01
CA ARG A 89 9.57 58.12 1.67
C ARG A 89 8.51 58.52 0.65
N ASN A 90 7.32 57.92 0.74
CA ASN A 90 6.27 58.23 -0.22
C ASN A 90 5.73 59.64 -0.02
N ASN A 91 6.17 60.35 1.01
CA ASN A 91 5.93 61.79 1.08
C ASN A 91 6.84 62.54 0.12
N LEU A 92 8.04 62.01 -0.13
CA LEU A 92 8.88 62.48 -1.22
C LEU A 92 8.64 61.71 -2.51
N ARG A 93 7.72 60.76 -2.52
CA ARG A 93 7.47 59.92 -3.69
C ARG A 93 8.75 59.20 -4.11
N VAL A 94 9.52 58.76 -3.11
CA VAL A 94 10.78 58.09 -3.31
C VAL A 94 10.64 56.64 -2.87
N ARG A 95 10.85 55.71 -3.80
CA ARG A 95 10.85 54.31 -3.44
C ARG A 95 12.09 53.98 -2.63
N LEU A 96 12.01 52.90 -1.86
CA LEU A 96 13.10 52.50 -0.98
C LEU A 96 14.34 52.21 -1.79
N GLY A 97 15.48 52.74 -1.35
CA GLY A 97 16.75 52.50 -2.00
C GLY A 97 17.15 53.51 -3.05
N ASP A 98 16.51 54.67 -3.11
CA ASP A 98 16.82 55.70 -4.10
C ASP A 98 17.50 56.89 -3.44
N VAL A 99 17.90 57.85 -4.26
CA VAL A 99 18.76 58.95 -3.81
C VAL A 99 17.91 60.10 -3.29
N ILE A 100 18.25 60.59 -2.11
CA ILE A 100 17.56 61.69 -1.44
C ILE A 100 18.58 62.79 -1.18
N SER A 101 18.21 64.03 -1.51
CA SER A 101 19.08 65.18 -1.36
C SER A 101 18.76 65.91 -0.07
N ILE A 102 19.79 66.31 0.67
CA ILE A 102 19.66 66.97 1.96
C ILE A 102 20.15 68.41 1.81
N GLN A 103 19.34 69.36 2.27
CA GLN A 103 19.56 70.79 1.98
C GLN A 103 19.21 71.62 3.21
N PRO A 104 20.04 71.56 4.26
CA PRO A 104 19.65 72.16 5.54
C PRO A 104 19.64 73.69 5.47
N CYS A 105 18.47 74.28 5.73
CA CYS A 105 18.34 75.73 5.82
C CYS A 105 17.05 76.09 6.56
N PRO A 106 17.05 76.13 7.89
CA PRO A 106 15.81 76.42 8.62
C PRO A 106 15.61 77.90 8.92
N ASP A 107 14.35 78.29 8.94
CA ASP A 107 13.94 79.60 9.44
C ASP A 107 13.61 79.51 10.94
N VAL A 108 13.49 80.68 11.57
CA VAL A 108 13.13 80.74 12.99
C VAL A 108 11.64 80.88 13.21
N LYS A 109 10.84 80.99 12.14
CA LYS A 109 9.41 81.28 12.26
C LYS A 109 8.65 79.97 12.40
N TYR A 110 8.32 79.62 13.64
CA TYR A 110 7.43 78.49 13.87
C TYR A 110 6.07 78.78 13.26
N GLY A 111 5.44 77.74 12.72
CA GLY A 111 4.27 77.94 11.89
C GLY A 111 3.17 78.68 12.63
N LYS A 112 2.40 79.46 11.88
CA LYS A 112 1.20 80.11 12.37
C LYS A 112 0.00 79.75 11.49
N ARG A 113 -1.10 79.39 12.15
CA ARG A 113 -2.34 79.07 11.47
C ARG A 113 -2.18 77.88 10.52
N ILE A 114 -1.29 76.96 10.87
CA ILE A 114 -1.12 75.77 10.04
C ILE A 114 -2.43 74.99 10.03
N HIS A 115 -2.61 74.19 8.99
CA HIS A 115 -3.92 73.65 8.64
C HIS A 115 -3.73 72.26 8.08
N VAL A 116 -4.76 71.44 8.20
CA VAL A 116 -4.74 70.09 7.65
C VAL A 116 -6.18 69.64 7.48
N LEU A 117 -6.43 68.60 6.70
CA LEU A 117 -7.78 68.13 6.45
C LEU A 117 -7.79 66.61 6.47
N PRO A 118 -8.96 65.99 6.64
CA PRO A 118 -9.07 64.55 6.40
C PRO A 118 -9.50 64.25 4.98
N ILE A 119 -8.76 64.78 4.00
CA ILE A 119 -9.08 64.47 2.60
C ILE A 119 -8.39 63.15 2.29
N ASP A 120 -9.01 62.06 2.71
CA ASP A 120 -8.41 60.73 2.67
C ASP A 120 -9.51 59.70 2.87
N ASP A 121 -9.26 58.49 2.36
CA ASP A 121 -10.16 57.37 2.61
C ASP A 121 -9.89 56.70 3.94
N THR A 122 -8.84 57.10 4.66
CA THR A 122 -8.50 56.48 5.92
C THR A 122 -9.57 56.70 6.98
N VAL A 123 -10.39 57.73 6.83
CA VAL A 123 -11.33 58.13 7.87
C VAL A 123 -12.72 57.58 7.58
N GLU A 124 -12.80 56.53 6.77
CA GLU A 124 -14.09 55.91 6.46
C GLU A 124 -14.77 55.46 7.74
N GLY A 125 -16.02 55.85 7.91
CA GLY A 125 -16.81 55.46 9.05
C GLY A 125 -16.43 56.10 10.37
N ILE A 126 -15.26 56.74 10.46
CA ILE A 126 -14.83 57.30 11.73
C ILE A 126 -15.73 58.47 12.09
N THR A 127 -15.98 58.64 13.39
CA THR A 127 -16.86 59.68 13.88
C THR A 127 -16.16 60.43 15.01
N GLY A 128 -16.83 61.46 15.51
CA GLY A 128 -16.30 62.26 16.59
C GLY A 128 -15.26 63.26 16.10
N ASN A 129 -14.67 63.95 17.08
CA ASN A 129 -13.61 64.92 16.79
C ASN A 129 -12.30 64.16 16.66
N LEU A 130 -12.09 63.60 15.46
CA LEU A 130 -10.82 62.95 15.16
C LEU A 130 -9.65 63.92 15.24
N PHE A 131 -9.91 65.23 15.23
CA PHE A 131 -8.84 66.20 15.37
C PHE A 131 -8.28 66.19 16.78
N GLU A 132 -9.15 66.10 17.78
CA GLU A 132 -8.71 66.12 19.18
C GLU A 132 -7.86 64.91 19.52
N VAL A 133 -8.28 63.72 19.07
CA VAL A 133 -7.62 62.50 19.50
C VAL A 133 -6.32 62.26 18.75
N TYR A 134 -6.31 62.51 17.45
CA TYR A 134 -5.15 62.18 16.62
C TYR A 134 -4.21 63.38 16.45
N LEU A 135 -4.71 64.46 15.85
CA LEU A 135 -3.82 65.49 15.34
C LEU A 135 -3.22 66.31 16.47
N LYS A 136 -4.02 66.69 17.45
CA LYS A 136 -3.52 67.58 18.51
C LYS A 136 -2.38 66.98 19.30
N PRO A 137 -2.42 65.72 19.75
CA PRO A 137 -1.25 65.19 20.47
C PRO A 137 -0.06 64.95 19.55
N TYR A 138 -0.30 64.47 18.34
CA TYR A 138 0.79 64.23 17.39
C TYR A 138 1.51 65.54 17.09
N PHE A 139 0.81 66.67 17.16
CA PHE A 139 1.45 67.96 16.89
C PHE A 139 2.11 68.53 18.15
N LEU A 140 1.32 68.75 19.21
CA LEU A 140 1.82 69.49 20.35
C LEU A 140 2.80 68.70 21.21
N GLU A 141 2.58 67.39 21.37
CA GLU A 141 3.50 66.61 22.20
C GLU A 141 4.88 66.48 21.57
N ALA A 142 4.95 66.54 20.23
CA ALA A 142 6.22 66.32 19.54
C ALA A 142 6.91 67.62 19.15
N TYR A 143 6.16 68.66 18.82
CA TYR A 143 6.74 69.91 18.31
C TYR A 143 7.64 69.61 17.11
N ARG A 144 7.16 68.75 16.23
CA ARG A 144 7.94 68.22 15.13
C ARG A 144 7.88 69.15 13.92
N PRO A 145 8.80 69.02 12.96
CA PRO A 145 8.76 69.86 11.77
C PRO A 145 7.69 69.42 10.78
N ILE A 146 6.98 70.41 10.25
CA ILE A 146 5.88 70.18 9.33
C ILE A 146 6.11 71.06 8.10
N ARG A 147 5.75 70.54 6.93
CA ARG A 147 5.83 71.29 5.69
C ARG A 147 4.57 71.03 4.89
N LYS A 148 4.03 72.07 4.26
CA LYS A 148 2.73 71.94 3.63
C LYS A 148 2.80 71.04 2.42
N GLY A 149 1.65 70.42 2.10
CA GLY A 149 1.57 69.44 1.04
C GLY A 149 2.05 68.06 1.43
N ASP A 150 2.47 67.86 2.68
CA ASP A 150 3.08 66.60 3.07
C ASP A 150 2.12 65.76 3.89
N ILE A 151 1.96 64.50 3.49
CA ILE A 151 1.11 63.56 4.22
C ILE A 151 1.86 63.07 5.44
N PHE A 152 1.15 62.93 6.56
CA PHE A 152 1.73 62.43 7.80
C PHE A 152 0.75 61.48 8.46
N LEU A 153 1.28 60.38 8.99
CA LEU A 153 0.50 59.29 9.55
C LEU A 153 0.59 59.32 11.06
N VAL A 154 -0.56 59.23 11.73
CA VAL A 154 -0.65 59.15 13.18
C VAL A 154 -1.51 57.94 13.52
N ARG A 155 -1.03 57.13 14.46
CA ARG A 155 -1.68 55.87 14.81
C ARG A 155 -2.29 55.98 16.19
N GLY A 156 -3.49 55.40 16.34
CA GLY A 156 -4.20 55.43 17.59
C GLY A 156 -5.65 55.05 17.38
N GLY A 157 -6.36 54.73 18.46
CA GLY A 157 -7.75 54.34 18.32
C GLY A 157 -7.94 53.15 17.41
N MET A 158 -6.92 52.29 17.30
CA MET A 158 -6.95 51.11 16.44
C MET A 158 -7.08 51.49 14.97
N ARG A 159 -6.68 52.70 14.61
CA ARG A 159 -6.61 53.17 13.24
C ARG A 159 -5.30 53.88 12.99
N ALA A 160 -4.79 53.74 11.76
CA ALA A 160 -3.70 54.55 11.27
C ALA A 160 -4.28 55.60 10.33
N VAL A 161 -4.30 56.85 10.77
CA VAL A 161 -4.97 57.94 10.06
C VAL A 161 -3.89 58.89 9.56
N GLU A 162 -3.86 59.11 8.25
CA GLU A 162 -2.90 60.01 7.63
C GLU A 162 -3.61 61.21 7.04
N PHE A 163 -3.03 62.40 7.25
CA PHE A 163 -3.60 63.64 6.75
C PHE A 163 -2.56 64.40 5.93
N LYS A 164 -3.05 65.14 4.94
CA LYS A 164 -2.20 65.96 4.07
C LYS A 164 -2.23 67.40 4.54
N VAL A 165 -1.11 67.88 5.07
CA VAL A 165 -0.98 69.26 5.52
C VAL A 165 -1.41 70.17 4.38
N VAL A 166 -1.87 71.37 4.70
CA VAL A 166 -2.38 72.29 3.69
C VAL A 166 -1.90 73.71 3.87
N GLU A 167 -1.33 74.10 5.01
CA GLU A 167 -0.80 75.44 5.17
C GLU A 167 0.23 75.43 6.28
N THR A 168 1.34 76.14 6.03
CA THR A 168 2.42 76.21 7.01
C THR A 168 3.06 77.59 7.07
N ASP A 169 2.45 78.62 6.46
CA ASP A 169 3.13 79.85 6.07
C ASP A 169 4.05 79.51 4.90
N PRO A 170 4.48 80.48 4.09
CA PRO A 170 5.31 80.14 2.93
C PRO A 170 6.70 79.64 3.28
N SER A 171 7.03 79.50 4.56
CA SER A 171 8.36 79.06 4.97
C SER A 171 8.64 77.67 4.42
N PRO A 172 9.88 77.36 4.03
CA PRO A 172 10.18 76.02 3.53
C PRO A 172 9.98 74.93 4.57
N TYR A 173 9.98 75.28 5.85
CA TYR A 173 9.79 74.31 6.92
C TYR A 173 9.14 75.05 8.07
N CYS A 174 8.38 74.32 8.89
CA CYS A 174 7.81 74.93 10.08
C CYS A 174 7.71 73.87 11.17
N ILE A 175 7.97 74.29 12.41
CA ILE A 175 7.91 73.44 13.57
C ILE A 175 6.72 73.87 14.42
N VAL A 176 5.91 72.90 14.82
CA VAL A 176 4.75 73.19 15.67
C VAL A 176 5.23 73.56 17.05
N ALA A 177 4.63 74.60 17.62
CA ALA A 177 5.04 75.16 18.90
C ALA A 177 3.82 75.76 19.59
N PRO A 178 3.96 76.27 20.82
CA PRO A 178 2.79 76.88 21.49
C PRO A 178 2.13 77.99 20.69
N ASP A 179 2.91 78.82 19.99
CA ASP A 179 2.35 79.88 19.17
C ASP A 179 1.83 79.37 17.83
N THR A 180 1.96 78.08 17.54
CA THR A 180 1.40 77.48 16.33
C THR A 180 -0.07 77.20 16.58
N VAL A 181 -0.93 78.05 16.04
CA VAL A 181 -2.36 77.89 16.26
C VAL A 181 -2.89 76.93 15.20
N ILE A 182 -2.77 75.64 15.47
CA ILE A 182 -3.17 74.59 14.53
C ILE A 182 -4.63 74.77 14.17
N HIS A 183 -5.03 74.21 13.03
CA HIS A 183 -6.39 74.34 12.53
C HIS A 183 -6.75 73.06 11.81
N CYS A 184 -8.05 72.85 11.61
CA CYS A 184 -8.53 71.71 10.85
C CYS A 184 -9.82 72.08 10.14
N GLU A 185 -10.10 71.37 9.05
CA GLU A 185 -11.33 71.52 8.29
C GLU A 185 -11.66 70.18 7.66
N GLY A 186 -12.86 70.08 7.08
CA GLY A 186 -13.33 68.82 6.52
C GLY A 186 -13.67 68.90 5.04
N GLU A 187 -13.32 67.85 4.29
CA GLU A 187 -13.65 67.77 2.88
C GLU A 187 -13.70 66.30 2.49
N PRO A 188 -14.37 65.97 1.36
CA PRO A 188 -14.52 64.56 0.98
C PRO A 188 -13.48 64.04 0.01
N ILE A 189 -12.62 64.92 -0.53
CA ILE A 189 -11.71 64.53 -1.59
C ILE A 189 -10.70 63.52 -1.06
N LYS A 190 -10.38 62.52 -1.87
CA LYS A 190 -9.45 61.45 -1.49
C LYS A 190 -8.05 61.79 -1.97
N ARG A 191 -7.14 60.84 -1.76
CA ARG A 191 -5.74 61.07 -2.09
C ARG A 191 -5.53 61.08 -3.60
N GLU A 192 -4.45 61.71 -4.03
CA GLU A 192 -4.13 61.80 -5.44
C GLU A 192 -3.48 60.52 -5.93
N ASP A 193 -3.41 60.38 -7.25
CA ASP A 193 -2.72 59.24 -7.85
C ASP A 193 -1.25 59.21 -7.47
N GLU A 194 -0.61 60.37 -7.34
CA GLU A 194 0.80 60.43 -6.95
C GLU A 194 1.03 59.88 -5.55
N GLU A 195 0.02 59.88 -4.69
CA GLU A 195 0.15 59.43 -3.32
C GLU A 195 0.01 57.91 -3.25
N GLU A 196 0.88 57.29 -2.47
CA GLU A 196 0.80 55.85 -2.26
C GLU A 196 -0.32 55.53 -1.28
N SER A 197 -0.97 54.38 -1.51
CA SER A 197 -2.00 53.89 -0.61
C SER A 197 -1.34 53.37 0.65
N LEU A 198 -1.17 54.26 1.63
CA LEU A 198 -0.46 53.91 2.84
C LEU A 198 -1.23 52.93 3.72
N ASN A 199 -2.50 52.66 3.42
CA ASN A 199 -3.22 51.67 4.20
C ASN A 199 -2.75 50.25 3.90
N GLU A 200 -1.97 50.05 2.83
CA GLU A 200 -1.50 48.73 2.46
C GLU A 200 -0.01 48.60 2.74
N VAL A 201 0.47 47.36 2.68
CA VAL A 201 1.69 46.92 3.33
C VAL A 201 2.92 47.62 2.74
N GLY A 202 4.04 47.49 3.43
CA GLY A 202 5.32 47.94 2.96
C GLY A 202 6.40 47.07 3.57
N TYR A 203 7.63 47.59 3.54
CA TYR A 203 8.73 46.83 4.14
C TYR A 203 8.64 46.86 5.66
N ASP A 204 8.19 47.96 6.24
CA ASP A 204 8.11 48.08 7.70
C ASP A 204 6.99 47.25 8.30
N ASP A 205 6.10 46.69 7.48
CA ASP A 205 5.00 45.86 7.97
C ASP A 205 5.37 44.39 8.02
N ILE A 206 6.65 44.04 7.90
CA ILE A 206 7.14 42.68 8.09
C ILE A 206 8.20 42.71 9.18
N GLY A 207 8.02 41.88 10.20
CA GLY A 207 8.92 41.92 11.34
C GLY A 207 9.61 40.60 11.64
N GLY A 208 8.97 39.49 11.31
CA GLY A 208 9.48 38.21 11.76
C GLY A 208 10.67 37.69 10.98
N CYS A 209 10.92 38.22 9.79
CA CYS A 209 11.86 37.60 8.86
C CYS A 209 12.79 38.65 8.26
N ARG A 210 13.40 39.49 9.10
CA ARG A 210 14.30 40.51 8.57
C ARG A 210 15.44 39.89 7.76
N LYS A 211 15.91 38.70 8.14
CA LYS A 211 16.96 38.05 7.36
C LYS A 211 16.46 37.69 5.97
N GLN A 212 15.33 36.97 5.90
CA GLN A 212 14.81 36.57 4.60
C GLN A 212 14.30 37.77 3.82
N LEU A 213 13.76 38.77 4.52
CA LEU A 213 13.35 39.99 3.83
C LEU A 213 14.54 40.71 3.22
N ALA A 214 15.66 40.77 3.93
CA ALA A 214 16.87 41.35 3.35
C ALA A 214 17.33 40.53 2.16
N GLN A 215 17.28 39.21 2.27
CA GLN A 215 17.64 38.36 1.15
C GLN A 215 16.78 38.66 -0.07
N ILE A 216 15.46 38.74 0.11
CA ILE A 216 14.55 38.97 -1.00
C ILE A 216 14.76 40.34 -1.61
N LYS A 217 14.87 41.37 -0.77
CA LYS A 217 15.00 42.71 -1.32
C LYS A 217 16.33 42.88 -2.02
N GLU A 218 17.41 42.31 -1.49
CA GLU A 218 18.68 42.31 -2.21
C GLU A 218 18.57 41.51 -3.51
N MET A 219 17.75 40.46 -3.49
CA MET A 219 17.65 39.58 -4.64
C MET A 219 16.86 40.21 -5.78
N VAL A 220 15.93 41.10 -5.47
CA VAL A 220 15.04 41.67 -6.48
C VAL A 220 15.03 43.19 -6.49
N GLU A 221 16.00 43.87 -5.90
CA GLU A 221 16.07 45.32 -6.06
C GLU A 221 16.64 45.70 -7.41
N LEU A 222 17.45 44.83 -8.01
CA LEU A 222 18.06 45.18 -9.28
C LEU A 222 17.10 44.96 -10.45
N PRO A 223 16.42 43.82 -10.57
CA PRO A 223 15.45 43.67 -11.67
C PRO A 223 14.31 44.65 -11.62
N LEU A 224 13.78 44.93 -10.43
CA LEU A 224 12.52 45.66 -10.37
C LEU A 224 12.75 47.17 -10.36
N ARG A 225 13.71 47.65 -9.57
CA ARG A 225 13.99 49.07 -9.57
C ARG A 225 14.61 49.50 -10.90
N HIS A 226 15.43 48.65 -11.50
CA HIS A 226 16.13 48.97 -12.75
C HIS A 226 15.96 47.84 -13.74
N PRO A 227 14.74 47.60 -14.23
CA PRO A 227 14.54 46.51 -15.18
C PRO A 227 15.37 46.66 -16.42
N ALA A 228 15.63 47.90 -16.83
CA ALA A 228 16.55 48.12 -17.93
C ALA A 228 17.93 47.59 -17.58
N LEU A 229 18.31 47.71 -16.30
CA LEU A 229 19.67 47.41 -15.84
C LEU A 229 19.99 45.93 -16.01
N PHE A 230 18.97 45.11 -16.23
CA PHE A 230 19.20 43.78 -16.80
C PHE A 230 18.91 43.75 -18.28
N LYS A 231 17.92 44.52 -18.75
CA LYS A 231 17.60 44.51 -20.17
C LYS A 231 18.85 44.57 -21.04
N ALA A 232 19.79 45.46 -20.72
CA ALA A 232 20.94 45.68 -21.61
C ALA A 232 22.08 44.67 -21.41
N ILE A 233 22.53 44.45 -20.17
CA ILE A 233 23.60 43.50 -19.88
C ILE A 233 23.11 42.06 -19.96
N GLY A 234 24.04 41.13 -20.16
CA GLY A 234 23.81 39.73 -20.43
C GLY A 234 23.54 38.83 -19.24
N VAL A 235 23.73 39.29 -18.00
CA VAL A 235 23.42 38.44 -16.87
C VAL A 235 21.92 38.17 -16.84
N LYS A 236 21.56 36.92 -16.53
CA LYS A 236 20.17 36.54 -16.47
C LYS A 236 19.63 36.82 -15.07
N PRO A 237 18.62 37.67 -14.91
CA PRO A 237 18.17 38.05 -13.57
C PRO A 237 17.50 36.88 -12.89
N PRO A 238 17.17 37.01 -11.61
CA PRO A 238 16.24 36.06 -11.00
C PRO A 238 14.91 36.10 -11.73
N ARG A 239 14.57 35.02 -12.43
CA ARG A 239 13.32 34.96 -13.17
C ARG A 239 12.18 34.43 -12.34
N GLY A 240 12.48 33.78 -11.22
CA GLY A 240 11.43 33.23 -10.36
C GLY A 240 11.94 33.00 -8.96
N ILE A 241 11.20 33.55 -8.00
CA ILE A 241 11.45 33.33 -6.59
C ILE A 241 10.30 32.51 -6.04
N LEU A 242 10.62 31.55 -5.19
CA LEU A 242 9.64 30.66 -4.60
C LEU A 242 9.72 30.84 -3.09
N LEU A 243 8.99 31.81 -2.57
CA LEU A 243 8.84 31.92 -1.13
C LEU A 243 8.14 30.66 -0.62
N TYR A 244 8.47 30.24 0.58
CA TYR A 244 7.73 29.13 1.17
C TYR A 244 7.91 29.10 2.67
N GLY A 245 7.04 28.34 3.31
CA GLY A 245 6.90 28.33 4.74
C GLY A 245 5.46 28.05 5.10
N PRO A 246 5.18 27.73 6.35
CA PRO A 246 3.84 27.28 6.72
C PRO A 246 2.81 28.37 6.45
N PRO A 247 1.56 27.99 6.20
CA PRO A 247 0.56 29.00 5.84
C PRO A 247 0.38 30.01 6.96
N GLY A 248 0.11 31.25 6.58
CA GLY A 248 0.05 32.33 7.53
C GLY A 248 1.40 32.85 7.94
N THR A 249 2.49 32.34 7.38
CA THR A 249 3.82 32.79 7.74
C THR A 249 4.08 34.22 7.31
N GLY A 250 3.28 34.75 6.40
CA GLY A 250 3.51 36.07 5.85
C GLY A 250 4.06 36.08 4.44
N LYS A 251 3.93 34.97 3.71
CA LYS A 251 4.51 34.90 2.37
C LYS A 251 3.88 35.91 1.44
N THR A 252 2.55 35.91 1.35
CA THR A 252 1.87 36.89 0.51
C THR A 252 2.13 38.29 1.01
N LEU A 253 2.25 38.46 2.33
CA LEU A 253 2.60 39.78 2.86
C LEU A 253 3.95 40.22 2.31
N ILE A 254 4.94 39.33 2.33
CA ILE A 254 6.27 39.71 1.87
C ILE A 254 6.24 40.05 0.39
N ALA A 255 5.57 39.23 -0.41
CA ALA A 255 5.49 39.50 -1.83
C ALA A 255 4.81 40.83 -2.10
N ARG A 256 3.72 41.11 -1.38
CA ARG A 256 3.02 42.38 -1.57
C ARG A 256 3.86 43.56 -1.11
N ALA A 257 4.63 43.39 -0.04
CA ALA A 257 5.49 44.47 0.41
C ALA A 257 6.57 44.77 -0.61
N VAL A 258 7.15 43.73 -1.20
CA VAL A 258 8.18 43.96 -2.22
C VAL A 258 7.55 44.59 -3.47
N ALA A 259 6.37 44.10 -3.86
CA ALA A 259 5.72 44.60 -5.06
C ALA A 259 5.12 45.98 -4.87
N ASN A 260 4.98 46.45 -3.63
CA ASN A 260 4.47 47.80 -3.43
C ASN A 260 5.46 48.86 -3.82
N GLU A 261 6.65 48.48 -4.25
CA GLU A 261 7.56 49.38 -4.96
C GLU A 261 7.32 49.37 -6.46
N THR A 262 6.60 48.38 -6.97
CA THR A 262 6.31 48.27 -8.40
C THR A 262 4.88 47.81 -8.62
N GLY A 263 3.95 48.35 -7.82
CA GLY A 263 2.59 47.88 -7.82
C GLY A 263 1.72 48.44 -8.92
N ALA A 264 2.24 48.44 -10.16
CA ALA A 264 1.44 48.90 -11.28
C ALA A 264 0.38 47.88 -11.66
N PHE A 265 0.75 46.60 -11.74
CA PHE A 265 -0.20 45.58 -12.16
C PHE A 265 -0.07 44.29 -11.37
N PHE A 266 0.68 44.28 -10.27
CA PHE A 266 0.88 43.04 -9.51
C PHE A 266 -0.41 42.53 -8.89
N PHE A 267 -1.24 43.45 -8.38
CA PHE A 267 -2.25 43.07 -7.39
C PHE A 267 -3.30 42.12 -7.98
N LEU A 268 -3.70 42.36 -9.23
CA LEU A 268 -4.75 41.55 -9.84
C LEU A 268 -4.27 40.15 -10.22
N ILE A 269 -2.98 39.83 -10.04
CA ILE A 269 -2.39 38.64 -10.62
C ILE A 269 -2.14 37.53 -9.60
N ASN A 270 -2.54 37.71 -8.35
CA ASN A 270 -2.54 36.58 -7.43
C ASN A 270 -3.35 35.45 -8.03
N GLY A 271 -2.81 34.24 -8.01
CA GLY A 271 -3.40 33.14 -8.74
C GLY A 271 -3.83 31.92 -7.94
N PRO A 272 -4.46 32.10 -6.78
CA PRO A 272 -4.99 30.92 -6.07
C PRO A 272 -6.31 30.43 -6.66
N GLU A 273 -7.04 31.35 -7.30
CA GLU A 273 -8.32 31.02 -7.89
C GLU A 273 -8.17 30.33 -9.24
N ILE A 274 -6.98 30.40 -9.84
CA ILE A 274 -6.80 29.96 -11.22
C ILE A 274 -7.13 28.48 -11.37
N MET A 275 -6.65 27.65 -10.43
CA MET A 275 -6.77 26.21 -10.58
C MET A 275 -8.21 25.73 -10.56
N SER A 276 -9.14 26.59 -10.17
CA SER A 276 -10.49 26.11 -9.83
C SER A 276 -11.55 26.55 -10.83
N LYS A 277 -11.16 27.14 -11.97
CA LYS A 277 -12.11 27.50 -13.00
C LYS A 277 -12.17 26.40 -14.06
N LEU A 278 -13.39 25.96 -14.39
CA LEU A 278 -13.58 24.70 -15.10
C LEU A 278 -12.77 24.63 -16.39
N ALA A 279 -11.85 23.66 -16.44
CA ALA A 279 -11.11 23.28 -17.65
C ALA A 279 -10.41 24.51 -18.24
N GLY A 280 -10.45 24.72 -19.55
CA GLY A 280 -9.62 25.72 -20.19
C GLY A 280 -9.85 27.14 -19.69
N GLU A 281 -10.98 27.39 -19.03
CA GLU A 281 -11.21 28.69 -18.44
C GLU A 281 -10.06 29.10 -17.52
N SER A 282 -9.48 28.12 -16.82
CA SER A 282 -8.28 28.40 -16.05
C SER A 282 -7.10 28.67 -16.96
N GLU A 283 -6.87 27.77 -17.93
CA GLU A 283 -5.71 27.90 -18.80
C GLU A 283 -5.72 29.23 -19.54
N SER A 284 -6.90 29.67 -19.99
CA SER A 284 -7.00 31.01 -20.54
C SER A 284 -6.69 32.06 -19.50
N ASN A 285 -7.35 31.99 -18.34
CA ASN A 285 -7.13 32.99 -17.30
C ASN A 285 -5.65 33.11 -16.97
N LEU A 286 -5.00 31.98 -16.69
CA LEU A 286 -3.57 31.99 -16.39
C LEU A 286 -2.78 32.75 -17.45
N ARG A 287 -3.06 32.47 -18.73
CA ARG A 287 -2.38 33.19 -19.79
C ARG A 287 -2.58 34.69 -19.64
N LYS A 288 -3.83 35.12 -19.49
CA LYS A 288 -4.09 36.54 -19.32
C LYS A 288 -3.34 37.07 -18.11
N ALA A 289 -3.23 36.28 -17.06
CA ALA A 289 -2.51 36.72 -15.87
C ALA A 289 -1.08 37.10 -16.21
N PHE A 290 -0.42 36.27 -17.02
CA PHE A 290 0.92 36.61 -17.47
C PHE A 290 0.88 37.75 -18.47
N GLU A 291 -0.15 37.77 -19.31
CA GLU A 291 -0.22 38.76 -20.37
C GLU A 291 -0.41 40.17 -19.83
N GLU A 292 -1.21 40.30 -18.77
CA GLU A 292 -1.58 41.61 -18.26
C GLU A 292 -0.63 42.13 -17.18
N ALA A 293 0.07 41.24 -16.47
CA ALA A 293 1.00 41.69 -15.45
C ALA A 293 2.13 42.50 -16.05
N GLU A 294 2.66 42.05 -17.19
CA GLU A 294 3.80 42.69 -17.82
C GLU A 294 3.42 43.98 -18.56
N LYS A 295 2.13 44.24 -18.75
CA LYS A 295 1.70 45.28 -19.68
C LYS A 295 2.15 46.68 -19.27
N ASN A 296 2.41 46.91 -17.98
CA ASN A 296 2.79 48.23 -17.52
C ASN A 296 3.76 48.12 -16.35
N ALA A 297 4.96 48.70 -16.53
CA ALA A 297 5.97 48.79 -15.47
C ALA A 297 6.45 47.41 -15.05
N PRO A 298 7.55 47.30 -14.30
CA PRO A 298 7.90 46.02 -13.71
C PRO A 298 6.80 45.55 -12.77
N ALA A 299 6.54 44.24 -12.81
CA ALA A 299 5.41 43.70 -12.06
C ALA A 299 5.79 42.35 -11.49
N ILE A 300 5.23 42.05 -10.33
CA ILE A 300 5.40 40.76 -9.67
C ILE A 300 4.16 39.93 -9.97
N ILE A 301 4.37 38.67 -10.33
CA ILE A 301 3.27 37.75 -10.60
C ILE A 301 3.28 36.71 -9.50
N PHE A 302 2.42 36.88 -8.51
CA PHE A 302 2.41 36.04 -7.32
C PHE A 302 1.53 34.83 -7.58
N ILE A 303 2.14 33.66 -7.72
CA ILE A 303 1.37 32.43 -7.88
C ILE A 303 1.04 31.91 -6.50
N ASP A 304 0.01 32.46 -5.88
CA ASP A 304 -0.33 32.09 -4.51
C ASP A 304 -0.69 30.62 -4.42
N GLU A 305 -0.15 29.94 -3.41
CA GLU A 305 -0.39 28.53 -3.21
C GLU A 305 -0.06 27.73 -4.47
N LEU A 306 1.19 27.88 -4.92
CA LEU A 306 1.70 27.05 -6.01
C LEU A 306 1.65 25.59 -5.65
N ASP A 307 1.58 25.27 -4.35
CA ASP A 307 1.42 23.89 -3.91
C ASP A 307 0.17 23.26 -4.52
N ALA A 308 -0.84 24.07 -4.81
CA ALA A 308 -2.11 23.58 -5.34
C ALA A 308 -2.19 23.65 -6.86
N ILE A 309 -1.66 24.72 -7.46
CA ILE A 309 -1.73 24.85 -8.91
C ILE A 309 -0.83 23.84 -9.60
N ALA A 310 0.37 23.61 -9.05
CA ALA A 310 1.38 22.77 -9.69
C ALA A 310 1.90 21.72 -8.70
N PRO A 311 1.08 20.77 -8.31
CA PRO A 311 1.55 19.70 -7.42
C PRO A 311 2.34 18.67 -8.20
N LYS A 312 3.00 17.79 -7.45
CA LYS A 312 3.75 16.70 -8.07
C LYS A 312 2.84 15.86 -8.94
N ARG A 313 3.20 15.74 -10.22
CA ARG A 313 2.37 15.00 -11.16
C ARG A 313 2.28 13.52 -10.77
N GLU A 314 3.20 13.06 -9.92
CA GLU A 314 3.20 11.68 -9.44
C GLU A 314 1.86 11.31 -8.80
N LYS A 315 1.20 12.29 -8.20
CA LYS A 315 -0.03 12.06 -7.43
C LYS A 315 -1.22 12.79 -8.04
N THR A 316 -1.36 12.73 -9.36
CA THR A 316 -2.51 13.28 -10.07
C THR A 316 -3.26 12.15 -10.77
N HIS A 317 -4.59 12.32 -10.87
CA HIS A 317 -5.46 11.29 -11.45
C HIS A 317 -6.32 11.86 -12.58
N GLY A 318 -5.88 12.93 -13.23
CA GLY A 318 -6.64 13.50 -14.33
C GLY A 318 -5.76 14.34 -15.22
N GLU A 319 -5.92 14.20 -16.54
CA GLU A 319 -5.00 14.87 -17.46
C GLU A 319 -5.27 16.37 -17.52
N VAL A 320 -6.49 16.82 -17.24
CA VAL A 320 -6.75 18.25 -17.33
C VAL A 320 -5.93 19.02 -16.29
N GLU A 321 -5.84 18.49 -15.07
CA GLU A 321 -5.00 19.14 -14.06
C GLU A 321 -3.52 19.00 -14.39
N ARG A 322 -3.11 17.85 -14.94
CA ARG A 322 -1.73 17.68 -15.39
C ARG A 322 -1.38 18.71 -16.46
N ARG A 323 -2.33 19.01 -17.34
CA ARG A 323 -2.08 20.01 -18.37
C ARG A 323 -2.07 21.41 -17.79
N ILE A 324 -2.87 21.65 -16.75
CA ILE A 324 -2.79 22.94 -16.07
C ILE A 324 -1.40 23.16 -15.52
N VAL A 325 -0.87 22.18 -14.79
CA VAL A 325 0.47 22.34 -14.22
C VAL A 325 1.52 22.44 -15.34
N SER A 326 1.38 21.62 -16.37
CA SER A 326 2.43 21.57 -17.39
C SER A 326 2.29 22.67 -18.44
N GLN A 327 1.27 23.52 -18.37
CA GLN A 327 1.27 24.79 -19.08
C GLN A 327 1.43 25.96 -18.13
N LEU A 328 1.56 25.71 -16.84
CA LEU A 328 2.21 26.70 -15.99
C LEU A 328 3.68 26.82 -16.34
N LEU A 329 4.34 25.69 -16.59
CA LEU A 329 5.77 25.69 -16.88
C LEU A 329 6.08 26.46 -18.15
N THR A 330 5.27 26.24 -19.19
CA THR A 330 5.54 26.86 -20.48
C THR A 330 5.28 28.35 -20.48
N LEU A 331 4.34 28.82 -19.67
CA LEU A 331 4.17 30.25 -19.46
C LEU A 331 5.26 30.81 -18.56
N MET A 332 5.83 30.00 -17.68
CA MET A 332 6.99 30.43 -16.91
C MET A 332 8.18 30.67 -17.83
N ASP A 333 8.43 29.74 -18.75
CA ASP A 333 9.62 29.83 -19.59
C ASP A 333 9.61 31.08 -20.45
N GLY A 334 8.43 31.50 -20.89
CA GLY A 334 8.34 32.68 -21.75
C GLY A 334 8.86 33.95 -21.11
N LEU A 335 8.91 34.00 -19.78
CA LEU A 335 9.36 35.21 -19.10
C LEU A 335 10.88 35.29 -18.96
N LYS A 336 11.61 34.30 -19.46
CA LYS A 336 13.07 34.34 -19.41
C LYS A 336 13.65 35.41 -20.32
N GLN A 337 12.84 36.02 -21.18
CA GLN A 337 13.37 36.95 -22.17
C GLN A 337 13.74 38.30 -21.58
N ARG A 338 13.12 38.69 -20.46
CA ARG A 338 13.29 40.05 -19.95
C ARG A 338 13.14 40.05 -18.43
N ALA A 339 13.58 41.15 -17.81
CA ALA A 339 13.80 41.19 -16.37
C ALA A 339 12.68 41.87 -15.60
N HIS A 340 11.85 42.68 -16.25
CA HIS A 340 10.93 43.54 -15.51
C HIS A 340 9.86 42.77 -14.76
N VAL A 341 9.63 41.49 -15.09
CA VAL A 341 8.59 40.69 -14.45
C VAL A 341 9.25 39.62 -13.59
N ILE A 342 8.73 39.44 -12.39
CA ILE A 342 9.23 38.48 -11.41
C ILE A 342 8.07 37.61 -10.99
N VAL A 343 8.27 36.29 -10.98
CA VAL A 343 7.19 35.37 -10.62
C VAL A 343 7.47 34.89 -9.20
N MET A 344 6.92 35.59 -8.21
CA MET A 344 7.12 35.25 -6.81
C MET A 344 6.06 34.25 -6.40
N ALA A 345 6.35 32.96 -6.53
CA ALA A 345 5.40 31.96 -6.10
C ALA A 345 5.32 31.92 -4.58
N ALA A 346 4.54 30.97 -4.07
CA ALA A 346 4.44 30.73 -2.64
C ALA A 346 3.90 29.32 -2.41
N THR A 347 4.42 28.66 -1.39
CA THR A 347 4.04 27.28 -1.15
C THR A 347 4.34 26.92 0.30
N ASN A 348 3.66 25.87 0.79
CA ASN A 348 3.86 25.45 2.17
C ASN A 348 5.23 24.81 2.36
N ARG A 349 5.67 24.00 1.39
CA ARG A 349 6.98 23.38 1.46
C ARG A 349 7.44 23.07 0.03
N PRO A 350 8.74 22.99 -0.20
CA PRO A 350 9.24 22.94 -1.58
C PRO A 350 9.06 21.59 -2.26
N ASN A 351 9.15 20.51 -1.48
CA ASN A 351 9.10 19.18 -2.07
C ASN A 351 7.68 18.71 -2.37
N SER A 352 6.67 19.53 -2.08
CA SER A 352 5.30 19.21 -2.48
C SER A 352 4.99 19.67 -3.90
N ILE A 353 5.86 20.47 -4.51
CA ILE A 353 5.65 20.96 -5.86
C ILE A 353 6.37 20.07 -6.86
N ASP A 354 5.83 19.96 -8.06
CA ASP A 354 6.42 19.15 -9.11
C ASP A 354 7.84 19.63 -9.40
N PRO A 355 8.85 18.76 -9.38
CA PRO A 355 10.21 19.22 -9.68
C PRO A 355 10.38 19.77 -11.09
N ALA A 356 9.33 19.74 -11.91
CA ALA A 356 9.38 20.45 -13.18
C ALA A 356 9.60 21.95 -12.97
N LEU A 357 9.26 22.47 -11.80
CA LEU A 357 9.67 23.80 -11.38
C LEU A 357 11.02 23.69 -10.67
N ARG A 358 11.56 24.84 -10.28
CA ARG A 358 12.90 24.94 -9.71
C ARG A 358 13.98 24.50 -10.70
N ARG A 359 13.67 24.57 -11.99
CA ARG A 359 14.69 24.43 -13.01
C ARG A 359 15.40 25.77 -13.20
N PHE A 360 16.44 25.77 -14.01
CA PHE A 360 17.10 27.01 -14.34
C PHE A 360 16.16 27.93 -15.09
N GLY A 361 15.72 28.99 -14.43
CA GLY A 361 14.78 29.93 -15.01
C GLY A 361 13.34 29.77 -14.56
N ARG A 362 12.98 28.60 -14.00
CA ARG A 362 11.63 28.34 -13.51
C ARG A 362 11.71 28.26 -11.98
N PHE A 363 11.41 29.39 -11.33
CA PHE A 363 11.52 29.49 -9.88
C PHE A 363 12.91 29.08 -9.42
N ASP A 364 13.90 29.75 -9.98
CA ASP A 364 15.29 29.40 -9.73
C ASP A 364 15.68 29.61 -8.27
N ARG A 365 15.04 30.52 -7.54
CA ARG A 365 15.51 30.91 -6.21
C ARG A 365 14.43 30.66 -5.16
N GLU A 366 14.58 29.60 -4.38
CA GLU A 366 13.66 29.33 -3.28
C GLU A 366 14.07 30.12 -2.05
N VAL A 367 13.08 30.45 -1.21
CA VAL A 367 13.34 31.25 -0.01
C VAL A 367 12.43 30.79 1.11
N ASP A 368 13.02 30.23 2.17
CA ASP A 368 12.24 29.71 3.29
C ASP A 368 11.97 30.83 4.28
N ILE A 369 10.74 31.35 4.29
CA ILE A 369 10.39 32.38 5.27
C ILE A 369 10.42 31.79 6.68
N GLY A 370 9.86 30.60 6.85
CA GLY A 370 9.95 29.90 8.12
C GLY A 370 9.21 30.58 9.25
N ILE A 371 8.97 29.84 10.33
CA ILE A 371 8.23 30.38 11.47
C ILE A 371 9.08 31.45 12.15
N PRO A 372 8.49 32.50 12.73
CA PRO A 372 9.31 33.47 13.46
C PRO A 372 9.86 32.89 14.75
N ASP A 373 10.97 33.46 15.21
CA ASP A 373 11.60 33.03 16.44
C ASP A 373 11.09 33.87 17.61
N ALA A 374 11.70 33.69 18.79
CA ALA A 374 11.25 34.39 19.99
C ALA A 374 11.36 35.89 19.86
N THR A 375 12.23 36.40 19.01
CA THR A 375 12.32 37.83 18.74
C THR A 375 11.63 38.22 17.45
N GLY A 376 11.43 37.30 16.52
CA GLY A 376 10.60 37.59 15.37
C GLY A 376 9.15 37.80 15.75
N ARG A 377 8.64 36.95 16.64
CA ARG A 377 7.27 37.10 17.10
C ARG A 377 7.09 38.40 17.87
N LEU A 378 8.13 38.82 18.59
CA LEU A 378 8.08 40.10 19.27
C LEU A 378 7.93 41.24 18.26
N GLU A 379 8.68 41.16 17.15
CA GLU A 379 8.59 42.21 16.15
C GLU A 379 7.24 42.19 15.46
N ILE A 380 6.69 41.00 15.20
CA ILE A 380 5.37 40.90 14.60
C ILE A 380 4.32 41.51 15.52
N LEU A 381 4.39 41.18 16.81
CA LEU A 381 3.43 41.74 17.77
C LEU A 381 3.56 43.24 17.84
N GLN A 382 4.78 43.77 17.81
CA GLN A 382 4.97 45.21 17.85
C GLN A 382 4.42 45.86 16.58
N ILE A 383 4.56 45.19 15.44
CA ILE A 383 4.04 45.73 14.19
C ILE A 383 2.53 45.79 14.23
N HIS A 384 1.88 44.71 14.69
CA HIS A 384 0.43 44.66 14.67
C HIS A 384 -0.19 45.55 15.74
N THR A 385 0.43 45.64 16.91
CA THR A 385 -0.10 46.45 17.99
C THR A 385 0.06 47.94 17.73
N LYS A 386 0.82 48.33 16.70
CA LYS A 386 1.29 49.71 16.60
C LYS A 386 0.15 50.71 16.45
N ASN A 387 -1.06 50.28 16.10
CA ASN A 387 -2.21 51.18 16.06
C ASN A 387 -3.10 51.04 17.27
N MET A 388 -2.83 50.08 18.16
CA MET A 388 -3.62 49.89 19.37
C MET A 388 -2.97 50.63 20.53
N LYS A 389 -3.80 51.27 21.35
CA LYS A 389 -3.31 51.89 22.58
C LYS A 389 -2.95 50.75 23.52
N LEU A 390 -1.68 50.36 23.51
CA LEU A 390 -1.25 49.11 24.12
C LEU A 390 -1.12 49.19 25.63
N ALA A 391 -1.68 50.23 26.25
CA ALA A 391 -1.67 50.36 27.70
C ALA A 391 -0.26 50.56 28.22
N ASP A 392 -0.06 50.38 29.52
CA ASP A 392 1.23 50.60 30.17
C ASP A 392 1.74 49.36 30.89
N ASP A 393 1.07 48.21 30.75
CA ASP A 393 1.49 46.98 31.42
C ASP A 393 1.62 45.80 30.48
N VAL A 394 1.75 46.05 29.17
CA VAL A 394 1.86 44.96 28.20
C VAL A 394 3.31 44.50 28.18
N ASP A 395 3.57 43.32 28.75
CA ASP A 395 4.90 42.71 28.69
C ASP A 395 5.04 41.97 27.35
N LEU A 396 5.28 42.75 26.31
CA LEU A 396 5.40 42.18 24.97
C LEU A 396 6.46 41.10 24.93
N GLU A 397 7.62 41.35 25.56
CA GLU A 397 8.69 40.36 25.57
C GLU A 397 8.22 39.07 26.23
N GLN A 398 7.34 39.15 27.23
CA GLN A 398 6.87 37.95 27.90
C GLN A 398 5.97 37.13 26.99
N VAL A 399 5.00 37.78 26.33
CA VAL A 399 4.10 37.05 25.44
C VAL A 399 4.87 36.50 24.25
N ALA A 400 5.93 37.19 23.82
CA ALA A 400 6.71 36.73 22.68
C ALA A 400 7.32 35.36 22.94
N ASN A 401 7.82 35.12 24.15
CA ASN A 401 8.28 33.78 24.51
C ASN A 401 7.10 32.88 24.85
N GLU A 402 6.02 33.46 25.37
CA GLU A 402 4.83 32.66 25.70
C GLU A 402 4.17 32.10 24.47
N THR A 403 4.31 32.77 23.33
CA THR A 403 3.56 32.44 22.13
C THR A 403 4.40 31.61 21.16
N HIS A 404 5.24 30.72 21.69
CA HIS A 404 6.09 29.89 20.85
C HIS A 404 5.24 29.01 19.94
N GLY A 405 5.64 28.94 18.68
CA GLY A 405 4.93 28.16 17.68
C GLY A 405 3.89 28.91 16.89
N HIS A 406 3.57 30.15 17.27
CA HIS A 406 2.56 30.92 16.55
C HIS A 406 3.16 31.46 15.26
N VAL A 407 2.65 31.00 14.14
CA VAL A 407 3.22 31.32 12.83
C VAL A 407 2.63 32.63 12.34
N GLY A 408 3.39 33.72 12.45
CA GLY A 408 3.06 34.90 11.68
C GLY A 408 1.67 35.43 11.92
N ALA A 409 0.76 35.12 10.99
CA ALA A 409 -0.59 35.66 11.03
C ALA A 409 -1.30 35.35 12.33
N ASP A 410 -0.90 34.29 13.04
CA ASP A 410 -1.51 34.02 14.34
C ASP A 410 -1.26 35.17 15.31
N LEU A 411 -0.03 35.69 15.37
CA LEU A 411 0.22 36.88 16.18
C LEU A 411 -0.60 38.06 15.69
N ALA A 412 -1.04 38.04 14.43
CA ALA A 412 -1.97 39.05 13.95
C ALA A 412 -3.37 38.80 14.49
N ALA A 413 -3.80 37.54 14.51
CA ALA A 413 -5.09 37.21 15.11
C ALA A 413 -5.08 37.48 16.60
N LEU A 414 -4.00 37.06 17.28
CA LEU A 414 -3.86 37.33 18.70
C LEU A 414 -3.96 38.83 18.99
N CYS A 415 -3.21 39.63 18.24
CA CYS A 415 -3.24 41.07 18.47
C CYS A 415 -4.63 41.65 18.23
N SER A 416 -5.48 40.91 17.52
CA SER A 416 -6.88 41.31 17.41
C SER A 416 -7.72 40.70 18.51
N GLU A 417 -7.50 39.41 18.82
CA GLU A 417 -8.24 38.78 19.90
C GLU A 417 -8.10 39.55 21.20
N ALA A 418 -6.90 40.09 21.46
CA ALA A 418 -6.72 40.97 22.60
C ALA A 418 -7.48 42.28 22.40
N ALA A 419 -7.32 42.90 21.24
CA ALA A 419 -7.95 44.20 21.02
C ALA A 419 -9.46 44.09 21.13
N LEU A 420 -10.04 43.05 20.55
CA LEU A 420 -11.48 42.85 20.71
C LEU A 420 -11.84 42.58 22.16
N GLN A 421 -10.99 41.84 22.87
CA GLN A 421 -11.24 41.62 24.29
C GLN A 421 -11.23 42.93 25.05
N ALA A 422 -10.62 43.97 24.50
CA ALA A 422 -10.67 45.29 25.12
C ALA A 422 -11.87 46.09 24.64
N ILE A 423 -12.37 45.78 23.44
CA ILE A 423 -13.59 46.44 22.97
C ILE A 423 -14.80 45.87 23.69
N ARG A 424 -14.95 44.55 23.64
CA ARG A 424 -16.14 43.92 24.18
C ARG A 424 -16.26 44.11 25.69
N LYS A 425 -15.18 44.48 26.38
CA LYS A 425 -15.23 44.83 27.79
C LYS A 425 -15.30 46.33 28.01
N LYS A 426 -15.41 47.12 26.94
CA LYS A 426 -15.63 48.55 27.05
C LYS A 426 -16.98 48.91 26.43
N MET A 427 -17.47 48.07 25.52
CA MET A 427 -18.72 48.36 24.84
C MET A 427 -19.92 48.21 25.76
N ASP A 428 -19.74 47.68 26.96
CA ASP A 428 -20.80 47.75 27.97
C ASP A 428 -20.93 49.15 28.57
N LEU A 429 -19.81 49.81 28.84
CA LEU A 429 -19.85 51.19 29.32
C LEU A 429 -20.50 52.10 28.29
N ILE A 430 -20.04 52.02 27.04
CA ILE A 430 -20.59 52.82 25.95
C ILE A 430 -21.54 51.89 25.21
N ASP A 431 -22.84 52.11 25.36
CA ASP A 431 -23.85 51.17 24.91
C ASP A 431 -24.25 51.38 23.45
N LEU A 432 -23.35 51.93 22.65
CA LEU A 432 -23.67 52.22 21.25
C LEU A 432 -23.76 50.93 20.44
N GLU A 433 -24.46 51.02 19.30
CA GLU A 433 -24.71 49.87 18.43
C GLU A 433 -23.79 49.82 17.21
N ASP A 434 -22.84 50.74 17.10
CA ASP A 434 -21.94 50.80 15.96
C ASP A 434 -20.73 51.63 16.40
N GLU A 435 -19.61 51.53 15.67
CA GLU A 435 -18.52 52.38 16.12
C GLU A 435 -18.70 53.84 15.71
N THR A 436 -19.92 54.31 15.46
CA THR A 436 -20.09 55.76 15.44
C THR A 436 -19.88 56.31 16.84
N ILE A 437 -19.58 55.41 17.79
CA ILE A 437 -18.76 55.72 18.95
C ILE A 437 -17.58 56.55 18.48
N ASP A 438 -17.20 57.54 19.28
CA ASP A 438 -16.21 58.50 18.83
C ASP A 438 -14.78 57.95 18.99
N ALA A 439 -13.88 58.41 18.13
CA ALA A 439 -12.52 57.89 18.13
C ALA A 439 -11.83 58.14 19.47
N GLU A 440 -12.25 59.18 20.19
CA GLU A 440 -11.60 59.51 21.46
C GLU A 440 -11.69 58.36 22.46
N VAL A 441 -12.85 57.70 22.56
CA VAL A 441 -12.95 56.58 23.49
C VAL A 441 -12.40 55.29 22.88
N MET A 442 -12.17 55.24 21.57
CA MET A 442 -11.37 54.16 21.00
C MET A 442 -9.91 54.31 21.39
N ASN A 443 -9.43 55.55 21.50
CA ASN A 443 -8.12 55.79 22.06
C ASN A 443 -8.04 55.38 23.53
N SER A 444 -9.17 55.32 24.22
CA SER A 444 -9.21 54.91 25.61
C SER A 444 -9.23 53.39 25.77
N LEU A 445 -9.24 52.63 24.68
CA LEU A 445 -9.21 51.18 24.77
C LEU A 445 -7.81 50.68 25.13
N ALA A 446 -7.36 50.97 26.34
CA ALA A 446 -6.05 50.49 26.78
C ALA A 446 -6.11 48.98 26.88
N VAL A 447 -5.51 48.29 25.91
CA VAL A 447 -5.60 46.85 25.85
C VAL A 447 -4.61 46.28 26.86
N THR A 448 -5.08 46.05 28.08
CA THR A 448 -4.19 45.62 29.15
C THR A 448 -3.68 44.21 28.89
N MET A 449 -2.62 43.84 29.63
CA MET A 449 -2.03 42.52 29.44
C MET A 449 -2.97 41.41 29.90
N ASP A 450 -4.00 41.75 30.68
CA ASP A 450 -5.00 40.75 31.01
C ASP A 450 -5.76 40.31 29.77
N ASP A 451 -6.11 41.25 28.89
CA ASP A 451 -6.77 40.94 27.64
C ASP A 451 -5.89 40.08 26.73
N PHE A 452 -4.59 40.39 26.66
CA PHE A 452 -3.69 39.56 25.87
C PHE A 452 -3.49 38.19 26.51
N ARG A 453 -3.50 38.13 27.84
CA ARG A 453 -3.45 36.85 28.51
C ARG A 453 -4.64 35.99 28.13
N TRP A 454 -5.82 36.58 28.06
CA TRP A 454 -7.00 35.85 27.61
C TRP A 454 -6.89 35.45 26.15
N ALA A 455 -6.43 36.38 25.31
CA ALA A 455 -6.35 36.08 23.88
C ALA A 455 -5.38 34.94 23.60
N LEU A 456 -4.25 34.91 24.29
CA LEU A 456 -3.32 33.79 24.13
C LEU A 456 -3.96 32.48 24.55
N SER A 457 -4.73 32.48 25.65
CA SER A 457 -5.45 31.29 26.05
C SER A 457 -6.42 30.82 24.98
N GLN A 458 -7.04 31.76 24.25
CA GLN A 458 -7.92 31.38 23.15
C GLN A 458 -7.14 30.95 21.91
N SER A 459 -6.02 31.59 21.61
CA SER A 459 -5.35 31.40 20.33
C SER A 459 -4.81 29.98 20.20
N ASN A 460 -4.86 29.44 18.98
CA ASN A 460 -4.37 28.11 18.68
C ASN A 460 -3.35 28.20 17.55
N PRO A 461 -2.12 27.67 17.70
CA PRO A 461 -1.15 27.75 16.61
C PRO A 461 -1.33 26.63 15.58
N SER A 462 -2.56 26.42 15.13
CA SER A 462 -2.87 25.33 14.21
C SER A 462 -2.31 25.56 12.82
N ALA A 463 -1.64 26.68 12.53
CA ALA A 463 -1.02 26.84 11.22
C ALA A 463 0.04 25.76 11.00
N LEU A 464 0.98 25.65 11.94
CA LEU A 464 1.96 24.58 11.96
C LEU A 464 2.82 24.73 13.19
N ARG A 465 3.39 23.61 13.63
CA ARG A 465 4.46 23.61 14.63
C ARG A 465 5.44 22.52 14.20
N GLU A 466 6.49 22.95 13.51
CA GLU A 466 7.49 22.06 12.94
C GLU A 466 8.85 22.55 13.41
N THR A 467 9.88 21.74 13.17
CA THR A 467 11.25 22.08 13.58
C THR A 467 11.55 23.54 13.34
N VAL A 468 11.91 24.24 14.41
CA VAL A 468 11.98 25.70 14.42
C VAL A 468 13.43 26.13 14.35
N VAL A 469 13.72 27.03 13.42
CA VAL A 469 15.05 27.61 13.24
C VAL A 469 15.04 28.99 13.83
N GLU A 470 16.06 29.31 14.63
CA GLU A 470 16.00 30.47 15.50
C GLU A 470 17.38 31.07 15.66
N VAL A 471 17.42 32.34 16.04
CA VAL A 471 18.65 33.00 16.48
C VAL A 471 18.59 33.12 18.00
N PRO A 472 19.10 32.15 18.75
CA PRO A 472 18.82 32.10 20.19
C PRO A 472 19.32 33.35 20.91
N GLN A 473 18.55 33.76 21.91
CA GLN A 473 18.85 34.98 22.65
C GLN A 473 19.75 34.76 23.86
N VAL A 474 20.22 33.53 24.08
CA VAL A 474 21.19 33.29 25.14
C VAL A 474 22.57 33.77 24.71
N THR A 475 23.39 34.13 25.68
CA THR A 475 24.73 34.66 25.39
C THR A 475 25.67 34.26 26.50
N TRP A 476 26.95 34.61 26.33
CA TRP A 476 27.98 34.18 27.26
C TRP A 476 27.64 34.50 28.70
N GLU A 477 27.06 35.66 28.96
CA GLU A 477 26.77 36.04 30.34
C GLU A 477 25.84 35.06 31.01
N ASP A 478 25.06 34.28 30.25
CA ASP A 478 24.22 33.24 30.80
C ASP A 478 24.92 31.90 30.93
N ILE A 479 26.13 31.75 30.39
CA ILE A 479 26.90 30.52 30.52
C ILE A 479 27.92 30.77 31.62
N GLY A 480 27.56 30.46 32.86
CA GLY A 480 28.49 30.60 33.95
C GLY A 480 29.65 29.63 33.80
N GLY A 481 30.84 30.07 34.19
CA GLY A 481 31.98 29.19 34.10
C GLY A 481 32.27 28.80 32.66
N LEU A 482 32.88 27.63 32.48
CA LEU A 482 33.34 27.18 31.18
C LEU A 482 34.18 28.26 30.50
N GLU A 483 35.10 28.83 31.27
CA GLU A 483 35.98 29.85 30.72
C GLU A 483 36.90 29.29 29.64
N ASP A 484 37.35 28.05 29.81
CA ASP A 484 38.23 27.44 28.81
C ASP A 484 37.45 27.04 27.57
N VAL A 485 36.27 26.46 27.74
CA VAL A 485 35.54 25.94 26.59
C VAL A 485 35.04 27.06 25.71
N LYS A 486 34.64 28.19 26.31
CA LYS A 486 34.16 29.30 25.49
C LYS A 486 35.28 29.84 24.61
N ARG A 487 36.50 29.93 25.13
CA ARG A 487 37.64 30.31 24.29
C ARG A 487 37.91 29.25 23.23
N GLU A 488 37.81 27.98 23.62
CA GLU A 488 38.12 26.89 22.70
C GLU A 488 37.09 26.81 21.56
N LEU A 489 35.88 27.29 21.79
CA LEU A 489 34.87 27.35 20.75
C LEU A 489 34.89 28.66 19.98
N GLN A 490 35.32 29.75 20.62
CA GLN A 490 35.54 30.98 19.88
C GLN A 490 36.63 30.79 18.84
N GLU A 491 37.69 30.09 19.19
CA GLU A 491 38.71 29.81 18.19
C GLU A 491 38.34 28.67 17.26
N LEU A 492 37.12 28.18 17.25
CA LEU A 492 36.74 27.04 16.43
C LEU A 492 35.54 27.32 15.54
N VAL A 493 34.62 28.18 15.97
CA VAL A 493 33.47 28.54 15.14
C VAL A 493 33.64 29.94 14.56
N GLN A 494 34.46 30.78 15.17
CA GLN A 494 34.53 32.20 14.87
C GLN A 494 35.84 32.59 14.17
N TYR A 495 36.93 31.92 14.46
CA TYR A 495 38.17 32.15 13.71
C TYR A 495 38.07 31.78 12.24
N PRO A 496 37.54 30.61 11.86
CA PRO A 496 37.44 30.29 10.43
C PRO A 496 36.44 31.13 9.66
N VAL A 497 35.69 32.02 10.31
CA VAL A 497 34.72 32.87 9.63
C VAL A 497 35.07 34.35 9.77
N GLU A 498 36.19 34.66 10.41
CA GLU A 498 36.66 36.03 10.49
C GLU A 498 38.14 36.17 10.17
N HIS A 499 38.84 35.06 9.90
CA HIS A 499 40.17 35.10 9.31
C HIS A 499 40.37 33.95 8.32
N PRO A 500 39.45 33.76 7.37
CA PRO A 500 39.61 32.66 6.41
C PRO A 500 40.85 32.82 5.55
N ASP A 501 41.42 34.02 5.45
CA ASP A 501 42.69 34.18 4.78
C ASP A 501 43.75 33.29 5.41
N LYS A 502 43.75 33.19 6.74
CA LYS A 502 44.75 32.38 7.43
C LYS A 502 44.47 30.90 7.25
N PHE A 503 43.21 30.52 7.13
CA PHE A 503 42.88 29.11 6.92
C PHE A 503 43.14 28.67 5.50
N LEU A 504 43.15 29.58 4.54
CA LEU A 504 43.59 29.24 3.19
C LEU A 504 45.11 29.28 3.09
N LYS A 505 45.74 30.22 3.80
CA LYS A 505 47.18 30.40 3.68
C LYS A 505 47.92 29.15 4.10
N PHE A 506 47.35 28.37 5.02
CA PHE A 506 47.93 27.11 5.46
C PHE A 506 47.19 25.90 4.92
N GLY A 507 46.06 26.09 4.25
CA GLY A 507 45.30 24.97 3.75
C GLY A 507 44.75 24.06 4.83
N MET A 508 44.17 24.62 5.87
CA MET A 508 43.79 23.84 7.04
C MET A 508 42.53 23.05 6.85
N THR A 509 41.54 23.59 6.13
CA THR A 509 40.24 22.95 6.05
C THR A 509 39.69 22.77 7.46
N PRO A 510 39.32 23.85 8.14
CA PRO A 510 38.94 23.76 9.54
C PRO A 510 37.81 22.76 9.78
N SER A 511 37.58 22.48 11.06
CA SER A 511 36.62 21.46 11.43
C SER A 511 35.20 22.01 11.37
N LYS A 512 34.37 21.38 10.56
CA LYS A 512 32.94 21.69 10.51
C LYS A 512 32.18 20.72 11.41
N GLY A 513 32.54 20.69 12.69
CA GLY A 513 31.92 19.75 13.58
C GLY A 513 32.40 19.89 15.01
N VAL A 514 31.56 19.57 15.96
CA VAL A 514 31.99 19.45 17.36
C VAL A 514 31.13 18.39 18.02
N LEU A 515 31.73 17.65 18.95
CA LEU A 515 30.99 16.77 19.84
C LEU A 515 31.29 17.18 21.26
N PHE A 516 30.27 17.69 21.95
CA PHE A 516 30.38 18.03 23.36
C PHE A 516 30.07 16.77 24.15
N TYR A 517 31.10 16.10 24.65
CA TYR A 517 30.89 15.00 25.56
C TYR A 517 31.12 15.49 26.97
N GLY A 518 30.13 15.27 27.83
CA GLY A 518 30.24 15.69 29.20
C GLY A 518 29.03 15.27 29.99
N PRO A 519 29.12 15.37 31.31
CA PRO A 519 28.02 14.93 32.16
C PRO A 519 26.72 15.60 31.76
N PRO A 520 25.60 14.88 31.80
CA PRO A 520 24.34 15.49 31.37
C PRO A 520 23.94 16.66 32.26
N GLY A 521 23.22 17.59 31.67
CA GLY A 521 22.81 18.77 32.41
C GLY A 521 23.95 19.62 32.88
N CYS A 522 24.97 19.83 32.04
CA CYS A 522 26.15 20.58 32.43
C CYS A 522 26.39 21.82 31.59
N GLY A 523 25.63 22.05 30.53
CA GLY A 523 25.77 23.26 29.74
C GLY A 523 26.21 23.02 28.31
N LYS A 524 25.79 21.91 27.72
CA LYS A 524 26.15 21.65 26.34
C LYS A 524 25.18 22.34 25.38
N THR A 525 23.88 22.15 25.56
CA THR A 525 22.92 22.82 24.71
C THR A 525 23.00 24.33 24.90
N LEU A 526 23.20 24.78 26.14
CA LEU A 526 23.36 26.20 26.39
C LEU A 526 24.59 26.74 25.68
N LEU A 527 25.69 25.99 25.68
CA LEU A 527 26.88 26.43 24.96
C LEU A 527 26.60 26.52 23.47
N ALA A 528 25.89 25.54 22.91
CA ALA A 528 25.59 25.59 21.48
C ALA A 528 24.72 26.79 21.14
N LYS A 529 23.68 27.05 21.93
CA LYS A 529 22.83 28.20 21.67
C LYS A 529 23.62 29.49 21.80
N ALA A 530 24.48 29.58 22.83
CA ALA A 530 25.26 30.79 23.00
C ALA A 530 26.23 31.00 21.86
N ILE A 531 26.80 29.92 21.32
CA ILE A 531 27.68 30.02 20.16
C ILE A 531 26.90 30.54 18.96
N ALA A 532 25.73 29.96 18.71
CA ALA A 532 24.91 30.44 17.60
C ALA A 532 24.53 31.90 17.77
N ASN A 533 24.36 32.33 19.02
CA ASN A 533 23.99 33.72 19.28
C ASN A 533 25.16 34.66 19.06
N GLU A 534 26.36 34.25 19.47
CA GLU A 534 27.53 35.10 19.29
C GLU A 534 27.77 35.39 17.81
N CYS A 535 27.62 34.37 16.97
CA CYS A 535 27.74 34.56 15.53
C CYS A 535 26.43 35.04 14.90
N GLN A 536 25.38 35.23 15.69
CA GLN A 536 24.07 35.60 15.16
C GLN A 536 23.60 34.61 14.11
N ALA A 537 23.82 33.33 14.38
CA ALA A 537 23.54 32.28 13.41
C ALA A 537 22.20 31.62 13.71
N ASN A 538 21.66 30.94 12.70
CA ASN A 538 20.36 30.30 12.81
C ASN A 538 20.53 28.94 13.49
N PHE A 539 20.37 28.91 14.81
CA PHE A 539 20.48 27.66 15.56
C PHE A 539 19.34 26.73 15.21
N ILE A 540 19.66 25.44 15.10
CA ILE A 540 18.64 24.42 14.81
C ILE A 540 18.85 23.23 15.72
N SER A 541 18.10 23.18 16.82
CA SER A 541 18.26 22.08 17.77
C SER A 541 17.39 20.90 17.35
N ILE A 542 18.02 19.73 17.25
CA ILE A 542 17.30 18.48 17.00
C ILE A 542 17.46 17.64 18.25
N LYS A 543 16.51 17.75 19.16
CA LYS A 543 16.60 17.16 20.47
C LYS A 543 16.65 15.64 20.38
N GLY A 544 16.89 15.00 21.53
CA GLY A 544 16.98 13.57 21.59
C GLY A 544 15.72 12.87 21.13
N PRO A 545 14.57 13.30 21.64
CA PRO A 545 13.31 12.71 21.17
C PRO A 545 13.09 12.86 19.68
N GLU A 546 13.56 13.94 19.05
CA GLU A 546 13.32 14.10 17.62
C GLU A 546 14.11 13.09 16.79
N LEU A 547 15.35 12.79 17.18
CA LEU A 547 16.10 11.75 16.48
C LEU A 547 15.54 10.37 16.81
N LEU A 548 15.23 10.15 18.07
CA LEU A 548 14.78 8.85 18.51
C LEU A 548 13.42 8.51 17.89
N THR A 549 12.60 9.53 17.61
CA THR A 549 11.34 9.30 16.93
C THR A 549 11.56 8.83 15.50
N MET A 550 12.50 9.45 14.79
CA MET A 550 12.81 8.99 13.45
C MET A 550 13.31 7.56 13.47
N TRP A 551 14.12 7.20 14.47
CA TRP A 551 14.56 5.81 14.56
C TRP A 551 13.38 4.88 14.83
N PHE A 552 12.46 5.29 15.70
CA PHE A 552 11.31 4.43 16.01
C PHE A 552 10.44 4.21 14.79
N GLY A 553 10.08 5.28 14.11
CA GLY A 553 9.21 5.16 12.96
C GLY A 553 9.87 4.54 11.74
N GLU A 554 11.15 4.21 11.83
CA GLU A 554 11.88 3.67 10.70
C GLU A 554 11.82 4.65 9.53
N SER A 555 11.82 5.93 9.86
CA SER A 555 11.69 7.02 8.91
C SER A 555 12.94 7.90 8.94
N GLU A 556 14.11 7.27 8.86
CA GLU A 556 15.34 8.04 8.88
C GLU A 556 15.42 9.02 7.71
N ALA A 557 14.60 8.84 6.68
CA ALA A 557 14.57 9.79 5.57
C ALA A 557 14.23 11.19 6.04
N ASN A 558 13.51 11.34 7.16
CA ASN A 558 13.24 12.66 7.69
C ASN A 558 14.53 13.43 7.98
N VAL A 559 15.63 12.74 8.25
CA VAL A 559 16.90 13.43 8.45
C VAL A 559 17.27 14.24 7.22
N ARG A 560 17.01 13.69 6.03
CA ARG A 560 17.29 14.43 4.80
C ARG A 560 16.57 15.76 4.80
N GLU A 561 15.39 15.82 5.43
CA GLU A 561 14.69 17.09 5.58
C GLU A 561 15.42 17.99 6.55
N ILE A 562 15.80 17.46 7.71
CA ILE A 562 16.41 18.28 8.75
C ILE A 562 17.62 19.00 8.22
N PHE A 563 18.60 18.25 7.71
CA PHE A 563 19.78 18.88 7.15
C PHE A 563 19.41 19.84 6.03
N ASP A 564 18.41 19.50 5.22
CA ASP A 564 17.98 20.42 4.17
C ASP A 564 17.57 21.75 4.76
N LYS A 565 16.84 21.73 5.88
CA LYS A 565 16.51 22.99 6.54
C LYS A 565 17.77 23.78 6.85
N ALA A 566 18.79 23.12 7.39
CA ALA A 566 20.05 23.82 7.64
C ALA A 566 20.63 24.36 6.34
N ARG A 567 20.60 23.57 5.27
CA ARG A 567 21.13 24.06 3.99
C ARG A 567 20.39 25.30 3.53
N GLN A 568 19.16 25.50 3.99
CA GLN A 568 18.41 26.70 3.64
C GLN A 568 18.59 27.80 4.68
N ALA A 569 18.88 27.42 5.93
CA ALA A 569 18.94 28.38 7.02
C ALA A 569 20.32 28.94 7.26
N ALA A 570 21.30 28.59 6.44
CA ALA A 570 22.67 29.00 6.70
C ALA A 570 22.74 30.53 6.73
N PRO A 571 23.61 31.12 7.57
CA PRO A 571 24.59 30.50 8.47
C PRO A 571 23.92 29.87 9.67
N CYS A 572 24.11 28.56 9.84
CA CYS A 572 23.36 27.79 10.80
C CYS A 572 24.32 27.15 11.79
N VAL A 573 23.77 26.69 12.91
CA VAL A 573 24.51 25.83 13.82
C VAL A 573 23.61 24.68 14.21
N LEU A 574 23.63 23.59 13.46
CA LEU A 574 22.87 22.42 13.84
C LEU A 574 23.29 22.00 15.24
N PHE A 575 22.43 21.26 15.93
CA PHE A 575 22.78 20.75 17.24
C PHE A 575 21.97 19.50 17.52
N PHE A 576 22.64 18.36 17.58
CA PHE A 576 21.98 17.09 17.88
C PHE A 576 22.12 16.82 19.37
N ASP A 577 21.24 17.40 20.16
CA ASP A 577 21.25 17.12 21.58
C ASP A 577 21.01 15.64 21.81
N GLU A 578 21.71 15.07 22.77
CA GLU A 578 21.66 13.64 23.06
C GLU A 578 21.85 12.85 21.78
N LEU A 579 22.96 13.14 21.11
CA LEU A 579 23.28 12.43 19.87
C LEU A 579 23.42 10.94 20.10
N ASP A 580 23.71 10.51 21.33
CA ASP A 580 23.73 9.09 21.66
C ASP A 580 22.38 8.59 22.13
N SER A 581 21.28 9.29 21.81
CA SER A 581 19.97 8.90 22.30
C SER A 581 19.63 7.49 21.84
N ILE A 582 19.86 7.19 20.56
CA ILE A 582 19.49 5.89 20.03
C ILE A 582 20.35 4.80 20.64
N ALA A 583 21.65 5.04 20.77
CA ALA A 583 22.52 4.04 21.36
C ALA A 583 22.13 3.75 22.81
N LYS A 584 21.74 4.78 23.56
CA LYS A 584 21.21 4.55 24.90
C LYS A 584 19.91 3.76 24.84
N ALA A 585 19.05 4.07 23.85
CA ALA A 585 17.78 3.36 23.74
C ALA A 585 17.96 1.97 23.12
N ARG A 586 19.21 1.57 22.87
CA ARG A 586 19.48 0.19 22.49
C ARG A 586 20.23 -0.57 23.58
N GLY A 587 21.16 0.10 24.26
CA GLY A 587 22.15 -0.56 25.07
C GLY A 587 23.49 -0.76 24.38
N GLY A 588 23.53 -0.69 23.05
CA GLY A 588 24.78 -0.72 22.31
C GLY A 588 25.45 -2.08 22.22
N ASN A 589 24.72 -3.18 22.41
CA ASN A 589 25.31 -4.51 22.46
C ASN A 589 24.73 -5.48 21.45
N ILE A 590 23.41 -5.51 21.26
CA ILE A 590 22.76 -6.47 20.40
C ILE A 590 21.69 -5.75 19.57
N GLY A 591 21.47 -6.28 18.37
CA GLY A 591 20.33 -5.83 17.59
C GLY A 591 20.54 -6.13 16.12
N ASP A 592 19.48 -6.66 15.52
CA ASP A 592 19.33 -6.63 14.08
C ASP A 592 18.88 -5.24 13.70
N GLY A 593 19.66 -4.60 12.85
CA GLY A 593 19.73 -3.16 12.81
C GLY A 593 21.15 -2.63 12.69
N GLY A 594 21.63 -1.84 13.64
CA GLY A 594 22.86 -1.12 13.42
C GLY A 594 24.05 -1.57 14.24
N GLY A 595 23.90 -2.65 15.00
CA GLY A 595 25.00 -3.13 15.83
C GLY A 595 25.51 -2.01 16.71
N ALA A 596 26.73 -1.56 16.43
CA ALA A 596 27.21 -0.31 17.00
C ALA A 596 26.54 0.91 16.37
N ALA A 597 26.21 0.84 15.09
CA ALA A 597 25.57 1.93 14.39
C ALA A 597 24.05 1.89 14.61
N ASP A 598 23.35 2.78 13.92
CA ASP A 598 21.90 2.89 14.00
C ASP A 598 21.34 3.32 12.65
N ARG A 599 20.02 3.22 12.51
CA ARG A 599 19.37 3.78 11.32
C ARG A 599 19.65 5.26 11.21
N VAL A 600 19.17 6.02 12.19
CA VAL A 600 19.22 7.48 12.12
C VAL A 600 20.63 8.02 12.28
N ILE A 601 21.47 7.40 13.13
CA ILE A 601 22.86 7.84 13.20
C ILE A 601 23.54 7.63 11.86
N ASN A 602 23.27 6.50 11.21
CA ASN A 602 23.85 6.25 9.90
C ASN A 602 23.40 7.29 8.88
N GLN A 603 22.11 7.63 8.89
CA GLN A 603 21.63 8.67 8.00
C GLN A 603 22.29 10.01 8.32
N ILE A 604 22.53 10.27 9.61
CA ILE A 604 23.18 11.51 10.01
C ILE A 604 24.61 11.55 9.48
N LEU A 605 25.32 10.41 9.50
CA LEU A 605 26.64 10.38 8.89
C LEU A 605 26.54 10.63 7.39
N THR A 606 25.58 9.99 6.73
CA THR A 606 25.42 10.17 5.29
C THR A 606 25.19 11.63 4.94
N GLU A 607 24.45 12.34 5.78
CA GLU A 607 24.17 13.75 5.51
C GLU A 607 25.26 14.69 5.99
N MET A 608 25.99 14.31 7.03
CA MET A 608 27.14 15.10 7.46
C MET A 608 28.21 15.09 6.39
N ASP A 609 28.41 13.94 5.74
CA ASP A 609 29.34 13.88 4.62
C ASP A 609 28.92 14.85 3.52
N GLY A 610 27.62 14.92 3.25
CA GLY A 610 27.15 15.83 2.22
C GLY A 610 27.33 17.29 2.60
N MET A 611 27.03 17.62 3.86
CA MET A 611 27.11 19.01 4.30
C MET A 611 28.52 19.44 4.65
N SER A 612 29.49 18.53 4.65
CA SER A 612 30.88 18.95 4.81
C SER A 612 31.29 19.92 3.71
N THR A 613 30.61 19.89 2.57
CA THR A 613 30.82 20.91 1.55
C THR A 613 30.33 22.27 2.02
N LYS A 614 29.14 22.32 2.60
CA LYS A 614 28.48 23.58 2.96
C LYS A 614 29.34 24.27 4.01
N LYS A 615 29.98 25.37 3.62
CA LYS A 615 30.91 26.04 4.53
C LYS A 615 30.19 26.79 5.64
N ASN A 616 28.97 27.26 5.38
CA ASN A 616 28.31 28.14 6.33
C ASN A 616 27.77 27.42 7.55
N VAL A 617 27.25 26.20 7.39
CA VAL A 617 26.60 25.52 8.50
C VAL A 617 27.64 24.87 9.39
N PHE A 618 27.41 24.95 10.70
CA PHE A 618 28.21 24.29 11.70
C PHE A 618 27.37 23.20 12.33
N ILE A 619 27.98 22.05 12.58
CA ILE A 619 27.26 20.90 13.12
C ILE A 619 27.83 20.58 14.49
N ILE A 620 26.96 20.49 15.48
CA ILE A 620 27.33 20.23 16.85
C ILE A 620 26.51 19.05 17.34
N GLY A 621 27.11 18.23 18.17
CA GLY A 621 26.38 17.15 18.81
C GLY A 621 26.67 17.19 20.29
N ALA A 622 25.78 16.68 21.10
CA ALA A 622 26.00 16.60 22.54
C ALA A 622 25.71 15.20 23.00
N THR A 623 26.69 14.56 23.62
CA THR A 623 26.57 13.21 24.10
C THR A 623 26.92 13.18 25.57
N ASN A 624 25.94 12.87 26.40
CA ASN A 624 26.22 12.59 27.81
C ASN A 624 26.61 11.13 28.01
N ARG A 625 26.65 10.34 26.94
CA ARG A 625 27.14 8.96 26.98
C ARG A 625 28.08 8.79 25.79
N PRO A 626 29.28 9.35 25.86
CA PRO A 626 30.17 9.33 24.70
C PRO A 626 30.76 7.97 24.35
N ASP A 627 30.81 7.03 25.28
CA ASP A 627 31.32 5.72 24.95
C ASP A 627 30.32 4.94 24.11
N ILE A 628 29.04 5.04 24.46
CA ILE A 628 27.98 4.35 23.74
C ILE A 628 27.47 5.25 22.62
N ILE A 629 28.18 5.26 21.50
CA ILE A 629 27.76 6.01 20.31
C ILE A 629 28.68 5.59 19.17
N ASP A 630 28.10 5.50 17.97
CA ASP A 630 28.81 5.04 16.78
C ASP A 630 30.13 5.78 16.63
N PRO A 631 31.28 5.11 16.79
CA PRO A 631 32.55 5.81 16.59
C PRO A 631 32.72 6.37 15.20
N ALA A 632 31.95 5.84 14.24
CA ALA A 632 32.02 6.35 12.87
C ALA A 632 31.63 7.81 12.77
N ILE A 633 30.92 8.35 13.77
CA ILE A 633 30.59 9.78 13.74
C ILE A 633 31.75 10.64 14.20
N LEU A 634 32.74 10.07 14.88
CA LEU A 634 33.91 10.83 15.31
C LEU A 634 34.97 10.90 14.23
N ARG A 635 34.68 10.42 13.03
CA ARG A 635 35.66 10.42 11.97
C ARG A 635 35.92 11.84 11.48
N PRO A 636 37.10 12.13 10.91
CA PRO A 636 37.33 13.47 10.36
C PRO A 636 36.31 13.86 9.30
N GLY A 637 35.96 15.14 9.26
CA GLY A 637 34.88 15.64 8.44
C GLY A 637 33.53 15.62 9.11
N ARG A 638 33.21 14.55 9.83
CA ARG A 638 32.04 14.48 10.69
C ARG A 638 32.41 15.13 12.01
N LEU A 639 31.66 14.89 13.08
CA LEU A 639 31.86 15.62 14.33
C LEU A 639 33.21 15.22 14.93
N ASP A 640 34.25 15.79 14.34
CA ASP A 640 35.61 15.36 14.59
C ASP A 640 36.20 15.94 15.87
N GLN A 641 35.94 17.20 16.17
CA GLN A 641 36.57 17.90 17.28
C GLN A 641 35.75 17.67 18.54
N LEU A 642 36.16 16.70 19.34
CA LEU A 642 35.49 16.44 20.60
C LEU A 642 35.94 17.45 21.64
N ILE A 643 34.99 18.05 22.34
CA ILE A 643 35.26 19.04 23.38
C ILE A 643 34.62 18.55 24.66
N TYR A 644 35.37 18.57 25.76
CA TYR A 644 34.85 18.11 27.04
C TYR A 644 34.12 19.25 27.75
N ILE A 645 32.96 18.94 28.31
CA ILE A 645 32.16 19.92 29.03
C ILE A 645 32.12 19.53 30.50
N PRO A 646 33.14 19.85 31.30
CA PRO A 646 33.29 19.22 32.61
C PRO A 646 32.24 19.68 33.59
N LEU A 647 32.10 18.90 34.67
CA LEU A 647 31.33 19.36 35.80
C LEU A 647 31.95 20.66 36.33
N PRO A 648 31.14 21.65 36.68
CA PRO A 648 31.71 22.90 37.16
C PRO A 648 32.51 22.70 38.43
N ASP A 649 33.65 23.39 38.52
CA ASP A 649 34.39 23.50 39.76
C ASP A 649 33.81 24.63 40.62
N GLU A 650 34.37 24.80 41.81
CA GLU A 650 33.79 25.70 42.80
C GLU A 650 33.53 27.09 42.22
N LYS A 651 34.53 27.68 41.56
CA LYS A 651 34.34 28.99 40.97
C LYS A 651 33.29 28.96 39.87
N SER A 652 33.33 27.93 39.03
CA SER A 652 32.32 27.81 37.98
C SER A 652 30.94 27.56 38.57
N ARG A 653 30.85 26.89 39.71
CA ARG A 653 29.56 26.75 40.37
C ARG A 653 29.06 28.09 40.88
N VAL A 654 29.96 28.91 41.42
CA VAL A 654 29.58 30.28 41.77
C VAL A 654 29.04 30.99 40.55
N ALA A 655 29.72 30.85 39.42
CA ALA A 655 29.31 31.52 38.19
C ALA A 655 27.93 31.05 37.75
N ILE A 656 27.69 29.73 37.83
CA ILE A 656 26.39 29.19 37.40
C ILE A 656 25.28 29.68 38.31
N LEU A 657 25.52 29.68 39.62
CA LEU A 657 24.51 30.16 40.55
C LEU A 657 24.19 31.62 40.30
N LYS A 658 25.23 32.43 40.07
CA LYS A 658 24.99 33.83 39.75
C LYS A 658 24.21 33.99 38.45
N ALA A 659 24.56 33.19 37.44
CA ALA A 659 23.88 33.28 36.16
C ALA A 659 22.40 32.94 36.30
N ASN A 660 22.09 31.90 37.07
CA ASN A 660 20.71 31.47 37.21
C ASN A 660 19.91 32.42 38.10
N LEU A 661 20.57 33.06 39.07
CA LEU A 661 19.86 33.99 39.95
C LEU A 661 19.80 35.39 39.39
N ARG A 662 20.54 35.69 38.31
CA ARG A 662 20.52 37.04 37.74
C ARG A 662 19.11 37.49 37.38
N LYS A 663 18.29 36.60 36.83
CA LYS A 663 16.98 36.97 36.33
C LYS A 663 15.93 37.03 37.43
N SER A 664 16.29 36.77 38.68
CA SER A 664 15.35 36.74 39.78
C SER A 664 15.84 37.64 40.92
N PRO A 665 14.91 38.20 41.71
CA PRO A 665 15.32 39.08 42.81
C PRO A 665 15.82 38.25 43.99
N VAL A 666 17.01 38.56 44.47
CA VAL A 666 17.64 37.81 45.55
C VAL A 666 18.12 38.80 46.60
N ALA A 667 17.87 38.49 47.87
CA ALA A 667 18.33 39.34 48.96
C ALA A 667 19.83 39.58 48.85
N LYS A 668 20.27 40.69 49.42
CA LYS A 668 21.66 41.13 49.31
C LYS A 668 22.55 40.54 50.39
N ASP A 669 22.18 39.40 50.97
CA ASP A 669 23.04 38.71 51.93
C ASP A 669 23.11 37.22 51.67
N VAL A 670 22.73 36.76 50.47
CA VAL A 670 22.91 35.35 50.14
C VAL A 670 24.39 35.09 49.90
N ASP A 671 24.92 34.06 50.55
CA ASP A 671 26.35 33.75 50.49
C ASP A 671 26.59 32.71 49.40
N LEU A 672 26.62 33.19 48.16
CA LEU A 672 26.71 32.29 47.02
C LEU A 672 28.07 31.60 46.93
N GLU A 673 29.13 32.25 47.40
CA GLU A 673 30.43 31.59 47.38
C GLU A 673 30.48 30.40 48.33
N PHE A 674 29.55 30.30 49.26
CA PHE A 674 29.39 29.14 50.13
C PHE A 674 28.44 28.12 49.53
N LEU A 675 27.33 28.61 48.96
CA LEU A 675 26.40 27.74 48.26
C LEU A 675 27.09 26.99 47.13
N ALA A 676 28.18 27.57 46.59
CA ALA A 676 28.99 26.83 45.64
C ALA A 676 29.87 25.79 46.32
N LYS A 677 30.47 26.14 47.46
CA LYS A 677 31.34 25.18 48.15
C LYS A 677 30.60 23.91 48.50
N MET A 678 29.36 24.03 48.97
CA MET A 678 28.62 22.83 49.34
C MET A 678 28.47 21.89 48.15
N THR A 679 28.13 22.44 46.99
CA THR A 679 27.74 21.65 45.84
C THR A 679 28.97 20.94 45.25
N ASN A 680 29.49 20.00 46.02
CA ASN A 680 30.75 19.32 45.74
C ASN A 680 30.88 18.96 44.27
N GLY A 681 29.80 18.50 43.66
CA GLY A 681 29.82 18.13 42.26
C GLY A 681 28.54 18.37 41.47
N PHE A 682 27.73 19.35 41.85
CA PHE A 682 26.49 19.58 41.11
C PHE A 682 26.78 19.82 39.63
N SER A 683 25.99 19.20 38.77
CA SER A 683 25.95 19.64 37.40
C SER A 683 25.34 21.04 37.34
N GLY A 684 25.39 21.67 36.17
CA GLY A 684 24.75 22.96 36.04
C GLY A 684 23.26 22.88 36.21
N ALA A 685 22.64 21.81 35.71
CA ALA A 685 21.21 21.63 35.87
C ALA A 685 20.83 21.51 37.34
N ASP A 686 21.67 20.85 38.14
CA ASP A 686 21.34 20.71 39.56
C ASP A 686 21.38 22.06 40.27
N LEU A 687 22.35 22.92 39.95
CA LEU A 687 22.36 24.25 40.55
C LEU A 687 21.17 25.07 40.08
N THR A 688 20.77 24.93 38.81
CA THR A 688 19.54 25.56 38.38
C THR A 688 18.34 25.04 39.15
N GLU A 689 18.32 23.74 39.44
CA GLU A 689 17.22 23.19 40.23
C GLU A 689 17.23 23.74 41.64
N ILE A 690 18.41 23.97 42.22
CA ILE A 690 18.44 24.60 43.53
C ILE A 690 17.88 26.01 43.45
N CYS A 691 18.23 26.76 42.40
CA CYS A 691 17.66 28.08 42.22
C CYS A 691 16.14 28.00 42.10
N GLN A 692 15.64 27.02 41.36
CA GLN A 692 14.21 26.90 41.15
C GLN A 692 13.49 26.46 42.42
N ARG A 693 14.11 25.59 43.22
CA ARG A 693 13.53 25.25 44.52
C ARG A 693 13.48 26.46 45.42
N ALA A 694 14.53 27.28 45.40
CA ALA A 694 14.50 28.50 46.17
C ALA A 694 13.38 29.42 45.73
N CYS A 695 13.18 29.57 44.42
CA CYS A 695 12.07 30.37 43.94
C CYS A 695 10.73 29.77 44.36
N LYS A 696 10.57 28.47 44.22
CA LYS A 696 9.29 27.84 44.58
C LYS A 696 8.99 28.04 46.05
N LEU A 697 9.98 27.86 46.92
CA LEU A 697 9.77 28.13 48.33
C LEU A 697 9.57 29.61 48.61
N ALA A 698 10.10 30.49 47.77
CA ALA A 698 9.85 31.92 47.89
C ALA A 698 8.41 32.29 47.59
N ILE A 699 7.85 31.80 46.49
CA ILE A 699 6.42 32.03 46.27
C ILE A 699 5.61 31.35 47.34
N ARG A 700 6.02 30.18 47.82
CA ARG A 700 5.26 29.58 48.90
C ARG A 700 5.18 30.54 50.09
N GLU A 701 6.33 31.04 50.54
CA GLU A 701 6.35 31.90 51.71
C GLU A 701 5.78 33.28 51.42
N SER A 702 5.62 33.66 50.15
CA SER A 702 5.10 34.98 49.81
C SER A 702 3.60 34.94 49.55
N ILE A 703 3.14 33.92 48.83
CA ILE A 703 1.71 33.67 48.67
C ILE A 703 1.07 33.46 50.03
N GLU A 704 1.72 32.64 50.87
CA GLU A 704 1.13 32.34 52.17
C GLU A 704 1.15 33.51 53.13
N SER A 705 1.73 34.65 52.73
CA SER A 705 1.61 35.89 53.48
C SER A 705 0.80 36.94 52.75
N GLU A 706 0.59 36.81 51.44
CA GLU A 706 -0.38 37.66 50.75
C GLU A 706 -1.81 37.21 51.06
N ILE A 707 -2.06 35.91 51.02
CA ILE A 707 -3.38 35.40 51.40
C ILE A 707 -3.63 35.67 52.87
N ARG A 708 -2.58 35.60 53.70
CA ARG A 708 -2.72 35.98 55.10
C ARG A 708 -3.15 37.44 55.22
N ARG A 709 -2.58 38.32 54.40
CA ARG A 709 -3.01 39.71 54.41
C ARG A 709 -4.46 39.85 53.97
N GLU A 710 -4.87 39.10 52.93
CA GLU A 710 -6.26 39.15 52.51
C GLU A 710 -7.20 38.72 53.62
N ARG A 711 -6.85 37.68 54.36
CA ARG A 711 -7.63 37.29 55.53
C ARG A 711 -7.60 38.38 56.59
N GLU A 712 -6.47 39.08 56.72
CA GLU A 712 -6.38 40.17 57.68
C GLU A 712 -7.37 41.28 57.35
N ARG A 713 -7.50 41.63 56.07
CA ARG A 713 -8.42 42.66 55.63
C ARG A 713 -9.83 42.13 55.37
N GLN A 714 -10.06 40.84 55.55
CA GLN A 714 -11.38 40.25 55.38
C GLN A 714 -12.39 40.92 56.32
N ASP A 726 3.72 43.76 49.70
CA ASP A 726 4.99 43.08 49.46
C ASP A 726 5.56 42.51 50.77
N PRO A 727 5.04 41.36 51.20
CA PRO A 727 5.62 40.72 52.40
C PRO A 727 7.10 40.48 52.27
N VAL A 728 7.52 39.73 51.25
CA VAL A 728 8.91 39.64 50.86
C VAL A 728 8.97 39.91 49.36
N PRO A 729 9.62 40.99 48.90
CA PRO A 729 9.69 41.24 47.45
C PRO A 729 10.71 40.38 46.74
N GLU A 730 11.51 39.60 47.45
CA GLU A 730 12.61 38.86 46.83
C GLU A 730 12.85 37.57 47.59
N ILE A 731 13.45 36.59 46.91
CA ILE A 731 13.92 35.40 47.59
C ILE A 731 15.08 35.79 48.50
N ARG A 732 15.33 34.95 49.51
CA ARG A 732 16.22 35.34 50.58
C ARG A 732 17.08 34.16 51.00
N ARG A 733 18.09 34.47 51.81
CA ARG A 733 18.95 33.46 52.38
C ARG A 733 18.17 32.42 53.16
N ASP A 734 17.00 32.79 53.68
CA ASP A 734 16.22 31.86 54.47
C ASP A 734 15.71 30.68 53.63
N HIS A 735 15.26 30.96 52.40
CA HIS A 735 14.56 29.95 51.61
C HIS A 735 15.51 28.91 51.03
N PHE A 736 16.76 29.29 50.75
CA PHE A 736 17.71 28.33 50.21
C PHE A 736 17.97 27.19 51.19
N GLU A 737 17.77 27.43 52.48
CA GLU A 737 18.01 26.39 53.47
C GLU A 737 17.01 25.24 53.40
N GLU A 738 15.83 25.46 52.83
CA GLU A 738 14.92 24.37 52.52
C GLU A 738 14.95 24.02 51.04
N ALA A 739 15.53 24.88 50.20
CA ALA A 739 15.68 24.54 48.79
C ALA A 739 16.81 23.54 48.57
N MET A 740 17.88 23.63 49.36
CA MET A 740 19.04 22.77 49.16
C MET A 740 18.77 21.34 49.60
N ARG A 741 17.88 21.15 50.58
CA ARG A 741 17.67 19.81 51.13
C ARG A 741 17.12 18.86 50.09
N PHE A 742 16.61 19.37 48.97
CA PHE A 742 16.13 18.55 47.87
C PHE A 742 17.12 18.45 46.73
N ALA A 743 18.41 18.33 47.04
CA ALA A 743 19.44 18.49 46.03
C ALA A 743 20.18 17.19 45.75
N ARG A 744 20.81 17.12 44.58
CA ARG A 744 21.55 15.95 44.12
C ARG A 744 22.90 16.32 43.55
N ARG A 745 23.73 15.30 43.40
CA ARG A 745 24.65 15.22 42.28
C ARG A 745 24.06 14.28 41.24
N SER A 746 23.56 14.84 40.14
CA SER A 746 22.92 14.07 39.08
C SER A 746 23.87 13.14 38.35
N VAL A 747 25.15 13.12 38.71
CA VAL A 747 26.10 12.17 38.15
C VAL A 747 26.95 11.61 39.27
N SER A 748 26.93 10.29 39.41
CA SER A 748 27.78 9.68 40.42
C SER A 748 29.24 9.81 39.99
N ASP A 749 30.13 9.68 40.96
CA ASP A 749 31.56 9.72 40.64
C ASP A 749 31.93 8.60 39.69
N ASN A 750 31.13 7.53 39.64
CA ASN A 750 31.33 6.49 38.65
C ASN A 750 30.97 6.94 37.24
N ASP A 751 30.29 8.09 37.10
CA ASP A 751 30.08 8.71 35.80
C ASP A 751 31.08 9.81 35.53
N ILE A 752 31.45 10.59 36.54
CA ILE A 752 32.53 11.55 36.36
C ILE A 752 33.79 10.82 35.90
N ARG A 753 34.10 9.70 36.53
CA ARG A 753 35.25 8.90 36.11
C ARG A 753 35.01 8.21 34.78
N LYS A 754 33.76 7.94 34.42
CA LYS A 754 33.49 7.44 33.07
C LYS A 754 33.87 8.46 32.02
N TYR A 755 33.50 9.73 32.23
CA TYR A 755 33.86 10.76 31.26
C TYR A 755 35.35 11.06 31.28
N GLU A 756 35.97 11.01 32.46
CA GLU A 756 37.43 11.14 32.51
C GLU A 756 38.11 9.99 31.77
N MET A 757 37.56 8.78 31.90
CA MET A 757 38.10 7.63 31.18
C MET A 757 37.96 7.81 29.68
N PHE A 758 36.80 8.29 29.23
CA PHE A 758 36.63 8.54 27.80
C PHE A 758 37.56 9.65 27.34
N ALA A 759 37.85 10.62 28.20
CA ALA A 759 38.77 11.69 27.84
C ALA A 759 40.18 11.15 27.68
N GLN A 760 40.64 10.35 28.65
CA GLN A 760 41.96 9.76 28.54
C GLN A 760 42.07 8.79 27.38
N THR A 761 40.96 8.16 27.00
CA THR A 761 40.94 7.40 25.75
C THR A 761 41.05 8.34 24.55
N LEU A 762 40.47 9.54 24.68
CA LEU A 762 40.48 10.53 23.61
C LEU A 762 41.33 11.76 23.94
N GLN A 763 42.16 11.69 24.98
CA GLN A 763 43.14 12.76 25.22
C GLN A 763 44.37 12.54 24.37
N GLN A 764 44.72 11.29 24.12
CA GLN A 764 45.66 10.94 23.05
C GLN A 764 47.05 11.53 23.27
N SER A 765 47.74 11.06 24.31
CA SER A 765 49.09 11.54 24.57
C SER A 765 50.15 10.48 24.29
N ARG A 766 50.01 9.28 24.86
CA ARG A 766 51.00 8.20 24.77
C ARG A 766 52.43 8.70 24.95
N GLY A 767 52.70 9.25 26.12
CA GLY A 767 54.08 9.49 26.54
C GLY A 767 54.93 10.31 25.58
N PHE A 768 54.32 11.15 24.74
CA PHE A 768 55.09 12.15 23.99
C PHE A 768 55.42 13.38 24.84
N GLY A 769 55.24 13.33 26.15
CA GLY A 769 55.66 14.40 27.01
C GLY A 769 57.15 14.64 26.91
N SER A 770 57.56 15.92 26.89
CA SER A 770 58.96 16.31 26.83
C SER A 770 59.60 15.97 25.48
N PHE A 771 58.82 15.50 24.52
CA PHE A 771 59.31 15.31 23.16
C PHE A 771 59.85 16.63 22.64
N ARG A 772 61.00 16.60 21.97
CA ARG A 772 61.56 17.80 21.35
C ARG A 772 62.43 17.41 20.17
N PHE A 773 62.14 17.99 19.01
CA PHE A 773 63.06 17.88 17.88
C PHE A 773 64.42 18.41 18.31
N PRO A 774 65.44 17.57 18.49
CA PRO A 774 66.72 18.09 18.98
C PRO A 774 67.35 19.06 18.00
N SER A 775 68.07 20.04 18.55
CA SER A 775 68.74 21.05 17.75
C SER A 775 69.81 20.40 16.87
N ARG B 22 -29.32 55.73 31.56
CA ARG B 22 -30.08 55.71 32.81
C ARG B 22 -29.57 54.58 33.72
N PRO B 23 -29.60 54.80 35.04
CA PRO B 23 -29.16 53.73 35.95
C PRO B 23 -30.19 52.64 36.14
N ASN B 24 -31.40 52.79 35.59
CA ASN B 24 -32.46 51.81 35.74
C ASN B 24 -32.44 50.80 34.60
N ARG B 25 -31.27 50.60 33.98
CA ARG B 25 -31.13 49.70 32.85
C ARG B 25 -30.05 48.68 33.15
N LEU B 26 -30.21 47.50 32.57
CA LEU B 26 -29.23 46.42 32.68
C LEU B 26 -29.11 45.76 31.32
N ILE B 27 -28.28 44.72 31.24
CA ILE B 27 -28.07 43.98 30.01
C ILE B 27 -28.62 42.56 30.19
N VAL B 28 -29.42 42.12 29.22
CA VAL B 28 -30.05 40.81 29.33
C VAL B 28 -29.03 39.72 29.02
N ASP B 29 -29.07 38.64 29.80
CA ASP B 29 -28.17 37.52 29.62
C ASP B 29 -28.96 36.22 29.80
N GLU B 30 -28.28 35.10 29.59
CA GLU B 30 -28.95 33.80 29.58
C GLU B 30 -29.55 33.51 30.95
N ALA B 31 -30.64 32.74 30.93
CA ALA B 31 -31.39 32.48 32.14
C ALA B 31 -30.75 31.38 32.97
N ILE B 32 -31.01 31.42 34.28
CA ILE B 32 -30.54 30.36 35.18
C ILE B 32 -31.56 29.27 35.37
N ASN B 33 -32.83 29.53 35.08
CA ASN B 33 -33.89 28.55 35.26
C ASN B 33 -34.76 28.53 34.02
N GLU B 34 -35.44 27.39 33.81
CA GLU B 34 -36.31 27.22 32.66
C GLU B 34 -37.63 27.97 32.80
N ASP B 35 -38.02 28.35 34.01
CA ASP B 35 -39.30 29.03 34.21
C ASP B 35 -39.22 30.46 33.68
N ASN B 36 -40.32 30.92 33.09
CA ASN B 36 -40.43 32.29 32.62
C ASN B 36 -41.03 33.16 33.73
N SER B 37 -41.17 34.45 33.45
CA SER B 37 -41.74 35.44 34.35
C SER B 37 -40.91 35.64 35.62
N VAL B 38 -39.72 35.04 35.68
CA VAL B 38 -38.82 35.19 36.83
C VAL B 38 -37.49 35.69 36.30
N VAL B 39 -37.03 36.82 36.84
CA VAL B 39 -35.84 37.51 36.35
C VAL B 39 -34.86 37.65 37.49
N SER B 40 -33.59 37.36 37.22
CA SER B 40 -32.57 37.40 38.26
C SER B 40 -31.86 38.74 38.26
N LEU B 41 -31.68 39.31 39.45
CA LEU B 41 -30.98 40.57 39.63
C LEU B 41 -29.87 40.39 40.66
N SER B 42 -28.71 40.99 40.39
CA SER B 42 -27.65 41.00 41.37
C SER B 42 -28.13 41.66 42.66
N GLN B 43 -27.95 40.96 43.78
CA GLN B 43 -28.45 41.50 45.04
C GLN B 43 -27.85 42.86 45.37
N PRO B 44 -26.55 43.12 45.16
CA PRO B 44 -26.06 44.50 45.30
C PRO B 44 -26.77 45.48 44.38
N LYS B 45 -27.17 45.06 43.17
CA LYS B 45 -27.83 45.96 42.24
C LYS B 45 -29.31 46.17 42.57
N MET B 46 -29.92 45.27 43.35
CA MET B 46 -31.35 45.37 43.60
C MET B 46 -31.71 46.63 44.36
N ASP B 47 -31.01 46.89 45.47
CA ASP B 47 -31.34 48.05 46.30
C ASP B 47 -31.13 49.35 45.54
N GLU B 48 -29.99 49.47 44.84
CA GLU B 48 -29.74 50.66 44.04
C GLU B 48 -30.79 50.81 42.95
N LEU B 49 -31.37 49.70 42.50
CA LEU B 49 -32.46 49.71 41.54
C LEU B 49 -33.82 49.95 42.21
N GLN B 50 -33.84 50.11 43.53
CA GLN B 50 -35.09 50.33 44.28
C GLN B 50 -36.05 49.16 44.10
N LEU B 51 -35.51 47.94 44.16
CA LEU B 51 -36.28 46.71 44.11
C LEU B 51 -35.84 45.80 45.25
N PHE B 52 -36.80 45.06 45.79
CA PHE B 52 -36.60 44.25 46.99
C PHE B 52 -36.79 42.76 46.66
N ARG B 53 -36.80 41.95 47.72
CA ARG B 53 -36.64 40.51 47.59
C ARG B 53 -37.70 39.86 46.71
N GLY B 54 -38.91 40.39 46.65
CA GLY B 54 -39.98 39.75 45.90
C GLY B 54 -40.84 40.72 45.13
N ASP B 55 -40.28 41.90 44.82
CA ASP B 55 -41.05 42.91 44.12
C ASP B 55 -41.30 42.49 42.67
N THR B 56 -42.23 43.18 42.04
CA THR B 56 -42.54 42.96 40.63
C THR B 56 -41.62 43.82 39.78
N VAL B 57 -40.74 43.19 39.02
CA VAL B 57 -39.76 43.88 38.20
C VAL B 57 -40.43 44.15 36.85
N LEU B 58 -40.95 45.36 36.67
CA LEU B 58 -41.44 45.76 35.36
C LEU B 58 -40.25 45.94 34.42
N LEU B 59 -40.48 45.74 33.13
CA LEU B 59 -39.41 45.73 32.15
C LEU B 59 -39.86 46.47 30.90
N LYS B 60 -38.95 47.25 30.32
CA LYS B 60 -39.22 48.01 29.10
C LYS B 60 -38.13 47.67 28.10
N GLY B 61 -38.53 47.06 26.98
CA GLY B 61 -37.58 46.53 26.02
C GLY B 61 -37.04 47.58 25.08
N LYS B 62 -36.14 47.13 24.20
CA LYS B 62 -35.52 48.02 23.24
C LYS B 62 -36.56 48.62 22.31
N LYS B 63 -37.46 47.81 21.77
CA LYS B 63 -38.56 48.34 21.00
C LYS B 63 -39.58 48.97 21.93
N ARG B 64 -40.64 49.52 21.35
CA ARG B 64 -41.69 50.15 22.14
C ARG B 64 -42.55 49.06 22.79
N ARG B 65 -41.90 48.21 23.60
CA ARG B 65 -42.50 46.98 24.09
C ARG B 65 -42.17 46.82 25.56
N GLU B 66 -43.16 46.44 26.35
CA GLU B 66 -43.02 46.36 27.79
C GLU B 66 -43.60 45.05 28.29
N ALA B 67 -43.08 44.59 29.43
CA ALA B 67 -43.51 43.37 30.07
C ALA B 67 -43.22 43.49 31.56
N VAL B 68 -43.31 42.37 32.28
CA VAL B 68 -43.08 42.36 33.72
C VAL B 68 -42.68 40.95 34.13
N CYS B 69 -41.95 40.86 35.25
CA CYS B 69 -41.52 39.58 35.78
C CYS B 69 -41.46 39.68 37.30
N ILE B 70 -41.12 38.55 37.93
CA ILE B 70 -40.87 38.51 39.37
C ILE B 70 -39.37 38.48 39.59
N VAL B 71 -38.94 39.10 40.69
CA VAL B 71 -37.51 39.24 40.95
C VAL B 71 -36.94 37.92 41.45
N LEU B 72 -35.66 37.71 41.15
CA LEU B 72 -34.89 36.57 41.63
C LEU B 72 -33.45 37.03 41.75
N SER B 73 -32.59 36.18 42.29
CA SER B 73 -31.18 36.51 42.35
C SER B 73 -30.35 35.23 42.42
N ASP B 74 -29.22 35.26 41.71
CA ASP B 74 -28.18 34.25 41.84
C ASP B 74 -26.85 34.97 41.91
N ASP B 75 -26.02 34.58 42.89
CA ASP B 75 -24.80 35.34 43.18
C ASP B 75 -23.81 35.34 42.03
N THR B 76 -23.97 34.42 41.06
CA THR B 76 -23.12 34.48 39.87
C THR B 76 -23.43 35.69 39.00
N CYS B 77 -24.63 36.26 39.12
CA CYS B 77 -24.98 37.42 38.31
C CYS B 77 -24.12 38.61 38.70
N SER B 78 -23.58 39.29 37.70
CA SER B 78 -22.89 40.55 37.92
C SER B 78 -23.90 41.69 37.98
N ASP B 79 -23.47 42.83 38.52
CA ASP B 79 -24.32 44.01 38.55
C ASP B 79 -24.77 44.44 37.16
N GLU B 80 -24.02 44.04 36.13
CA GLU B 80 -24.37 44.38 34.75
C GLU B 80 -25.51 43.52 34.21
N LYS B 81 -25.59 42.27 34.64
CA LYS B 81 -26.45 41.28 33.99
C LYS B 81 -27.80 41.16 34.68
N ILE B 82 -28.83 40.94 33.87
CA ILE B 82 -30.15 40.54 34.32
C ILE B 82 -30.57 39.37 33.45
N ARG B 83 -31.08 38.31 34.07
CA ARG B 83 -31.30 37.03 33.39
C ARG B 83 -32.74 36.93 32.92
N MET B 84 -32.94 36.77 31.61
CA MET B 84 -34.26 36.57 31.04
C MET B 84 -34.18 35.53 29.93
N ASN B 85 -35.06 34.53 29.98
CA ASN B 85 -35.08 33.48 28.98
C ASN B 85 -35.91 33.91 27.77
N ARG B 86 -35.95 33.04 26.77
CA ARG B 86 -36.55 33.38 25.48
C ARG B 86 -38.00 33.85 25.65
N VAL B 87 -38.71 33.31 26.64
CA VAL B 87 -40.10 33.68 26.81
C VAL B 87 -40.22 35.16 27.10
N VAL B 88 -39.28 35.73 27.85
CA VAL B 88 -39.32 37.14 28.21
C VAL B 88 -38.58 38.00 27.18
N ARG B 89 -37.44 37.51 26.68
CA ARG B 89 -36.64 38.30 25.74
C ARG B 89 -37.44 38.65 24.50
N ASN B 90 -37.79 37.65 23.69
CA ASN B 90 -38.53 37.95 22.48
C ASN B 90 -39.95 38.41 22.76
N ASN B 91 -40.38 38.39 24.02
CA ASN B 91 -41.60 39.09 24.39
C ASN B 91 -41.37 40.59 24.44
N LEU B 92 -40.16 41.03 24.78
CA LEU B 92 -39.74 42.41 24.61
C LEU B 92 -39.09 42.66 23.26
N ARG B 93 -38.99 41.63 22.41
CA ARG B 93 -38.32 41.75 21.12
C ARG B 93 -36.88 42.22 21.31
N VAL B 94 -36.24 41.70 22.35
CA VAL B 94 -34.87 42.06 22.70
C VAL B 94 -33.99 40.84 22.47
N ARG B 95 -33.00 40.99 21.59
CA ARG B 95 -32.03 39.92 21.40
C ARG B 95 -31.13 39.80 22.62
N LEU B 96 -30.54 38.62 22.79
CA LEU B 96 -29.70 38.36 23.95
C LEU B 96 -28.52 39.31 23.98
N GLY B 97 -28.25 39.89 25.15
CA GLY B 97 -27.13 40.79 25.32
C GLY B 97 -27.41 42.25 25.11
N ASP B 98 -28.67 42.66 25.05
CA ASP B 98 -29.03 44.06 24.83
C ASP B 98 -29.60 44.67 26.11
N VAL B 99 -29.93 45.95 26.03
CA VAL B 99 -30.25 46.74 27.22
C VAL B 99 -31.74 46.70 27.49
N ILE B 100 -32.10 46.39 28.74
CA ILE B 100 -33.48 46.30 29.21
C ILE B 100 -33.65 47.29 30.34
N SER B 101 -34.73 48.05 30.30
CA SER B 101 -35.03 49.08 31.29
C SER B 101 -36.03 48.54 32.30
N ILE B 102 -35.78 48.80 33.58
CA ILE B 102 -36.60 48.31 34.68
C ILE B 102 -37.30 49.50 35.32
N GLN B 103 -38.62 49.38 35.51
CA GLN B 103 -39.47 50.52 35.88
C GLN B 103 -40.52 50.05 36.88
N PRO B 104 -40.14 49.75 38.11
CA PRO B 104 -41.07 49.09 39.05
C PRO B 104 -42.18 50.04 39.49
N CYS B 105 -43.43 49.66 39.18
CA CYS B 105 -44.60 50.38 39.66
C CYS B 105 -45.83 49.50 39.55
N PRO B 106 -46.10 48.64 40.54
CA PRO B 106 -47.25 47.74 40.45
C PRO B 106 -48.51 48.32 41.07
N ASP B 107 -49.65 47.90 40.52
CA ASP B 107 -50.96 48.18 41.09
C ASP B 107 -51.37 47.05 42.03
N VAL B 108 -52.45 47.31 42.80
CA VAL B 108 -53.01 46.29 43.67
C VAL B 108 -54.14 45.52 43.03
N LYS B 109 -54.53 45.87 41.81
CA LYS B 109 -55.70 45.28 41.15
C LYS B 109 -55.28 44.04 40.38
N TYR B 110 -55.45 42.88 41.01
CA TYR B 110 -55.25 41.63 40.30
C TYR B 110 -56.24 41.53 39.15
N GLY B 111 -55.79 40.94 38.05
CA GLY B 111 -56.54 41.01 36.81
C GLY B 111 -57.95 40.45 36.97
N LYS B 112 -58.89 41.02 36.21
CA LYS B 112 -60.25 40.52 36.10
C LYS B 112 -60.59 40.27 34.64
N ARG B 113 -61.16 39.10 34.38
CA ARG B 113 -61.63 38.73 33.05
C ARG B 113 -60.47 38.71 32.04
N ILE B 114 -59.27 38.38 32.52
CA ILE B 114 -58.14 38.30 31.61
C ILE B 114 -58.40 37.21 30.58
N HIS B 115 -57.72 37.32 29.44
CA HIS B 115 -58.11 36.59 28.25
C HIS B 115 -56.84 36.18 27.50
N VAL B 116 -56.95 35.12 26.73
CA VAL B 116 -55.85 34.66 25.90
C VAL B 116 -56.44 33.79 24.78
N LEU B 117 -55.68 33.54 23.72
CA LEU B 117 -56.18 32.77 22.60
C LEU B 117 -55.07 31.85 22.11
N PRO B 118 -55.42 30.80 21.35
CA PRO B 118 -54.39 30.03 20.63
C PRO B 118 -54.18 30.55 19.22
N ILE B 119 -53.91 31.84 19.08
CA ILE B 119 -53.64 32.40 17.75
C ILE B 119 -52.17 32.14 17.48
N ASP B 120 -51.86 30.91 17.07
CA ASP B 120 -50.48 30.44 16.95
C ASP B 120 -50.48 29.16 16.12
N ASP B 121 -49.33 28.89 15.50
CA ASP B 121 -49.14 27.63 14.79
C ASP B 121 -48.73 26.50 15.71
N THR B 122 -48.50 26.79 16.99
CA THR B 122 -48.03 25.76 17.92
C THR B 122 -49.10 24.70 18.18
N VAL B 123 -50.37 25.01 17.92
CA VAL B 123 -51.46 24.13 18.30
C VAL B 123 -51.91 23.30 17.10
N GLU B 124 -51.04 23.14 16.12
CA GLU B 124 -51.38 22.32 14.96
C GLU B 124 -51.69 20.90 15.40
N GLY B 125 -52.81 20.37 14.92
CA GLY B 125 -53.24 19.03 15.22
C GLY B 125 -53.72 18.79 16.64
N ILE B 126 -53.47 19.71 17.57
CA ILE B 126 -53.86 19.49 18.96
C ILE B 126 -55.37 19.56 19.07
N THR B 127 -55.92 18.76 19.98
CA THR B 127 -57.37 18.69 20.17
C THR B 127 -57.66 18.69 21.67
N GLY B 128 -58.94 18.57 22.00
CA GLY B 128 -59.36 18.59 23.37
C GLY B 128 -59.34 20.00 23.94
N ASN B 129 -59.62 20.08 25.24
CA ASN B 129 -59.60 21.37 25.94
C ASN B 129 -58.17 21.66 26.34
N LEU B 130 -57.41 22.19 25.38
CA LEU B 130 -56.05 22.62 25.66
C LEU B 130 -56.01 23.72 26.72
N PHE B 131 -57.14 24.38 26.98
CA PHE B 131 -57.17 25.40 28.03
C PHE B 131 -57.04 24.76 29.40
N GLU B 132 -57.74 23.64 29.61
CA GLU B 132 -57.71 22.99 30.93
C GLU B 132 -56.32 22.47 31.27
N VAL B 133 -55.64 21.85 30.31
CA VAL B 133 -54.39 21.15 30.60
C VAL B 133 -53.23 22.13 30.71
N TYR B 134 -53.16 23.11 29.80
CA TYR B 134 -52.02 24.01 29.74
C TYR B 134 -52.23 25.29 30.53
N LEU B 135 -53.24 26.07 30.15
CA LEU B 135 -53.32 27.45 30.62
C LEU B 135 -53.74 27.52 32.09
N LYS B 136 -54.73 26.71 32.48
CA LYS B 136 -55.25 26.81 33.84
C LYS B 136 -54.21 26.50 34.91
N PRO B 137 -53.41 25.44 34.83
CA PRO B 137 -52.38 25.23 35.86
C PRO B 137 -51.27 26.25 35.79
N TYR B 138 -50.85 26.63 34.58
CA TYR B 138 -49.79 27.64 34.45
C TYR B 138 -50.22 28.96 35.06
N PHE B 139 -51.51 29.25 35.05
CA PHE B 139 -51.99 30.50 35.65
C PHE B 139 -52.20 30.36 37.15
N LEU B 140 -53.08 29.44 37.56
CA LEU B 140 -53.50 29.39 38.96
C LEU B 140 -52.44 28.86 39.90
N GLU B 141 -51.65 27.87 39.48
CA GLU B 141 -50.63 27.33 40.37
C GLU B 141 -49.52 28.33 40.66
N ALA B 142 -49.28 29.27 39.74
CA ALA B 142 -48.17 30.21 39.87
C ALA B 142 -48.59 31.56 40.41
N TYR B 143 -49.79 32.03 40.06
CA TYR B 143 -50.22 33.38 40.42
C TYR B 143 -49.20 34.41 39.95
N ARG B 144 -48.71 34.21 38.72
CA ARG B 144 -47.61 34.98 38.18
C ARG B 144 -48.11 36.27 37.54
N PRO B 145 -47.23 37.25 37.32
CA PRO B 145 -47.66 38.50 36.69
C PRO B 145 -47.84 38.35 35.19
N ILE B 146 -48.92 38.94 34.69
CA ILE B 146 -49.32 38.86 33.29
C ILE B 146 -49.58 40.27 32.79
N ARG B 147 -49.20 40.54 31.55
CA ARG B 147 -49.46 41.81 30.91
C ARG B 147 -49.94 41.54 29.49
N LYS B 148 -50.92 42.31 29.03
CA LYS B 148 -51.57 41.97 27.77
C LYS B 148 -50.63 42.22 26.59
N GLY B 149 -50.89 41.52 25.50
CA GLY B 149 -50.06 41.55 24.33
C GLY B 149 -48.79 40.70 24.44
N ASP B 150 -48.60 40.00 25.56
CA ASP B 150 -47.36 39.29 25.79
C ASP B 150 -47.53 37.79 25.58
N ILE B 151 -46.62 37.21 24.79
CA ILE B 151 -46.63 35.77 24.54
C ILE B 151 -45.99 35.07 25.72
N PHE B 152 -46.57 33.94 26.11
CA PHE B 152 -46.04 33.15 27.21
C PHE B 152 -46.12 31.68 26.84
N LEU B 153 -45.07 30.94 27.19
CA LEU B 153 -44.89 29.54 26.80
C LEU B 153 -45.14 28.64 27.99
N VAL B 154 -45.94 27.60 27.79
CA VAL B 154 -46.22 26.59 28.79
C VAL B 154 -45.96 25.22 28.17
N ARG B 155 -45.21 24.38 28.88
CA ARG B 155 -44.78 23.10 28.35
C ARG B 155 -45.51 21.98 29.07
N GLY B 156 -45.89 20.96 28.30
CA GLY B 156 -46.62 19.83 28.85
C GLY B 156 -47.25 19.03 27.73
N GLY B 157 -47.69 17.81 28.02
CA GLY B 157 -48.28 16.99 26.98
C GLY B 157 -47.37 16.77 25.80
N MET B 158 -46.07 16.81 26.03
CA MET B 158 -45.07 16.63 24.97
C MET B 158 -45.16 17.73 23.92
N ARG B 159 -45.72 18.88 24.28
CA ARG B 159 -45.76 20.06 23.44
C ARG B 159 -45.37 21.29 24.25
N ALA B 160 -44.73 22.24 23.57
CA ALA B 160 -44.51 23.57 24.12
C ALA B 160 -45.48 24.51 23.41
N VAL B 161 -46.48 24.99 24.15
CA VAL B 161 -47.58 25.77 23.58
C VAL B 161 -47.46 27.18 24.12
N GLU B 162 -47.37 28.17 23.22
CA GLU B 162 -47.27 29.57 23.59
C GLU B 162 -48.52 30.31 23.16
N PHE B 163 -49.04 31.16 24.04
CA PHE B 163 -50.24 31.94 23.77
C PHE B 163 -49.97 33.42 23.99
N LYS B 164 -50.67 34.26 23.22
CA LYS B 164 -50.55 35.70 23.32
C LYS B 164 -51.72 36.25 24.13
N VAL B 165 -51.43 36.75 25.34
CA VAL B 165 -52.45 37.34 26.19
C VAL B 165 -53.18 38.40 25.38
N VAL B 166 -54.43 38.68 25.74
CA VAL B 166 -55.24 39.62 24.98
C VAL B 166 -56.01 40.60 25.86
N GLU B 167 -56.09 40.40 27.16
CA GLU B 167 -56.76 41.37 28.03
C GLU B 167 -56.28 41.16 29.45
N THR B 168 -56.02 42.27 30.13
CA THR B 168 -55.55 42.21 31.51
C THR B 168 -56.16 43.31 32.38
N ASP B 169 -57.20 44.02 31.91
CA ASP B 169 -57.59 45.33 32.41
C ASP B 169 -56.51 46.32 31.95
N PRO B 170 -56.80 47.63 31.92
CA PRO B 170 -55.80 48.57 31.40
C PRO B 170 -54.58 48.74 32.31
N SER B 171 -54.48 47.98 33.40
CA SER B 171 -53.37 48.12 34.33
C SER B 171 -52.05 47.79 33.63
N PRO B 172 -50.94 48.46 33.99
CA PRO B 172 -49.66 48.11 33.37
C PRO B 172 -49.21 46.70 33.66
N TYR B 173 -49.74 46.08 34.71
CA TYR B 173 -49.44 44.69 35.02
C TYR B 173 -50.68 44.09 35.67
N CYS B 174 -50.74 42.77 35.71
CA CYS B 174 -51.77 42.09 36.47
C CYS B 174 -51.26 40.73 36.89
N ILE B 175 -51.53 40.38 38.15
CA ILE B 175 -51.14 39.10 38.73
C ILE B 175 -52.38 38.24 38.83
N VAL B 176 -52.27 37.00 38.34
CA VAL B 176 -53.39 36.06 38.39
C VAL B 176 -53.62 35.64 39.83
N ALA B 177 -54.89 35.59 40.23
CA ALA B 177 -55.27 35.29 41.59
C ALA B 177 -56.64 34.61 41.60
N PRO B 178 -57.16 34.19 42.75
CA PRO B 178 -58.49 33.55 42.76
C PRO B 178 -59.58 34.42 42.17
N ASP B 179 -59.55 35.73 42.38
CA ASP B 179 -60.55 36.62 41.80
C ASP B 179 -60.29 36.92 40.33
N THR B 180 -59.20 36.38 39.76
CA THR B 180 -58.90 36.53 38.34
C THR B 180 -59.70 35.48 37.58
N VAL B 181 -60.79 35.92 36.95
CA VAL B 181 -61.65 34.99 36.22
C VAL B 181 -61.09 34.85 34.81
N ILE B 182 -60.12 33.95 34.66
CA ILE B 182 -59.43 33.75 33.40
C ILE B 182 -60.43 33.37 32.32
N HIS B 183 -60.04 33.52 31.06
CA HIS B 183 -60.92 33.25 29.94
C HIS B 183 -60.08 32.76 28.77
N CYS B 184 -60.74 32.13 27.81
CA CYS B 184 -60.08 31.70 26.58
C CYS B 184 -61.07 31.74 25.43
N GLU B 185 -60.54 31.89 24.22
CA GLU B 185 -61.33 31.88 23.00
C GLU B 185 -60.45 31.35 21.88
N GLY B 186 -61.07 31.01 20.75
CA GLY B 186 -60.35 30.41 19.64
C GLY B 186 -60.37 31.22 18.36
N GLU B 187 -59.23 31.30 17.69
CA GLU B 187 -59.14 31.98 16.40
C GLU B 187 -58.01 31.33 15.60
N PRO B 188 -58.01 31.52 14.27
CA PRO B 188 -57.01 30.83 13.43
C PRO B 188 -55.76 31.65 13.13
N ILE B 189 -55.75 32.93 13.50
CA ILE B 189 -54.66 33.81 13.10
C ILE B 189 -53.36 33.36 13.76
N LYS B 190 -52.26 33.45 13.02
CA LYS B 190 -50.96 33.01 13.48
C LYS B 190 -50.18 34.21 14.05
N ARG B 191 -48.93 33.94 14.43
CA ARG B 191 -48.12 34.98 15.06
C ARG B 191 -47.73 36.05 14.05
N GLU B 192 -47.41 37.23 14.58
CA GLU B 192 -47.01 38.35 13.72
C GLU B 192 -45.54 38.20 13.33
N ASP B 193 -45.16 38.98 12.30
CA ASP B 193 -43.77 39.01 11.89
C ASP B 193 -42.84 39.48 13.00
N GLU B 194 -43.31 40.38 13.86
CA GLU B 194 -42.51 40.85 14.98
C GLU B 194 -42.19 39.74 15.98
N GLU B 195 -43.04 38.72 16.06
CA GLU B 195 -42.87 37.63 17.02
C GLU B 195 -41.87 36.62 16.49
N GLU B 196 -40.97 36.18 17.37
CA GLU B 196 -40.01 35.16 17.00
C GLU B 196 -40.67 33.79 17.00
N SER B 197 -40.22 32.93 16.08
CA SER B 197 -40.72 31.56 15.99
C SER B 197 -40.13 30.78 17.16
N LEU B 198 -40.85 30.80 18.28
CA LEU B 198 -40.36 30.17 19.50
C LEU B 198 -40.28 28.65 19.39
N ASN B 199 -40.87 28.05 18.35
CA ASN B 199 -40.76 26.61 18.18
C ASN B 199 -39.36 26.19 17.77
N GLU B 200 -38.51 27.12 17.34
CA GLU B 200 -37.15 26.80 16.91
C GLU B 200 -36.14 27.28 17.94
N VAL B 201 -34.90 26.86 17.75
CA VAL B 201 -33.91 26.78 18.81
C VAL B 201 -33.49 28.15 19.30
N GLY B 202 -32.78 28.16 20.42
CA GLY B 202 -32.17 29.36 20.96
C GLY B 202 -30.95 28.98 21.76
N TYR B 203 -30.51 29.90 22.61
CA TYR B 203 -29.35 29.61 23.45
C TYR B 203 -29.69 28.62 24.56
N ASP B 204 -30.93 28.62 25.03
CA ASP B 204 -31.34 27.73 26.11
C ASP B 204 -31.54 26.30 25.63
N ASP B 205 -31.58 26.06 24.33
CA ASP B 205 -31.77 24.72 23.79
C ASP B 205 -30.46 23.99 23.56
N ILE B 206 -29.36 24.48 24.12
CA ILE B 206 -28.08 23.79 24.10
C ILE B 206 -27.60 23.62 25.53
N GLY B 207 -27.31 22.39 25.93
CA GLY B 207 -26.97 22.12 27.31
C GLY B 207 -25.61 21.49 27.52
N GLY B 208 -25.11 20.76 26.53
CA GLY B 208 -23.92 19.95 26.74
C GLY B 208 -22.62 20.73 26.66
N CYS B 209 -22.64 21.93 26.09
CA CYS B 209 -21.40 22.62 25.75
C CYS B 209 -21.47 24.08 26.16
N ARG B 210 -21.85 24.33 27.43
CA ARG B 210 -21.92 25.71 27.89
C ARG B 210 -20.57 26.43 27.75
N LYS B 211 -19.46 25.71 27.93
CA LYS B 211 -18.16 26.33 27.74
C LYS B 211 -17.95 26.74 26.29
N GLN B 212 -18.16 25.82 25.35
CA GLN B 212 -17.96 26.15 23.96
C GLN B 212 -19.03 27.11 23.46
N LEU B 213 -20.24 27.00 23.99
CA LEU B 213 -21.28 27.95 23.63
C LEU B 213 -20.92 29.35 24.10
N ALA B 214 -20.38 29.49 25.30
CA ALA B 214 -19.90 30.79 25.75
C ALA B 214 -18.78 31.29 24.87
N GLN B 215 -17.86 30.40 24.49
CA GLN B 215 -16.79 30.78 23.57
C GLN B 215 -17.35 31.32 22.27
N ILE B 216 -18.30 30.60 21.66
CA ILE B 216 -18.84 30.99 20.36
C ILE B 216 -19.59 32.30 20.48
N LYS B 217 -20.45 32.42 21.50
CA LYS B 217 -21.24 33.64 21.61
C LYS B 217 -20.37 34.85 21.90
N GLU B 218 -19.34 34.70 22.73
CA GLU B 218 -18.39 35.78 22.94
C GLU B 218 -17.63 36.09 21.64
N MET B 219 -17.38 35.05 20.85
CA MET B 219 -16.58 35.22 19.64
C MET B 219 -17.35 35.92 18.53
N VAL B 220 -18.68 35.79 18.52
CA VAL B 220 -19.50 36.34 17.44
C VAL B 220 -20.62 37.23 17.92
N GLU B 221 -20.57 37.74 19.16
CA GLU B 221 -21.57 38.73 19.55
C GLU B 221 -21.23 40.11 19.01
N LEU B 222 -19.95 40.37 18.76
CA LEU B 222 -19.56 41.70 18.29
C LEU B 222 -19.82 41.86 16.79
N PRO B 223 -19.43 40.91 15.92
CA PRO B 223 -19.77 41.07 14.50
C PRO B 223 -21.26 41.09 14.24
N LEU B 224 -22.00 40.15 14.79
CA LEU B 224 -23.38 39.95 14.36
C LEU B 224 -24.31 40.96 15.00
N ARG B 225 -24.16 41.22 16.29
CA ARG B 225 -25.02 42.22 16.92
C ARG B 225 -24.68 43.63 16.43
N HIS B 226 -23.40 43.91 16.19
CA HIS B 226 -22.94 45.23 15.78
C HIS B 226 -22.05 45.11 14.55
N PRO B 227 -22.59 44.70 13.41
CA PRO B 227 -21.74 44.56 12.21
C PRO B 227 -21.10 45.87 11.83
N ALA B 228 -21.77 46.99 12.10
CA ALA B 228 -21.14 48.27 11.87
C ALA B 228 -19.91 48.42 12.75
N LEU B 229 -19.97 47.86 13.97
CA LEU B 229 -18.93 48.03 14.98
C LEU B 229 -17.63 47.34 14.59
N PHE B 230 -17.67 46.52 13.54
CA PHE B 230 -16.45 46.20 12.82
C PHE B 230 -16.31 46.99 11.54
N LYS B 231 -17.42 47.31 10.87
CA LYS B 231 -17.36 48.05 9.62
C LYS B 231 -16.41 49.24 9.71
N ALA B 232 -16.48 50.02 10.79
CA ALA B 232 -15.70 51.27 10.83
C ALA B 232 -14.26 51.08 11.29
N ILE B 233 -14.03 50.38 12.41
CA ILE B 233 -12.67 50.14 12.92
C ILE B 233 -11.96 49.07 12.10
N GLY B 234 -10.62 49.08 12.16
CA GLY B 234 -9.72 48.29 11.38
C GLY B 234 -9.46 46.87 11.85
N VAL B 235 -9.91 46.48 13.03
CA VAL B 235 -9.72 45.09 13.44
C VAL B 235 -10.50 44.18 12.51
N LYS B 236 -9.88 43.08 12.11
CA LYS B 236 -10.52 42.12 11.23
C LYS B 236 -11.34 41.14 12.06
N PRO B 237 -12.65 41.06 11.87
CA PRO B 237 -13.46 40.22 12.74
C PRO B 237 -13.19 38.75 12.50
N PRO B 238 -13.73 37.87 13.31
CA PRO B 238 -13.76 36.46 12.93
C PRO B 238 -14.53 36.30 11.63
N ARG B 239 -13.84 35.93 10.56
CA ARG B 239 -14.48 35.74 9.27
C ARG B 239 -15.01 34.34 9.07
N GLY B 240 -14.52 33.37 9.84
CA GLY B 240 -14.96 32.00 9.70
C GLY B 240 -14.72 31.21 10.96
N ILE B 241 -15.77 30.57 11.45
CA ILE B 241 -15.71 29.64 12.56
C ILE B 241 -15.95 28.25 12.02
N LEU B 242 -15.23 27.28 12.58
CA LEU B 242 -15.30 25.89 12.14
C LEU B 242 -15.66 25.07 13.37
N LEU B 243 -16.95 24.94 13.64
CA LEU B 243 -17.38 24.01 14.68
C LEU B 243 -17.01 22.60 14.24
N TYR B 244 -16.68 21.75 15.19
CA TYR B 244 -16.43 20.37 14.86
C TYR B 244 -16.60 19.48 16.08
N GLY B 245 -16.75 18.19 15.81
CA GLY B 245 -17.12 17.22 16.81
C GLY B 245 -17.92 16.13 16.14
N PRO B 246 -18.13 15.01 16.83
CA PRO B 246 -18.76 13.85 16.19
C PRO B 246 -20.17 14.19 15.74
N PRO B 247 -20.67 13.52 14.70
CA PRO B 247 -21.99 13.87 14.18
C PRO B 247 -23.07 13.69 15.24
N GLY B 248 -24.07 14.55 15.20
CA GLY B 248 -25.08 14.56 16.23
C GLY B 248 -24.67 15.26 17.50
N THR B 249 -23.46 15.84 17.54
CA THR B 249 -22.99 16.52 18.73
C THR B 249 -23.80 17.77 19.04
N GLY B 250 -24.52 18.30 18.05
CA GLY B 250 -25.23 19.55 18.20
C GLY B 250 -24.61 20.71 17.45
N LYS B 251 -23.74 20.44 16.47
CA LYS B 251 -23.05 21.52 15.78
C LYS B 251 -24.04 22.42 15.03
N THR B 252 -24.89 21.81 14.20
CA THR B 252 -25.89 22.59 13.49
C THR B 252 -26.85 23.25 14.48
N LEU B 253 -27.12 22.58 15.60
CA LEU B 253 -27.96 23.21 16.62
C LEU B 253 -27.30 24.48 17.14
N ILE B 254 -26.00 24.41 17.43
CA ILE B 254 -25.32 25.58 17.96
C ILE B 254 -25.31 26.70 16.94
N ALA B 255 -25.02 26.37 15.68
CA ALA B 255 -25.02 27.39 14.65
C ALA B 255 -26.40 28.03 14.52
N ARG B 256 -27.46 27.22 14.53
CA ARG B 256 -28.80 27.75 14.39
C ARG B 256 -29.19 28.58 15.61
N ALA B 257 -28.77 28.17 16.81
CA ALA B 257 -29.07 28.95 18.00
C ALA B 257 -28.38 30.30 17.96
N VAL B 258 -27.15 30.34 17.50
CA VAL B 258 -26.44 31.62 17.39
C VAL B 258 -27.08 32.48 16.32
N ALA B 259 -27.43 31.88 15.17
CA ALA B 259 -27.99 32.63 14.06
C ALA B 259 -29.44 33.04 14.32
N ASN B 260 -30.09 32.48 15.32
CA ASN B 260 -31.45 32.90 15.62
C ASN B 260 -31.50 34.28 16.23
N GLU B 261 -30.35 34.91 16.47
CA GLU B 261 -30.30 36.34 16.77
C GLU B 261 -30.18 37.19 15.50
N THR B 262 -29.82 36.57 14.37
CA THR B 262 -29.67 37.28 13.11
C THR B 262 -30.25 36.45 11.97
N GLY B 263 -31.38 35.80 12.21
CA GLY B 263 -31.93 34.85 11.26
C GLY B 263 -32.71 35.48 10.13
N ALA B 264 -32.15 36.51 9.50
CA ALA B 264 -32.81 37.11 8.34
C ALA B 264 -32.70 36.21 7.12
N PHE B 265 -31.51 35.67 6.86
CA PHE B 265 -31.31 34.86 5.66
C PHE B 265 -30.43 33.63 5.91
N PHE B 266 -30.15 33.29 7.16
CA PHE B 266 -29.25 32.17 7.45
C PHE B 266 -29.84 30.84 6.99
N PHE B 267 -31.15 30.64 7.21
CA PHE B 267 -31.72 29.29 7.23
C PHE B 267 -31.58 28.60 5.87
N LEU B 268 -31.78 29.34 4.78
CA LEU B 268 -31.74 28.75 3.45
C LEU B 268 -30.33 28.40 2.99
N ILE B 269 -29.29 28.73 3.77
CA ILE B 269 -27.92 28.67 3.29
C ILE B 269 -27.14 27.49 3.85
N ASN B 270 -27.77 26.60 4.61
CA ASN B 270 -27.12 25.34 4.92
C ASN B 270 -26.70 24.65 3.64
N GLY B 271 -25.46 24.18 3.58
CA GLY B 271 -24.91 23.71 2.34
C GLY B 271 -24.44 22.26 2.29
N PRO B 272 -25.21 21.31 2.84
CA PRO B 272 -24.82 19.91 2.69
C PRO B 272 -25.20 19.35 1.33
N GLU B 273 -26.25 19.93 0.73
CA GLU B 273 -26.74 19.49 -0.57
C GLU B 273 -25.88 20.01 -1.71
N ILE B 274 -25.05 21.02 -1.45
CA ILE B 274 -24.35 21.72 -2.53
C ILE B 274 -23.45 20.78 -3.30
N MET B 275 -22.71 19.93 -2.60
CA MET B 275 -21.69 19.10 -3.24
C MET B 275 -22.28 18.10 -4.23
N SER B 276 -23.59 17.89 -4.20
CA SER B 276 -24.18 16.74 -4.87
C SER B 276 -25.00 17.11 -6.10
N LYS B 277 -25.00 18.38 -6.52
CA LYS B 277 -25.69 18.78 -7.74
C LYS B 277 -24.72 18.76 -8.91
N LEU B 278 -25.14 18.12 -10.01
CA LEU B 278 -24.20 17.72 -11.07
C LEU B 278 -23.39 18.90 -11.59
N ALA B 279 -22.07 18.81 -11.40
CA ALA B 279 -21.07 19.71 -12.02
C ALA B 279 -21.41 21.16 -11.64
N GLY B 280 -21.33 22.11 -12.59
CA GLY B 280 -21.40 23.52 -12.25
C GLY B 280 -22.68 23.94 -11.56
N GLU B 281 -23.72 23.12 -11.64
CA GLU B 281 -24.95 23.42 -10.91
C GLU B 281 -24.65 23.64 -9.44
N SER B 282 -23.72 22.87 -8.88
CA SER B 282 -23.28 23.12 -7.51
C SER B 282 -22.53 24.44 -7.42
N GLU B 283 -21.54 24.63 -8.31
CA GLU B 283 -20.70 25.84 -8.24
C GLU B 283 -21.55 27.09 -8.37
N SER B 284 -22.55 27.07 -9.25
CA SER B 284 -23.49 28.19 -9.29
C SER B 284 -24.26 28.29 -7.98
N ASN B 285 -24.85 27.19 -7.53
CA ASN B 285 -25.63 27.22 -6.30
C ASN B 285 -24.82 27.81 -5.15
N LEU B 286 -23.61 27.28 -4.95
CA LEU B 286 -22.75 27.79 -3.88
C LEU B 286 -22.60 29.29 -3.98
N ARG B 287 -22.32 29.81 -5.18
CA ARG B 287 -22.21 31.26 -5.34
C ARG B 287 -23.47 31.95 -4.86
N LYS B 288 -24.63 31.50 -5.34
CA LYS B 288 -25.88 32.10 -4.91
C LYS B 288 -26.02 32.02 -3.40
N ALA B 289 -25.53 30.93 -2.80
CA ALA B 289 -25.62 30.79 -1.34
C ALA B 289 -24.90 31.93 -0.66
N PHE B 290 -23.71 32.28 -1.16
CA PHE B 290 -23.00 33.42 -0.59
C PHE B 290 -23.68 34.72 -1.00
N GLU B 291 -24.23 34.76 -2.21
CA GLU B 291 -24.79 36.00 -2.73
C GLU B 291 -26.05 36.40 -1.96
N GLU B 292 -26.87 35.43 -1.59
CA GLU B 292 -28.16 35.72 -0.98
C GLU B 292 -28.11 35.79 0.54
N ALA B 293 -27.12 35.15 1.17
CA ALA B 293 -27.02 35.22 2.63
C ALA B 293 -26.75 36.64 3.08
N GLU B 294 -25.87 37.36 2.37
CA GLU B 294 -25.49 38.70 2.77
C GLU B 294 -26.54 39.75 2.41
N LYS B 295 -27.56 39.38 1.64
CA LYS B 295 -28.43 40.39 1.03
C LYS B 295 -29.23 41.18 2.06
N ASN B 296 -29.47 40.63 3.25
CA ASN B 296 -30.27 41.31 4.26
C ASN B 296 -29.76 40.99 5.65
N ALA B 297 -29.39 42.03 6.40
CA ALA B 297 -28.98 41.92 7.79
C ALA B 297 -27.72 41.08 7.93
N PRO B 298 -27.07 41.08 9.09
CA PRO B 298 -25.99 40.11 9.32
C PRO B 298 -26.54 38.69 9.24
N ALA B 299 -25.76 37.81 8.62
CA ALA B 299 -26.24 36.48 8.33
C ALA B 299 -25.10 35.48 8.49
N ILE B 300 -25.43 34.32 9.01
CA ILE B 300 -24.50 33.21 9.14
C ILE B 300 -24.66 32.31 7.93
N ILE B 301 -23.56 31.81 7.41
CA ILE B 301 -23.57 30.87 6.30
C ILE B 301 -23.00 29.56 6.80
N PHE B 302 -23.88 28.61 7.08
CA PHE B 302 -23.49 27.34 7.70
C PHE B 302 -23.14 26.37 6.59
N ILE B 303 -21.86 26.05 6.46
CA ILE B 303 -21.44 25.04 5.50
C ILE B 303 -21.52 23.68 6.16
N ASP B 304 -22.72 23.10 6.21
CA ASP B 304 -22.92 21.85 6.92
C ASP B 304 -22.07 20.75 6.31
N GLU B 305 -21.39 19.99 7.16
CA GLU B 305 -20.54 18.91 6.72
C GLU B 305 -19.51 19.39 5.70
N LEU B 306 -18.71 20.38 6.13
CA LEU B 306 -17.59 20.83 5.31
C LEU B 306 -16.62 19.70 5.05
N ASP B 307 -16.65 18.65 5.89
CA ASP B 307 -15.83 17.47 5.66
C ASP B 307 -16.08 16.88 4.28
N ALA B 308 -17.30 17.02 3.76
CA ALA B 308 -17.67 16.45 2.48
C ALA B 308 -17.51 17.42 1.32
N ILE B 309 -17.83 18.69 1.52
CA ILE B 309 -17.70 19.67 0.45
C ILE B 309 -16.25 19.94 0.12
N ALA B 310 -15.39 20.05 1.15
CA ALA B 310 -13.99 20.44 0.97
C ALA B 310 -13.07 19.46 1.67
N PRO B 311 -12.99 18.23 1.18
CA PRO B 311 -12.06 17.26 1.77
C PRO B 311 -10.64 17.51 1.32
N LYS B 312 -9.71 16.83 1.98
CA LYS B 312 -8.31 16.93 1.59
C LYS B 312 -8.12 16.54 0.14
N ARG B 313 -7.56 17.46 -0.65
CA ARG B 313 -7.38 17.20 -2.07
C ARG B 313 -6.43 16.04 -2.31
N GLU B 314 -5.65 15.66 -1.31
CA GLU B 314 -4.72 14.54 -1.40
C GLU B 314 -5.45 13.26 -1.80
N LYS B 315 -6.71 13.13 -1.41
CA LYS B 315 -7.50 11.91 -1.62
C LYS B 315 -8.69 12.17 -2.53
N THR B 316 -8.48 12.89 -3.63
CA THR B 316 -9.50 13.11 -4.64
C THR B 316 -9.05 12.50 -5.97
N HIS B 317 -10.03 12.03 -6.76
CA HIS B 317 -9.75 11.37 -8.03
C HIS B 317 -10.52 12.00 -9.18
N GLY B 318 -10.93 13.26 -9.05
CA GLY B 318 -11.65 13.93 -10.12
C GLY B 318 -11.47 15.43 -10.05
N GLU B 319 -11.19 16.07 -11.20
CA GLU B 319 -10.92 17.50 -11.17
C GLU B 319 -12.15 18.32 -10.83
N VAL B 320 -13.34 17.84 -11.17
CA VAL B 320 -14.53 18.64 -10.91
C VAL B 320 -14.76 18.83 -9.41
N GLU B 321 -14.56 17.77 -8.62
CA GLU B 321 -14.68 17.93 -7.18
C GLU B 321 -13.56 18.79 -6.61
N ARG B 322 -12.34 18.65 -7.16
CA ARG B 322 -11.24 19.50 -6.75
C ARG B 322 -11.57 20.97 -7.03
N ARG B 323 -12.22 21.25 -8.15
CA ARG B 323 -12.61 22.62 -8.45
C ARG B 323 -13.73 23.09 -7.55
N ILE B 324 -14.62 22.19 -7.15
CA ILE B 324 -15.64 22.57 -6.18
C ILE B 324 -14.99 23.03 -4.88
N VAL B 325 -14.06 22.23 -4.34
CA VAL B 325 -13.41 22.62 -3.09
C VAL B 325 -12.59 23.88 -3.28
N SER B 326 -11.89 24.01 -4.41
CA SER B 326 -10.99 25.13 -4.59
C SER B 326 -11.67 26.39 -5.11
N GLN B 327 -12.99 26.36 -5.36
CA GLN B 327 -13.77 27.59 -5.47
C GLN B 327 -14.70 27.76 -4.29
N LEU B 328 -14.66 26.84 -3.33
CA LEU B 328 -15.13 27.21 -1.99
C LEU B 328 -14.19 28.23 -1.36
N LEU B 329 -12.88 28.04 -1.54
CA LEU B 329 -11.90 28.92 -0.93
C LEU B 329 -12.02 30.34 -1.47
N THR B 330 -12.21 30.46 -2.77
CA THR B 330 -12.24 31.78 -3.41
C THR B 330 -13.51 32.55 -3.06
N LEU B 331 -14.61 31.85 -2.81
CA LEU B 331 -15.80 32.49 -2.28
C LEU B 331 -15.67 32.80 -0.80
N MET B 332 -14.87 32.02 -0.07
CA MET B 332 -14.56 32.34 1.31
C MET B 332 -13.79 33.66 1.40
N ASP B 333 -12.78 33.82 0.55
CA ASP B 333 -11.92 34.98 0.63
C ASP B 333 -12.70 36.28 0.39
N GLY B 334 -13.69 36.22 -0.50
CA GLY B 334 -14.45 37.42 -0.80
C GLY B 334 -15.16 38.04 0.39
N LEU B 335 -15.41 37.24 1.43
CA LEU B 335 -16.13 37.75 2.60
C LEU B 335 -15.22 38.45 3.60
N LYS B 336 -13.91 38.54 3.32
CA LYS B 336 -13.01 39.24 4.23
C LYS B 336 -13.24 40.74 4.23
N GLN B 337 -14.07 41.26 3.32
CA GLN B 337 -14.21 42.71 3.18
C GLN B 337 -15.07 43.31 4.28
N ARG B 338 -15.97 42.53 4.87
CA ARG B 338 -16.94 43.10 5.81
C ARG B 338 -17.33 42.06 6.84
N ALA B 339 -17.96 42.54 7.92
CA ALA B 339 -18.11 41.76 9.14
C ALA B 339 -19.49 41.13 9.29
N HIS B 340 -20.50 41.62 8.59
CA HIS B 340 -21.87 41.23 8.90
C HIS B 340 -22.15 39.76 8.57
N VAL B 341 -21.31 39.10 7.78
CA VAL B 341 -21.53 37.71 7.39
C VAL B 341 -20.48 36.84 8.06
N ILE B 342 -20.91 35.70 8.58
CA ILE B 342 -20.07 34.76 9.30
C ILE B 342 -20.26 33.40 8.64
N VAL B 343 -19.18 32.68 8.43
CA VAL B 343 -19.26 31.38 7.76
C VAL B 343 -18.97 30.30 8.80
N MET B 344 -20.01 29.80 9.44
CA MET B 344 -19.88 28.79 10.50
C MET B 344 -19.91 27.41 9.85
N ALA B 345 -18.74 26.87 9.51
CA ALA B 345 -18.71 25.53 8.96
C ALA B 345 -19.03 24.51 10.04
N ALA B 346 -18.94 23.24 9.67
CA ALA B 346 -19.13 22.14 10.60
C ALA B 346 -18.51 20.88 10.02
N THR B 347 -17.82 20.12 10.85
CA THR B 347 -17.08 18.96 10.36
C THR B 347 -16.88 17.97 11.49
N ASN B 348 -16.75 16.69 11.13
CA ASN B 348 -16.55 15.67 12.15
C ASN B 348 -15.22 15.84 12.87
N ARG B 349 -14.16 16.18 12.14
CA ARG B 349 -12.86 16.41 12.75
C ARG B 349 -12.08 17.36 11.85
N PRO B 350 -11.12 18.10 12.39
CA PRO B 350 -10.51 19.20 11.63
C PRO B 350 -9.49 18.73 10.59
N ASN B 351 -8.78 17.66 10.88
CA ASN B 351 -7.72 17.21 9.97
C ASN B 351 -8.25 16.44 8.78
N SER B 352 -9.56 16.27 8.67
CA SER B 352 -10.15 15.66 7.48
C SER B 352 -10.44 16.68 6.39
N ILE B 353 -10.34 17.98 6.69
CA ILE B 353 -10.58 19.04 5.71
C ILE B 353 -9.26 19.48 5.09
N ASP B 354 -9.32 19.90 3.84
CA ASP B 354 -8.14 20.37 3.13
C ASP B 354 -7.52 21.53 3.89
N PRO B 355 -6.22 21.49 4.21
CA PRO B 355 -5.60 22.62 4.92
C PRO B 355 -5.62 23.92 4.14
N ALA B 356 -6.13 23.91 2.91
CA ALA B 356 -6.39 25.16 2.22
C ALA B 356 -7.38 26.03 2.98
N LEU B 357 -8.22 25.43 3.82
CA LEU B 357 -8.99 26.16 4.82
C LEU B 357 -8.15 26.30 6.08
N ARG B 358 -8.71 27.02 7.06
CA ARG B 358 -8.01 27.36 8.30
C ARG B 358 -6.81 28.26 8.04
N ARG B 359 -6.80 28.93 6.89
CA ARG B 359 -5.85 30.01 6.67
C ARG B 359 -6.35 31.27 7.37
N PHE B 360 -5.50 32.29 7.39
CA PHE B 360 -5.91 33.57 7.94
C PHE B 360 -7.07 34.13 7.12
N GLY B 361 -8.26 34.13 7.71
CA GLY B 361 -9.45 34.61 7.04
C GLY B 361 -10.37 33.53 6.49
N ARG B 362 -9.88 32.30 6.36
CA ARG B 362 -10.67 31.17 5.87
C ARG B 362 -10.85 30.20 7.02
N PHE B 363 -11.99 30.31 7.71
CA PHE B 363 -12.26 29.50 8.90
C PHE B 363 -11.12 29.64 9.90
N ASP B 364 -10.85 30.89 10.26
CA ASP B 364 -9.72 31.18 11.14
C ASP B 364 -9.88 30.59 12.53
N ARG B 365 -11.12 30.35 12.99
CA ARG B 365 -11.34 29.97 14.39
C ARG B 365 -12.07 28.63 14.47
N GLU B 366 -11.33 27.57 14.83
CA GLU B 366 -11.96 26.27 15.01
C GLU B 366 -12.49 26.14 16.43
N VAL B 367 -13.54 25.33 16.60
CA VAL B 367 -14.18 25.17 17.90
C VAL B 367 -14.65 23.73 18.06
N ASP B 368 -14.06 23.01 19.01
CA ASP B 368 -14.41 21.61 19.24
C ASP B 368 -15.60 21.54 20.19
N ILE B 369 -16.78 21.25 19.65
CA ILE B 369 -17.95 21.06 20.50
C ILE B 369 -17.76 19.83 21.38
N GLY B 370 -17.28 18.74 20.80
CA GLY B 370 -16.94 17.57 21.58
C GLY B 370 -18.12 16.88 22.22
N ILE B 371 -17.92 15.64 22.65
CA ILE B 371 -19.01 14.87 23.26
C ILE B 371 -19.35 15.49 24.61
N PRO B 372 -20.60 15.46 25.06
CA PRO B 372 -20.92 15.98 26.40
C PRO B 372 -20.34 15.09 27.49
N ASP B 373 -20.15 15.68 28.67
CA ASP B 373 -19.66 14.94 29.82
C ASP B 373 -20.83 14.46 30.67
N ALA B 374 -20.51 13.89 31.84
CA ALA B 374 -21.54 13.30 32.68
C ALA B 374 -22.56 14.33 33.16
N THR B 375 -22.20 15.61 33.19
CA THR B 375 -23.14 16.67 33.51
C THR B 375 -23.65 17.39 32.27
N GLY B 376 -22.93 17.33 31.15
CA GLY B 376 -23.47 17.84 29.91
C GLY B 376 -24.64 17.01 29.43
N ARG B 377 -24.52 15.69 29.52
CA ARG B 377 -25.61 14.82 29.12
C ARG B 377 -26.81 15.01 30.03
N LEU B 378 -26.58 15.30 31.30
CA LEU B 378 -27.69 15.62 32.19
C LEU B 378 -28.41 16.88 31.73
N GLU B 379 -27.65 17.89 31.30
CA GLU B 379 -28.29 19.11 30.84
C GLU B 379 -29.04 18.88 29.54
N ILE B 380 -28.49 18.05 28.64
CA ILE B 380 -29.18 17.74 27.39
C ILE B 380 -30.48 17.00 27.69
N LEU B 381 -30.44 16.04 28.60
CA LEU B 381 -31.65 15.30 28.95
C LEU B 381 -32.68 16.23 29.56
N GLN B 382 -32.24 17.16 30.42
CA GLN B 382 -33.18 18.09 31.02
C GLN B 382 -33.78 19.02 29.97
N ILE B 383 -32.99 19.39 28.95
CA ILE B 383 -33.49 20.25 27.89
C ILE B 383 -34.54 19.51 27.06
N HIS B 384 -34.26 18.26 26.69
CA HIS B 384 -35.17 17.54 25.81
C HIS B 384 -36.42 17.07 26.54
N THR B 385 -36.29 16.72 27.82
CA THR B 385 -37.43 16.25 28.59
C THR B 385 -38.37 17.39 28.98
N LYS B 386 -37.96 18.65 28.78
CA LYS B 386 -38.65 19.76 29.41
C LYS B 386 -40.11 19.89 28.98
N ASN B 387 -40.52 19.28 27.88
CA ASN B 387 -41.92 19.27 27.47
C ASN B 387 -42.63 17.97 27.81
N MET B 388 -41.90 16.97 28.30
CA MET B 388 -42.48 15.69 28.69
C MET B 388 -42.83 15.70 30.18
N LYS B 389 -43.99 15.16 30.51
CA LYS B 389 -44.35 14.97 31.91
C LYS B 389 -43.47 13.85 32.45
N LEU B 390 -42.34 14.24 33.05
CA LEU B 390 -41.27 13.31 33.34
C LEU B 390 -41.53 12.45 34.58
N ALA B 391 -42.77 12.41 35.05
CA ALA B 391 -43.13 11.57 36.19
C ALA B 391 -42.46 12.06 37.46
N ASP B 392 -42.44 11.22 38.49
CA ASP B 392 -41.88 11.58 39.79
C ASP B 392 -40.77 10.64 40.24
N ASP B 393 -40.32 9.73 39.38
CA ASP B 393 -39.28 8.77 39.73
C ASP B 393 -38.15 8.72 38.71
N VAL B 394 -37.99 9.76 37.90
CA VAL B 394 -36.95 9.77 36.87
C VAL B 394 -35.65 10.23 37.52
N ASP B 395 -34.72 9.30 37.71
CA ASP B 395 -33.39 9.62 38.24
C ASP B 395 -32.51 10.09 37.09
N LEU B 396 -32.74 11.35 36.69
CA LEU B 396 -31.99 11.92 35.57
C LEU B 396 -30.48 11.83 35.82
N GLU B 397 -30.04 12.14 37.04
CA GLU B 397 -28.63 12.06 37.35
C GLU B 397 -28.10 10.64 37.14
N GLN B 398 -28.92 9.63 37.41
CA GLN B 398 -28.47 8.25 37.25
C GLN B 398 -28.31 7.89 35.77
N VAL B 399 -29.30 8.22 34.94
CA VAL B 399 -29.19 7.91 33.52
C VAL B 399 -28.07 8.73 32.88
N ALA B 400 -27.80 9.92 33.40
CA ALA B 400 -26.74 10.76 32.85
C ALA B 400 -25.39 10.06 32.94
N ASN B 401 -25.11 9.40 34.06
CA ASN B 401 -23.89 8.59 34.16
C ASN B 401 -24.06 7.26 33.43
N GLU B 402 -25.29 6.76 33.38
CA GLU B 402 -25.55 5.50 32.69
C GLU B 402 -25.32 5.62 31.19
N THR B 403 -25.50 6.82 30.64
CA THR B 403 -25.52 7.01 29.20
C THR B 403 -24.19 7.55 28.69
N HIS B 404 -23.09 7.09 29.29
CA HIS B 404 -21.77 7.53 28.86
C HIS B 404 -21.51 7.17 27.40
N GLY B 405 -20.95 8.13 26.66
CA GLY B 405 -20.67 7.94 25.25
C GLY B 405 -21.76 8.40 24.31
N HIS B 406 -22.93 8.74 24.82
CA HIS B 406 -24.03 9.19 23.96
C HIS B 406 -23.80 10.62 23.52
N VAL B 407 -23.62 10.82 22.22
CA VAL B 407 -23.26 12.12 21.69
C VAL B 407 -24.52 12.92 21.41
N GLY B 408 -24.85 13.84 22.32
CA GLY B 408 -25.79 14.88 21.95
C GLY B 408 -27.13 14.37 21.47
N ALA B 409 -27.31 14.37 20.16
CA ALA B 409 -28.58 13.99 19.55
C ALA B 409 -29.04 12.61 20.02
N ASP B 410 -28.13 11.74 20.45
CA ASP B 410 -28.58 10.45 20.97
C ASP B 410 -29.44 10.63 22.22
N LEU B 411 -29.04 11.49 23.15
CA LEU B 411 -29.91 11.79 24.28
C LEU B 411 -31.22 12.41 23.81
N ALA B 412 -31.24 13.00 22.62
CA ALA B 412 -32.50 13.46 22.04
C ALA B 412 -33.34 12.29 21.55
N ALA B 413 -32.69 11.31 20.92
CA ALA B 413 -33.41 10.11 20.50
C ALA B 413 -33.87 9.31 21.71
N LEU B 414 -32.98 9.14 22.69
CA LEU B 414 -33.35 8.46 23.93
C LEU B 414 -34.55 9.13 24.58
N CYS B 415 -34.49 10.46 24.72
CA CYS B 415 -35.60 11.17 25.35
C CYS B 415 -36.89 11.00 24.57
N SER B 416 -36.79 10.59 23.30
CA SER B 416 -37.99 10.23 22.55
C SER B 416 -38.31 8.75 22.71
N GLU B 417 -37.29 7.89 22.65
CA GLU B 417 -37.51 6.45 22.81
C GLU B 417 -38.23 6.18 24.12
N ALA B 418 -37.90 6.92 25.17
CA ALA B 418 -38.64 6.80 26.42
C ALA B 418 -40.05 7.33 26.26
N ALA B 419 -40.20 8.53 25.69
CA ALA B 419 -41.52 9.12 25.58
C ALA B 419 -42.45 8.23 24.76
N LEU B 420 -41.96 7.72 23.64
CA LEU B 420 -42.77 6.80 22.85
C LEU B 420 -43.07 5.53 23.63
N GLN B 421 -42.11 5.05 24.43
CA GLN B 421 -42.36 3.89 25.27
C GLN B 421 -43.46 4.17 26.28
N ALA B 422 -43.72 5.45 26.56
CA ALA B 422 -44.83 5.79 27.43
C ALA B 422 -46.11 6.03 26.64
N ILE B 423 -45.99 6.32 25.34
CA ILE B 423 -47.18 6.42 24.50
C ILE B 423 -47.69 5.04 24.14
N ARG B 424 -46.80 4.20 23.58
CA ARG B 424 -47.23 2.90 23.10
C ARG B 424 -47.74 2.00 24.21
N LYS B 425 -47.42 2.31 25.48
CA LYS B 425 -47.97 1.60 26.61
C LYS B 425 -49.15 2.33 27.24
N LYS B 426 -49.60 3.42 26.63
CA LYS B 426 -50.82 4.10 27.04
C LYS B 426 -51.83 4.07 25.91
N MET B 427 -51.34 3.92 24.67
CA MET B 427 -52.23 3.89 23.52
C MET B 427 -53.12 2.66 23.48
N ASP B 428 -52.85 1.66 24.32
CA ASP B 428 -53.78 0.56 24.49
C ASP B 428 -55.00 0.96 25.31
N LEU B 429 -54.79 1.72 26.39
CA LEU B 429 -55.93 2.24 27.16
C LEU B 429 -56.80 3.15 26.31
N ILE B 430 -56.18 4.10 25.63
CA ILE B 430 -56.89 5.02 24.74
C ILE B 430 -56.69 4.48 23.34
N ASP B 431 -57.75 3.87 22.80
CA ASP B 431 -57.65 3.12 21.55
C ASP B 431 -57.79 4.02 20.32
N LEU B 432 -57.51 5.31 20.47
CA LEU B 432 -57.61 6.23 19.36
C LEU B 432 -56.56 5.92 18.30
N GLU B 433 -56.83 6.36 17.07
CA GLU B 433 -55.98 6.07 15.92
C GLU B 433 -55.15 7.27 15.48
N ASP B 434 -55.15 8.35 16.25
CA ASP B 434 -54.49 9.61 15.87
C ASP B 434 -54.31 10.44 17.14
N GLU B 435 -53.43 11.45 17.09
CA GLU B 435 -53.39 12.37 18.23
C GLU B 435 -54.36 13.52 18.08
N THR B 436 -55.53 13.29 17.48
CA THR B 436 -56.70 14.06 17.87
C THR B 436 -57.13 13.59 19.26
N ILE B 437 -56.41 12.59 19.80
CA ILE B 437 -56.39 12.34 21.23
C ILE B 437 -56.21 13.66 21.95
N ASP B 438 -56.87 13.80 23.09
CA ASP B 438 -56.91 15.08 23.76
C ASP B 438 -55.61 15.34 24.53
N ALA B 439 -55.21 16.61 24.59
CA ALA B 439 -53.95 16.95 25.24
C ALA B 439 -53.95 16.55 26.71
N GLU B 440 -55.14 16.48 27.32
CA GLU B 440 -55.21 16.14 28.73
C GLU B 440 -54.62 14.77 29.03
N VAL B 441 -54.93 13.76 28.21
CA VAL B 441 -54.36 12.44 28.43
C VAL B 441 -52.91 12.36 27.95
N MET B 442 -52.46 13.30 27.12
CA MET B 442 -51.04 13.39 26.83
C MET B 442 -50.27 13.93 28.02
N ASN B 443 -50.89 14.85 28.78
CA ASN B 443 -50.32 15.28 30.04
C ASN B 443 -50.24 14.14 31.05
N SER B 444 -51.07 13.11 30.89
CA SER B 444 -51.04 11.96 31.77
C SER B 444 -49.98 10.94 31.39
N LEU B 445 -49.22 11.19 30.33
CA LEU B 445 -48.14 10.28 29.93
C LEU B 445 -46.94 10.45 30.85
N ALA B 446 -47.07 10.02 32.10
CA ALA B 446 -45.95 10.10 33.04
C ALA B 446 -44.89 9.11 32.56
N VAL B 447 -43.83 9.64 31.97
CA VAL B 447 -42.78 8.78 31.42
C VAL B 447 -41.90 8.29 32.56
N THR B 448 -42.27 7.16 33.13
CA THR B 448 -41.57 6.65 34.31
C THR B 448 -40.16 6.22 33.95
N MET B 449 -39.34 6.02 34.98
CA MET B 449 -37.95 5.64 34.75
C MET B 449 -37.83 4.23 34.20
N ASP B 450 -38.90 3.44 34.29
CA ASP B 450 -38.90 2.14 33.63
C ASP B 450 -38.83 2.29 32.11
N ASP B 451 -39.59 3.25 31.56
CA ASP B 451 -39.54 3.54 30.14
C ASP B 451 -38.18 4.04 29.69
N PHE B 452 -37.54 4.90 30.48
CA PHE B 452 -36.19 5.34 30.15
C PHE B 452 -35.19 4.22 30.29
N ARG B 453 -35.39 3.33 31.27
CA ARG B 453 -34.55 2.15 31.40
C ARG B 453 -34.62 1.30 30.14
N TRP B 454 -35.83 1.12 29.59
CA TRP B 454 -35.98 0.40 28.34
C TRP B 454 -35.33 1.17 27.18
N ALA B 455 -35.56 2.48 27.11
CA ALA B 455 -35.03 3.26 25.99
C ALA B 455 -33.51 3.22 25.97
N LEU B 456 -32.87 3.30 27.13
CA LEU B 456 -31.42 3.17 27.18
C LEU B 456 -30.97 1.81 26.70
N SER B 457 -31.68 0.75 27.08
CA SER B 457 -31.34 -0.58 26.58
C SER B 457 -31.45 -0.66 25.07
N GLN B 458 -32.38 0.10 24.47
CA GLN B 458 -32.47 0.15 23.02
C GLN B 458 -31.41 1.05 22.38
N SER B 459 -31.09 2.18 23.01
CA SER B 459 -30.27 3.19 22.37
C SER B 459 -28.86 2.68 22.11
N ASN B 460 -28.28 3.10 20.99
CA ASN B 460 -26.92 2.74 20.60
C ASN B 460 -26.11 4.00 20.38
N PRO B 461 -24.96 4.19 21.04
CA PRO B 461 -24.18 5.42 20.80
C PRO B 461 -23.28 5.31 19.58
N SER B 462 -23.84 4.85 18.46
CA SER B 462 -23.07 4.65 17.24
C SER B 462 -22.62 5.94 16.60
N ALA B 463 -22.95 7.12 17.13
CA ALA B 463 -22.42 8.36 16.56
C ALA B 463 -20.91 8.38 16.67
N LEU B 464 -20.38 8.17 17.88
CA LEU B 464 -18.94 8.00 18.10
C LEU B 464 -18.74 7.72 19.57
N ARG B 465 -17.63 7.04 19.87
CA ARG B 465 -17.11 6.93 21.23
C ARG B 465 -15.59 7.04 21.13
N GLU B 466 -15.09 8.25 21.35
CA GLU B 466 -13.68 8.58 21.21
C GLU B 466 -13.23 9.22 22.51
N THR B 467 -11.92 9.40 22.66
CA THR B 467 -11.34 10.01 23.86
C THR B 467 -12.16 11.19 24.33
N VAL B 468 -12.63 11.12 25.57
CA VAL B 468 -13.66 12.01 26.09
C VAL B 468 -13.00 13.02 27.01
N VAL B 469 -13.32 14.30 26.78
CA VAL B 469 -12.82 15.40 27.59
C VAL B 469 -13.96 15.85 28.49
N GLU B 470 -13.68 16.04 29.77
CA GLU B 470 -14.73 16.13 30.77
C GLU B 470 -14.30 17.05 31.89
N VAL B 471 -15.29 17.55 32.63
CA VAL B 471 -15.06 18.27 33.88
C VAL B 471 -15.46 17.34 35.02
N PRO B 472 -14.56 16.52 35.55
CA PRO B 472 -14.98 15.45 36.46
C PRO B 472 -15.68 15.99 37.69
N GLN B 473 -16.69 15.24 38.15
CA GLN B 473 -17.52 15.66 39.27
C GLN B 473 -16.98 15.19 40.62
N VAL B 474 -15.82 14.53 40.65
CA VAL B 474 -15.21 14.19 41.92
C VAL B 474 -14.56 15.43 42.54
N THR B 475 -14.45 15.43 43.86
CA THR B 475 -13.90 16.58 44.57
C THR B 475 -13.20 16.09 45.82
N TRP B 476 -12.61 17.04 46.56
CA TRP B 476 -11.79 16.69 47.71
C TRP B 476 -12.50 15.79 48.69
N GLU B 477 -13.79 16.04 48.94
CA GLU B 477 -14.51 15.24 49.93
C GLU B 477 -14.53 13.76 49.57
N ASP B 478 -14.31 13.42 48.30
CA ASP B 478 -14.20 12.03 47.89
C ASP B 478 -12.77 11.51 47.93
N ILE B 479 -11.78 12.36 48.18
CA ILE B 479 -10.39 11.94 48.32
C ILE B 479 -10.12 11.89 49.83
N GLY B 480 -10.38 10.75 50.44
CA GLY B 480 -10.10 10.60 51.86
C GLY B 480 -8.61 10.66 52.12
N GLY B 481 -8.24 11.28 53.24
CA GLY B 481 -6.82 11.36 53.56
C GLY B 481 -6.08 12.18 52.52
N LEU B 482 -4.80 11.87 52.36
CA LEU B 482 -3.91 12.64 51.48
C LEU B 482 -4.01 14.12 51.80
N GLU B 483 -3.94 14.44 53.09
CA GLU B 483 -4.01 15.83 53.51
C GLU B 483 -2.80 16.62 53.05
N ASP B 484 -1.61 15.99 53.02
CA ASP B 484 -0.41 16.69 52.58
C ASP B 484 -0.41 16.86 51.06
N VAL B 485 -0.79 15.82 50.32
CA VAL B 485 -0.69 15.88 48.87
C VAL B 485 -1.67 16.88 48.30
N LYS B 486 -2.86 16.99 48.90
CA LYS B 486 -3.84 17.94 48.37
C LYS B 486 -3.34 19.36 48.53
N ARG B 487 -2.69 19.68 49.65
CA ARG B 487 -2.07 21.00 49.79
C ARG B 487 -0.92 21.16 48.81
N GLU B 488 -0.12 20.12 48.62
CA GLU B 488 1.03 20.21 47.75
C GLU B 488 0.63 20.37 46.30
N LEU B 489 -0.56 19.92 45.92
CA LEU B 489 -1.07 20.12 44.57
C LEU B 489 -1.88 21.39 44.43
N GLN B 490 -2.51 21.85 45.52
CA GLN B 490 -3.13 23.17 45.49
C GLN B 490 -2.08 24.24 45.26
N GLU B 491 -0.94 24.12 45.92
CA GLU B 491 0.12 25.10 45.68
C GLU B 491 0.88 24.84 44.41
N LEU B 492 0.45 23.94 43.53
CA LEU B 492 1.20 23.60 42.33
C LEU B 492 0.38 23.72 41.06
N VAL B 493 -0.95 23.56 41.14
CA VAL B 493 -1.80 23.75 39.97
C VAL B 493 -2.63 25.01 40.09
N GLN B 494 -2.82 25.52 41.30
CA GLN B 494 -3.75 26.60 41.59
C GLN B 494 -3.07 27.91 41.92
N TYR B 495 -1.90 27.87 42.56
CA TYR B 495 -1.13 29.09 42.80
C TYR B 495 -0.62 29.72 41.51
N PRO B 496 -0.05 28.99 40.54
CA PRO B 496 0.40 29.64 39.31
C PRO B 496 -0.71 30.13 38.41
N VAL B 497 -1.98 29.93 38.76
CA VAL B 497 -3.10 30.40 37.96
C VAL B 497 -3.97 31.39 38.72
N GLU B 498 -3.63 31.69 39.97
CA GLU B 498 -4.34 32.70 40.74
C GLU B 498 -3.41 33.70 41.40
N HIS B 499 -2.09 33.56 41.23
CA HIS B 499 -1.14 34.61 41.58
C HIS B 499 0.01 34.66 40.57
N PRO B 500 -0.28 34.70 39.27
CA PRO B 500 0.81 34.73 38.29
C PRO B 500 1.68 35.98 38.41
N ASP B 501 1.17 37.03 39.06
CA ASP B 501 2.02 38.18 39.34
C ASP B 501 3.26 37.78 40.13
N LYS B 502 3.08 36.89 41.12
CA LYS B 502 4.22 36.47 41.93
C LYS B 502 5.16 35.59 41.14
N PHE B 503 4.64 34.78 40.22
CA PHE B 503 5.50 33.92 39.43
C PHE B 503 6.26 34.69 38.37
N LEU B 504 5.72 35.81 37.88
CA LEU B 504 6.51 36.68 37.01
C LEU B 504 7.48 37.51 37.82
N LYS B 505 7.09 37.90 39.03
CA LYS B 505 7.92 38.80 39.83
C LYS B 505 9.26 38.15 40.14
N PHE B 506 9.26 36.85 40.40
CA PHE B 506 10.48 36.09 40.65
C PHE B 506 10.99 35.36 39.42
N GLY B 507 10.24 35.37 38.32
CA GLY B 507 10.67 34.65 37.13
C GLY B 507 10.79 33.16 37.33
N MET B 508 9.77 32.53 37.91
CA MET B 508 9.90 31.13 38.31
C MET B 508 9.69 30.17 37.17
N THR B 509 8.79 30.46 36.25
CA THR B 509 8.41 29.49 35.22
C THR B 509 7.92 28.23 35.92
N PRO B 510 6.75 28.26 36.55
CA PRO B 510 6.30 27.13 37.36
C PRO B 510 6.25 25.83 36.58
N SER B 511 6.09 24.75 37.33
CA SER B 511 6.13 23.43 36.73
C SER B 511 4.81 23.11 36.05
N LYS B 512 4.88 22.83 34.75
CA LYS B 512 3.74 22.33 34.00
C LYS B 512 3.80 20.82 33.92
N GLY B 513 3.77 20.15 35.05
CA GLY B 513 3.89 18.71 35.04
C GLY B 513 3.87 18.12 36.44
N VAL B 514 3.36 16.90 36.57
CA VAL B 514 3.48 16.15 37.81
C VAL B 514 3.57 14.68 37.47
N LEU B 515 4.31 13.93 38.27
CA LEU B 515 4.31 12.48 38.22
C LEU B 515 3.93 11.98 39.60
N PHE B 516 2.79 11.32 39.68
CA PHE B 516 2.35 10.68 40.92
C PHE B 516 2.94 9.28 40.92
N TYR B 517 4.03 9.09 41.65
CA TYR B 517 4.54 7.75 41.87
C TYR B 517 4.04 7.27 43.23
N GLY B 518 3.38 6.13 43.22
CA GLY B 518 2.87 5.57 44.44
C GLY B 518 2.24 4.22 44.19
N PRO B 519 1.98 3.47 45.25
CA PRO B 519 1.44 2.13 45.11
C PRO B 519 0.18 2.14 44.27
N PRO B 520 -0.02 1.13 43.42
CA PRO B 520 -1.21 1.15 42.56
C PRO B 520 -2.48 1.09 43.37
N GLY B 521 -3.53 1.68 42.81
CA GLY B 521 -4.81 1.71 43.50
C GLY B 521 -4.77 2.46 44.81
N CYS B 522 -4.10 3.61 44.84
CA CYS B 522 -3.95 4.39 46.06
C CYS B 522 -4.53 5.79 45.97
N GLY B 523 -5.07 6.19 44.82
CA GLY B 523 -5.70 7.49 44.71
C GLY B 523 -4.95 8.48 43.85
N LYS B 524 -4.32 8.00 42.77
CA LYS B 524 -3.63 8.91 41.87
C LYS B 524 -4.59 9.47 40.83
N THR B 525 -5.33 8.61 40.15
CA THR B 525 -6.31 9.09 39.18
C THR B 525 -7.41 9.89 39.87
N LEU B 526 -7.83 9.46 41.05
CA LEU B 526 -8.81 10.22 41.80
C LEU B 526 -8.29 11.60 42.16
N LEU B 527 -7.01 11.68 42.55
CA LEU B 527 -6.42 12.98 42.84
C LEU B 527 -6.39 13.86 41.59
N ALA B 528 -6.03 13.27 40.44
CA ALA B 528 -5.99 14.07 39.22
C ALA B 528 -7.36 14.59 38.85
N LYS B 529 -8.39 13.74 38.93
CA LYS B 529 -9.75 14.18 38.62
C LYS B 529 -10.19 15.26 39.60
N ALA B 530 -9.89 15.08 40.89
CA ALA B 530 -10.28 16.07 41.88
C ALA B 530 -9.59 17.40 41.63
N ILE B 531 -8.33 17.37 41.21
CA ILE B 531 -7.62 18.60 40.88
C ILE B 531 -8.27 19.28 39.69
N ALA B 532 -8.58 18.53 38.63
CA ALA B 532 -9.24 19.11 37.49
C ALA B 532 -10.60 19.68 37.87
N ASN B 533 -11.26 19.08 38.86
CA ASN B 533 -12.57 19.55 39.28
C ASN B 533 -12.45 20.84 40.09
N GLU B 534 -11.45 20.91 40.97
CA GLU B 534 -11.30 22.10 41.81
C GLU B 534 -11.06 23.34 40.94
N CYS B 535 -10.24 23.20 39.90
CA CYS B 535 -10.04 24.29 38.96
C CYS B 535 -11.11 24.36 37.89
N GLN B 536 -12.08 23.45 37.90
CA GLN B 536 -13.10 23.38 36.86
C GLN B 536 -12.46 23.25 35.48
N ALA B 537 -11.47 22.38 35.38
CA ALA B 537 -10.71 22.23 34.16
C ALA B 537 -11.15 20.98 33.40
N ASN B 538 -10.84 20.96 32.11
CA ASN B 538 -11.24 19.87 31.25
C ASN B 538 -10.26 18.70 31.41
N PHE B 539 -10.59 17.76 32.28
CA PHE B 539 -9.74 16.61 32.50
C PHE B 539 -9.73 15.70 31.27
N ILE B 540 -8.56 15.16 30.95
CA ILE B 540 -8.43 14.25 29.81
C ILE B 540 -7.60 13.05 30.22
N SER B 541 -8.27 11.97 30.63
CA SER B 541 -7.55 10.79 31.06
C SER B 541 -7.16 9.94 29.86
N ILE B 542 -5.88 9.60 29.77
CA ILE B 542 -5.37 8.67 28.78
C ILE B 542 -4.88 7.44 29.53
N LYS B 543 -5.75 6.45 29.67
CA LYS B 543 -5.49 5.31 30.51
C LYS B 543 -4.32 4.48 29.97
N GLY B 544 -3.93 3.47 30.75
CA GLY B 544 -2.82 2.62 30.38
C GLY B 544 -3.06 1.88 29.07
N PRO B 545 -4.22 1.26 28.93
CA PRO B 545 -4.52 0.59 27.64
C PRO B 545 -4.51 1.53 26.45
N GLU B 546 -4.85 2.81 26.62
CA GLU B 546 -4.88 3.71 25.48
C GLU B 546 -3.47 4.03 24.97
N LEU B 547 -2.49 4.13 25.89
CA LEU B 547 -1.11 4.30 25.45
C LEU B 547 -0.55 3.00 24.91
N LEU B 548 -0.85 1.90 25.59
CA LEU B 548 -0.30 0.62 25.20
C LEU B 548 -0.83 0.21 23.83
N THR B 549 -2.06 0.61 23.49
CA THR B 549 -2.60 0.34 22.17
C THR B 549 -1.83 1.07 21.09
N MET B 550 -1.49 2.34 21.34
CA MET B 550 -0.69 3.07 20.38
C MET B 550 0.67 2.42 20.21
N TRP B 551 1.28 1.96 21.30
CA TRP B 551 2.56 1.28 21.16
C TRP B 551 2.42 -0.01 20.37
N PHE B 552 1.37 -0.79 20.62
CA PHE B 552 1.19 -2.04 19.91
C PHE B 552 1.00 -1.82 18.42
N GLY B 553 0.09 -0.92 18.06
CA GLY B 553 -0.18 -0.66 16.65
C GLY B 553 0.94 0.05 15.93
N GLU B 554 2.01 0.42 16.64
CA GLU B 554 3.11 1.18 16.05
C GLU B 554 2.58 2.48 15.46
N SER B 555 1.56 3.03 16.12
CA SER B 555 0.86 4.23 15.70
C SER B 555 1.02 5.32 16.74
N GLU B 556 2.25 5.58 17.16
CA GLU B 556 2.49 6.63 18.14
C GLU B 556 2.05 8.00 17.62
N ALA B 557 1.85 8.15 16.32
CA ALA B 557 1.33 9.40 15.77
C ALA B 557 -0.01 9.77 16.38
N ASN B 558 -0.78 8.79 16.86
CA ASN B 558 -2.04 9.11 17.54
C ASN B 558 -1.82 10.01 18.74
N VAL B 559 -0.64 9.97 19.36
CA VAL B 559 -0.36 10.87 20.47
C VAL B 559 -0.47 12.31 20.01
N ARG B 560 -0.03 12.61 18.79
CA ARG B 560 -0.16 13.98 18.28
C ARG B 560 -1.62 14.42 18.30
N GLU B 561 -2.54 13.47 18.10
CA GLU B 561 -3.96 13.80 18.22
C GLU B 561 -4.33 14.06 19.67
N ILE B 562 -3.90 13.18 20.59
CA ILE B 562 -4.30 13.30 21.99
C ILE B 562 -3.92 14.67 22.52
N PHE B 563 -2.63 15.02 22.45
CA PHE B 563 -2.22 16.34 22.91
C PHE B 563 -2.97 17.43 22.18
N ASP B 564 -3.22 17.26 20.88
CA ASP B 564 -3.97 18.29 20.16
C ASP B 564 -5.33 18.50 20.80
N LYS B 565 -6.00 17.43 21.21
CA LYS B 565 -7.27 17.60 21.93
C LYS B 565 -7.08 18.51 23.13
N ALA B 566 -6.03 18.27 23.92
CA ALA B 566 -5.76 19.15 25.06
C ALA B 566 -5.53 20.57 24.59
N ARG B 567 -4.77 20.75 23.50
CA ARG B 567 -4.52 22.11 23.01
C ARG B 567 -5.83 22.80 22.64
N GLN B 568 -6.87 22.02 22.29
CA GLN B 568 -8.16 22.62 21.98
C GLN B 568 -9.05 22.70 23.22
N ALA B 569 -8.81 21.84 24.20
CA ALA B 569 -9.70 21.73 25.36
C ALA B 569 -9.23 22.54 26.55
N ALA B 570 -8.18 23.33 26.40
CA ALA B 570 -7.64 24.06 27.55
C ALA B 570 -8.70 25.00 28.11
N PRO B 571 -8.72 25.27 29.43
CA PRO B 571 -7.78 24.82 30.46
C PRO B 571 -7.99 23.36 30.79
N CYS B 572 -6.95 22.54 30.61
CA CYS B 572 -7.09 21.10 30.67
C CYS B 572 -6.18 20.56 31.76
N VAL B 573 -6.41 19.30 32.11
CA VAL B 573 -5.46 18.56 32.94
C VAL B 573 -5.29 17.18 32.34
N LEU B 574 -4.32 17.03 31.44
CA LEU B 574 -4.05 15.71 30.89
C LEU B 574 -3.71 14.78 32.05
N PHE B 575 -3.86 13.48 31.82
CA PHE B 575 -3.50 12.51 32.84
C PHE B 575 -3.16 11.20 32.17
N PHE B 576 -1.88 10.82 32.20
CA PHE B 576 -1.43 9.57 31.61
C PHE B 576 -1.39 8.51 32.70
N ASP B 577 -2.54 7.92 32.99
CA ASP B 577 -2.59 6.86 33.97
C ASP B 577 -1.70 5.71 33.52
N GLU B 578 -1.02 5.10 34.48
CA GLU B 578 -0.07 4.03 34.21
C GLU B 578 0.89 4.45 33.09
N LEU B 579 1.52 5.59 33.31
CA LEU B 579 2.48 6.12 32.34
C LEU B 579 3.63 5.16 32.12
N ASP B 580 3.90 4.26 33.06
CA ASP B 580 4.88 3.20 32.87
C ASP B 580 4.27 1.94 32.28
N SER B 581 3.09 2.04 31.67
CA SER B 581 2.43 0.85 31.14
C SER B 581 3.31 0.14 30.12
N ILE B 582 3.91 0.91 29.22
CA ILE B 582 4.72 0.30 28.17
C ILE B 582 5.97 -0.34 28.76
N ALA B 583 6.63 0.35 29.69
CA ALA B 583 7.83 -0.22 30.31
C ALA B 583 7.50 -1.50 31.07
N LYS B 584 6.36 -1.53 31.75
CA LYS B 584 5.93 -2.78 32.39
C LYS B 584 5.66 -3.85 31.34
N ALA B 585 5.05 -3.48 30.22
CA ALA B 585 4.76 -4.45 29.17
C ALA B 585 6.01 -4.78 28.35
N ARG B 586 7.16 -4.24 28.74
CA ARG B 586 8.44 -4.68 28.17
C ARG B 586 9.28 -5.46 29.16
N GLY B 587 9.29 -5.05 30.43
CA GLY B 587 10.28 -5.47 31.38
C GLY B 587 11.44 -4.51 31.56
N GLY B 588 11.65 -3.61 30.61
CA GLY B 588 12.63 -2.55 30.75
C GLY B 588 14.07 -2.97 30.64
N ASN B 589 14.37 -4.11 29.99
CA ASN B 589 15.73 -4.64 29.94
C ASN B 589 16.25 -4.86 28.52
N ILE B 590 15.43 -5.40 27.62
CA ILE B 590 15.86 -5.75 26.27
C ILE B 590 14.81 -5.31 25.28
N GLY B 591 15.25 -4.96 24.09
CA GLY B 591 14.33 -4.76 22.98
C GLY B 591 14.95 -3.91 21.91
N ASP B 592 14.79 -4.37 20.67
CA ASP B 592 14.92 -3.53 19.50
C ASP B 592 13.66 -2.70 19.42
N GLY B 593 13.84 -1.39 19.42
CA GLY B 593 12.84 -0.48 19.91
C GLY B 593 13.39 0.63 20.77
N GLY B 594 12.99 0.72 22.04
CA GLY B 594 13.34 1.91 22.81
C GLY B 594 14.29 1.69 23.97
N GLY B 595 14.84 0.48 24.11
CA GLY B 595 15.74 0.20 25.23
C GLY B 595 15.08 0.57 26.54
N ALA B 596 15.61 1.62 27.17
CA ALA B 596 14.91 2.25 28.28
C ALA B 596 13.70 3.05 27.82
N ALA B 597 13.79 3.68 26.66
CA ALA B 597 12.69 4.47 26.12
C ALA B 597 11.70 3.57 25.39
N ASP B 598 10.70 4.21 24.78
CA ASP B 598 9.65 3.52 24.04
C ASP B 598 9.20 4.38 22.87
N ARG B 599 8.44 3.77 21.95
CA ARG B 599 7.82 4.55 20.89
C ARG B 599 6.92 5.62 21.46
N VAL B 600 5.87 5.21 22.17
CA VAL B 600 4.84 6.13 22.62
C VAL B 600 5.32 7.03 23.76
N ILE B 601 6.14 6.54 24.68
CA ILE B 601 6.71 7.42 25.69
C ILE B 601 7.56 8.49 25.02
N ASN B 602 8.33 8.11 24.01
CA ASN B 602 9.15 9.09 23.30
C ASN B 602 8.28 10.14 22.61
N GLN B 603 7.20 9.70 21.97
CA GLN B 603 6.29 10.66 21.36
C GLN B 603 5.67 11.57 22.42
N ILE B 604 5.41 11.03 23.60
CA ILE B 604 4.87 11.83 24.69
C ILE B 604 5.89 12.88 25.12
N LEU B 605 7.17 12.52 25.16
CA LEU B 605 8.20 13.52 25.46
C LEU B 605 8.22 14.60 24.38
N THR B 606 8.17 14.18 23.11
CA THR B 606 8.20 15.13 22.02
C THR B 606 7.04 16.10 22.10
N GLU B 607 5.87 15.64 22.51
CA GLU B 607 4.71 16.50 22.60
C GLU B 607 4.65 17.29 23.90
N MET B 608 5.22 16.77 24.98
CA MET B 608 5.33 17.54 26.21
C MET B 608 6.25 18.73 26.00
N ASP B 609 7.33 18.54 25.25
CA ASP B 609 8.18 19.67 24.91
C ASP B 609 7.39 20.72 24.15
N GLY B 610 6.52 20.29 23.23
CA GLY B 610 5.71 21.25 22.49
C GLY B 610 4.72 21.99 23.37
N MET B 611 4.03 21.26 24.25
CA MET B 611 3.02 21.89 25.09
C MET B 611 3.58 22.58 26.31
N SER B 612 4.89 22.50 26.55
CA SER B 612 5.47 23.33 27.60
C SER B 612 5.24 24.81 27.33
N THR B 613 4.98 25.18 26.08
CA THR B 613 4.56 26.55 25.78
C THR B 613 3.15 26.81 26.28
N LYS B 614 2.22 25.89 26.04
CA LYS B 614 0.81 26.08 26.35
C LYS B 614 0.68 26.24 27.85
N LYS B 615 0.37 27.46 28.30
CA LYS B 615 0.32 27.73 29.73
C LYS B 615 -0.91 27.12 30.38
N ASN B 616 -2.00 26.98 29.64
CA ASN B 616 -3.26 26.60 30.25
C ASN B 616 -3.34 25.13 30.62
N VAL B 617 -2.76 24.24 29.83
CA VAL B 617 -2.90 22.80 30.06
C VAL B 617 -1.89 22.36 31.10
N PHE B 618 -2.32 21.46 31.97
CA PHE B 618 -1.48 20.84 32.97
C PHE B 618 -1.37 19.36 32.62
N ILE B 619 -0.19 18.79 32.81
CA ILE B 619 0.07 17.42 32.43
C ILE B 619 0.42 16.63 33.68
N ILE B 620 -0.25 15.51 33.86
CA ILE B 620 -0.08 14.66 35.03
C ILE B 620 0.15 13.25 34.52
N GLY B 621 1.04 12.54 35.20
CA GLY B 621 1.25 11.14 34.91
C GLY B 621 1.11 10.36 36.20
N ALA B 622 0.73 9.10 36.12
CA ALA B 622 0.66 8.25 37.29
C ALA B 622 1.43 6.99 37.01
N THR B 623 2.40 6.69 37.86
CA THR B 623 3.24 5.52 37.70
C THR B 623 3.23 4.73 39.01
N ASN B 624 2.66 3.54 38.97
CA ASN B 624 2.81 2.61 40.07
C ASN B 624 4.10 1.82 39.97
N ARG B 625 4.90 2.05 38.94
CA ARG B 625 6.22 1.45 38.78
C ARG B 625 7.18 2.56 38.37
N PRO B 626 7.55 3.43 39.31
CA PRO B 626 8.36 4.60 38.95
C PRO B 626 9.79 4.29 38.59
N ASP B 627 10.35 3.16 39.01
CA ASP B 627 11.72 2.84 38.64
C ASP B 627 11.78 2.42 37.17
N ILE B 628 10.81 1.63 36.72
CA ILE B 628 10.77 1.16 35.34
C ILE B 628 9.97 2.15 34.50
N ILE B 629 10.63 3.23 34.08
CA ILE B 629 10.04 4.24 33.20
C ILE B 629 11.15 5.15 32.73
N ASP B 630 11.05 5.59 31.47
CA ASP B 630 12.07 6.41 30.84
C ASP B 630 12.42 7.59 31.73
N PRO B 631 13.63 7.67 32.29
CA PRO B 631 13.99 8.83 33.10
C PRO B 631 13.95 10.13 32.32
N ALA B 632 14.01 10.04 31.00
CA ALA B 632 13.93 11.24 30.17
C ALA B 632 12.61 11.99 30.35
N ILE B 633 11.58 11.33 30.87
CA ILE B 633 10.32 12.01 31.12
C ILE B 633 10.36 12.81 32.42
N LEU B 634 11.27 12.51 33.32
CA LEU B 634 11.40 13.25 34.56
C LEU B 634 12.25 14.50 34.41
N ARG B 635 12.63 14.84 33.18
CA ARG B 635 13.48 16.00 32.95
C ARG B 635 12.69 17.29 33.20
N PRO B 636 13.36 18.38 33.57
CA PRO B 636 12.63 19.65 33.74
C PRO B 636 11.88 20.08 32.49
N GLY B 637 10.72 20.70 32.68
CA GLY B 637 9.81 21.00 31.60
C GLY B 637 8.81 19.90 31.30
N ARG B 638 9.25 18.66 31.31
CA ARG B 638 8.37 17.50 31.26
C ARG B 638 7.90 17.22 32.67
N LEU B 639 7.38 16.02 32.95
CA LEU B 639 6.75 15.75 34.24
C LEU B 639 7.83 15.79 35.33
N ASP B 640 8.16 17.02 35.72
CA ASP B 640 9.33 17.27 36.55
C ASP B 640 9.06 17.12 38.04
N GLN B 641 7.90 17.51 38.51
CA GLN B 641 7.59 17.55 39.94
C GLN B 641 6.98 16.21 40.34
N LEU B 642 7.82 15.28 40.77
CA LEU B 642 7.35 14.00 41.25
C LEU B 642 6.73 14.17 42.62
N ILE B 643 5.53 13.61 42.80
CA ILE B 643 4.81 13.66 44.07
C ILE B 643 4.52 12.23 44.49
N TYR B 644 4.75 11.93 45.77
CA TYR B 644 4.51 10.60 46.28
C TYR B 644 3.08 10.47 46.78
N ILE B 645 2.42 9.39 46.40
CA ILE B 645 1.04 9.12 46.81
C ILE B 645 1.03 7.93 47.76
N PRO B 646 1.34 8.12 49.04
CA PRO B 646 1.67 6.98 49.90
C PRO B 646 0.46 6.10 50.19
N LEU B 647 0.75 4.89 50.67
CA LEU B 647 -0.31 4.06 51.22
C LEU B 647 -0.96 4.79 52.38
N PRO B 648 -2.28 4.75 52.50
CA PRO B 648 -2.93 5.45 53.61
C PRO B 648 -2.48 4.91 54.96
N ASP B 649 -2.26 5.82 55.89
CA ASP B 649 -2.09 5.45 57.30
C ASP B 649 -3.46 5.29 57.97
N GLU B 650 -3.43 4.91 59.24
CA GLU B 650 -4.65 4.54 59.95
C GLU B 650 -5.74 5.61 59.81
N LYS B 651 -5.39 6.87 60.09
CA LYS B 651 -6.37 7.94 59.98
C LYS B 651 -6.82 8.12 58.53
N SER B 652 -5.89 8.05 57.58
CA SER B 652 -6.27 8.17 56.18
C SER B 652 -7.11 6.98 55.73
N ARG B 653 -6.88 5.80 56.30
CA ARG B 653 -7.74 4.66 56.00
C ARG B 653 -9.14 4.90 56.53
N VAL B 654 -9.26 5.47 57.73
CA VAL B 654 -10.57 5.88 58.22
C VAL B 654 -11.22 6.82 57.23
N ALA B 655 -10.44 7.80 56.74
CA ALA B 655 -10.99 8.78 55.80
C ALA B 655 -11.46 8.11 54.52
N ILE B 656 -10.68 7.16 54.01
CA ILE B 656 -11.05 6.49 52.76
C ILE B 656 -12.30 5.65 52.95
N LEU B 657 -12.38 4.93 54.07
CA LEU B 657 -13.57 4.12 54.34
C LEU B 657 -14.80 5.01 54.44
N LYS B 658 -14.68 6.14 55.14
CA LYS B 658 -15.80 7.08 55.23
C LYS B 658 -16.18 7.61 53.86
N ALA B 659 -15.18 7.94 53.04
CA ALA B 659 -15.46 8.48 51.71
C ALA B 659 -16.21 7.47 50.86
N ASN B 660 -15.79 6.21 50.91
CA ASN B 660 -16.42 5.19 50.08
C ASN B 660 -17.79 4.80 50.60
N LEU B 661 -18.01 4.88 51.91
CA LEU B 661 -19.32 4.53 52.47
C LEU B 661 -20.29 5.71 52.48
N ARG B 662 -19.82 6.92 52.20
CA ARG B 662 -20.71 8.08 52.19
C ARG B 662 -21.90 7.91 51.27
N LYS B 663 -21.67 7.35 50.08
CA LYS B 663 -22.71 7.24 49.07
C LYS B 663 -23.65 6.07 49.30
N SER B 664 -23.44 5.29 50.37
CA SER B 664 -24.24 4.10 50.63
C SER B 664 -24.80 4.14 52.05
N PRO B 665 -25.95 3.51 52.29
CA PRO B 665 -26.52 3.51 53.64
C PRO B 665 -25.78 2.52 54.53
N VAL B 666 -25.39 2.96 55.71
CA VAL B 666 -24.63 2.15 56.65
C VAL B 666 -25.24 2.30 58.03
N ALA B 667 -25.39 1.19 58.75
CA ALA B 667 -25.91 1.24 60.10
C ALA B 667 -25.08 2.20 60.95
N LYS B 668 -25.70 2.72 62.01
CA LYS B 668 -25.09 3.72 62.86
C LYS B 668 -24.26 3.12 63.99
N ASP B 669 -23.78 1.88 63.82
CA ASP B 669 -22.90 1.28 64.81
C ASP B 669 -21.71 0.58 64.16
N VAL B 670 -21.39 0.90 62.90
CA VAL B 670 -20.19 0.36 62.30
C VAL B 670 -18.98 1.09 62.88
N ASP B 671 -18.00 0.31 63.34
CA ASP B 671 -16.82 0.87 64.02
C ASP B 671 -15.69 1.05 63.00
N LEU B 672 -15.80 2.14 62.23
CA LEU B 672 -14.87 2.36 61.14
C LEU B 672 -13.46 2.66 61.63
N GLU B 673 -13.33 3.28 62.81
CA GLU B 673 -11.99 3.53 63.33
C GLU B 673 -11.27 2.24 63.68
N PHE B 674 -11.99 1.12 63.81
CA PHE B 674 -11.40 -0.20 64.01
C PHE B 674 -11.17 -0.89 62.67
N LEU B 675 -12.16 -0.78 61.78
CA LEU B 675 -12.00 -1.31 60.43
C LEU B 675 -10.79 -0.70 59.74
N ALA B 676 -10.39 0.50 60.14
CA ALA B 676 -9.14 1.06 59.66
C ALA B 676 -7.93 0.44 60.35
N LYS B 677 -8.02 0.20 61.66
CA LYS B 677 -6.87 -0.37 62.37
C LYS B 677 -6.49 -1.72 61.80
N MET B 678 -7.47 -2.56 61.48
CA MET B 678 -7.14 -3.87 60.92
C MET B 678 -6.33 -3.72 59.65
N THR B 679 -6.73 -2.80 58.79
CA THR B 679 -6.18 -2.69 57.44
C THR B 679 -4.79 -2.09 57.48
N ASN B 680 -3.86 -2.86 58.04
CA ASN B 680 -2.54 -2.35 58.42
C ASN B 680 -1.89 -1.66 57.23
N GLY B 681 -2.18 -2.14 56.01
CA GLY B 681 -1.58 -1.58 54.82
C GLY B 681 -2.43 -1.53 53.56
N PHE B 682 -3.76 -1.56 53.69
CA PHE B 682 -4.60 -1.57 52.50
C PHE B 682 -4.32 -0.36 51.62
N SER B 683 -4.25 -0.59 50.32
CA SER B 683 -4.34 0.52 49.39
C SER B 683 -5.75 1.06 49.39
N GLY B 684 -5.95 2.25 48.83
CA GLY B 684 -7.28 2.82 48.79
C GLY B 684 -8.24 1.94 48.01
N ALA B 685 -7.77 1.33 46.93
CA ALA B 685 -8.61 0.43 46.16
C ALA B 685 -9.04 -0.77 47.00
N ASP B 686 -8.16 -1.25 47.87
CA ASP B 686 -8.54 -2.40 48.71
C ASP B 686 -9.63 -2.03 49.70
N LEU B 687 -9.57 -0.83 50.29
CA LEU B 687 -10.64 -0.42 51.17
C LEU B 687 -11.94 -0.20 50.40
N THR B 688 -11.85 0.30 49.17
CA THR B 688 -13.04 0.36 48.33
C THR B 688 -13.58 -1.03 48.06
N GLU B 689 -12.71 -2.01 47.86
CA GLU B 689 -13.17 -3.38 47.64
C GLU B 689 -13.83 -3.93 48.89
N ILE B 690 -13.33 -3.58 50.08
CA ILE B 690 -14.02 -4.01 51.28
C ILE B 690 -15.41 -3.39 51.35
N CYS B 691 -15.53 -2.12 51.00
CA CYS B 691 -16.85 -1.49 50.97
C CYS B 691 -17.75 -2.21 49.98
N GLN B 692 -17.22 -2.56 48.82
CA GLN B 692 -18.03 -3.21 47.79
C GLN B 692 -18.42 -4.62 48.20
N ARG B 693 -17.53 -5.35 48.86
CA ARG B 693 -17.92 -6.66 49.37
C ARG B 693 -19.00 -6.52 50.44
N ALA B 694 -18.90 -5.50 51.28
CA ALA B 694 -19.95 -5.27 52.26
C ALA B 694 -21.28 -5.00 51.58
N CYS B 695 -21.28 -4.18 50.54
CA CYS B 695 -22.53 -3.94 49.80
C CYS B 695 -23.04 -5.21 49.14
N LYS B 696 -22.14 -5.99 48.53
CA LYS B 696 -22.59 -7.20 47.86
C LYS B 696 -23.21 -8.18 48.84
N LEU B 697 -22.59 -8.35 50.00
CA LEU B 697 -23.20 -9.21 51.01
C LEU B 697 -24.46 -8.58 51.60
N ALA B 698 -24.59 -7.26 51.56
CA ALA B 698 -25.84 -6.61 51.97
C ALA B 698 -26.99 -6.91 51.04
N ILE B 699 -26.79 -6.77 49.72
CA ILE B 699 -27.86 -7.19 48.81
C ILE B 699 -28.09 -8.68 48.93
N ARG B 700 -27.06 -9.48 49.13
CA ARG B 700 -27.31 -10.90 49.31
C ARG B 700 -28.28 -11.11 50.47
N GLU B 701 -27.97 -10.55 51.64
CA GLU B 701 -28.80 -10.78 52.81
C GLU B 701 -30.14 -10.04 52.74
N SER B 702 -30.29 -9.09 51.81
CA SER B 702 -31.53 -8.34 51.70
C SER B 702 -32.44 -8.93 50.63
N ILE B 703 -31.86 -9.30 49.49
CA ILE B 703 -32.60 -10.04 48.46
C ILE B 703 -33.09 -11.35 49.03
N GLU B 704 -32.24 -12.06 49.77
CA GLU B 704 -32.63 -13.36 50.28
C GLU B 704 -33.66 -13.27 51.39
N SER B 705 -34.05 -12.06 51.80
CA SER B 705 -35.18 -11.87 52.69
C SER B 705 -36.35 -11.18 52.01
N GLU B 706 -36.14 -10.50 50.88
CA GLU B 706 -37.27 -10.03 50.08
C GLU B 706 -37.92 -11.18 49.33
N ILE B 707 -37.12 -12.05 48.72
CA ILE B 707 -37.68 -13.23 48.08
C ILE B 707 -38.32 -14.15 49.11
N ARG B 708 -37.72 -14.21 50.31
CA ARG B 708 -38.36 -14.94 51.40
C ARG B 708 -39.73 -14.36 51.73
N ARG B 709 -39.85 -13.04 51.74
CA ARG B 709 -41.15 -12.42 51.95
C ARG B 709 -42.13 -12.76 50.83
N GLU B 710 -41.65 -12.75 49.58
CA GLU B 710 -42.53 -13.13 48.48
C GLU B 710 -43.03 -14.55 48.62
N ARG B 711 -42.16 -15.47 49.04
CA ARG B 711 -42.61 -16.83 49.33
C ARG B 711 -43.59 -16.85 50.49
N GLU B 712 -43.39 -15.95 51.47
CA GLU B 712 -44.31 -15.88 52.61
C GLU B 712 -45.70 -15.49 52.14
N ARG B 713 -45.81 -14.53 51.23
CA ARG B 713 -47.09 -14.09 50.70
C ARG B 713 -47.57 -14.93 49.51
N GLN B 714 -46.79 -15.92 49.09
CA GLN B 714 -47.19 -16.80 48.01
C GLN B 714 -48.51 -17.50 48.34
N ASP B 726 -38.86 -3.70 53.64
CA ASP B 726 -37.49 -3.34 53.98
C ASP B 726 -36.94 -4.22 55.09
N PRO B 727 -36.53 -5.45 54.75
CA PRO B 727 -35.91 -6.32 55.78
C PRO B 727 -34.72 -5.65 56.45
N VAL B 728 -33.71 -5.25 55.67
CA VAL B 728 -32.64 -4.38 56.15
C VAL B 728 -32.52 -3.24 55.15
N PRO B 729 -32.81 -1.99 55.54
CA PRO B 729 -32.68 -0.89 54.58
C PRO B 729 -31.24 -0.42 54.36
N GLU B 730 -30.28 -0.98 55.08
CA GLU B 730 -28.92 -0.49 55.02
C GLU B 730 -27.95 -1.63 55.31
N ILE B 731 -26.72 -1.49 54.80
CA ILE B 731 -25.66 -2.41 55.20
C ILE B 731 -25.34 -2.19 56.68
N ARG B 732 -24.72 -3.18 57.29
CA ARG B 732 -24.62 -3.19 58.74
C ARG B 732 -23.26 -3.74 59.17
N ARG B 733 -22.98 -3.56 60.46
CA ARG B 733 -21.78 -4.10 61.06
C ARG B 733 -21.67 -5.61 60.85
N ASP B 734 -22.81 -6.29 60.71
CA ASP B 734 -22.80 -7.74 60.55
C ASP B 734 -22.12 -8.15 59.25
N HIS B 735 -22.40 -7.42 58.16
CA HIS B 735 -21.98 -7.85 56.83
C HIS B 735 -20.48 -7.66 56.60
N PHE B 736 -19.89 -6.66 57.24
CA PHE B 736 -18.46 -6.43 57.06
C PHE B 736 -17.65 -7.61 57.58
N GLU B 737 -18.21 -8.40 58.49
CA GLU B 737 -17.49 -9.53 59.06
C GLU B 737 -17.29 -10.65 58.06
N GLU B 738 -18.08 -10.70 56.99
CA GLU B 738 -17.81 -11.59 55.86
C GLU B 738 -17.26 -10.85 54.67
N ALA B 739 -17.38 -9.52 54.65
CA ALA B 739 -16.77 -8.74 53.58
C ALA B 739 -15.25 -8.64 53.75
N MET B 740 -14.77 -8.59 54.99
CA MET B 740 -13.34 -8.42 55.21
C MET B 740 -12.55 -9.68 54.91
N ARG B 741 -13.17 -10.85 55.08
CA ARG B 741 -12.41 -12.09 54.94
C ARG B 741 -11.88 -12.29 53.52
N PHE B 742 -12.38 -11.53 52.56
CA PHE B 742 -11.91 -11.56 51.18
C PHE B 742 -10.95 -10.42 50.86
N ALA B 743 -10.06 -10.05 51.78
CA ALA B 743 -9.28 -8.83 51.62
C ALA B 743 -7.81 -9.09 51.30
N ARG B 744 -7.22 -8.15 50.58
CA ARG B 744 -5.81 -8.14 50.23
C ARG B 744 -5.11 -6.96 50.87
N ARG B 745 -3.79 -7.05 50.99
CA ARG B 745 -2.96 -5.88 50.82
C ARG B 745 -2.37 -5.95 49.42
N SER B 746 -2.93 -5.18 48.50
CA SER B 746 -2.58 -5.28 47.10
C SER B 746 -1.13 -4.87 46.81
N VAL B 747 -0.37 -4.46 47.81
CA VAL B 747 1.07 -4.26 47.65
C VAL B 747 1.79 -4.92 48.81
N SER B 748 2.75 -5.79 48.48
CA SER B 748 3.56 -6.37 49.52
C SER B 748 4.52 -5.32 50.07
N ASP B 749 5.02 -5.58 51.27
CA ASP B 749 5.99 -4.66 51.84
C ASP B 749 7.23 -4.54 50.97
N ASN B 750 7.50 -5.53 50.11
CA ASN B 750 8.59 -5.41 49.16
C ASN B 750 8.30 -4.41 48.05
N ASP B 751 7.03 -3.99 47.90
CA ASP B 751 6.69 -2.90 47.00
C ASP B 751 6.59 -1.57 47.75
N ILE B 752 6.06 -1.58 48.96
CA ILE B 752 6.11 -0.37 49.78
C ILE B 752 7.55 0.11 49.91
N ARG B 753 8.47 -0.82 50.21
CA ARG B 753 9.87 -0.47 50.28
C ARG B 753 10.46 -0.16 48.92
N LYS B 754 9.90 -0.71 47.84
CA LYS B 754 10.34 -0.29 46.51
C LYS B 754 10.04 1.20 46.26
N TYR B 755 8.84 1.64 46.62
CA TYR B 755 8.51 3.05 46.45
C TYR B 755 9.26 3.94 47.43
N GLU B 756 9.48 3.46 48.66
CA GLU B 756 10.33 4.23 49.57
C GLU B 756 11.76 4.33 49.04
N MET B 757 12.26 3.26 48.41
CA MET B 757 13.59 3.29 47.81
C MET B 757 13.63 4.29 46.67
N PHE B 758 12.61 4.30 45.82
CA PHE B 758 12.58 5.29 44.75
C PHE B 758 12.45 6.70 45.30
N ALA B 759 11.77 6.85 46.43
CA ALA B 759 11.66 8.16 47.04
C ALA B 759 13.01 8.64 47.57
N GLN B 760 13.72 7.77 48.29
CA GLN B 760 15.05 8.14 48.78
C GLN B 760 16.03 8.35 47.65
N THR B 761 15.84 7.67 46.52
CA THR B 761 16.60 8.01 45.32
C THR B 761 16.20 9.38 44.80
N LEU B 762 14.93 9.74 44.94
CA LEU B 762 14.40 11.01 44.48
C LEU B 762 14.00 11.95 45.61
N GLN B 763 14.45 11.67 46.85
CA GLN B 763 14.27 12.64 47.92
C GLN B 763 15.44 13.63 47.94
N GLN B 764 16.61 13.19 47.49
CA GLN B 764 17.68 14.10 47.09
C GLN B 764 18.17 14.99 48.24
N SER B 765 18.75 14.38 49.27
CA SER B 765 19.22 15.18 50.41
C SER B 765 20.75 15.21 50.53
N ARG B 766 21.40 14.05 50.56
CA ARG B 766 22.87 13.91 50.74
C ARG B 766 23.40 14.76 51.91
N GLY B 767 22.76 14.62 53.07
CA GLY B 767 23.32 15.17 54.28
C GLY B 767 23.59 16.66 54.28
N PHE B 768 22.84 17.44 53.50
CA PHE B 768 22.73 18.88 53.73
C PHE B 768 21.88 19.22 54.94
N GLY B 769 21.56 18.26 55.79
CA GLY B 769 20.89 18.56 57.04
C GLY B 769 21.72 19.48 57.90
N SER B 770 21.07 20.46 58.54
CA SER B 770 21.72 21.41 59.43
C SER B 770 22.63 22.38 58.68
N PHE B 771 22.63 22.34 57.35
CA PHE B 771 23.33 23.33 56.56
C PHE B 771 22.80 24.72 56.91
N ARG B 772 23.70 25.69 57.07
CA ARG B 772 23.30 27.06 57.33
C ARG B 772 24.36 28.02 56.82
N PHE B 773 23.95 28.96 55.99
CA PHE B 773 24.82 30.07 55.63
C PHE B 773 25.26 30.77 56.90
N PRO B 774 26.52 30.66 57.34
CA PRO B 774 26.90 31.28 58.60
C PRO B 774 26.78 32.79 58.55
N SER B 775 26.47 33.37 59.71
CA SER B 775 26.33 34.82 59.82
C SER B 775 27.66 35.51 59.59
N ARG C 22 -65.89 -1.16 24.87
CA ARG C 22 -66.59 -2.34 25.37
C ARG C 22 -65.59 -3.33 25.98
N PRO C 23 -66.01 -4.06 27.02
CA PRO C 23 -65.12 -5.07 27.61
C PRO C 23 -65.02 -6.35 26.79
N ASN C 24 -65.82 -6.49 25.73
CA ASN C 24 -65.83 -7.69 24.92
C ASN C 24 -64.85 -7.56 23.76
N ARG C 25 -63.84 -6.71 23.90
CA ARG C 25 -62.87 -6.46 22.85
C ARG C 25 -61.46 -6.74 23.36
N LEU C 26 -60.59 -7.14 22.44
CA LEU C 26 -59.19 -7.38 22.73
C LEU C 26 -58.38 -6.84 21.57
N ILE C 27 -57.06 -7.03 21.65
CA ILE C 27 -56.15 -6.58 20.60
C ILE C 27 -55.51 -7.80 19.95
N VAL C 28 -55.53 -7.84 18.62
CA VAL C 28 -55.01 -9.00 17.90
C VAL C 28 -53.49 -8.97 17.90
N ASP C 29 -52.87 -10.13 18.13
CA ASP C 29 -51.42 -10.25 18.15
C ASP C 29 -51.03 -11.53 17.41
N GLU C 30 -49.71 -11.72 17.28
CA GLU C 30 -49.20 -12.81 16.47
C GLU C 30 -49.62 -14.16 17.04
N ALA C 31 -49.86 -15.12 16.15
CA ALA C 31 -50.36 -16.42 16.54
C ALA C 31 -49.26 -17.26 17.19
N ILE C 32 -49.69 -18.22 18.02
CA ILE C 32 -48.77 -19.18 18.62
C ILE C 32 -48.66 -20.45 17.81
N ASN C 33 -49.62 -20.73 16.93
CA ASN C 33 -49.62 -21.95 16.13
C ASN C 33 -49.94 -21.60 14.69
N GLU C 34 -49.53 -22.49 13.79
CA GLU C 34 -49.75 -22.29 12.36
C GLU C 34 -51.19 -22.57 11.94
N ASP C 35 -51.97 -23.26 12.76
CA ASP C 35 -53.33 -23.62 12.40
C ASP C 35 -54.24 -22.39 12.50
N ASN C 36 -55.19 -22.30 11.58
CA ASN C 36 -56.19 -21.25 11.60
C ASN C 36 -57.41 -21.72 12.38
N SER C 37 -58.41 -20.85 12.50
CA SER C 37 -59.67 -21.13 13.18
C SER C 37 -59.49 -21.39 14.67
N VAL C 38 -58.29 -21.19 15.21
CA VAL C 38 -58.03 -21.38 16.64
C VAL C 38 -57.44 -20.08 17.16
N VAL C 39 -58.05 -19.55 18.22
CA VAL C 39 -57.70 -18.24 18.76
C VAL C 39 -57.37 -18.40 20.23
N SER C 40 -56.26 -17.80 20.66
CA SER C 40 -55.81 -17.94 22.04
C SER C 40 -56.33 -16.79 22.88
N LEU C 41 -56.84 -17.11 24.06
CA LEU C 41 -57.33 -16.13 25.02
C LEU C 41 -56.66 -16.36 26.37
N SER C 42 -56.29 -15.27 27.02
CA SER C 42 -55.78 -15.37 28.38
C SER C 42 -56.82 -16.03 29.27
N GLN C 43 -56.40 -17.06 30.00
CA GLN C 43 -57.35 -17.80 30.84
C GLN C 43 -58.02 -16.90 31.86
N PRO C 44 -57.33 -15.98 32.54
CA PRO C 44 -58.04 -14.99 33.37
C PRO C 44 -59.06 -14.17 32.59
N LYS C 45 -58.80 -13.87 31.33
CA LYS C 45 -59.72 -13.06 30.54
C LYS C 45 -60.89 -13.86 30.01
N MET C 46 -60.78 -15.19 29.94
CA MET C 46 -61.84 -15.99 29.35
C MET C 46 -63.14 -15.89 30.14
N ASP C 47 -63.09 -16.10 31.45
CA ASP C 47 -64.30 -16.09 32.25
C ASP C 47 -64.96 -14.73 32.24
N GLU C 48 -64.19 -13.66 32.41
CA GLU C 48 -64.75 -12.32 32.34
C GLU C 48 -65.36 -12.06 30.97
N LEU C 49 -64.82 -12.69 29.94
CA LEU C 49 -65.37 -12.61 28.59
C LEU C 49 -66.56 -13.54 28.40
N GLN C 50 -66.94 -14.31 29.42
CA GLN C 50 -68.06 -15.26 29.34
C GLN C 50 -67.80 -16.31 28.27
N LEU C 51 -66.57 -16.81 28.23
CA LEU C 51 -66.17 -17.91 27.36
C LEU C 51 -65.45 -18.96 28.17
N PHE C 52 -65.58 -20.22 27.75
CA PHE C 52 -65.08 -21.36 28.49
C PHE C 52 -64.07 -22.14 27.66
N ARG C 53 -63.68 -23.30 28.18
CA ARG C 53 -62.49 -24.01 27.71
C ARG C 53 -62.53 -24.34 26.22
N GLY C 54 -63.71 -24.58 25.64
CA GLY C 54 -63.80 -25.01 24.27
C GLY C 54 -64.93 -24.34 23.50
N ASP C 55 -65.37 -23.18 23.96
CA ASP C 55 -66.48 -22.51 23.33
C ASP C 55 -66.08 -21.95 21.97
N THR C 56 -67.09 -21.60 21.18
CA THR C 56 -66.86 -20.98 19.87
C THR C 56 -66.73 -19.48 20.07
N VAL C 57 -65.55 -18.95 19.79
CA VAL C 57 -65.26 -17.53 19.97
C VAL C 57 -65.63 -16.83 18.67
N LEU C 58 -66.82 -16.24 18.62
CA LEU C 58 -67.19 -15.41 17.49
C LEU C 58 -66.37 -14.13 17.53
N LEU C 59 -66.12 -13.54 16.36
CA LEU C 59 -65.24 -12.40 16.24
C LEU C 59 -65.86 -11.38 15.29
N LYS C 60 -65.74 -10.11 15.66
CA LYS C 60 -66.25 -9.00 14.84
C LYS C 60 -65.11 -8.02 14.63
N GLY C 61 -64.70 -7.85 13.38
CA GLY C 61 -63.51 -7.10 13.06
C GLY C 61 -63.75 -5.61 12.98
N LYS C 62 -62.67 -4.89 12.67
CA LYS C 62 -62.74 -3.44 12.58
C LYS C 62 -63.70 -3.00 11.49
N LYS C 63 -63.59 -3.60 10.30
CA LYS C 63 -64.55 -3.32 9.27
C LYS C 63 -65.87 -4.05 9.57
N ARG C 64 -66.85 -3.88 8.70
CA ARG C 64 -68.15 -4.52 8.90
C ARG C 64 -68.03 -5.99 8.53
N ARG C 65 -67.13 -6.70 9.22
CA ARG C 65 -66.72 -8.04 8.84
C ARG C 65 -66.66 -8.91 10.09
N GLU C 66 -67.18 -10.13 9.98
CA GLU C 66 -67.29 -11.04 11.11
C GLU C 66 -66.79 -12.41 10.72
N ALA C 67 -66.32 -13.15 11.73
CA ALA C 67 -65.83 -14.51 11.55
C ALA C 67 -66.01 -15.24 12.88
N VAL C 68 -65.38 -16.40 13.00
CA VAL C 68 -65.49 -17.22 14.21
C VAL C 68 -64.27 -18.12 14.28
N CYS C 69 -63.92 -18.52 15.51
CA CYS C 69 -62.81 -19.42 15.74
C CYS C 69 -63.11 -20.30 16.95
N ILE C 70 -62.19 -21.20 17.24
CA ILE C 70 -62.26 -22.03 18.44
C ILE C 70 -61.31 -21.46 19.48
N VAL C 71 -61.67 -21.58 20.74
CA VAL C 71 -60.90 -20.97 21.81
C VAL C 71 -59.64 -21.80 22.08
N LEU C 72 -58.60 -21.11 22.53
CA LEU C 72 -57.35 -21.72 22.95
C LEU C 72 -56.78 -20.80 24.03
N SER C 73 -55.68 -21.24 24.65
CA SER C 73 -55.01 -20.39 25.63
C SER C 73 -53.55 -20.79 25.74
N ASP C 74 -52.70 -19.77 25.87
CA ASP C 74 -51.30 -19.95 26.25
C ASP C 74 -50.98 -18.92 27.31
N ASP C 75 -50.32 -19.38 28.39
CA ASP C 75 -50.12 -18.52 29.55
C ASP C 75 -49.26 -17.30 29.25
N THR C 76 -48.52 -17.31 28.14
CA THR C 76 -47.77 -16.11 27.74
C THR C 76 -48.69 -14.99 27.31
N CYS C 77 -49.92 -15.29 26.90
CA CYS C 77 -50.85 -14.25 26.48
C CYS C 77 -51.23 -13.37 27.66
N SER C 78 -51.21 -12.05 27.43
CA SER C 78 -51.73 -11.11 28.41
C SER C 78 -53.24 -10.98 28.24
N ASP C 79 -53.88 -10.42 29.27
CA ASP C 79 -55.32 -10.15 29.19
C ASP C 79 -55.67 -9.23 28.04
N GLU C 80 -54.71 -8.44 27.55
CA GLU C 80 -54.93 -7.54 26.43
C GLU C 80 -54.94 -8.28 25.09
N LYS C 81 -54.14 -9.33 24.96
CA LYS C 81 -53.87 -9.92 23.66
C LYS C 81 -54.79 -11.09 23.35
N ILE C 82 -55.16 -11.20 22.09
CA ILE C 82 -55.82 -12.37 21.53
C ILE C 82 -55.07 -12.72 20.25
N ARG C 83 -54.73 -13.98 20.08
CA ARG C 83 -53.82 -14.40 19.03
C ARG C 83 -54.60 -14.88 17.82
N MET C 84 -54.35 -14.25 16.66
CA MET C 84 -54.96 -14.66 15.40
C MET C 84 -53.92 -14.54 14.28
N ASN C 85 -53.83 -15.59 13.46
CA ASN C 85 -52.89 -15.59 12.35
C ASN C 85 -53.54 -14.99 11.10
N ARG C 86 -52.72 -14.88 10.04
CA ARG C 86 -53.13 -14.16 8.85
C ARG C 86 -54.44 -14.70 8.28
N VAL C 87 -54.68 -16.00 8.44
CA VAL C 87 -55.90 -16.58 7.89
C VAL C 87 -57.12 -15.94 8.53
N VAL C 88 -57.03 -15.59 9.80
CA VAL C 88 -58.16 -15.00 10.52
C VAL C 88 -58.13 -13.48 10.46
N ARG C 89 -56.93 -12.88 10.56
CA ARG C 89 -56.84 -11.43 10.60
C ARG C 89 -57.39 -10.81 9.33
N ASN C 90 -56.74 -11.05 8.19
CA ASN C 90 -57.21 -10.46 6.95
C ASN C 90 -58.52 -11.08 6.49
N ASN C 91 -59.02 -12.11 7.18
CA ASN C 91 -60.40 -12.53 7.00
C ASN C 91 -61.36 -11.55 7.66
N LEU C 92 -60.93 -10.91 8.75
CA LEU C 92 -61.65 -9.77 9.30
C LEU C 92 -61.16 -8.44 8.74
N ARG C 93 -60.19 -8.47 7.83
CA ARG C 93 -59.60 -7.24 7.29
C ARG C 93 -59.04 -6.38 8.42
N VAL C 94 -58.43 -7.05 9.40
CA VAL C 94 -57.86 -6.40 10.57
C VAL C 94 -56.34 -6.55 10.52
N ARG C 95 -55.65 -5.42 10.50
CA ARG C 95 -54.20 -5.47 10.56
C ARG C 95 -53.74 -5.87 11.96
N LEU C 96 -52.52 -6.40 12.04
CA LEU C 96 -51.99 -6.89 13.30
C LEU C 96 -51.92 -5.76 14.32
N GLY C 97 -52.38 -6.02 15.53
CA GLY C 97 -52.34 -5.05 16.61
C GLY C 97 -53.55 -4.16 16.74
N ASP C 98 -54.67 -4.49 16.11
CA ASP C 98 -55.89 -3.70 16.18
C ASP C 98 -56.94 -4.40 17.03
N VAL C 99 -58.07 -3.72 17.22
CA VAL C 99 -59.07 -4.18 18.18
C VAL C 99 -60.07 -5.11 17.50
N ILE C 100 -60.33 -6.24 18.14
CA ILE C 100 -61.24 -7.27 17.66
C ILE C 100 -62.30 -7.50 18.73
N SER C 101 -63.56 -7.51 18.32
CA SER C 101 -64.70 -7.69 19.22
C SER C 101 -65.12 -9.16 19.22
N ILE C 102 -65.40 -9.69 20.41
CA ILE C 102 -65.78 -11.08 20.60
C ILE C 102 -67.23 -11.12 21.07
N GLN C 103 -68.04 -11.96 20.43
CA GLN C 103 -69.49 -11.95 20.61
C GLN C 103 -70.03 -13.38 20.56
N PRO C 104 -69.78 -14.17 21.61
CA PRO C 104 -70.11 -15.60 21.55
C PRO C 104 -71.61 -15.85 21.57
N CYS C 105 -72.10 -16.49 20.50
CA CYS C 105 -73.50 -16.92 20.42
C CYS C 105 -73.65 -17.99 19.35
N PRO C 106 -73.38 -19.26 19.65
CA PRO C 106 -73.45 -20.30 18.62
C PRO C 106 -74.82 -20.97 18.56
N ASP C 107 -75.16 -21.39 17.35
CA ASP C 107 -76.33 -22.24 17.11
C ASP C 107 -75.94 -23.72 17.19
N VAL C 108 -76.96 -24.58 17.24
CA VAL C 108 -76.73 -26.01 17.24
C VAL C 108 -76.77 -26.63 15.85
N LYS C 109 -77.06 -25.83 14.83
CA LYS C 109 -77.26 -26.35 13.47
C LYS C 109 -75.92 -26.38 12.74
N TYR C 110 -75.31 -27.56 12.72
CA TYR C 110 -74.13 -27.75 11.88
C TYR C 110 -74.50 -27.56 10.42
N GLY C 111 -73.58 -26.99 9.65
CA GLY C 111 -73.92 -26.53 8.32
C GLY C 111 -74.44 -27.66 7.45
N LYS C 112 -75.33 -27.30 6.53
CA LYS C 112 -75.83 -28.19 5.50
C LYS C 112 -75.61 -27.59 4.13
N ARG C 113 -75.07 -28.41 3.22
CA ARG C 113 -74.84 -28.00 1.83
C ARG C 113 -73.89 -26.81 1.75
N ILE C 114 -72.97 -26.71 2.70
CA ILE C 114 -71.99 -25.63 2.65
C ILE C 114 -71.17 -25.76 1.39
N HIS C 115 -70.64 -24.63 0.92
CA HIS C 115 -70.13 -24.53 -0.43
C HIS C 115 -68.87 -23.66 -0.39
N VAL C 116 -68.00 -23.86 -1.37
CA VAL C 116 -66.80 -23.05 -1.51
C VAL C 116 -66.33 -23.17 -2.96
N LEU C 117 -65.46 -22.27 -3.40
CA LEU C 117 -65.00 -22.27 -4.78
C LEU C 117 -63.51 -21.95 -4.80
N PRO C 118 -62.82 -22.27 -5.91
CA PRO C 118 -61.46 -21.77 -6.11
C PRO C 118 -61.45 -20.47 -6.88
N ILE C 119 -62.18 -19.46 -6.42
CA ILE C 119 -62.17 -18.17 -7.08
C ILE C 119 -60.96 -17.41 -6.52
N ASP C 120 -59.79 -17.74 -7.04
CA ASP C 120 -58.53 -17.27 -6.49
C ASP C 120 -57.43 -17.49 -7.53
N ASP C 121 -56.37 -16.69 -7.43
CA ASP C 121 -55.19 -16.90 -8.26
C ASP C 121 -54.25 -17.96 -7.70
N THR C 122 -54.55 -18.48 -6.51
CA THR C 122 -53.66 -19.46 -5.88
C THR C 122 -53.62 -20.77 -6.65
N VAL C 123 -54.64 -21.05 -7.47
CA VAL C 123 -54.78 -22.35 -8.10
C VAL C 123 -54.25 -22.30 -9.53
N GLU C 124 -53.39 -21.34 -9.83
CA GLU C 124 -52.80 -21.24 -11.16
C GLU C 124 -52.06 -22.53 -11.50
N GLY C 125 -52.37 -23.08 -12.68
CA GLY C 125 -51.71 -24.26 -13.16
C GLY C 125 -52.06 -25.56 -12.46
N ILE C 126 -52.73 -25.49 -11.30
CA ILE C 126 -53.04 -26.70 -10.56
C ILE C 126 -54.08 -27.51 -11.31
N THR C 127 -53.98 -28.83 -11.22
CA THR C 127 -54.87 -29.73 -11.93
C THR C 127 -55.38 -30.79 -10.96
N GLY C 128 -56.25 -31.65 -11.48
CA GLY C 128 -56.82 -32.72 -10.68
C GLY C 128 -57.93 -32.22 -9.78
N ASN C 129 -58.44 -33.12 -8.96
CA ASN C 129 -59.49 -32.80 -8.00
C ASN C 129 -58.84 -32.19 -6.77
N LEU C 130 -58.56 -30.89 -6.87
CA LEU C 130 -58.03 -30.15 -5.73
C LEU C 130 -59.00 -30.15 -4.55
N PHE C 131 -60.26 -30.47 -4.79
CA PHE C 131 -61.22 -30.56 -3.69
C PHE C 131 -60.93 -31.76 -2.80
N GLU C 132 -60.62 -32.91 -3.42
CA GLU C 132 -60.36 -34.13 -2.65
C GLU C 132 -59.13 -33.98 -1.77
N VAL C 133 -58.06 -33.41 -2.30
CA VAL C 133 -56.78 -33.41 -1.59
C VAL C 133 -56.75 -32.33 -0.51
N TYR C 134 -57.26 -31.14 -0.83
CA TYR C 134 -57.15 -30.01 0.09
C TYR C 134 -58.38 -29.86 0.98
N LEU C 135 -59.54 -29.64 0.36
CA LEU C 135 -60.70 -29.16 1.11
C LEU C 135 -61.29 -30.26 1.99
N LYS C 136 -61.42 -31.46 1.45
CA LYS C 136 -62.10 -32.52 2.21
C LYS C 136 -61.38 -32.87 3.51
N PRO C 137 -60.06 -33.07 3.55
CA PRO C 137 -59.43 -33.34 4.86
C PRO C 137 -59.43 -32.14 5.77
N TYR C 138 -59.21 -30.94 5.24
CA TYR C 138 -59.22 -29.74 6.06
C TYR C 138 -60.58 -29.53 6.72
N PHE C 139 -61.65 -29.99 6.07
CA PHE C 139 -62.99 -29.86 6.64
C PHE C 139 -63.30 -31.00 7.59
N LEU C 140 -63.27 -32.24 7.11
CA LEU C 140 -63.78 -33.36 7.89
C LEU C 140 -62.86 -33.77 9.03
N GLU C 141 -61.54 -33.71 8.84
CA GLU C 141 -60.64 -34.11 9.92
C GLU C 141 -60.69 -33.15 11.10
N ALA C 142 -61.05 -31.89 10.85
CA ALA C 142 -61.02 -30.87 11.90
C ALA C 142 -62.40 -30.60 12.49
N TYR C 143 -63.46 -30.69 11.70
CA TYR C 143 -64.81 -30.33 12.15
C TYR C 143 -64.80 -28.91 12.72
N ARG C 144 -64.11 -28.02 12.03
CA ARG C 144 -63.86 -26.67 12.51
C ARG C 144 -65.02 -25.74 12.16
N PRO C 145 -65.12 -24.58 12.83
CA PRO C 145 -66.20 -23.64 12.53
C PRO C 145 -65.93 -22.86 11.25
N ILE C 146 -66.98 -22.74 10.44
CA ILE C 146 -66.92 -22.08 9.15
C ILE C 146 -68.03 -21.06 9.08
N ARG C 147 -67.75 -19.92 8.44
CA ARG C 147 -68.73 -18.88 8.21
C ARG C 147 -68.57 -18.37 6.80
N LYS C 148 -69.69 -18.11 6.11
CA LYS C 148 -69.62 -17.81 4.70
C LYS C 148 -68.99 -16.45 4.45
N GLY C 149 -68.45 -16.29 3.25
CA GLY C 149 -67.70 -15.11 2.89
C GLY C 149 -66.28 -15.09 3.41
N ASP C 150 -65.84 -16.13 4.11
CA ASP C 150 -64.56 -16.11 4.79
C ASP C 150 -63.53 -16.95 4.04
N ILE C 151 -62.39 -16.35 3.75
CA ILE C 151 -61.29 -17.06 3.11
C ILE C 151 -60.59 -17.91 4.15
N PHE C 152 -60.20 -19.12 3.74
CA PHE C 152 -59.48 -20.03 4.60
C PHE C 152 -58.38 -20.72 3.81
N LEU C 153 -57.22 -20.85 4.43
CA LEU C 153 -56.01 -21.34 3.78
C LEU C 153 -55.72 -22.77 4.25
N VAL C 154 -55.44 -23.65 3.29
CA VAL C 154 -55.06 -25.03 3.57
C VAL C 154 -53.77 -25.31 2.80
N ARG C 155 -52.81 -25.93 3.47
CA ARG C 155 -51.48 -26.14 2.91
C ARG C 155 -51.28 -27.62 2.66
N GLY C 156 -50.64 -27.93 1.53
CA GLY C 156 -50.38 -29.30 1.14
C GLY C 156 -49.99 -29.36 -0.32
N GLY C 157 -49.44 -30.49 -0.75
CA GLY C 157 -49.03 -30.61 -2.15
C GLY C 157 -48.05 -29.54 -2.56
N MET C 158 -47.27 -29.02 -1.62
CA MET C 158 -46.30 -27.97 -1.89
C MET C 158 -46.95 -26.68 -2.35
N ARG C 159 -48.23 -26.51 -2.04
CA ARG C 159 -48.97 -25.28 -2.31
C ARG C 159 -49.78 -24.88 -1.08
N ALA C 160 -49.91 -23.57 -0.90
CA ALA C 160 -50.86 -23.01 0.05
C ALA C 160 -52.05 -22.49 -0.75
N VAL C 161 -53.20 -23.14 -0.60
CA VAL C 161 -54.38 -22.86 -1.40
C VAL C 161 -55.46 -22.33 -0.47
N GLU C 162 -55.96 -21.13 -0.76
CA GLU C 162 -56.99 -20.49 0.04
C GLU C 162 -58.28 -20.37 -0.77
N PHE C 163 -59.41 -20.69 -0.13
CA PHE C 163 -60.71 -20.62 -0.78
C PHE C 163 -61.67 -19.77 0.03
N LYS C 164 -62.58 -19.11 -0.67
CA LYS C 164 -63.59 -18.24 -0.06
C LYS C 164 -64.90 -18.99 0.06
N VAL C 165 -65.29 -19.32 1.29
CA VAL C 165 -66.55 -20.00 1.55
C VAL C 165 -67.65 -19.19 0.88
N VAL C 166 -68.75 -19.86 0.52
CA VAL C 166 -69.82 -19.20 -0.22
C VAL C 166 -71.21 -19.54 0.31
N GLU C 167 -71.37 -20.56 1.15
CA GLU C 167 -72.68 -20.87 1.71
C GLU C 167 -72.48 -21.66 2.99
N THR C 168 -73.26 -21.31 4.01
CA THR C 168 -73.15 -22.00 5.30
C THR C 168 -74.51 -22.18 5.95
N ASP C 169 -75.61 -21.99 5.23
CA ASP C 169 -76.93 -21.71 5.81
C ASP C 169 -76.86 -20.30 6.41
N PRO C 170 -78.00 -19.63 6.65
CA PRO C 170 -77.94 -18.26 7.16
C PRO C 170 -77.43 -18.15 8.59
N SER C 171 -77.01 -19.25 9.22
CA SER C 171 -76.54 -19.22 10.60
C SER C 171 -75.33 -18.32 10.72
N PRO C 172 -75.17 -17.59 11.83
CA PRO C 172 -73.96 -16.76 12.00
C PRO C 172 -72.68 -17.57 12.04
N TYR C 173 -72.76 -18.85 12.37
CA TYR C 173 -71.61 -19.73 12.36
C TYR C 173 -72.09 -21.12 12.00
N CYS C 174 -71.19 -21.95 11.48
CA CYS C 174 -71.50 -23.34 11.25
C CYS C 174 -70.24 -24.15 11.42
N ILE C 175 -70.39 -25.35 12.00
CA ILE C 175 -69.30 -26.27 12.24
C ILE C 175 -69.49 -27.47 11.31
N VAL C 176 -68.43 -27.83 10.60
CA VAL C 176 -68.49 -28.97 9.69
C VAL C 176 -68.58 -30.26 10.49
N ALA C 177 -69.45 -31.16 10.04
CA ALA C 177 -69.74 -32.39 10.75
C ALA C 177 -70.14 -33.46 9.75
N PRO C 178 -70.40 -34.70 10.18
CA PRO C 178 -70.80 -35.74 9.22
C PRO C 178 -72.04 -35.38 8.41
N ASP C 179 -73.02 -34.72 9.02
CA ASP C 179 -74.22 -34.30 8.30
C ASP C 179 -74.00 -33.06 7.45
N THR C 180 -72.80 -32.47 7.50
CA THR C 180 -72.45 -31.33 6.65
C THR C 180 -72.06 -31.87 5.28
N VAL C 181 -72.98 -31.76 4.33
CA VAL C 181 -72.72 -32.26 2.99
C VAL C 181 -71.99 -31.18 2.20
N ILE C 182 -70.67 -31.15 2.36
CA ILE C 182 -69.84 -30.12 1.75
C ILE C 182 -70.03 -30.16 0.23
N HIS C 183 -69.66 -29.07 -0.44
CA HIS C 183 -69.82 -28.97 -1.88
C HIS C 183 -68.70 -28.10 -2.42
N CYS C 184 -68.50 -28.18 -3.74
CA CYS C 184 -67.52 -27.35 -4.41
C CYS C 184 -67.99 -27.08 -5.83
N GLU C 185 -67.50 -25.97 -6.39
CA GLU C 185 -67.79 -25.58 -7.77
C GLU C 185 -66.60 -24.76 -8.27
N GLY C 186 -66.57 -24.52 -9.57
CA GLY C 186 -65.44 -23.83 -10.18
C GLY C 186 -65.81 -22.54 -10.89
N GLU C 187 -64.99 -21.51 -10.73
CA GLU C 187 -65.18 -20.23 -11.42
C GLU C 187 -63.83 -19.57 -11.59
N PRO C 188 -63.72 -18.60 -12.53
CA PRO C 188 -62.41 -17.99 -12.79
C PRO C 188 -62.14 -16.70 -12.02
N ILE C 189 -63.15 -16.17 -11.31
CA ILE C 189 -63.00 -14.86 -10.69
C ILE C 189 -61.95 -14.91 -9.60
N LYS C 190 -61.16 -13.85 -9.49
CA LYS C 190 -60.07 -13.77 -8.54
C LYS C 190 -60.54 -13.05 -7.28
N ARG C 191 -59.60 -12.82 -6.36
CA ARG C 191 -59.94 -12.21 -5.07
C ARG C 191 -60.27 -10.74 -5.26
N GLU C 192 -61.02 -10.20 -4.30
CA GLU C 192 -61.40 -8.80 -4.34
C GLU C 192 -60.28 -7.90 -3.84
N ASP C 193 -60.41 -6.61 -4.12
CA ASP C 193 -59.45 -5.64 -3.63
C ASP C 193 -59.39 -5.62 -2.10
N GLU C 194 -60.52 -5.86 -1.43
CA GLU C 194 -60.53 -5.88 0.02
C GLU C 194 -59.69 -7.02 0.58
N GLU C 195 -59.51 -8.10 -0.17
CA GLU C 195 -58.78 -9.27 0.30
C GLU C 195 -57.28 -9.05 0.15
N GLU C 196 -56.53 -9.43 1.18
CA GLU C 196 -55.09 -9.34 1.13
C GLU C 196 -54.53 -10.49 0.30
N SER C 197 -53.43 -10.21 -0.39
CA SER C 197 -52.74 -11.22 -1.20
C SER C 197 -52.00 -12.15 -0.24
N LEU C 198 -52.69 -13.22 0.15
CA LEU C 198 -52.14 -14.15 1.12
C LEU C 198 -50.95 -14.94 0.59
N ASN C 199 -50.70 -14.90 -0.72
CA ASN C 199 -49.54 -15.59 -1.26
C ASN C 199 -48.23 -14.91 -0.87
N GLU C 200 -48.28 -13.67 -0.39
CA GLU C 200 -47.09 -12.92 -0.04
C GLU C 200 -46.97 -12.80 1.48
N VAL C 201 -45.81 -12.32 1.91
CA VAL C 201 -45.29 -12.56 3.26
C VAL C 201 -46.11 -11.85 4.32
N GLY C 202 -45.86 -12.20 5.57
CA GLY C 202 -46.44 -11.52 6.71
C GLY C 202 -45.51 -11.66 7.89
N TYR C 203 -46.07 -11.44 9.09
CA TYR C 203 -45.25 -11.60 10.29
C TYR C 203 -44.97 -13.05 10.59
N ASP C 204 -45.88 -13.96 10.23
CA ASP C 204 -45.70 -15.38 10.50
C ASP C 204 -44.72 -16.04 9.55
N ASP C 205 -44.30 -15.36 8.48
CA ASP C 205 -43.35 -15.92 7.54
C ASP C 205 -41.91 -15.56 7.88
N ILE C 206 -41.65 -15.10 9.09
CA ILE C 206 -40.30 -14.87 9.60
C ILE C 206 -40.15 -15.64 10.90
N GLY C 207 -39.13 -16.49 10.97
CA GLY C 207 -38.96 -17.35 12.13
C GLY C 207 -37.65 -17.19 12.87
N GLY C 208 -36.60 -16.81 12.14
CA GLY C 208 -35.26 -16.83 12.72
C GLY C 208 -34.96 -15.70 13.66
N CYS C 209 -35.73 -14.62 13.61
CA CYS C 209 -35.36 -13.37 14.27
C CYS C 209 -36.54 -12.79 15.03
N ARG C 210 -37.20 -13.62 15.85
CA ARG C 210 -38.34 -13.11 16.61
C ARG C 210 -37.95 -11.94 17.51
N LYS C 211 -36.73 -11.94 18.05
CA LYS C 211 -36.29 -10.81 18.87
C LYS C 211 -36.20 -9.54 18.04
N GLN C 212 -35.48 -9.60 16.92
CA GLN C 212 -35.34 -8.42 16.08
C GLN C 212 -36.66 -8.05 15.42
N LEU C 213 -37.47 -9.05 15.08
CA LEU C 213 -38.79 -8.75 14.53
C LEU C 213 -39.66 -8.03 15.54
N ALA C 214 -39.62 -8.45 16.82
CA ALA C 214 -40.34 -7.74 17.85
C ALA C 214 -39.81 -6.32 17.99
N GLN C 215 -38.50 -6.16 17.96
CA GLN C 215 -37.90 -4.82 18.01
C GLN C 215 -38.43 -3.95 16.89
N ILE C 216 -38.40 -4.45 15.65
CA ILE C 216 -38.81 -3.65 14.50
C ILE C 216 -40.29 -3.32 14.57
N LYS C 217 -41.12 -4.31 14.88
CA LYS C 217 -42.54 -4.06 14.89
C LYS C 217 -42.93 -3.09 16.01
N GLU C 218 -42.29 -3.20 17.17
CA GLU C 218 -42.50 -2.21 18.22
C GLU C 218 -41.99 -0.84 17.79
N MET C 219 -40.93 -0.82 17.00
CA MET C 219 -40.30 0.43 16.59
C MET C 219 -41.13 1.17 15.55
N VAL C 220 -41.91 0.45 14.74
CA VAL C 220 -42.62 1.07 13.63
C VAL C 220 -44.11 0.73 13.61
N GLU C 221 -44.69 0.26 14.71
CA GLU C 221 -46.14 0.13 14.75
C GLU C 221 -46.80 1.47 15.05
N LEU C 222 -46.08 2.38 15.69
CA LEU C 222 -46.69 3.65 16.08
C LEU C 222 -46.73 4.63 14.91
N PRO C 223 -45.66 4.80 14.11
CA PRO C 223 -45.78 5.65 12.93
C PRO C 223 -46.72 5.10 11.87
N LEU C 224 -46.56 3.83 11.50
CA LEU C 224 -47.22 3.32 10.32
C LEU C 224 -48.70 3.05 10.56
N ARG C 225 -49.03 2.37 11.66
CA ARG C 225 -50.44 2.13 11.94
C ARG C 225 -51.18 3.43 12.21
N HIS C 226 -50.56 4.36 12.94
CA HIS C 226 -51.18 5.64 13.30
C HIS C 226 -50.25 6.79 12.95
N PRO C 227 -50.12 7.13 11.66
CA PRO C 227 -49.26 8.27 11.31
C PRO C 227 -49.71 9.56 11.93
N ALA C 228 -51.00 9.71 12.21
CA ALA C 228 -51.45 10.91 12.89
C ALA C 228 -51.00 10.92 14.34
N LEU C 229 -50.75 9.73 14.89
CA LEU C 229 -50.30 9.59 16.27
C LEU C 229 -48.99 10.34 16.47
N PHE C 230 -48.22 10.50 15.40
CA PHE C 230 -47.09 11.41 15.39
C PHE C 230 -47.43 12.76 14.80
N LYS C 231 -48.33 12.82 13.82
CA LYS C 231 -48.57 14.09 13.16
C LYS C 231 -48.92 15.19 14.16
N ALA C 232 -49.86 14.95 15.08
CA ALA C 232 -50.26 16.03 15.97
C ALA C 232 -49.26 16.30 17.09
N ILE C 233 -48.73 15.25 17.73
CA ILE C 233 -47.77 15.44 18.82
C ILE C 233 -46.37 15.60 18.25
N GLY C 234 -45.50 16.25 19.02
CA GLY C 234 -44.22 16.72 18.50
C GLY C 234 -43.06 15.76 18.53
N VAL C 235 -43.21 14.55 19.07
CA VAL C 235 -42.08 13.62 19.09
C VAL C 235 -41.70 13.27 17.66
N LYS C 236 -40.39 13.20 17.41
CA LYS C 236 -39.89 12.87 16.09
C LYS C 236 -39.87 11.35 15.93
N PRO C 237 -40.61 10.78 14.98
CA PRO C 237 -40.68 9.33 14.88
C PRO C 237 -39.39 8.75 14.38
N PRO C 238 -39.23 7.43 14.40
CA PRO C 238 -38.14 6.82 13.63
C PRO C 238 -38.28 7.17 12.17
N ARG C 239 -37.35 7.97 11.64
CA ARG C 239 -37.39 8.36 10.24
C ARG C 239 -36.68 7.37 9.33
N GLY C 240 -35.79 6.57 9.87
CA GLY C 240 -35.05 5.61 9.06
C GLY C 240 -34.54 4.46 9.89
N ILE C 241 -34.87 3.26 9.46
CA ILE C 241 -34.33 2.04 10.03
C ILE C 241 -33.35 1.44 9.03
N LEU C 242 -32.28 0.86 9.54
CA LEU C 242 -31.24 0.26 8.71
C LEU C 242 -31.09 -1.18 9.14
N LEU C 243 -31.91 -2.06 8.58
CA LEU C 243 -31.71 -3.48 8.79
C LEU C 243 -30.36 -3.87 8.22
N TYR C 244 -29.68 -4.82 8.85
CA TYR C 244 -28.45 -5.31 8.28
C TYR C 244 -28.13 -6.69 8.81
N GLY C 245 -27.24 -7.37 8.09
CA GLY C 245 -26.94 -8.76 8.30
C GLY C 245 -26.54 -9.38 6.99
N PRO C 246 -25.98 -10.58 7.03
CA PRO C 246 -25.42 -11.18 5.81
C PRO C 246 -26.51 -11.39 4.77
N PRO C 247 -26.16 -11.37 3.49
CA PRO C 247 -27.19 -11.48 2.45
C PRO C 247 -27.94 -12.80 2.56
N GLY C 248 -29.22 -12.75 2.24
CA GLY C 248 -30.08 -13.89 2.44
C GLY C 248 -30.55 -14.06 3.86
N THR C 249 -30.20 -13.15 4.77
CA THR C 249 -30.60 -13.28 6.16
C THR C 249 -32.11 -13.12 6.32
N GLY C 250 -32.80 -12.56 5.34
CA GLY C 250 -34.21 -12.25 5.46
C GLY C 250 -34.52 -10.79 5.62
N LYS C 251 -33.59 -9.90 5.27
CA LYS C 251 -33.80 -8.48 5.50
C LYS C 251 -34.96 -7.95 4.66
N THR C 252 -34.93 -8.21 3.35
CA THR C 252 -36.03 -7.78 2.51
C THR C 252 -37.31 -8.48 2.91
N LEU C 253 -37.23 -9.73 3.36
CA LEU C 253 -38.40 -10.41 3.86
C LEU C 253 -38.99 -9.67 5.04
N ILE C 254 -38.15 -9.24 5.97
CA ILE C 254 -38.65 -8.57 7.17
C ILE C 254 -39.28 -7.24 6.79
N ALA C 255 -38.63 -6.48 5.92
CA ALA C 255 -39.19 -5.20 5.50
C ALA C 255 -40.52 -5.40 4.81
N ARG C 256 -40.61 -6.39 3.92
CA ARG C 256 -41.86 -6.65 3.22
C ARG C 256 -42.94 -7.11 4.18
N ALA C 257 -42.59 -7.92 5.18
CA ALA C 257 -43.58 -8.37 6.15
C ALA C 257 -44.12 -7.20 6.95
N VAL C 258 -43.25 -6.29 7.36
CA VAL C 258 -43.72 -5.12 8.10
C VAL C 258 -44.57 -4.22 7.21
N ALA C 259 -44.14 -4.03 5.96
CA ALA C 259 -44.86 -3.16 5.05
C ALA C 259 -46.16 -3.78 4.55
N ASN C 260 -46.35 -5.08 4.72
CA ASN C 260 -47.61 -5.69 4.31
C ASN C 260 -48.77 -5.29 5.19
N GLU C 261 -48.53 -4.48 6.23
CA GLU C 261 -49.60 -3.79 6.93
C GLU C 261 -49.90 -2.42 6.34
N THR C 262 -49.01 -1.89 5.51
CA THR C 262 -49.20 -0.59 4.89
C THR C 262 -48.73 -0.62 3.43
N GLY C 263 -49.03 -1.72 2.74
CA GLY C 263 -48.51 -1.94 1.40
C GLY C 263 -49.27 -1.23 0.30
N ALA C 264 -49.55 0.06 0.49
CA ALA C 264 -50.22 0.82 -0.57
C ALA C 264 -49.26 1.13 -1.71
N PHE C 265 -48.03 1.56 -1.38
CA PHE C 265 -47.09 1.94 -2.43
C PHE C 265 -45.66 1.49 -2.12
N PHE C 266 -45.46 0.64 -1.13
CA PHE C 266 -44.11 0.22 -0.76
C PHE C 266 -43.44 -0.57 -1.87
N PHE C 267 -44.19 -1.46 -2.53
CA PHE C 267 -43.58 -2.56 -3.29
C PHE C 267 -42.74 -2.06 -4.45
N LEU C 268 -43.21 -1.02 -5.15
CA LEU C 268 -42.51 -0.53 -6.32
C LEU C 268 -41.25 0.24 -5.99
N ILE C 269 -40.94 0.44 -4.69
CA ILE C 269 -39.90 1.39 -4.29
C ILE C 269 -38.62 0.72 -3.80
N ASN C 270 -38.52 -0.60 -3.90
CA ASN C 270 -37.23 -1.24 -3.70
C ASN C 270 -36.22 -0.61 -4.65
N GLY C 271 -35.04 -0.26 -4.12
CA GLY C 271 -34.09 0.52 -4.89
C GLY C 271 -32.73 -0.09 -5.13
N PRO C 272 -32.64 -1.38 -5.46
CA PRO C 272 -31.32 -1.93 -5.81
C PRO C 272 -30.91 -1.60 -7.23
N GLU C 273 -31.92 -1.38 -8.09
CA GLU C 273 -31.67 -1.06 -9.49
C GLU C 273 -31.29 0.41 -9.70
N ILE C 274 -31.53 1.25 -8.68
CA ILE C 274 -31.40 2.69 -8.86
C ILE C 274 -29.97 3.06 -9.23
N MET C 275 -28.99 2.47 -8.55
CA MET C 275 -27.60 2.88 -8.72
C MET C 275 -27.08 2.59 -10.12
N SER C 276 -27.80 1.82 -10.93
CA SER C 276 -27.22 1.26 -12.14
C SER C 276 -27.81 1.86 -13.42
N LYS C 277 -28.65 2.88 -13.31
CA LYS C 277 -29.17 3.57 -14.51
C LYS C 277 -28.30 4.77 -14.83
N LEU C 278 -27.89 4.88 -16.08
CA LEU C 278 -26.79 5.77 -16.47
C LEU C 278 -27.02 7.20 -16.00
N ALA C 279 -26.12 7.68 -15.13
CA ALA C 279 -26.00 9.09 -14.73
C ALA C 279 -27.36 9.56 -14.18
N GLY C 280 -27.82 10.76 -14.54
CA GLY C 280 -28.96 11.37 -13.87
C GLY C 280 -30.23 10.55 -13.94
N GLU C 281 -30.31 9.60 -14.88
CA GLU C 281 -31.47 8.72 -14.93
C GLU C 281 -31.71 8.05 -13.58
N SER C 282 -30.64 7.71 -12.87
CA SER C 282 -30.79 7.22 -11.50
C SER C 282 -31.29 8.33 -10.58
N GLU C 283 -30.63 9.48 -10.61
CA GLU C 283 -30.97 10.56 -9.69
C GLU C 283 -32.42 10.98 -9.86
N SER C 284 -32.90 11.06 -11.10
CA SER C 284 -34.33 11.28 -11.30
C SER C 284 -35.15 10.15 -10.73
N ASN C 285 -34.82 8.90 -11.08
CA ASN C 285 -35.59 7.76 -10.59
C ASN C 285 -35.69 7.78 -9.08
N LEU C 286 -34.55 7.92 -8.40
CA LEU C 286 -34.55 7.98 -6.95
C LEU C 286 -35.53 9.01 -6.44
N ARG C 287 -35.51 10.22 -7.02
CA ARG C 287 -36.46 11.24 -6.60
C ARG C 287 -37.88 10.73 -6.74
N LYS C 288 -38.22 10.20 -7.93
CA LYS C 288 -39.55 9.66 -8.13
C LYS C 288 -39.86 8.59 -7.11
N ALA C 289 -38.85 7.78 -6.74
CA ALA C 289 -39.08 6.74 -5.75
C ALA C 289 -39.56 7.33 -4.44
N PHE C 290 -38.94 8.43 -4.01
CA PHE C 290 -39.40 9.11 -2.81
C PHE C 290 -40.73 9.81 -3.07
N GLU C 291 -40.89 10.35 -4.28
CA GLU C 291 -42.08 11.14 -4.60
C GLU C 291 -43.34 10.28 -4.61
N GLU C 292 -43.23 9.06 -5.14
CA GLU C 292 -44.40 8.22 -5.33
C GLU C 292 -44.70 7.31 -4.15
N ALA C 293 -43.71 7.00 -3.32
CA ALA C 293 -43.97 6.16 -2.16
C ALA C 293 -44.93 6.85 -1.18
N GLU C 294 -44.74 8.15 -0.97
CA GLU C 294 -45.56 8.90 -0.02
C GLU C 294 -46.94 9.24 -0.55
N LYS C 295 -47.19 9.01 -1.84
CA LYS C 295 -48.39 9.57 -2.46
C LYS C 295 -49.68 9.00 -1.91
N ASN C 296 -49.66 7.80 -1.32
CA ASN C 296 -50.87 7.18 -0.82
C ASN C 296 -50.56 6.34 0.41
N ALA C 297 -51.21 6.68 1.54
CA ALA C 297 -51.13 5.92 2.78
C ALA C 297 -49.71 5.92 3.33
N PRO C 298 -49.50 5.50 4.59
CA PRO C 298 -48.14 5.28 5.06
C PRO C 298 -47.44 4.23 4.22
N ALA C 299 -46.18 4.48 3.91
CA ALA C 299 -45.45 3.62 2.99
C ALA C 299 -44.02 3.48 3.47
N ILE C 300 -43.47 2.29 3.27
CA ILE C 300 -42.08 2.00 3.56
C ILE C 300 -41.29 2.16 2.27
N ILE C 301 -40.12 2.77 2.35
CA ILE C 301 -39.24 2.91 1.20
C ILE C 301 -38.00 2.08 1.49
N PHE C 302 -37.90 0.93 0.85
CA PHE C 302 -36.83 -0.01 1.12
C PHE C 302 -35.68 0.28 0.18
N ILE C 303 -34.58 0.79 0.72
CA ILE C 303 -33.39 1.01 -0.09
C ILE C 303 -32.57 -0.27 -0.07
N ASP C 304 -32.95 -1.22 -0.91
CA ASP C 304 -32.30 -2.52 -0.90
C ASP C 304 -30.82 -2.38 -1.24
N GLU C 305 -29.98 -3.05 -0.46
CA GLU C 305 -28.54 -3.01 -0.67
C GLU C 305 -28.04 -1.57 -0.67
N LEU C 306 -28.32 -0.87 0.43
CA LEU C 306 -27.76 0.46 0.63
C LEU C 306 -26.24 0.42 0.64
N ASP C 307 -25.67 -0.76 0.89
CA ASP C 307 -24.23 -0.92 0.81
C ASP C 307 -23.70 -0.51 -0.56
N ALA C 308 -24.50 -0.70 -1.61
CA ALA C 308 -24.07 -0.40 -2.97
C ALA C 308 -24.45 1.00 -3.43
N ILE C 309 -25.63 1.48 -3.05
CA ILE C 309 -26.06 2.80 -3.48
C ILE C 309 -25.24 3.89 -2.78
N ALA C 310 -24.96 3.72 -1.49
CA ALA C 310 -24.30 4.75 -0.69
C ALA C 310 -23.10 4.18 0.05
N PRO C 311 -22.05 3.78 -0.66
CA PRO C 311 -20.84 3.29 -0.01
C PRO C 311 -20.01 4.43 0.56
N LYS C 312 -19.04 4.06 1.37
CA LYS C 312 -18.14 5.05 1.93
C LYS C 312 -17.45 5.83 0.82
N ARG C 313 -17.62 7.16 0.86
CA ARG C 313 -17.05 8.01 -0.18
C ARG C 313 -15.52 7.93 -0.20
N GLU C 314 -14.92 7.45 0.88
CA GLU C 314 -13.49 7.29 0.98
C GLU C 314 -12.94 6.43 -0.15
N LYS C 315 -13.75 5.48 -0.63
CA LYS C 315 -13.34 4.51 -1.64
C LYS C 315 -14.13 4.64 -2.93
N THR C 316 -14.32 5.88 -3.39
CA THR C 316 -14.97 6.16 -4.66
C THR C 316 -14.00 6.86 -5.59
N HIS C 317 -14.14 6.61 -6.90
CA HIS C 317 -13.24 7.16 -7.90
C HIS C 317 -13.99 7.90 -9.01
N GLY C 318 -15.20 8.37 -8.74
CA GLY C 318 -15.97 9.10 -9.73
C GLY C 318 -16.94 10.06 -9.09
N GLU C 319 -16.99 11.30 -9.56
CA GLU C 319 -17.84 12.29 -8.92
C GLU C 319 -19.32 11.96 -9.08
N VAL C 320 -19.71 11.31 -10.18
CA VAL C 320 -21.13 11.09 -10.40
C VAL C 320 -21.69 10.09 -9.40
N GLU C 321 -20.94 9.03 -9.06
CA GLU C 321 -21.39 8.14 -8.00
C GLU C 321 -21.39 8.83 -6.64
N ARG C 322 -20.39 9.69 -6.39
CA ARG C 322 -20.37 10.48 -5.17
C ARG C 322 -21.62 11.36 -5.08
N ARG C 323 -22.06 11.90 -6.21
CA ARG C 323 -23.26 12.73 -6.21
C ARG C 323 -24.50 11.89 -6.03
N ILE C 324 -24.49 10.65 -6.54
CA ILE C 324 -25.63 9.76 -6.28
C ILE C 324 -25.77 9.53 -4.78
N VAL C 325 -24.69 9.17 -4.12
CA VAL C 325 -24.76 8.91 -2.67
C VAL C 325 -25.13 10.18 -1.93
N SER C 326 -24.55 11.32 -2.33
CA SER C 326 -24.75 12.55 -1.58
C SER C 326 -26.03 13.29 -1.95
N GLN C 327 -26.81 12.79 -2.91
CA GLN C 327 -28.20 13.21 -3.06
C GLN C 327 -29.16 12.10 -2.66
N LEU C 328 -28.64 10.96 -2.20
CA LEU C 328 -29.46 10.11 -1.35
C LEU C 328 -29.71 10.78 0.00
N LEU C 329 -28.68 11.42 0.55
CA LEU C 329 -28.79 12.05 1.87
C LEU C 329 -29.82 13.17 1.86
N THR C 330 -29.80 13.98 0.81
CA THR C 330 -30.67 15.15 0.77
C THR C 330 -32.12 14.77 0.54
N LEU C 331 -32.37 13.66 -0.16
CA LEU C 331 -33.72 13.11 -0.25
C LEU C 331 -34.13 12.41 1.03
N MET C 332 -33.17 11.89 1.79
CA MET C 332 -33.47 11.35 3.11
C MET C 332 -33.94 12.45 4.06
N ASP C 333 -33.24 13.58 4.05
CA ASP C 333 -33.53 14.64 5.00
C ASP C 333 -34.94 15.19 4.81
N GLY C 334 -35.40 15.26 3.56
CA GLY C 334 -36.71 15.81 3.28
C GLY C 334 -37.84 15.07 3.96
N LEU C 335 -37.63 13.81 4.32
CA LEU C 335 -38.68 13.02 4.94
C LEU C 335 -38.79 13.22 6.45
N LYS C 336 -37.96 14.09 7.03
CA LYS C 336 -38.05 14.37 8.46
C LYS C 336 -39.32 15.15 8.82
N GLN C 337 -40.06 15.62 7.83
CA GLN C 337 -41.19 16.51 8.11
C GLN C 337 -42.40 15.76 8.65
N ARG C 338 -42.54 14.47 8.34
CA ARG C 338 -43.77 13.75 8.66
C ARG C 338 -43.47 12.28 8.89
N ALA C 339 -44.43 11.59 9.51
CA ALA C 339 -44.20 10.27 10.10
C ALA C 339 -44.66 9.12 9.23
N HIS C 340 -45.53 9.37 8.24
CA HIS C 340 -46.19 8.26 7.56
C HIS C 340 -45.25 7.45 6.67
N VAL C 341 -44.08 7.98 6.32
CA VAL C 341 -43.13 7.29 5.44
C VAL C 341 -41.92 6.87 6.27
N ILE C 342 -41.47 5.64 6.05
CA ILE C 342 -40.34 5.05 6.75
C ILE C 342 -39.36 4.58 5.69
N VAL C 343 -38.06 4.79 5.91
CA VAL C 343 -37.05 4.40 4.95
C VAL C 343 -36.26 3.23 5.55
N MET C 344 -36.70 2.02 5.26
CA MET C 344 -36.06 0.81 5.79
C MET C 344 -34.95 0.39 4.83
N ALA C 345 -33.73 0.85 5.07
CA ALA C 345 -32.62 0.41 4.24
C ALA C 345 -32.28 -1.05 4.52
N ALA C 346 -31.22 -1.52 3.87
CA ALA C 346 -30.69 -2.84 4.11
C ALA C 346 -29.25 -2.88 3.65
N THR C 347 -28.40 -3.59 4.40
CA THR C 347 -26.98 -3.61 4.08
C THR C 347 -26.35 -4.83 4.72
N ASN C 348 -25.26 -5.30 4.11
CA ASN C 348 -24.56 -6.47 4.65
C ASN C 348 -23.95 -6.18 6.01
N ARG C 349 -23.38 -4.99 6.19
CA ARG C 349 -22.82 -4.61 7.48
C ARG C 349 -22.82 -3.09 7.57
N PRO C 350 -22.84 -2.52 8.78
CA PRO C 350 -23.10 -1.09 8.91
C PRO C 350 -21.91 -0.21 8.57
N ASN C 351 -20.70 -0.69 8.83
CA ASN C 351 -19.51 0.13 8.62
C ASN C 351 -19.07 0.16 7.16
N SER C 352 -19.78 -0.50 6.27
CA SER C 352 -19.52 -0.38 4.85
C SER C 352 -20.27 0.77 4.19
N ILE C 353 -21.19 1.41 4.91
CA ILE C 353 -21.94 2.54 4.37
C ILE C 353 -21.29 3.84 4.83
N ASP C 354 -21.41 4.87 3.99
CA ASP C 354 -20.85 6.17 4.30
C ASP C 354 -21.43 6.69 5.61
N PRO C 355 -20.60 7.10 6.59
CA PRO C 355 -21.16 7.63 7.84
C PRO C 355 -22.00 8.89 7.67
N ALA C 356 -22.10 9.41 6.45
CA ALA C 356 -23.06 10.48 6.19
C ALA C 356 -24.48 10.02 6.48
N LEU C 357 -24.74 8.72 6.45
CA LEU C 357 -25.96 8.15 6.98
C LEU C 357 -25.77 7.84 8.47
N ARG C 358 -26.84 7.36 9.11
CA ARG C 358 -26.85 7.13 10.55
C ARG C 358 -26.69 8.42 11.34
N ARG C 359 -26.97 9.56 10.71
CA ARG C 359 -27.09 10.81 11.43
C ARG C 359 -28.46 10.88 12.08
N PHE C 360 -28.65 11.89 12.91
CA PHE C 360 -29.97 12.10 13.50
C PHE C 360 -30.98 12.40 12.40
N GLY C 361 -31.88 11.45 12.16
CA GLY C 361 -32.88 11.56 11.12
C GLY C 361 -32.58 10.81 9.84
N ARG C 362 -31.33 10.43 9.61
CA ARG C 362 -30.92 9.67 8.42
C ARG C 362 -30.55 8.27 8.88
N PHE C 363 -31.49 7.34 8.76
CA PHE C 363 -31.29 5.96 9.20
C PHE C 363 -30.85 5.94 10.67
N ASP C 364 -31.64 6.62 11.50
CA ASP C 364 -31.27 6.79 12.89
C ASP C 364 -31.21 5.47 13.65
N ARG C 365 -31.91 4.43 13.21
CA ARG C 365 -32.04 3.20 14.00
C ARG C 365 -31.55 1.99 13.21
N GLU C 366 -30.36 1.50 13.54
CA GLU C 366 -29.84 0.30 12.91
C GLU C 366 -30.36 -0.94 13.62
N VAL C 367 -30.48 -2.04 12.88
CA VAL C 367 -31.03 -3.28 13.43
C VAL C 367 -30.32 -4.47 12.82
N ASP C 368 -29.58 -5.22 13.62
CA ASP C 368 -28.82 -6.37 13.13
C ASP C 368 -29.72 -7.60 13.12
N ILE C 369 -30.19 -8.01 11.94
CA ILE C 369 -30.97 -9.23 11.86
C ILE C 369 -30.12 -10.44 12.23
N GLY C 370 -28.89 -10.49 11.71
CA GLY C 370 -27.95 -11.53 12.11
C GLY C 370 -28.35 -12.92 11.69
N ILE C 371 -27.40 -13.84 11.72
CA ILE C 371 -27.66 -15.23 11.31
C ILE C 371 -28.59 -15.88 12.32
N PRO C 372 -29.46 -16.79 11.91
CA PRO C 372 -30.31 -17.47 12.91
C PRO C 372 -29.48 -18.41 13.78
N ASP C 373 -30.01 -18.69 14.98
CA ASP C 373 -29.38 -19.62 15.89
C ASP C 373 -29.95 -21.02 15.70
N ALA C 374 -29.52 -21.96 16.54
CA ALA C 374 -29.92 -23.36 16.39
C ALA C 374 -31.43 -23.54 16.49
N THR C 375 -32.14 -22.62 17.15
CA THR C 375 -33.60 -22.65 17.18
C THR C 375 -34.23 -21.67 16.20
N GLY C 376 -33.49 -20.65 15.76
CA GLY C 376 -33.98 -19.82 14.68
C GLY C 376 -34.04 -20.59 13.37
N ARG C 377 -33.01 -21.38 13.08
CA ARG C 377 -33.01 -22.18 11.86
C ARG C 377 -34.12 -23.22 11.91
N LEU C 378 -34.40 -23.75 13.09
CA LEU C 378 -35.52 -24.68 13.22
C LEU C 378 -36.83 -23.98 12.87
N GLU C 379 -37.01 -22.74 13.31
CA GLU C 379 -38.24 -22.03 13.00
C GLU C 379 -38.32 -21.70 11.53
N ILE C 380 -37.19 -21.34 10.91
CA ILE C 380 -37.18 -21.07 9.47
C ILE C 380 -37.56 -22.33 8.70
N LEU C 381 -36.98 -23.47 9.08
CA LEU C 381 -37.30 -24.72 8.41
C LEU C 381 -38.76 -25.07 8.58
N GLN C 382 -39.31 -24.85 9.77
CA GLN C 382 -40.72 -25.14 9.99
C GLN C 382 -41.61 -24.21 9.18
N ILE C 383 -41.16 -22.97 8.97
CA ILE C 383 -41.92 -22.03 8.16
C ILE C 383 -41.93 -22.46 6.70
N HIS C 384 -40.77 -22.82 6.17
CA HIS C 384 -40.67 -23.15 4.76
C HIS C 384 -41.28 -24.50 4.43
N THR C 385 -41.16 -25.47 5.34
CA THR C 385 -41.71 -26.79 5.12
C THR C 385 -43.24 -26.82 5.21
N LYS C 386 -43.85 -25.74 5.69
CA LYS C 386 -45.24 -25.81 6.13
C LYS C 386 -46.21 -26.15 5.01
N ASN C 387 -45.81 -26.05 3.75
CA ASN C 387 -46.65 -26.48 2.63
C ASN C 387 -46.22 -27.82 2.05
N MET C 388 -45.10 -28.37 2.50
CA MET C 388 -44.64 -29.68 2.04
C MET C 388 -45.16 -30.77 2.97
N LYS C 389 -45.56 -31.89 2.38
CA LYS C 389 -45.92 -33.06 3.18
C LYS C 389 -44.63 -33.62 3.74
N LEU C 390 -44.29 -33.21 4.96
CA LEU C 390 -42.96 -33.43 5.51
C LEU C 390 -42.74 -34.85 6.00
N ALA C 391 -43.60 -35.78 5.62
CA ALA C 391 -43.43 -37.18 5.99
C ALA C 391 -43.58 -37.38 7.49
N ASP C 392 -43.14 -38.54 7.99
CA ASP C 392 -43.28 -38.88 9.40
C ASP C 392 -41.94 -39.19 10.07
N ASP C 393 -40.82 -38.96 9.37
CA ASP C 393 -39.49 -39.25 9.92
C ASP C 393 -38.54 -38.08 9.79
N VAL C 394 -39.04 -36.86 9.62
CA VAL C 394 -38.18 -35.69 9.44
C VAL C 394 -37.79 -35.19 10.84
N ASP C 395 -36.53 -35.42 11.22
CA ASP C 395 -36.01 -34.93 12.49
C ASP C 395 -35.56 -33.47 12.29
N LEU C 396 -36.55 -32.58 12.27
CA LEU C 396 -36.28 -31.18 12.05
C LEU C 396 -35.27 -30.64 13.06
N GLU C 397 -35.44 -31.02 14.34
CA GLU C 397 -34.50 -30.56 15.36
C GLU C 397 -33.08 -31.02 15.05
N GLN C 398 -32.93 -32.19 14.44
CA GLN C 398 -31.60 -32.69 14.12
C GLN C 398 -30.94 -31.88 13.01
N VAL C 399 -31.68 -31.63 11.93
CA VAL C 399 -31.12 -30.84 10.83
C VAL C 399 -30.86 -29.41 11.28
N ALA C 400 -31.67 -28.90 12.22
CA ALA C 400 -31.48 -27.54 12.68
C ALA C 400 -30.10 -27.35 13.31
N ASN C 401 -29.63 -28.33 14.08
CA ASN C 401 -28.26 -28.29 14.59
C ASN C 401 -27.27 -28.68 13.50
N GLU C 402 -27.69 -29.57 12.59
CA GLU C 402 -26.81 -30.01 11.51
C GLU C 402 -26.48 -28.87 10.56
N THR C 403 -27.38 -27.89 10.44
CA THR C 403 -27.28 -26.87 9.42
C THR C 403 -26.70 -25.58 9.98
N HIS C 404 -25.75 -25.70 10.90
CA HIS C 404 -25.13 -24.52 11.50
C HIS C 404 -24.42 -23.69 10.44
N GLY C 405 -24.60 -22.37 10.53
CA GLY C 405 -24.02 -21.44 9.58
C GLY C 405 -24.88 -21.11 8.38
N HIS C 406 -26.01 -21.78 8.21
CA HIS C 406 -26.89 -21.51 7.08
C HIS C 406 -27.70 -20.25 7.35
N VAL C 407 -27.48 -19.22 6.55
CA VAL C 407 -28.08 -17.92 6.77
C VAL C 407 -29.45 -17.87 6.10
N GLY C 408 -30.50 -18.05 6.87
CA GLY C 408 -31.81 -17.65 6.39
C GLY C 408 -32.23 -18.32 5.11
N ALA C 409 -32.09 -17.59 4.00
CA ALA C 409 -32.56 -18.07 2.70
C ALA C 409 -31.95 -19.41 2.33
N ASP C 410 -30.78 -19.75 2.86
CA ASP C 410 -30.23 -21.07 2.58
C ASP C 410 -31.15 -22.18 3.08
N LEU C 411 -31.69 -22.05 4.30
CA LEU C 411 -32.69 -23.00 4.75
C LEU C 411 -33.92 -22.99 3.86
N ALA C 412 -34.16 -21.88 3.15
CA ALA C 412 -35.22 -21.87 2.15
C ALA C 412 -34.81 -22.64 0.91
N ALA C 413 -33.55 -22.52 0.49
CA ALA C 413 -33.06 -23.32 -0.63
C ALA C 413 -33.01 -24.79 -0.24
N LEU C 414 -32.50 -25.08 0.94
CA LEU C 414 -32.47 -26.45 1.43
C LEU C 414 -33.87 -27.05 1.44
N CYS C 415 -34.83 -26.33 1.98
CA CYS C 415 -36.20 -26.85 2.04
C CYS C 415 -36.76 -27.07 0.65
N SER C 416 -36.15 -26.47 -0.38
CA SER C 416 -36.52 -26.80 -1.74
C SER C 416 -35.68 -27.95 -2.29
N GLU C 417 -34.37 -27.93 -2.02
CA GLU C 417 -33.52 -29.01 -2.48
C GLU C 417 -34.03 -30.36 -1.99
N ALA C 418 -34.55 -30.39 -0.76
CA ALA C 418 -35.20 -31.61 -0.28
C ALA C 418 -36.47 -31.88 -1.06
N ALA C 419 -37.34 -30.89 -1.20
CA ALA C 419 -38.62 -31.11 -1.87
C ALA C 419 -38.41 -31.58 -3.30
N LEU C 420 -37.50 -30.93 -4.02
CA LEU C 420 -37.20 -31.39 -5.37
C LEU C 420 -36.62 -32.80 -5.36
N GLN C 421 -35.80 -33.11 -4.36
CA GLN C 421 -35.27 -34.46 -4.24
C GLN C 421 -36.37 -35.47 -4.03
N ALA C 422 -37.54 -35.02 -3.58
CA ALA C 422 -38.69 -35.91 -3.44
C ALA C 422 -39.54 -35.89 -4.70
N ILE C 423 -39.41 -34.87 -5.54
CA ILE C 423 -40.11 -34.85 -6.81
C ILE C 423 -39.37 -35.71 -7.83
N ARG C 424 -38.08 -35.41 -8.03
CA ARG C 424 -37.32 -36.09 -9.06
C ARG C 424 -37.19 -37.59 -8.79
N LYS C 425 -37.43 -38.03 -7.56
CA LYS C 425 -37.48 -39.45 -7.24
C LYS C 425 -38.91 -39.99 -7.21
N LYS C 426 -39.89 -39.17 -7.58
CA LYS C 426 -41.27 -39.62 -7.73
C LYS C 426 -41.71 -39.44 -9.18
N MET C 427 -41.09 -38.49 -9.88
CA MET C 427 -41.47 -38.22 -11.26
C MET C 427 -41.10 -39.35 -12.20
N ASP C 428 -40.31 -40.32 -11.75
CA ASP C 428 -40.14 -41.55 -12.51
C ASP C 428 -41.39 -42.42 -12.47
N LEU C 429 -42.02 -42.55 -11.30
CA LEU C 429 -43.27 -43.29 -11.20
C LEU C 429 -44.36 -42.65 -12.06
N ILE C 430 -44.55 -41.35 -11.92
CA ILE C 430 -45.54 -40.61 -12.71
C ILE C 430 -44.75 -39.95 -13.82
N ASP C 431 -44.86 -40.52 -15.02
CA ASP C 431 -44.01 -40.15 -16.15
C ASP C 431 -44.52 -38.92 -16.89
N LEU C 432 -45.32 -38.08 -16.22
CA LEU C 432 -45.85 -36.89 -16.87
C LEU C 432 -44.73 -35.92 -17.25
N GLU C 433 -44.93 -35.22 -18.36
CA GLU C 433 -43.96 -34.27 -18.87
C GLU C 433 -44.07 -32.88 -18.24
N ASP C 434 -45.05 -32.67 -17.37
CA ASP C 434 -45.31 -31.37 -16.75
C ASP C 434 -46.02 -31.64 -15.43
N GLU C 435 -46.08 -30.63 -14.55
CA GLU C 435 -46.87 -30.83 -13.34
C GLU C 435 -48.33 -30.44 -13.51
N THR C 436 -48.92 -30.65 -14.69
CA THR C 436 -50.37 -30.84 -14.75
C THR C 436 -50.70 -32.19 -14.12
N ILE C 437 -49.66 -32.88 -13.63
CA ILE C 437 -49.80 -33.90 -12.60
C ILE C 437 -50.75 -33.40 -11.53
N ASP C 438 -51.59 -34.29 -11.03
CA ASP C 438 -52.68 -33.90 -10.16
C ASP C 438 -52.16 -33.61 -8.76
N ALA C 439 -52.84 -32.70 -8.05
CA ALA C 439 -52.38 -32.29 -6.72
C ALA C 439 -52.37 -33.47 -5.75
N GLU C 440 -53.23 -34.47 -5.98
CA GLU C 440 -53.31 -35.58 -5.05
C GLU C 440 -51.98 -36.32 -4.91
N VAL C 441 -51.29 -36.56 -6.02
CA VAL C 441 -49.98 -37.22 -5.93
C VAL C 441 -48.87 -36.25 -5.53
N MET C 442 -49.12 -34.94 -5.61
CA MET C 442 -48.21 -33.99 -5.00
C MET C 442 -48.31 -34.04 -3.48
N ASN C 443 -49.51 -34.29 -2.97
CA ASN C 443 -49.68 -34.56 -1.55
C ASN C 443 -48.98 -35.84 -1.13
N SER C 444 -48.75 -36.76 -2.06
CA SER C 444 -48.04 -38.00 -1.76
C SER C 444 -46.52 -37.83 -1.77
N LEU C 445 -46.01 -36.64 -2.05
CA LEU C 445 -44.57 -36.41 -2.03
C LEU C 445 -44.06 -36.31 -0.60
N ALA C 446 -44.10 -37.41 0.13
CA ALA C 446 -43.58 -37.41 1.50
C ALA C 446 -42.08 -37.18 1.44
N VAL C 447 -41.65 -35.98 1.79
CA VAL C 447 -40.24 -35.62 1.70
C VAL C 447 -39.52 -36.23 2.89
N THR C 448 -39.04 -37.46 2.73
CA THR C 448 -38.43 -38.17 3.84
C THR C 448 -37.12 -37.51 4.25
N MET C 449 -36.64 -37.89 5.44
CA MET C 449 -35.42 -37.29 5.97
C MET C 449 -34.21 -37.72 5.14
N ASP C 450 -34.33 -38.77 4.34
CA ASP C 450 -33.25 -39.12 3.43
C ASP C 450 -33.05 -38.03 2.39
N ASP C 451 -34.14 -37.48 1.85
CA ASP C 451 -34.07 -36.38 0.90
C ASP C 451 -33.46 -35.13 1.52
N PHE C 452 -33.81 -34.80 2.75
CA PHE C 452 -33.19 -33.66 3.43
C PHE C 452 -31.73 -33.94 3.75
N ARG C 453 -31.40 -35.19 4.07
CA ARG C 453 -30.01 -35.56 4.26
C ARG C 453 -29.20 -35.30 3.00
N TRP C 454 -29.75 -35.66 1.84
CA TRP C 454 -29.09 -35.37 0.58
C TRP C 454 -29.01 -33.86 0.33
N ALA C 455 -30.10 -33.14 0.57
CA ALA C 455 -30.12 -31.71 0.31
C ALA C 455 -29.09 -30.98 1.15
N LEU C 456 -28.94 -31.36 2.41
CA LEU C 456 -27.91 -30.75 3.25
C LEU C 456 -26.51 -31.04 2.71
N SER C 457 -26.28 -32.26 2.24
CA SER C 457 -24.99 -32.57 1.61
C SER C 457 -24.73 -31.69 0.40
N GLN C 458 -25.78 -31.34 -0.35
CA GLN C 458 -25.61 -30.42 -1.48
C GLN C 458 -25.46 -28.97 -1.04
N SER C 459 -26.20 -28.55 -0.01
CA SER C 459 -26.29 -27.14 0.31
C SER C 459 -24.96 -26.59 0.79
N ASN C 460 -24.68 -25.34 0.42
CA ASN C 460 -23.48 -24.63 0.81
C ASN C 460 -23.84 -23.35 1.52
N PRO C 461 -23.32 -23.07 2.73
CA PRO C 461 -23.65 -21.81 3.40
C PRO C 461 -22.77 -20.65 2.95
N SER C 462 -22.60 -20.50 1.64
CA SER C 462 -21.72 -19.47 1.10
C SER C 462 -22.26 -18.07 1.31
N ALA C 463 -23.43 -17.86 1.91
CA ALA C 463 -23.87 -16.50 2.18
C ALA C 463 -22.90 -15.81 3.15
N LEU C 464 -22.64 -16.45 4.29
CA LEU C 464 -21.62 -16.00 5.23
C LEU C 464 -21.54 -17.01 6.37
N ARG C 465 -20.37 -17.06 7.00
CA ARG C 465 -20.20 -17.74 8.28
C ARG C 465 -19.27 -16.86 9.12
N GLU C 466 -19.88 -16.03 9.95
CA GLU C 466 -19.17 -15.06 10.78
C GLU C 466 -19.59 -15.28 12.22
N THR C 467 -18.89 -14.63 13.14
CA THR C 467 -19.17 -14.76 14.57
C THR C 467 -20.67 -14.75 14.83
N VAL C 468 -21.15 -15.81 15.48
CA VAL C 468 -22.56 -16.10 15.57
C VAL C 468 -23.05 -15.77 16.96
N VAL C 469 -24.14 -15.02 17.03
CA VAL C 469 -24.78 -14.63 18.28
C VAL C 469 -26.02 -15.50 18.44
N GLU C 470 -26.18 -16.08 19.62
CA GLU C 470 -27.13 -17.17 19.80
C GLU C 470 -27.74 -17.12 21.19
N VAL C 471 -28.90 -17.74 21.32
CA VAL C 471 -29.51 -17.99 22.63
C VAL C 471 -29.31 -19.47 22.94
N PRO C 472 -28.23 -19.86 23.64
CA PRO C 472 -27.89 -21.28 23.73
C PRO C 472 -28.99 -22.09 24.39
N GLN C 473 -29.17 -23.32 23.90
CA GLN C 473 -30.22 -24.20 24.40
C GLN C 473 -29.77 -25.07 25.56
N VAL C 474 -28.54 -24.92 26.04
CA VAL C 474 -28.13 -25.64 27.23
C VAL C 474 -28.73 -24.99 28.47
N THR C 475 -28.92 -25.79 29.51
CA THR C 475 -29.54 -25.30 30.74
C THR C 475 -28.93 -26.02 31.93
N TRP C 476 -29.37 -25.62 33.13
CA TRP C 476 -28.78 -26.15 34.36
C TRP C 476 -28.77 -27.67 34.38
N GLU C 477 -29.84 -28.31 33.91
CA GLU C 477 -29.91 -29.76 33.97
C GLU C 477 -28.77 -30.43 33.21
N ASP C 478 -28.15 -29.73 32.26
CA ASP C 478 -26.98 -30.24 31.56
C ASP C 478 -25.67 -29.89 32.23
N ILE C 479 -25.68 -29.06 33.26
CA ILE C 479 -24.49 -28.73 34.03
C ILE C 479 -24.55 -29.56 35.30
N GLY C 480 -23.99 -30.77 35.24
CA GLY C 480 -23.95 -31.61 36.41
C GLY C 480 -23.07 -31.02 37.49
N GLY C 481 -23.48 -31.18 38.74
CA GLY C 481 -22.67 -30.64 39.81
C GLY C 481 -22.60 -29.12 39.75
N LEU C 482 -21.51 -28.58 40.28
CA LEU C 482 -21.33 -27.13 40.39
C LEU C 482 -22.56 -26.50 41.06
N GLU C 483 -22.97 -27.10 42.17
CA GLU C 483 -24.12 -26.56 42.90
C GLU C 483 -23.82 -25.21 43.51
N ASP C 484 -22.57 -25.00 43.96
CA ASP C 484 -22.21 -23.71 44.55
C ASP C 484 -22.05 -22.64 43.49
N VAL C 485 -21.41 -22.98 42.36
CA VAL C 485 -21.12 -21.97 41.36
C VAL C 485 -22.39 -21.48 40.69
N LYS C 486 -23.36 -22.37 40.48
CA LYS C 486 -24.60 -21.95 39.84
C LYS C 486 -25.35 -20.96 40.72
N ARG C 487 -25.35 -21.18 42.03
CA ARG C 487 -25.95 -20.19 42.93
C ARG C 487 -25.14 -18.90 42.92
N GLU C 488 -23.82 -19.01 42.91
CA GLU C 488 -22.97 -17.82 42.97
C GLU C 488 -23.08 -16.98 41.71
N LEU C 489 -23.46 -17.60 40.59
CA LEU C 489 -23.69 -16.86 39.35
C LEU C 489 -25.13 -16.42 39.20
N GLN C 490 -26.08 -17.16 39.77
CA GLN C 490 -27.46 -16.67 39.82
C GLN C 490 -27.53 -15.39 40.63
N GLU C 491 -26.81 -15.31 41.72
CA GLU C 491 -26.79 -14.07 42.47
C GLU C 491 -25.86 -13.03 41.88
N LEU C 492 -25.31 -13.23 40.69
CA LEU C 492 -24.36 -12.30 40.11
C LEU C 492 -24.77 -11.78 38.74
N VAL C 493 -25.50 -12.57 37.96
CA VAL C 493 -25.98 -12.12 36.66
C VAL C 493 -27.48 -11.86 36.67
N GLN C 494 -28.20 -12.42 37.65
CA GLN C 494 -29.65 -12.41 37.66
C GLN C 494 -30.22 -11.51 38.75
N TYR C 495 -29.55 -11.38 39.88
CA TYR C 495 -29.97 -10.41 40.90
C TYR C 495 -29.87 -8.96 40.43
N PRO C 496 -28.79 -8.52 39.79
CA PRO C 496 -28.74 -7.12 39.34
C PRO C 496 -29.66 -6.81 38.17
N VAL C 497 -30.41 -7.77 37.64
CA VAL C 497 -31.33 -7.52 36.55
C VAL C 497 -32.77 -7.84 36.93
N GLU C 498 -33.00 -8.34 38.14
CA GLU C 498 -34.35 -8.57 38.63
C GLU C 498 -34.59 -7.93 39.98
N HIS C 499 -33.59 -7.27 40.57
CA HIS C 499 -33.80 -6.42 41.74
C HIS C 499 -32.90 -5.18 41.67
N PRO C 500 -32.88 -4.47 40.54
CA PRO C 500 -32.02 -3.28 40.45
C PRO C 500 -32.37 -2.20 41.45
N ASP C 501 -33.59 -2.23 41.99
CA ASP C 501 -33.94 -1.31 43.06
C ASP C 501 -32.99 -1.44 44.23
N LYS C 502 -32.62 -2.68 44.58
CA LYS C 502 -31.73 -2.90 45.72
C LYS C 502 -30.32 -2.48 45.39
N PHE C 503 -29.91 -2.60 44.13
CA PHE C 503 -28.56 -2.18 43.76
C PHE C 503 -28.44 -0.67 43.67
N LEU C 504 -29.53 0.04 43.35
CA LEU C 504 -29.50 1.49 43.46
C LEU C 504 -29.61 1.95 44.91
N LYS C 505 -30.40 1.22 45.71
CA LYS C 505 -30.65 1.64 47.08
C LYS C 505 -29.36 1.70 47.89
N PHE C 506 -28.41 0.83 47.57
CA PHE C 506 -27.11 0.82 48.23
C PHE C 506 -26.00 1.41 47.37
N GLY C 507 -26.29 1.72 46.10
CA GLY C 507 -25.27 2.25 45.22
C GLY C 507 -24.14 1.28 44.95
N MET C 508 -24.45 0.03 44.64
CA MET C 508 -23.43 -1.00 44.56
C MET C 508 -22.63 -0.96 43.26
N THR C 509 -23.26 -0.59 42.16
CA THR C 509 -22.62 -0.72 40.86
C THR C 509 -22.14 -2.15 40.68
N PRO C 510 -23.05 -3.11 40.49
CA PRO C 510 -22.65 -4.52 40.46
C PRO C 510 -21.59 -4.80 39.41
N SER C 511 -21.05 -6.01 39.51
CA SER C 511 -19.93 -6.39 38.65
C SER C 511 -20.44 -6.80 37.27
N LYS C 512 -19.94 -6.10 36.24
CA LYS C 512 -20.20 -6.47 34.86
C LYS C 512 -19.05 -7.29 34.34
N GLY C 513 -18.76 -8.42 34.98
CA GLY C 513 -17.63 -9.21 34.58
C GLY C 513 -17.48 -10.45 35.41
N VAL C 514 -16.93 -11.51 34.83
CA VAL C 514 -16.54 -12.70 35.58
C VAL C 514 -15.35 -13.32 34.90
N LEU C 515 -14.46 -13.92 35.69
CA LEU C 515 -13.40 -14.76 35.17
C LEU C 515 -13.53 -16.13 35.82
N PHE C 516 -13.83 -17.13 35.01
CA PHE C 516 -13.87 -18.51 35.47
C PHE C 516 -12.47 -19.07 35.36
N TYR C 517 -11.74 -19.09 36.46
CA TYR C 517 -10.47 -19.77 36.49
C TYR C 517 -10.68 -21.16 37.07
N GLY C 518 -10.23 -22.16 36.33
CA GLY C 518 -10.37 -23.52 36.77
C GLY C 518 -9.78 -24.48 35.77
N PRO C 519 -9.59 -25.73 36.19
CA PRO C 519 -8.93 -26.70 35.33
C PRO C 519 -9.62 -26.82 33.99
N PRO C 520 -8.88 -27.00 32.90
CA PRO C 520 -9.51 -27.02 31.58
C PRO C 520 -10.45 -28.21 31.44
N GLY C 521 -11.45 -28.04 30.58
CA GLY C 521 -12.42 -29.10 30.38
C GLY C 521 -13.22 -29.43 31.61
N CYS C 522 -13.62 -28.43 32.38
CA CYS C 522 -14.34 -28.64 33.63
C CYS C 522 -15.73 -28.04 33.65
N GLY C 523 -16.16 -27.35 32.58
CA GLY C 523 -17.50 -26.81 32.54
C GLY C 523 -17.55 -25.31 32.70
N LYS C 524 -16.62 -24.60 32.09
CA LYS C 524 -16.66 -23.15 32.14
C LYS C 524 -17.53 -22.57 31.04
N THR C 525 -17.27 -22.95 29.79
CA THR C 525 -18.11 -22.45 28.70
C THR C 525 -19.51 -23.03 28.78
N LEU C 526 -19.65 -24.25 29.27
CA LEU C 526 -20.97 -24.79 29.52
C LEU C 526 -21.71 -23.96 30.56
N LEU C 527 -21.02 -23.52 31.62
CA LEU C 527 -21.64 -22.66 32.60
C LEU C 527 -22.06 -21.34 31.98
N ALA C 528 -21.20 -20.76 31.14
CA ALA C 528 -21.54 -19.49 30.52
C ALA C 528 -22.76 -19.62 29.61
N LYS C 529 -22.79 -20.67 28.79
CA LYS C 529 -23.95 -20.88 27.93
C LYS C 529 -25.21 -21.11 28.76
N ALA C 530 -25.10 -21.86 29.85
CA ALA C 530 -26.27 -22.09 30.70
C ALA C 530 -26.74 -20.79 31.34
N ILE C 531 -25.81 -19.92 31.74
CA ILE C 531 -26.18 -18.64 32.31
C ILE C 531 -26.92 -17.80 31.28
N ALA C 532 -26.39 -17.74 30.06
CA ALA C 532 -27.07 -16.99 29.01
C ALA C 532 -28.45 -17.56 28.74
N ASN C 533 -28.58 -18.89 28.77
CA ASN C 533 -29.87 -19.51 28.51
C ASN C 533 -30.87 -19.20 29.61
N GLU C 534 -30.43 -19.21 30.86
CA GLU C 534 -31.34 -18.92 31.98
C GLU C 534 -31.91 -17.52 31.85
N CYS C 535 -31.07 -16.55 31.49
CA CYS C 535 -31.54 -15.20 31.25
C CYS C 535 -32.11 -15.01 29.86
N GLN C 536 -32.11 -16.05 29.03
CA GLN C 536 -32.54 -15.94 27.64
C GLN C 536 -31.78 -14.83 26.92
N ALA C 537 -30.46 -14.80 27.14
CA ALA C 537 -29.63 -13.74 26.62
C ALA C 537 -28.88 -14.18 25.38
N ASN C 538 -28.39 -13.21 24.62
CA ASN C 538 -27.68 -13.49 23.39
C ASN C 538 -26.23 -13.83 23.68
N PHE C 539 -25.93 -15.10 23.89
CA PHE C 539 -24.57 -15.53 24.14
C PHE C 539 -23.69 -15.29 22.93
N ILE C 540 -22.46 -14.85 23.19
CA ILE C 540 -21.49 -14.61 22.12
C ILE C 540 -20.14 -15.17 22.52
N SER C 541 -19.83 -16.38 22.06
CA SER C 541 -18.56 -17.00 22.41
C SER C 541 -17.47 -16.55 21.47
N ILE C 542 -16.37 -16.06 22.01
CA ILE C 542 -15.18 -15.74 21.24
C ILE C 542 -14.09 -16.71 21.69
N LYS C 543 -13.98 -17.84 20.99
CA LYS C 543 -13.13 -18.94 21.41
C LYS C 543 -11.67 -18.51 21.40
N GLY C 544 -10.81 -19.39 21.90
CA GLY C 544 -9.40 -19.13 21.98
C GLY C 544 -8.77 -18.86 20.63
N PRO C 545 -9.04 -19.71 19.64
CA PRO C 545 -8.53 -19.44 18.30
C PRO C 545 -8.99 -18.12 17.72
N GLU C 546 -10.20 -17.66 18.04
CA GLU C 546 -10.66 -16.40 17.47
C GLU C 546 -9.88 -15.21 18.01
N LEU C 547 -9.50 -15.23 19.28
CA LEU C 547 -8.65 -14.18 19.82
C LEU C 547 -7.22 -14.32 19.30
N LEU C 548 -6.71 -15.55 19.29
CA LEU C 548 -5.33 -15.77 18.90
C LEU C 548 -5.12 -15.45 17.43
N THR C 549 -6.17 -15.57 16.61
CA THR C 549 -6.05 -15.19 15.21
C THR C 549 -5.88 -13.69 15.06
N MET C 550 -6.66 -12.91 15.81
CA MET C 550 -6.47 -11.46 15.80
C MET C 550 -5.08 -11.11 16.30
N TRP C 551 -4.60 -11.81 17.31
CA TRP C 551 -3.26 -11.53 17.82
C TRP C 551 -2.19 -11.83 16.78
N PHE C 552 -2.34 -12.92 16.03
CA PHE C 552 -1.34 -13.26 15.01
C PHE C 552 -1.38 -12.27 13.86
N GLY C 553 -2.56 -11.99 13.34
CA GLY C 553 -2.69 -11.09 12.21
C GLY C 553 -2.38 -9.65 12.53
N GLU C 554 -2.07 -9.33 13.78
CA GLU C 554 -1.81 -7.96 14.19
C GLU C 554 -3.01 -7.08 13.87
N SER C 555 -4.19 -7.67 13.94
CA SER C 555 -5.46 -7.03 13.63
C SER C 555 -6.34 -6.98 14.86
N GLU C 556 -5.79 -6.49 15.97
CA GLU C 556 -6.59 -6.37 17.18
C GLU C 556 -7.79 -5.46 16.99
N ALA C 557 -7.79 -4.62 15.94
CA ALA C 557 -8.94 -3.79 15.66
C ALA C 557 -10.20 -4.61 15.45
N ASN C 558 -10.09 -5.87 15.04
CA ASN C 558 -11.27 -6.72 14.93
C ASN C 558 -12.00 -6.85 16.25
N VAL C 559 -11.31 -6.70 17.37
CA VAL C 559 -11.99 -6.72 18.66
C VAL C 559 -13.05 -5.63 18.72
N ARG C 560 -12.74 -4.47 18.18
CA ARG C 560 -13.73 -3.38 18.15
C ARG C 560 -15.01 -3.84 17.48
N GLU C 561 -14.89 -4.72 16.47
CA GLU C 561 -16.07 -5.31 15.86
C GLU C 561 -16.78 -6.24 16.83
N ILE C 562 -16.03 -7.15 17.47
CA ILE C 562 -16.65 -8.15 18.33
C ILE C 562 -17.51 -7.48 19.39
N PHE C 563 -16.91 -6.60 20.20
CA PHE C 563 -17.68 -5.92 21.22
C PHE C 563 -18.84 -5.15 20.60
N ASP C 564 -18.63 -4.55 19.42
CA ASP C 564 -19.72 -3.85 18.78
C ASP C 564 -20.90 -4.77 18.54
N LYS C 565 -20.64 -6.00 18.11
CA LYS C 565 -21.71 -6.97 17.97
C LYS C 565 -22.48 -7.10 19.28
N ALA C 566 -21.77 -7.22 20.40
CA ALA C 566 -22.45 -7.28 21.68
C ALA C 566 -23.27 -6.02 21.92
N ARG C 567 -22.72 -4.85 21.60
CA ARG C 567 -23.47 -3.62 21.79
C ARG C 567 -24.77 -3.64 21.00
N GLN C 568 -24.80 -4.39 19.89
CA GLN C 568 -26.02 -4.49 19.10
C GLN C 568 -26.88 -5.67 19.54
N ALA C 569 -26.26 -6.69 20.15
CA ALA C 569 -26.97 -7.92 20.47
C ALA C 569 -27.49 -7.96 21.89
N ALA C 570 -27.37 -6.88 22.65
CA ALA C 570 -27.74 -6.93 24.05
C ALA C 570 -29.24 -7.26 24.17
N PRO C 571 -29.66 -7.94 25.24
CA PRO C 571 -28.90 -8.41 26.40
C PRO C 571 -28.02 -9.59 26.05
N CYS C 572 -26.71 -9.42 26.21
CA CYS C 572 -25.73 -10.37 25.70
C CYS C 572 -24.91 -10.91 26.86
N VAL C 573 -24.23 -12.02 26.59
CA VAL C 573 -23.22 -12.53 27.50
C VAL C 573 -21.98 -12.88 26.70
N LEU C 574 -21.08 -11.92 26.54
CA LEU C 574 -19.83 -12.21 25.87
C LEU C 574 -19.12 -13.32 26.63
N PHE C 575 -18.29 -14.08 25.94
CA PHE C 575 -17.54 -15.14 26.62
C PHE C 575 -16.23 -15.33 25.87
N PHE C 576 -15.12 -15.01 26.55
CA PHE C 576 -13.80 -15.17 25.97
C PHE C 576 -13.22 -16.49 26.47
N ASP C 577 -13.57 -17.57 25.80
CA ASP C 577 -13.00 -18.86 26.16
C ASP C 577 -11.50 -18.82 25.96
N GLU C 578 -10.78 -19.45 26.88
CA GLU C 578 -9.32 -19.43 26.88
C GLU C 578 -8.82 -18.00 26.73
N LEU C 579 -9.28 -17.15 27.65
CA LEU C 579 -8.87 -15.76 27.64
C LEU C 579 -7.35 -15.62 27.82
N ASP C 580 -6.70 -16.63 28.37
CA ASP C 580 -5.24 -16.65 28.44
C ASP C 580 -4.61 -17.32 27.23
N SER C 581 -5.34 -17.44 26.12
CA SER C 581 -4.80 -18.12 24.96
C SER C 581 -3.51 -17.47 24.48
N ILE C 582 -3.49 -16.14 24.42
CA ILE C 582 -2.32 -15.44 23.90
C ILE C 582 -1.16 -15.57 24.87
N ALA C 583 -1.42 -15.45 26.17
CA ALA C 583 -0.35 -15.58 27.15
C ALA C 583 0.24 -16.99 27.12
N LYS C 584 -0.59 -18.02 26.96
CA LYS C 584 -0.08 -19.37 26.79
C LYS C 584 0.72 -19.48 25.50
N ALA C 585 0.26 -18.82 24.43
CA ALA C 585 0.96 -18.90 23.16
C ALA C 585 2.21 -18.04 23.14
N ARG C 586 2.47 -17.30 24.22
CA ARG C 586 3.73 -16.58 24.34
C ARG C 586 4.68 -17.23 25.33
N GLY C 587 4.14 -17.81 26.40
CA GLY C 587 4.93 -18.20 27.55
C GLY C 587 4.93 -17.19 28.67
N GLY C 588 4.59 -15.93 28.40
CA GLY C 588 4.43 -14.93 29.43
C GLY C 588 5.71 -14.41 30.05
N ASN C 589 6.85 -14.54 29.38
CA ASN C 589 8.14 -14.16 29.96
C ASN C 589 8.91 -13.14 29.13
N ILE C 590 8.95 -13.28 27.81
CA ILE C 590 9.74 -12.42 26.95
C ILE C 590 8.91 -12.03 25.74
N GLY C 591 9.16 -10.84 25.22
CA GLY C 591 8.61 -10.45 23.94
C GLY C 591 8.62 -8.95 23.78
N ASP C 592 9.07 -8.54 22.60
CA ASP C 592 8.77 -7.21 22.07
C ASP C 592 7.35 -7.25 21.57
N GLY C 593 6.51 -6.40 22.12
CA GLY C 593 5.10 -6.64 22.18
C GLY C 593 4.47 -6.29 23.51
N GLY C 594 3.90 -7.25 24.23
CA GLY C 594 3.10 -6.91 25.39
C GLY C 594 3.65 -7.32 26.74
N GLY C 595 4.87 -7.83 26.77
CA GLY C 595 5.46 -8.27 28.04
C GLY C 595 4.53 -9.21 28.76
N ALA C 596 3.98 -8.74 29.88
CA ALA C 596 2.85 -9.42 30.50
C ALA C 596 1.57 -9.23 29.72
N ALA C 597 1.37 -8.07 29.10
CA ALA C 597 0.17 -7.80 28.33
C ALA C 597 0.32 -8.34 26.91
N ASP C 598 -0.69 -8.06 26.09
CA ASP C 598 -0.74 -8.51 24.70
C ASP C 598 -1.44 -7.48 23.85
N ARG C 599 -1.29 -7.60 22.53
CA ARG C 599 -2.06 -6.77 21.62
C ARG C 599 -3.55 -6.92 21.87
N VAL C 600 -4.06 -8.13 21.68
CA VAL C 600 -5.49 -8.36 21.73
C VAL C 600 -6.05 -8.30 23.15
N ILE C 601 -5.31 -8.78 24.15
CA ILE C 601 -5.78 -8.60 25.52
C ILE C 601 -5.87 -7.12 25.85
N ASN C 602 -4.90 -6.33 25.42
CA ASN C 602 -4.96 -4.90 25.65
C ASN C 602 -6.16 -4.27 24.98
N GLN C 603 -6.44 -4.66 23.73
CA GLN C 603 -7.63 -4.14 23.07
C GLN C 603 -8.89 -4.57 23.79
N ILE C 604 -8.88 -5.78 24.35
CA ILE C 604 -10.03 -6.25 25.12
C ILE C 604 -10.22 -5.40 26.36
N LEU C 605 -9.14 -5.02 27.04
CA LEU C 605 -9.27 -4.12 28.17
C LEU C 605 -9.83 -2.77 27.72
N THR C 606 -9.32 -2.25 26.60
CA THR C 606 -9.77 -0.96 26.11
C THR C 606 -11.27 -0.99 25.82
N GLU C 607 -11.77 -2.11 25.30
CA GLU C 607 -13.19 -2.21 25.00
C GLU C 607 -14.03 -2.56 26.21
N MET C 608 -13.47 -3.30 27.17
CA MET C 608 -14.20 -3.57 28.41
C MET C 608 -14.43 -2.28 29.17
N ASP C 609 -13.45 -1.37 29.15
CA ASP C 609 -13.65 -0.08 29.79
C ASP C 609 -14.83 0.66 29.17
N GLY C 610 -14.94 0.63 27.84
CA GLY C 610 -16.06 1.28 27.19
C GLY C 610 -17.39 0.61 27.48
N MET C 611 -17.39 -0.72 27.48
CA MET C 611 -18.62 -1.48 27.67
C MET C 611 -19.04 -1.58 29.13
N SER C 612 -18.20 -1.13 30.06
CA SER C 612 -18.65 -1.04 31.45
C SER C 612 -19.82 -0.08 31.59
N THR C 613 -20.02 0.82 30.62
CA THR C 613 -21.22 1.64 30.59
C THR C 613 -22.45 0.80 30.24
N LYS C 614 -22.33 -0.05 29.22
CA LYS C 614 -23.46 -0.82 28.70
C LYS C 614 -23.96 -1.74 29.80
N LYS C 615 -25.13 -1.43 30.35
CA LYS C 615 -25.63 -2.20 31.49
C LYS C 615 -26.11 -3.58 31.07
N ASN C 616 -26.61 -3.73 29.85
CA ASN C 616 -27.23 -4.97 29.45
C ASN C 616 -26.25 -6.10 29.22
N VAL C 617 -25.07 -5.82 28.67
CA VAL C 617 -24.14 -6.87 28.30
C VAL C 617 -23.36 -7.32 29.52
N PHE C 618 -23.18 -8.64 29.64
CA PHE C 618 -22.34 -9.24 30.65
C PHE C 618 -21.13 -9.83 29.96
N ILE C 619 -19.97 -9.72 30.59
CA ILE C 619 -18.72 -10.18 29.99
C ILE C 619 -18.14 -11.27 30.87
N ILE C 620 -17.82 -12.39 30.26
CA ILE C 620 -17.30 -13.55 30.95
C ILE C 620 -16.01 -13.97 30.26
N GLY C 621 -15.04 -14.39 31.03
CA GLY C 621 -13.83 -14.94 30.48
C GLY C 621 -13.59 -16.29 31.12
N ALA C 622 -12.88 -17.17 30.44
CA ALA C 622 -12.52 -18.46 31.00
C ALA C 622 -11.03 -18.65 30.83
N THR C 623 -10.36 -18.96 31.92
CA THR C 623 -8.92 -19.15 31.91
C THR C 623 -8.61 -20.46 32.61
N ASN C 624 -8.06 -21.41 31.86
CA ASN C 624 -7.48 -22.59 32.47
C ASN C 624 -6.02 -22.37 32.87
N ARG C 625 -5.49 -21.16 32.66
CA ARG C 625 -4.16 -20.79 33.12
C ARG C 625 -4.27 -19.39 33.72
N PRO C 626 -4.85 -19.28 34.92
CA PRO C 626 -5.10 -17.95 35.49
C PRO C 626 -3.86 -17.20 35.94
N ASP C 627 -2.74 -17.89 36.19
CA ASP C 627 -1.54 -17.16 36.58
C ASP C 627 -0.92 -16.46 35.38
N ILE C 628 -0.89 -17.13 34.23
CA ILE C 628 -0.33 -16.57 33.01
C ILE C 628 -1.43 -15.83 32.26
N ILE C 629 -1.70 -14.59 32.67
CA ILE C 629 -2.67 -13.74 32.00
C ILE C 629 -2.52 -12.34 32.59
N ASP C 630 -2.67 -11.33 31.72
CA ASP C 630 -2.48 -9.94 32.10
C ASP C 630 -3.28 -9.63 33.36
N PRO C 631 -2.64 -9.34 34.50
CA PRO C 631 -3.42 -9.01 35.71
C PRO C 631 -4.28 -7.78 35.53
N ALA C 632 -3.95 -6.94 34.55
CA ALA C 632 -4.74 -5.75 34.28
C ALA C 632 -6.17 -6.07 33.91
N ILE C 633 -6.45 -7.30 33.47
CA ILE C 633 -7.82 -7.68 33.14
C ILE C 633 -8.63 -8.03 34.38
N LEU C 634 -7.97 -8.27 35.51
CA LEU C 634 -8.66 -8.56 36.76
C LEU C 634 -9.01 -7.29 37.54
N ARG C 635 -8.76 -6.12 36.96
CA ARG C 635 -9.01 -4.87 37.66
C ARG C 635 -10.51 -4.64 37.81
N PRO C 636 -10.94 -3.89 38.83
CA PRO C 636 -12.38 -3.58 38.95
C PRO C 636 -12.94 -2.89 37.73
N GLY C 637 -14.19 -3.21 37.38
CA GLY C 637 -14.80 -2.77 36.15
C GLY C 637 -14.60 -3.73 35.00
N ARG C 638 -13.39 -4.26 34.85
CA ARG C 638 -13.10 -5.35 33.92
C ARG C 638 -13.47 -6.65 34.61
N LEU C 639 -12.97 -7.79 34.13
CA LEU C 639 -13.42 -9.09 34.64
C LEU C 639 -12.96 -9.24 36.08
N ASP C 640 -13.71 -8.55 36.97
CA ASP C 640 -13.29 -8.38 38.34
C ASP C 640 -13.61 -9.57 39.24
N GLN C 641 -14.77 -10.19 39.06
CA GLN C 641 -15.26 -11.22 39.97
C GLN C 641 -14.75 -12.56 39.48
N LEU C 642 -13.61 -12.99 40.04
CA LEU C 642 -13.07 -14.30 39.71
C LEU C 642 -13.86 -15.37 40.43
N ILE C 643 -14.29 -16.39 39.70
CA ILE C 643 -15.04 -17.52 40.24
C ILE C 643 -14.28 -18.78 39.91
N TYR C 644 -14.13 -19.65 40.90
CA TYR C 644 -13.39 -20.90 40.71
C TYR C 644 -14.33 -21.98 40.21
N ILE C 645 -13.86 -22.74 39.21
CA ILE C 645 -14.65 -23.83 38.63
C ILE C 645 -13.97 -25.15 38.95
N PRO C 646 -14.16 -25.71 40.14
CA PRO C 646 -13.28 -26.77 40.62
C PRO C 646 -13.49 -28.07 39.85
N LEU C 647 -12.49 -28.95 39.96
CA LEU C 647 -12.67 -30.31 39.48
C LEU C 647 -13.84 -30.94 40.22
N PRO C 648 -14.69 -31.69 39.53
CA PRO C 648 -15.84 -32.29 40.21
C PRO C 648 -15.40 -33.25 41.29
N ASP C 649 -16.09 -33.19 42.43
CA ASP C 649 -15.97 -34.21 43.46
C ASP C 649 -16.88 -35.39 43.13
N GLU C 650 -16.83 -36.42 43.98
CA GLU C 650 -17.50 -37.68 43.68
C GLU C 650 -18.96 -37.48 43.31
N LYS C 651 -19.70 -36.74 44.13
CA LYS C 651 -21.12 -36.51 43.83
C LYS C 651 -21.28 -35.71 42.54
N SER C 652 -20.44 -34.68 42.35
CA SER C 652 -20.50 -33.92 41.11
C SER C 652 -20.10 -34.76 39.91
N ARG C 653 -19.19 -35.72 40.10
CA ARG C 653 -18.87 -36.63 39.00
C ARG C 653 -20.06 -37.51 38.67
N VAL C 654 -20.79 -37.99 39.68
CA VAL C 654 -22.03 -38.70 39.43
C VAL C 654 -22.97 -37.82 38.61
N ALA C 655 -23.07 -36.55 39.01
CA ALA C 655 -23.97 -35.63 38.30
C ALA C 655 -23.54 -35.46 36.85
N ILE C 656 -22.24 -35.32 36.60
CA ILE C 656 -21.75 -35.11 35.25
C ILE C 656 -22.01 -36.35 34.40
N LEU C 657 -21.75 -37.53 34.95
CA LEU C 657 -21.99 -38.76 34.21
C LEU C 657 -23.46 -38.89 33.86
N LYS C 658 -24.34 -38.60 34.82
CA LYS C 658 -25.77 -38.66 34.55
C LYS C 658 -26.16 -37.64 33.48
N ALA C 659 -25.61 -36.44 33.56
CA ALA C 659 -25.94 -35.40 32.58
C ALA C 659 -25.53 -35.83 31.18
N ASN C 660 -24.34 -36.40 31.04
CA ASN C 660 -23.83 -36.78 29.73
C ASN C 660 -24.55 -38.01 29.19
N LEU C 661 -24.98 -38.92 30.07
CA LEU C 661 -25.67 -40.11 29.61
C LEU C 661 -27.18 -39.91 29.45
N ARG C 662 -27.71 -38.77 29.90
CA ARG C 662 -29.14 -38.52 29.77
C ARG C 662 -29.62 -38.61 28.33
N LYS C 663 -28.83 -38.12 27.38
CA LYS C 663 -29.25 -38.05 25.98
C LYS C 663 -29.06 -39.36 25.23
N SER C 664 -28.56 -40.40 25.89
CA SER C 664 -28.25 -41.67 25.25
C SER C 664 -28.92 -42.81 26.01
N PRO C 665 -29.26 -43.90 25.32
CA PRO C 665 -29.91 -45.04 25.99
C PRO C 665 -28.88 -45.86 26.74
N VAL C 666 -29.09 -46.04 28.04
CA VAL C 666 -28.17 -46.77 28.90
C VAL C 666 -28.94 -47.84 29.64
N ALA C 667 -28.36 -49.04 29.70
CA ALA C 667 -28.99 -50.14 30.43
C ALA C 667 -29.32 -49.72 31.85
N LYS C 668 -30.28 -50.40 32.44
CA LYS C 668 -30.78 -50.07 33.76
C LYS C 668 -30.02 -50.76 34.89
N ASP C 669 -28.76 -51.13 34.65
CA ASP C 669 -27.93 -51.70 35.70
C ASP C 669 -26.52 -51.12 35.69
N VAL C 670 -26.32 -49.98 35.03
CA VAL C 670 -25.02 -49.31 35.10
C VAL C 670 -24.88 -48.67 36.47
N ASP C 671 -23.76 -48.94 37.14
CA ASP C 671 -23.53 -48.46 38.50
C ASP C 671 -22.74 -47.15 38.45
N LEU C 672 -23.47 -46.07 38.17
CA LEU C 672 -22.82 -44.78 37.97
C LEU C 672 -22.20 -44.23 39.24
N GLU C 673 -22.78 -44.54 40.41
CA GLU C 673 -22.18 -44.06 41.65
C GLU C 673 -20.82 -44.70 41.92
N PHE C 674 -20.50 -45.79 41.22
CA PHE C 674 -19.18 -46.42 41.28
C PHE C 674 -18.27 -45.87 40.18
N LEU C 675 -18.83 -45.71 38.98
CA LEU C 675 -18.10 -45.08 37.90
C LEU C 675 -17.62 -43.69 38.28
N ALA C 676 -18.32 -43.03 39.20
CA ALA C 676 -17.83 -41.79 39.75
C ALA C 676 -16.70 -42.02 40.73
N LYS C 677 -16.82 -43.03 41.60
CA LYS C 677 -15.77 -43.28 42.59
C LYS C 677 -14.42 -43.51 41.92
N MET C 678 -14.41 -44.26 40.82
CA MET C 678 -13.12 -44.54 40.17
C MET C 678 -12.44 -43.25 39.72
N THR C 679 -13.19 -42.35 39.10
CA THR C 679 -12.62 -41.20 38.42
C THR C 679 -12.10 -40.18 39.43
N ASN C 680 -10.98 -40.56 40.06
CA ASN C 680 -10.42 -39.84 41.21
C ASN C 680 -10.45 -38.33 41.04
N GLY C 681 -10.01 -37.84 39.88
CA GLY C 681 -9.97 -36.41 39.65
C GLY C 681 -10.32 -36.01 38.24
N PHE C 682 -11.11 -36.82 37.56
CA PHE C 682 -11.42 -36.54 36.16
C PHE C 682 -12.12 -35.21 36.03
N SER C 683 -11.68 -34.40 35.07
CA SER C 683 -12.43 -33.22 34.72
C SER C 683 -13.76 -33.62 34.08
N GLY C 684 -14.60 -32.63 33.83
CA GLY C 684 -15.87 -32.93 33.17
C GLY C 684 -15.68 -33.43 31.76
N ALA C 685 -14.71 -32.89 31.05
CA ALA C 685 -14.43 -33.35 29.69
C ALA C 685 -14.02 -34.81 29.68
N ASP C 686 -13.25 -35.24 30.69
CA ASP C 686 -12.84 -36.64 30.73
C ASP C 686 -14.02 -37.58 30.96
N LEU C 687 -14.95 -37.19 31.83
CA LEU C 687 -16.14 -38.02 32.02
C LEU C 687 -16.99 -38.05 30.77
N THR C 688 -17.08 -36.93 30.06
CA THR C 688 -17.76 -36.95 28.76
C THR C 688 -17.03 -37.87 27.79
N GLU C 689 -15.70 -37.89 27.83
CA GLU C 689 -14.96 -38.80 26.96
C GLU C 689 -15.23 -40.24 27.33
N ILE C 690 -15.38 -40.55 28.63
CA ILE C 690 -15.74 -41.91 29.00
C ILE C 690 -17.12 -42.25 28.45
N CYS C 691 -18.07 -41.32 28.53
CA CYS C 691 -19.37 -41.56 27.95
C CYS C 691 -19.26 -41.81 26.45
N GLN C 692 -18.44 -41.02 25.77
CA GLN C 692 -18.31 -41.15 24.32
C GLN C 692 -17.58 -42.43 23.94
N ARG C 693 -16.60 -42.86 24.72
CA ARG C 693 -15.98 -44.15 24.47
C ARG C 693 -16.97 -45.28 24.67
N ALA C 694 -17.83 -45.17 25.69
CA ALA C 694 -18.86 -46.17 25.88
C ALA C 694 -19.80 -46.21 24.68
N CYS C 695 -20.19 -45.05 24.17
CA CYS C 695 -21.04 -45.02 22.98
C CYS C 695 -20.33 -45.62 21.77
N LYS C 696 -19.05 -45.26 21.57
CA LYS C 696 -18.33 -45.77 20.41
C LYS C 696 -18.21 -47.29 20.48
N LEU C 697 -17.89 -47.84 21.64
CA LEU C 697 -17.85 -49.28 21.78
C LEU C 697 -19.24 -49.90 21.69
N ALA C 698 -20.30 -49.15 22.01
CA ALA C 698 -21.65 -49.63 21.82
C ALA C 698 -22.02 -49.76 20.35
N ILE C 699 -21.73 -48.75 19.53
CA ILE C 699 -21.95 -48.95 18.10
C ILE C 699 -21.04 -50.03 17.56
N ARG C 700 -19.81 -50.14 18.05
CA ARG C 700 -18.98 -51.23 17.57
C ARG C 700 -19.68 -52.57 17.80
N GLU C 701 -20.11 -52.81 19.04
CA GLU C 701 -20.71 -54.10 19.36
C GLU C 701 -22.12 -54.26 18.78
N SER C 702 -22.73 -53.16 18.32
CA SER C 702 -24.08 -53.25 17.76
C SER C 702 -24.04 -53.37 16.25
N ILE C 703 -23.17 -52.60 15.60
CA ILE C 703 -22.92 -52.75 14.17
C ILE C 703 -22.39 -54.13 13.87
N GLU C 704 -21.45 -54.61 14.69
CA GLU C 704 -20.86 -55.91 14.44
C GLU C 704 -21.82 -57.07 14.70
N SER C 705 -23.02 -56.78 15.18
CA SER C 705 -24.07 -57.78 15.26
C SER C 705 -25.23 -57.51 14.31
N GLU C 706 -25.36 -56.28 13.80
CA GLU C 706 -26.29 -56.05 12.70
C GLU C 706 -25.74 -56.60 11.38
N ILE C 707 -24.46 -56.35 11.11
CA ILE C 707 -23.84 -56.92 9.92
C ILE C 707 -23.79 -58.43 10.03
N ARG C 708 -23.58 -58.94 11.24
CA ARG C 708 -23.67 -60.39 11.46
C ARG C 708 -25.05 -60.91 11.10
N ARG C 709 -26.10 -60.18 11.48
CA ARG C 709 -27.45 -60.58 11.09
C ARG C 709 -27.62 -60.54 9.57
N GLU C 710 -27.09 -59.51 8.92
CA GLU C 710 -27.19 -59.46 7.46
C GLU C 710 -26.51 -60.67 6.81
N ARG C 711 -25.35 -61.05 7.32
CA ARG C 711 -24.70 -62.26 6.84
C ARG C 711 -25.55 -63.49 7.14
N GLU C 712 -26.25 -63.48 8.28
CA GLU C 712 -27.12 -64.60 8.63
C GLU C 712 -28.23 -64.77 7.60
N ARG C 713 -28.83 -63.66 7.17
CA ARG C 713 -29.89 -63.68 6.17
C ARG C 713 -29.37 -63.67 4.74
N GLN C 714 -28.06 -63.62 4.55
CA GLN C 714 -27.48 -63.65 3.21
C GLN C 714 -27.89 -64.92 2.48
N ASP C 726 -32.65 -55.36 16.52
CA ASP C 726 -32.07 -54.68 17.68
C ASP C 726 -31.27 -55.66 18.55
N PRO C 727 -30.04 -55.96 18.13
CA PRO C 727 -29.18 -56.82 18.97
C PRO C 727 -29.02 -56.27 20.37
N VAL C 728 -28.51 -55.06 20.51
CA VAL C 728 -28.56 -54.32 21.77
C VAL C 728 -29.13 -52.94 21.45
N PRO C 729 -30.30 -52.58 21.99
CA PRO C 729 -30.83 -51.25 21.70
C PRO C 729 -30.19 -50.12 22.50
N GLU C 730 -29.30 -50.44 23.44
CA GLU C 730 -28.76 -49.44 24.34
C GLU C 730 -27.34 -49.83 24.73
N ILE C 731 -26.55 -48.83 25.12
CA ILE C 731 -25.25 -49.10 25.72
C ILE C 731 -25.49 -49.76 27.08
N ARG C 732 -24.47 -50.45 27.57
CA ARG C 732 -24.66 -51.33 28.71
C ARG C 732 -23.46 -51.26 29.64
N ARG C 733 -23.64 -51.87 30.81
CA ARG C 733 -22.55 -51.98 31.78
C ARG C 733 -21.35 -52.69 31.19
N ASP C 734 -21.57 -53.55 30.20
CA ASP C 734 -20.46 -54.30 29.62
C ASP C 734 -19.47 -53.39 28.89
N HIS C 735 -19.98 -52.39 28.16
CA HIS C 735 -19.14 -51.60 27.27
C HIS C 735 -18.27 -50.61 28.03
N PHE C 736 -18.74 -50.12 29.17
CA PHE C 736 -17.94 -49.17 29.94
C PHE C 736 -16.64 -49.81 30.42
N GLU C 737 -16.60 -51.12 30.53
CA GLU C 737 -15.40 -51.79 30.99
C GLU C 737 -14.24 -51.69 30.02
N GLU C 738 -14.52 -51.54 28.73
CA GLU C 738 -13.49 -51.22 27.75
C GLU C 738 -13.45 -49.74 27.41
N ALA C 739 -14.50 -49.00 27.78
CA ALA C 739 -14.47 -47.56 27.56
C ALA C 739 -13.58 -46.86 28.59
N MET C 740 -13.54 -47.38 29.82
CA MET C 740 -12.76 -46.72 30.88
C MET C 740 -11.26 -46.92 30.69
N ARG C 741 -10.85 -48.04 30.08
CA ARG C 741 -9.43 -48.32 29.98
C ARG C 741 -8.69 -47.29 29.16
N PHE C 742 -9.42 -46.48 28.39
CA PHE C 742 -8.83 -45.39 27.63
C PHE C 742 -9.01 -44.04 28.32
N ALA C 743 -8.90 -44.00 29.64
CA ALA C 743 -9.32 -42.82 30.40
C ALA C 743 -8.13 -42.07 31.00
N ARG C 744 -8.31 -40.76 31.17
CA ARG C 744 -7.31 -39.89 31.76
C ARG C 744 -7.86 -39.17 32.98
N ARG C 745 -6.95 -38.78 33.87
CA ARG C 745 -7.15 -37.55 34.62
C ARG C 745 -6.44 -36.44 33.87
N SER C 746 -7.18 -35.69 33.06
CA SER C 746 -6.58 -34.75 32.13
C SER C 746 -5.84 -33.60 32.81
N VAL C 747 -5.84 -33.53 34.13
CA VAL C 747 -5.06 -32.55 34.87
C VAL C 747 -4.30 -33.26 35.98
N SER C 748 -2.98 -33.08 36.00
CA SER C 748 -2.19 -33.64 37.07
C SER C 748 -2.44 -32.90 38.37
N ASP C 749 -2.12 -33.56 39.48
CA ASP C 749 -2.25 -32.90 40.77
C ASP C 749 -1.38 -31.65 40.85
N ASN C 750 -0.32 -31.56 40.03
CA ASN C 750 0.49 -30.37 39.97
C ASN C 750 -0.22 -29.20 39.30
N ASP C 751 -1.34 -29.46 38.60
CA ASP C 751 -2.18 -28.40 38.08
C ASP C 751 -3.36 -28.12 39.01
N ILE C 752 -3.93 -29.15 39.63
CA ILE C 752 -4.93 -28.92 40.65
C ILE C 752 -4.37 -28.02 41.74
N ARG C 753 -3.14 -28.32 42.18
CA ARG C 753 -2.50 -27.48 43.18
C ARG C 753 -2.08 -26.13 42.60
N LYS C 754 -1.84 -26.03 41.29
CA LYS C 754 -1.61 -24.71 40.70
C LYS C 754 -2.85 -23.83 40.82
N TYR C 755 -4.03 -24.38 40.53
CA TYR C 755 -5.25 -23.59 40.66
C TYR C 755 -5.61 -23.32 42.11
N GLU C 756 -5.34 -24.27 43.01
CA GLU C 756 -5.51 -23.98 44.43
C GLU C 756 -4.56 -22.89 44.89
N MET C 757 -3.34 -22.89 44.38
CA MET C 757 -2.38 -21.84 44.71
C MET C 757 -2.85 -20.49 44.20
N PHE C 758 -3.38 -20.45 42.98
CA PHE C 758 -3.92 -19.19 42.48
C PHE C 758 -5.14 -18.75 43.29
N ALA C 759 -5.92 -19.72 43.78
CA ALA C 759 -7.07 -19.39 44.61
C ALA C 759 -6.63 -18.78 45.94
N GLN C 760 -5.64 -19.40 46.59
CA GLN C 760 -5.15 -18.85 47.84
C GLN C 760 -4.45 -17.52 47.64
N THR C 761 -3.86 -17.30 46.46
CA THR C 761 -3.39 -15.97 46.12
C THR C 761 -4.57 -15.01 45.94
N LEU C 762 -5.70 -15.52 45.47
CA LEU C 762 -6.89 -14.73 45.23
C LEU C 762 -8.05 -15.10 46.16
N GLN C 763 -7.77 -15.80 47.27
CA GLN C 763 -8.80 -16.01 48.29
C GLN C 763 -8.76 -14.87 49.32
N GLN C 764 -7.59 -14.28 49.50
CA GLN C 764 -7.47 -12.93 50.06
C GLN C 764 -7.97 -12.85 51.50
N SER C 765 -7.32 -13.55 52.44
CA SER C 765 -7.79 -13.52 53.83
C SER C 765 -6.82 -12.84 54.80
N ARG C 766 -5.60 -13.37 54.94
CA ARG C 766 -4.57 -12.85 55.88
C ARG C 766 -5.11 -12.68 57.30
N GLY C 767 -5.52 -13.78 57.90
CA GLY C 767 -5.78 -13.82 59.33
C GLY C 767 -6.84 -12.87 59.85
N PHE C 768 -7.76 -12.40 59.01
CA PHE C 768 -8.97 -11.75 59.53
C PHE C 768 -10.00 -12.74 60.03
N GLY C 769 -9.65 -14.01 60.17
CA GLY C 769 -10.53 -14.98 60.80
C GLY C 769 -10.83 -14.63 62.24
N SER C 770 -12.08 -14.78 62.65
CA SER C 770 -12.52 -14.46 64.02
C SER C 770 -12.48 -12.96 64.31
N PHE C 771 -12.20 -12.14 63.30
CA PHE C 771 -12.31 -10.70 63.44
C PHE C 771 -13.74 -10.35 63.85
N ARG C 772 -13.89 -9.45 64.80
CA ARG C 772 -15.21 -8.98 65.20
C ARG C 772 -15.12 -7.57 65.74
N PHE C 773 -15.92 -6.67 65.18
CA PHE C 773 -16.10 -5.36 65.77
C PHE C 773 -16.57 -5.53 67.21
N PRO C 774 -15.74 -5.26 68.22
CA PRO C 774 -16.17 -5.51 69.59
C PRO C 774 -17.35 -4.64 69.99
N SER C 775 -18.20 -5.19 70.85
CA SER C 775 -19.37 -4.48 71.34
C SER C 775 -18.96 -3.26 72.18
N ARG D 22 -46.93 -48.71 -19.78
CA ARG D 22 -46.60 -50.06 -20.20
C ARG D 22 -45.33 -50.56 -19.50
N PRO D 23 -45.26 -51.86 -19.19
CA PRO D 23 -44.05 -52.39 -18.57
C PRO D 23 -42.89 -52.60 -19.53
N ASN D 24 -43.12 -52.40 -20.83
CA ASN D 24 -42.09 -52.59 -21.84
C ASN D 24 -41.32 -51.31 -22.12
N ARG D 25 -41.32 -50.40 -21.15
CA ARG D 25 -40.66 -49.11 -21.30
C ARG D 25 -39.64 -48.91 -20.20
N LEU D 26 -38.59 -48.16 -20.51
CA LEU D 26 -37.55 -47.80 -19.56
C LEU D 26 -37.20 -46.34 -19.78
N ILE D 27 -36.23 -45.85 -19.02
CA ILE D 27 -35.77 -44.47 -19.13
C ILE D 27 -34.34 -44.48 -19.64
N VAL D 28 -34.07 -43.66 -20.66
CA VAL D 28 -32.74 -43.64 -21.27
C VAL D 28 -31.78 -42.88 -20.37
N ASP D 29 -30.56 -43.39 -20.24
CA ASP D 29 -29.54 -42.77 -19.43
C ASP D 29 -28.20 -42.87 -20.17
N GLU D 30 -27.18 -42.26 -19.58
CA GLU D 30 -25.88 -42.15 -20.26
C GLU D 30 -25.29 -43.52 -20.51
N ALA D 31 -24.52 -43.62 -21.60
CA ALA D 31 -23.97 -44.89 -22.04
C ALA D 31 -22.75 -45.28 -21.21
N ILE D 32 -22.50 -46.59 -21.15
CA ILE D 32 -21.30 -47.10 -20.49
C ILE D 32 -20.14 -47.29 -21.45
N ASN D 33 -20.41 -47.38 -22.75
CA ASN D 33 -19.38 -47.60 -23.74
C ASN D 33 -19.58 -46.63 -24.90
N GLU D 34 -18.49 -46.37 -25.62
CA GLU D 34 -18.52 -45.46 -26.76
C GLU D 34 -19.19 -46.07 -27.99
N ASP D 35 -19.31 -47.39 -28.06
CA ASP D 35 -19.88 -48.04 -29.24
C ASP D 35 -21.39 -47.80 -29.28
N ASN D 36 -21.91 -47.62 -30.49
CA ASN D 36 -23.35 -47.50 -30.70
C ASN D 36 -23.94 -48.88 -30.97
N SER D 37 -25.26 -48.92 -31.17
CA SER D 37 -26.01 -50.13 -31.47
C SER D 37 -25.96 -51.16 -30.35
N VAL D 38 -25.45 -50.79 -29.18
CA VAL D 38 -25.38 -51.68 -28.02
C VAL D 38 -26.04 -50.96 -26.86
N VAL D 39 -27.03 -51.60 -26.24
CA VAL D 39 -27.85 -50.99 -25.21
C VAL D 39 -27.79 -51.87 -23.97
N SER D 40 -27.61 -51.24 -22.81
CA SER D 40 -27.47 -51.99 -21.56
C SER D 40 -28.81 -52.08 -20.85
N LEU D 41 -29.13 -53.29 -20.38
CA LEU D 41 -30.35 -53.56 -19.63
C LEU D 41 -30.00 -54.22 -18.31
N SER D 42 -30.68 -53.80 -17.25
CA SER D 42 -30.53 -54.47 -15.97
C SER D 42 -30.89 -55.94 -16.11
N GLN D 43 -29.99 -56.82 -15.67
CA GLN D 43 -30.21 -58.25 -15.83
C GLN D 43 -31.51 -58.70 -15.15
N PRO D 44 -31.85 -58.25 -13.95
CA PRO D 44 -33.18 -58.54 -13.42
C PRO D 44 -34.31 -58.06 -14.31
N LYS D 45 -34.13 -56.93 -15.01
CA LYS D 45 -35.19 -56.40 -15.86
C LYS D 45 -35.28 -57.12 -17.20
N MET D 46 -34.22 -57.81 -17.62
CA MET D 46 -34.20 -58.42 -18.94
C MET D 46 -35.28 -59.49 -19.07
N ASP D 47 -35.32 -60.43 -18.13
CA ASP D 47 -36.27 -61.54 -18.23
C ASP D 47 -37.71 -61.04 -18.18
N GLU D 48 -38.01 -60.13 -17.25
CA GLU D 48 -39.35 -59.56 -17.18
C GLU D 48 -39.69 -58.83 -18.48
N LEU D 49 -38.67 -58.29 -19.15
CA LEU D 49 -38.85 -57.66 -20.45
C LEU D 49 -38.91 -58.67 -21.59
N GLN D 50 -38.79 -59.97 -21.29
CA GLN D 50 -38.80 -61.02 -22.30
C GLN D 50 -37.66 -60.85 -23.31
N LEU D 51 -36.49 -60.52 -22.79
CA LEU D 51 -35.26 -60.42 -23.57
C LEU D 51 -34.15 -61.22 -22.89
N PHE D 52 -33.26 -61.76 -23.69
CA PHE D 52 -32.22 -62.68 -23.22
C PHE D 52 -30.84 -62.12 -23.51
N ARG D 53 -29.82 -62.94 -23.27
CA ARG D 53 -28.44 -62.48 -23.18
C ARG D 53 -27.94 -61.76 -24.42
N GLY D 54 -28.44 -62.11 -25.61
CA GLY D 54 -27.93 -61.52 -26.83
C GLY D 54 -29.01 -61.19 -27.84
N ASP D 55 -30.25 -61.02 -27.36
CA ASP D 55 -31.35 -60.75 -28.25
C ASP D 55 -31.24 -59.35 -28.86
N THR D 56 -32.00 -59.14 -29.93
CA THR D 56 -32.07 -57.83 -30.57
C THR D 56 -33.12 -56.99 -29.86
N VAL D 57 -32.68 -55.92 -29.20
CA VAL D 57 -33.58 -55.05 -28.44
C VAL D 57 -34.10 -53.99 -29.40
N LEU D 58 -35.31 -54.19 -29.91
CA LEU D 58 -35.95 -53.15 -30.70
C LEU D 58 -36.35 -52.00 -29.78
N LEU D 59 -36.40 -50.79 -30.34
CA LEU D 59 -36.63 -49.59 -29.55
C LEU D 59 -37.60 -48.69 -30.29
N LYS D 60 -38.53 -48.10 -29.54
CA LYS D 60 -39.52 -47.17 -30.08
C LYS D 60 -39.45 -45.89 -29.27
N GLY D 61 -39.05 -44.80 -29.92
CA GLY D 61 -38.78 -43.56 -29.24
C GLY D 61 -40.01 -42.74 -28.94
N LYS D 62 -39.77 -41.59 -28.32
CA LYS D 62 -40.86 -40.71 -27.94
C LYS D 62 -41.61 -40.21 -29.17
N LYS D 63 -40.90 -39.75 -30.18
CA LYS D 63 -41.53 -39.40 -31.44
C LYS D 63 -41.92 -40.67 -32.19
N ARG D 64 -42.54 -40.50 -33.35
CA ARG D 64 -42.94 -41.63 -34.16
C ARG D 64 -41.72 -42.21 -34.85
N ARG D 65 -40.75 -42.65 -34.04
CA ARG D 65 -39.42 -43.00 -34.53
C ARG D 65 -38.98 -44.29 -33.85
N GLU D 66 -38.40 -45.20 -34.63
CA GLU D 66 -38.03 -46.51 -34.14
C GLU D 66 -36.62 -46.85 -34.58
N ALA D 67 -35.97 -47.70 -33.80
CA ALA D 67 -34.61 -48.17 -34.08
C ALA D 67 -34.43 -49.52 -33.42
N VAL D 68 -33.19 -49.99 -33.35
CA VAL D 68 -32.89 -51.29 -32.76
C VAL D 68 -31.44 -51.29 -32.30
N CYS D 69 -31.15 -52.13 -31.32
CA CYS D 69 -29.80 -52.27 -30.79
C CYS D 69 -29.58 -53.71 -30.36
N ILE D 70 -28.36 -54.00 -29.92
CA ILE D 70 -28.03 -55.29 -29.33
C ILE D 70 -28.00 -55.14 -27.82
N VAL D 71 -28.40 -56.19 -27.13
CA VAL D 71 -28.54 -56.13 -25.67
C VAL D 71 -27.16 -56.18 -25.02
N LEU D 72 -27.06 -55.54 -23.86
CA LEU D 72 -25.88 -55.57 -23.01
C LEU D 72 -26.37 -55.44 -21.58
N SER D 73 -25.46 -55.56 -20.61
CA SER D 73 -25.82 -55.36 -19.22
C SER D 73 -24.60 -54.94 -18.42
N ASP D 74 -24.81 -54.01 -17.50
CA ASP D 74 -23.85 -53.67 -16.47
C ASP D 74 -24.58 -53.58 -15.15
N ASP D 75 -24.02 -54.21 -14.12
CA ASP D 75 -24.72 -54.33 -12.85
C ASP D 75 -24.99 -52.99 -12.17
N THR D 76 -24.30 -51.93 -12.59
CA THR D 76 -24.62 -50.60 -12.07
C THR D 76 -25.96 -50.10 -12.55
N CYS D 77 -26.46 -50.61 -13.67
CA CYS D 77 -27.76 -50.18 -14.18
C CYS D 77 -28.87 -50.58 -13.22
N SER D 78 -29.77 -49.65 -12.95
CA SER D 78 -30.99 -49.96 -12.21
C SER D 78 -32.04 -50.51 -13.16
N ASP D 79 -33.07 -51.13 -12.58
CA ASP D 79 -34.18 -51.62 -13.37
C ASP D 79 -34.87 -50.51 -14.15
N GLU D 80 -34.73 -49.26 -13.71
CA GLU D 80 -35.33 -48.13 -14.39
C GLU D 80 -34.54 -47.72 -15.63
N LYS D 81 -33.23 -47.89 -15.62
CA LYS D 81 -32.37 -47.28 -16.63
C LYS D 81 -32.06 -48.24 -17.77
N ILE D 82 -31.98 -47.67 -18.97
CA ILE D 82 -31.44 -48.33 -20.15
C ILE D 82 -30.47 -47.37 -20.80
N ARG D 83 -29.28 -47.84 -21.14
CA ARG D 83 -28.17 -46.99 -21.53
C ARG D 83 -28.11 -46.87 -23.05
N MET D 84 -28.19 -45.64 -23.57
CA MET D 84 -28.07 -45.37 -24.99
C MET D 84 -27.26 -44.10 -25.20
N ASN D 85 -26.26 -44.16 -26.07
CA ASN D 85 -25.43 -43.00 -26.36
C ASN D 85 -26.07 -42.15 -27.46
N ARG D 86 -25.43 -41.03 -27.76
CA ARG D 86 -26.02 -40.03 -28.66
C ARG D 86 -26.38 -40.63 -30.01
N VAL D 87 -25.63 -41.63 -30.46
CA VAL D 87 -25.91 -42.21 -31.77
C VAL D 87 -27.29 -42.83 -31.79
N VAL D 88 -27.74 -43.38 -30.66
CA VAL D 88 -29.04 -44.04 -30.58
C VAL D 88 -30.12 -43.08 -30.11
N ARG D 89 -29.80 -42.22 -29.13
CA ARG D 89 -30.80 -41.32 -28.58
C ARG D 89 -31.38 -40.41 -29.65
N ASN D 90 -30.57 -39.52 -30.19
CA ASN D 90 -31.07 -38.61 -31.22
C ASN D 90 -31.40 -39.32 -32.51
N ASN D 91 -31.11 -40.62 -32.62
CA ASN D 91 -31.67 -41.41 -33.69
C ASN D 91 -33.14 -41.72 -33.45
N LEU D 92 -33.53 -41.84 -32.18
CA LEU D 92 -34.94 -41.86 -31.80
C LEU D 92 -35.48 -40.48 -31.50
N ARG D 93 -34.67 -39.44 -31.64
CA ARG D 93 -35.07 -38.07 -31.30
C ARG D 93 -35.54 -38.00 -29.85
N VAL D 94 -34.84 -38.72 -28.98
CA VAL D 94 -35.15 -38.80 -27.57
C VAL D 94 -34.04 -38.12 -26.79
N ARG D 95 -34.40 -37.08 -26.04
CA ARG D 95 -33.43 -36.44 -25.17
C ARG D 95 -33.10 -37.35 -24.00
N LEU D 96 -31.94 -37.12 -23.41
CA LEU D 96 -31.47 -37.96 -22.30
C LEU D 96 -32.44 -37.88 -21.13
N GLY D 97 -32.79 -39.04 -20.57
CA GLY D 97 -33.67 -39.12 -19.43
C GLY D 97 -35.14 -39.29 -19.74
N ASP D 98 -35.51 -39.64 -20.96
CA ASP D 98 -36.90 -39.81 -21.35
C ASP D 98 -37.22 -41.28 -21.56
N VAL D 99 -38.49 -41.56 -21.84
CA VAL D 99 -39.00 -42.93 -21.85
C VAL D 99 -38.84 -43.53 -23.23
N ILE D 100 -38.28 -44.74 -23.28
CA ILE D 100 -38.03 -45.49 -24.51
C ILE D 100 -38.74 -46.83 -24.38
N SER D 101 -39.47 -47.20 -25.45
CA SER D 101 -40.26 -48.42 -25.48
C SER D 101 -39.47 -49.52 -26.20
N ILE D 102 -39.49 -50.72 -25.63
CA ILE D 102 -38.75 -51.86 -26.16
C ILE D 102 -39.76 -52.89 -26.66
N GLN D 103 -39.56 -53.36 -27.89
CA GLN D 103 -40.57 -54.17 -28.60
C GLN D 103 -39.88 -55.27 -29.40
N PRO D 104 -39.33 -56.28 -28.72
CA PRO D 104 -38.48 -57.26 -29.40
C PRO D 104 -39.28 -58.15 -30.36
N CYS D 105 -38.92 -58.10 -31.65
CA CYS D 105 -39.50 -58.97 -32.65
C CYS D 105 -38.61 -59.02 -33.89
N PRO D 106 -37.59 -59.87 -33.92
CA PRO D 106 -36.68 -59.89 -35.08
C PRO D 106 -37.10 -60.89 -36.15
N ASP D 107 -36.79 -60.53 -37.39
CA ASP D 107 -36.88 -61.44 -38.52
C ASP D 107 -35.54 -62.16 -38.74
N VAL D 108 -35.57 -63.20 -39.56
CA VAL D 108 -34.35 -63.95 -39.88
C VAL D 108 -33.68 -63.44 -41.15
N LYS D 109 -34.26 -62.46 -41.83
CA LYS D 109 -33.77 -62.00 -43.13
C LYS D 109 -32.73 -60.92 -42.92
N TYR D 110 -31.45 -61.31 -42.96
CA TYR D 110 -30.39 -60.33 -42.96
C TYR D 110 -30.49 -59.46 -44.21
N GLY D 111 -30.16 -58.18 -44.06
CA GLY D 111 -30.46 -57.21 -45.09
C GLY D 111 -29.82 -57.58 -46.42
N LYS D 112 -30.50 -57.21 -47.50
CA LYS D 112 -29.98 -57.34 -48.85
C LYS D 112 -30.02 -55.99 -49.55
N ARG D 113 -28.92 -55.63 -50.20
CA ARG D 113 -28.81 -54.40 -50.97
C ARG D 113 -29.05 -53.17 -50.10
N ILE D 114 -28.66 -53.25 -48.83
CA ILE D 114 -28.80 -52.10 -47.96
C ILE D 114 -27.93 -50.97 -48.50
N HIS D 115 -28.28 -49.74 -48.13
CA HIS D 115 -27.79 -48.56 -48.83
C HIS D 115 -27.61 -47.45 -47.81
N VAL D 116 -26.72 -46.52 -48.11
CA VAL D 116 -26.51 -45.36 -47.26
C VAL D 116 -25.86 -44.27 -48.11
N LEU D 117 -25.88 -43.03 -47.65
CA LEU D 117 -25.33 -41.93 -48.42
C LEU D 117 -24.57 -41.01 -47.48
N PRO D 118 -23.68 -40.16 -48.01
CA PRO D 118 -23.11 -39.06 -47.21
C PRO D 118 -23.93 -37.80 -47.35
N ILE D 119 -25.23 -37.87 -47.09
CA ILE D 119 -26.06 -36.66 -47.14
C ILE D 119 -25.92 -36.00 -45.78
N ASP D 120 -24.82 -35.28 -45.59
CA ASP D 120 -24.44 -34.74 -44.30
C ASP D 120 -23.36 -33.69 -44.52
N ASP D 121 -23.26 -32.76 -43.56
CA ASP D 121 -22.17 -31.78 -43.58
C ASP D 121 -20.89 -32.33 -42.96
N THR D 122 -20.93 -33.54 -42.41
CA THR D 122 -19.75 -34.09 -41.76
C THR D 122 -18.62 -34.37 -42.74
N VAL D 123 -18.93 -34.51 -44.02
CA VAL D 123 -17.95 -34.96 -45.02
C VAL D 123 -17.36 -33.76 -45.75
N GLU D 124 -17.45 -32.57 -45.15
CA GLU D 124 -16.87 -31.39 -45.76
C GLU D 124 -15.37 -31.58 -45.97
N GLY D 125 -14.91 -31.28 -47.18
CA GLY D 125 -13.51 -31.38 -47.51
C GLY D 125 -12.96 -32.78 -47.64
N ILE D 126 -13.69 -33.80 -47.18
CA ILE D 126 -13.17 -35.17 -47.22
C ILE D 126 -13.15 -35.66 -48.66
N THR D 127 -12.17 -36.49 -48.99
CA THR D 127 -12.03 -37.04 -50.33
C THR D 127 -11.66 -38.51 -50.21
N GLY D 128 -11.43 -39.12 -51.36
CA GLY D 128 -11.16 -40.55 -51.40
C GLY D 128 -12.42 -41.36 -51.23
N ASN D 129 -12.25 -42.67 -51.24
CA ASN D 129 -13.38 -43.58 -51.03
C ASN D 129 -13.64 -43.67 -49.53
N LEU D 130 -14.37 -42.68 -49.03
CA LEU D 130 -14.79 -42.69 -47.64
C LEU D 130 -15.67 -43.90 -47.31
N PHE D 131 -16.21 -44.56 -48.33
CA PHE D 131 -16.99 -45.77 -48.09
C PHE D 131 -16.09 -46.92 -47.66
N GLU D 132 -14.92 -47.05 -48.30
CA GLU D 132 -14.01 -48.14 -47.97
C GLU D 132 -13.48 -48.03 -46.55
N VAL D 133 -13.09 -46.83 -46.14
CA VAL D 133 -12.39 -46.66 -44.87
C VAL D 133 -13.37 -46.69 -43.70
N TYR D 134 -14.52 -46.03 -43.83
CA TYR D 134 -15.44 -45.89 -42.72
C TYR D 134 -16.52 -46.97 -42.72
N LEU D 135 -17.33 -47.02 -43.79
CA LEU D 135 -18.58 -47.77 -43.73
C LEU D 135 -18.32 -49.26 -43.77
N LYS D 136 -17.43 -49.72 -44.64
CA LYS D 136 -17.23 -51.16 -44.81
C LYS D 136 -16.75 -51.85 -43.54
N PRO D 137 -15.76 -51.34 -42.80
CA PRO D 137 -15.39 -52.02 -41.55
C PRO D 137 -16.44 -51.89 -40.47
N TYR D 138 -17.06 -50.71 -40.35
CA TYR D 138 -18.11 -50.52 -39.35
C TYR D 138 -19.26 -51.49 -39.58
N PHE D 139 -19.50 -51.89 -40.84
CA PHE D 139 -20.57 -52.82 -41.14
C PHE D 139 -20.12 -54.26 -40.98
N LEU D 140 -19.10 -54.67 -41.74
CA LEU D 140 -18.75 -56.09 -41.81
C LEU D 140 -18.06 -56.61 -40.55
N GLU D 141 -17.21 -55.80 -39.92
CA GLU D 141 -16.53 -56.28 -38.72
C GLU D 141 -17.48 -56.49 -37.56
N ALA D 142 -18.60 -55.76 -37.53
CA ALA D 142 -19.52 -55.80 -36.40
C ALA D 142 -20.72 -56.69 -36.66
N TYR D 143 -21.21 -56.77 -37.89
CA TYR D 143 -22.43 -57.49 -38.20
C TYR D 143 -23.58 -57.01 -37.31
N ARG D 144 -23.66 -55.69 -37.14
CA ARG D 144 -24.58 -55.07 -36.20
C ARG D 144 -25.95 -54.85 -36.82
N PRO D 145 -26.98 -54.62 -36.00
CA PRO D 145 -28.32 -54.39 -36.56
C PRO D 145 -28.47 -52.98 -37.11
N ILE D 146 -29.10 -52.90 -38.28
CA ILE D 146 -29.29 -51.66 -39.00
C ILE D 146 -30.77 -51.55 -39.36
N ARG D 147 -31.29 -50.33 -39.31
CA ARG D 147 -32.67 -50.06 -39.70
C ARG D 147 -32.68 -48.78 -40.53
N LYS D 148 -33.48 -48.77 -41.59
CA LYS D 148 -33.41 -47.66 -42.52
C LYS D 148 -33.95 -46.37 -41.90
N GLY D 149 -33.47 -45.24 -42.41
CA GLY D 149 -33.77 -43.95 -41.87
C GLY D 149 -32.98 -43.58 -40.64
N ASP D 150 -32.06 -44.44 -40.19
CA ASP D 150 -31.37 -44.21 -38.93
C ASP D 150 -29.95 -43.73 -39.16
N ILE D 151 -29.58 -42.64 -38.51
CA ILE D 151 -28.24 -42.10 -38.60
C ILE D 151 -27.32 -42.92 -37.71
N PHE D 152 -26.10 -43.18 -38.19
CA PHE D 152 -25.11 -43.93 -37.43
C PHE D 152 -23.75 -43.28 -37.61
N LEU D 153 -23.00 -43.19 -36.52
CA LEU D 153 -21.73 -42.48 -36.45
C LEU D 153 -20.59 -43.48 -36.42
N VAL D 154 -19.59 -43.28 -37.27
CA VAL D 154 -18.38 -44.08 -37.29
C VAL D 154 -17.19 -43.15 -37.22
N ARG D 155 -16.23 -43.46 -36.35
CA ARG D 155 -15.11 -42.59 -36.09
C ARG D 155 -13.84 -43.21 -36.64
N GLY D 156 -12.99 -42.36 -37.21
CA GLY D 156 -11.74 -42.81 -37.80
C GLY D 156 -11.16 -41.73 -38.69
N GLY D 157 -9.89 -41.86 -39.05
CA GLY D 157 -9.27 -40.85 -39.90
C GLY D 157 -9.34 -39.46 -39.31
N MET D 158 -9.39 -39.37 -37.97
CA MET D 158 -9.47 -38.10 -37.27
C MET D 158 -10.77 -37.35 -37.59
N ARG D 159 -11.79 -38.07 -38.03
CA ARG D 159 -13.12 -37.53 -38.27
C ARG D 159 -14.17 -38.46 -37.67
N ALA D 160 -15.26 -37.87 -37.19
CA ALA D 160 -16.46 -38.60 -36.82
C ALA D 160 -17.49 -38.37 -37.93
N VAL D 161 -17.75 -39.40 -38.72
CA VAL D 161 -18.58 -39.30 -39.91
C VAL D 161 -19.85 -40.10 -39.65
N GLU D 162 -21.00 -39.44 -39.77
CA GLU D 162 -22.29 -40.07 -39.56
C GLU D 162 -23.07 -40.10 -40.86
N PHE D 163 -23.70 -41.24 -41.14
CA PHE D 163 -24.49 -41.41 -42.36
C PHE D 163 -25.90 -41.88 -42.01
N LYS D 164 -26.86 -41.47 -42.84
CA LYS D 164 -28.26 -41.85 -42.68
C LYS D 164 -28.59 -43.01 -43.60
N VAL D 165 -28.83 -44.18 -43.02
CA VAL D 165 -29.21 -45.38 -43.78
C VAL D 165 -30.38 -45.01 -44.67
N VAL D 166 -30.54 -45.72 -45.78
CA VAL D 166 -31.59 -45.41 -46.75
C VAL D 166 -32.33 -46.63 -47.25
N GLU D 167 -31.84 -47.85 -47.05
CA GLU D 167 -32.58 -49.03 -47.47
C GLU D 167 -32.10 -50.22 -46.66
N THR D 168 -33.06 -51.04 -46.24
CA THR D 168 -32.74 -52.22 -45.44
C THR D 168 -33.61 -53.41 -45.79
N ASP D 169 -34.36 -53.37 -46.90
CA ASP D 169 -35.53 -54.20 -47.14
C ASP D 169 -36.62 -53.73 -46.19
N PRO D 170 -37.90 -54.03 -46.46
CA PRO D 170 -38.96 -53.51 -45.58
C PRO D 170 -38.98 -54.10 -44.19
N SER D 171 -38.03 -54.97 -43.85
CA SER D 171 -37.99 -55.61 -42.54
C SER D 171 -37.86 -54.55 -41.45
N PRO D 172 -38.48 -54.73 -40.29
CA PRO D 172 -38.33 -53.75 -39.20
C PRO D 172 -36.91 -53.63 -38.70
N TYR D 173 -36.07 -54.63 -38.92
CA TYR D 173 -34.69 -54.60 -38.48
C TYR D 173 -33.90 -55.46 -39.45
N CYS D 174 -32.61 -55.15 -39.60
CA CYS D 174 -31.75 -55.98 -40.43
C CYS D 174 -30.34 -55.96 -39.86
N ILE D 175 -29.68 -57.11 -39.92
CA ILE D 175 -28.32 -57.28 -39.45
C ILE D 175 -27.42 -57.50 -40.66
N VAL D 176 -26.33 -56.75 -40.70
CA VAL D 176 -25.36 -56.88 -41.79
C VAL D 176 -24.64 -58.21 -41.65
N ALA D 177 -24.47 -58.90 -42.77
CA ALA D 177 -23.89 -60.24 -42.80
C ALA D 177 -23.18 -60.44 -44.13
N PRO D 178 -22.53 -61.58 -44.36
CA PRO D 178 -21.85 -61.79 -45.65
C PRO D 178 -22.77 -61.66 -46.85
N ASP D 179 -24.01 -62.11 -46.75
CA ASP D 179 -24.97 -61.98 -47.84
C ASP D 179 -25.57 -60.58 -47.93
N THR D 180 -25.21 -59.67 -47.02
CA THR D 180 -25.66 -58.29 -47.08
C THR D 180 -24.76 -57.54 -48.06
N VAL D 181 -25.28 -57.31 -49.26
CA VAL D 181 -24.49 -56.64 -50.29
C VAL D 181 -24.64 -55.14 -50.10
N ILE D 182 -23.84 -54.58 -49.20
CA ILE D 182 -23.91 -53.16 -48.86
C ILE D 182 -23.73 -52.33 -50.12
N HIS D 183 -24.20 -51.08 -50.07
CA HIS D 183 -24.12 -50.18 -51.22
C HIS D 183 -23.93 -48.77 -50.70
N CYS D 184 -23.49 -47.89 -51.59
CA CYS D 184 -23.34 -46.47 -51.25
C CYS D 184 -23.59 -45.64 -52.49
N GLU D 185 -23.98 -44.38 -52.26
CA GLU D 185 -24.19 -43.41 -53.32
C GLU D 185 -23.90 -42.03 -52.74
N GLY D 186 -23.85 -41.02 -53.62
CA GLY D 186 -23.49 -39.68 -53.20
C GLY D 186 -24.56 -38.64 -53.51
N GLU D 187 -24.78 -37.71 -52.57
CA GLU D 187 -25.71 -36.61 -52.78
C GLU D 187 -25.29 -35.44 -51.90
N PRO D 188 -25.75 -34.22 -52.21
CA PRO D 188 -25.29 -33.04 -51.45
C PRO D 188 -26.21 -32.63 -50.31
N ILE D 189 -27.38 -33.25 -50.18
CA ILE D 189 -28.37 -32.80 -49.22
C ILE D 189 -27.85 -33.02 -47.80
N LYS D 190 -28.11 -32.06 -46.92
CA LYS D 190 -27.65 -32.09 -45.54
C LYS D 190 -28.72 -32.69 -44.64
N ARG D 191 -28.44 -32.68 -43.34
CA ARG D 191 -29.35 -33.30 -42.38
C ARG D 191 -30.61 -32.47 -42.22
N GLU D 192 -31.68 -33.12 -41.76
CA GLU D 192 -32.94 -32.45 -41.56
C GLU D 192 -32.95 -31.68 -40.25
N ASP D 193 -33.95 -30.82 -40.10
CA ASP D 193 -34.12 -30.08 -38.85
C ASP D 193 -34.37 -31.02 -37.68
N GLU D 194 -35.07 -32.13 -37.90
CA GLU D 194 -35.33 -33.08 -36.84
C GLU D 194 -34.06 -33.74 -36.32
N GLU D 195 -33.00 -33.78 -37.12
CA GLU D 195 -31.75 -34.41 -36.74
C GLU D 195 -30.90 -33.46 -35.91
N GLU D 196 -30.32 -33.99 -34.85
CA GLU D 196 -29.42 -33.20 -34.01
C GLU D 196 -28.06 -33.06 -34.70
N SER D 197 -27.43 -31.90 -34.49
CA SER D 197 -26.10 -31.65 -35.01
C SER D 197 -25.11 -32.44 -34.17
N LEU D 198 -24.84 -33.67 -34.60
CA LEU D 198 -23.99 -34.57 -33.83
C LEU D 198 -22.53 -34.13 -33.83
N ASN D 199 -22.15 -33.16 -34.66
CA ASN D 199 -20.78 -32.68 -34.62
C ASN D 199 -20.49 -31.86 -33.36
N GLU D 200 -21.53 -31.45 -32.62
CA GLU D 200 -21.35 -30.64 -31.43
C GLU D 200 -21.65 -31.46 -30.17
N VAL D 201 -21.25 -30.89 -29.04
CA VAL D 201 -21.01 -31.64 -27.81
C VAL D 201 -22.28 -32.30 -27.28
N GLY D 202 -22.10 -33.20 -26.33
CA GLY D 202 -23.18 -33.81 -25.59
C GLY D 202 -22.69 -34.18 -24.21
N TYR D 203 -23.43 -35.08 -23.57
CA TYR D 203 -23.01 -35.53 -22.24
C TYR D 203 -21.80 -36.45 -22.33
N ASP D 204 -21.71 -37.26 -23.38
CA ASP D 204 -20.59 -38.20 -23.52
C ASP D 204 -19.29 -37.51 -23.88
N ASP D 205 -19.32 -36.23 -24.24
CA ASP D 205 -18.12 -35.48 -24.58
C ASP D 205 -17.49 -34.79 -23.38
N ILE D 206 -17.90 -35.14 -22.16
CA ILE D 206 -17.27 -34.66 -20.93
C ILE D 206 -16.84 -35.87 -20.13
N GLY D 207 -15.56 -35.91 -19.76
CA GLY D 207 -15.04 -37.08 -19.08
C GLY D 207 -14.42 -36.81 -17.72
N GLY D 208 -13.89 -35.61 -17.53
CA GLY D 208 -13.10 -35.34 -16.35
C GLY D 208 -13.91 -35.13 -15.08
N CYS D 209 -15.20 -34.84 -15.21
CA CYS D 209 -15.99 -34.34 -14.09
C CYS D 209 -17.33 -35.06 -14.00
N ARG D 210 -17.31 -36.40 -14.05
CA ARG D 210 -18.57 -37.13 -13.97
C ARG D 210 -19.34 -36.81 -12.70
N LYS D 211 -18.63 -36.55 -11.59
CA LYS D 211 -19.33 -36.18 -10.36
C LYS D 211 -20.05 -34.84 -10.51
N GLN D 212 -19.33 -33.81 -10.95
CA GLN D 212 -19.95 -32.50 -11.10
C GLN D 212 -20.95 -32.51 -12.25
N LEU D 213 -20.69 -33.29 -13.29
CA LEU D 213 -21.67 -33.40 -14.36
C LEU D 213 -22.96 -34.05 -13.88
N ALA D 214 -22.85 -35.08 -13.04
CA ALA D 214 -24.05 -35.67 -12.45
C ALA D 214 -24.77 -34.66 -11.57
N GLN D 215 -24.00 -33.89 -10.80
CA GLN D 215 -24.61 -32.84 -9.98
C GLN D 215 -25.39 -31.85 -10.83
N ILE D 216 -24.77 -31.37 -11.92
CA ILE D 216 -25.41 -30.36 -12.76
C ILE D 216 -26.65 -30.93 -13.44
N LYS D 217 -26.53 -32.14 -14.01
CA LYS D 217 -27.67 -32.69 -14.73
C LYS D 217 -28.82 -33.00 -13.79
N GLU D 218 -28.53 -33.52 -12.60
CA GLU D 218 -29.57 -33.69 -11.60
C GLU D 218 -30.16 -32.35 -11.18
N MET D 219 -29.33 -31.32 -11.16
CA MET D 219 -29.76 -30.01 -10.69
C MET D 219 -30.65 -29.30 -11.69
N VAL D 220 -30.50 -29.58 -12.98
CA VAL D 220 -31.23 -28.87 -14.02
C VAL D 220 -31.96 -29.79 -14.98
N GLU D 221 -32.22 -31.05 -14.63
CA GLU D 221 -33.08 -31.87 -15.47
C GLU D 221 -34.54 -31.55 -15.26
N LEU D 222 -34.89 -31.04 -14.08
CA LEU D 222 -36.31 -30.78 -13.80
C LEU D 222 -36.75 -29.46 -14.41
N PRO D 223 -36.05 -28.34 -14.24
CA PRO D 223 -36.49 -27.09 -14.89
C PRO D 223 -36.50 -27.17 -16.41
N LEU D 224 -35.47 -27.76 -17.01
CA LEU D 224 -35.30 -27.65 -18.45
C LEU D 224 -36.13 -28.69 -19.18
N ARG D 225 -36.14 -29.93 -18.71
CA ARG D 225 -36.97 -30.95 -19.35
C ARG D 225 -38.45 -30.71 -19.08
N HIS D 226 -38.79 -30.22 -17.89
CA HIS D 226 -40.18 -30.01 -17.48
C HIS D 226 -40.36 -28.60 -16.90
N PRO D 227 -40.25 -27.56 -17.72
CA PRO D 227 -40.43 -26.20 -17.17
C PRO D 227 -41.81 -25.96 -16.61
N ALA D 228 -42.84 -26.61 -17.15
CA ALA D 228 -44.16 -26.51 -16.56
C ALA D 228 -44.18 -27.10 -15.16
N LEU D 229 -43.32 -28.10 -14.94
CA LEU D 229 -43.22 -28.78 -13.65
C LEU D 229 -42.52 -27.91 -12.63
N PHE D 230 -42.24 -26.66 -12.99
CA PHE D 230 -42.07 -25.61 -12.01
C PHE D 230 -43.09 -24.50 -12.18
N LYS D 231 -43.59 -24.30 -13.41
CA LYS D 231 -44.57 -23.26 -13.64
C LYS D 231 -45.75 -23.36 -12.69
N ALA D 232 -46.30 -24.56 -12.47
CA ALA D 232 -47.52 -24.66 -11.67
C ALA D 232 -47.25 -24.81 -10.17
N ILE D 233 -46.20 -25.52 -9.77
CA ILE D 233 -45.93 -25.81 -8.36
C ILE D 233 -45.09 -24.69 -7.76
N GLY D 234 -45.16 -24.54 -6.44
CA GLY D 234 -44.60 -23.42 -5.72
C GLY D 234 -43.11 -23.44 -5.47
N VAL D 235 -42.42 -24.57 -5.66
CA VAL D 235 -40.99 -24.57 -5.40
C VAL D 235 -40.28 -23.67 -6.40
N LYS D 236 -39.29 -22.93 -5.92
CA LYS D 236 -38.52 -22.05 -6.77
C LYS D 236 -37.35 -22.83 -7.36
N PRO D 237 -37.26 -22.96 -8.68
CA PRO D 237 -36.22 -23.79 -9.27
C PRO D 237 -34.85 -23.17 -9.09
N PRO D 238 -33.79 -23.89 -9.44
CA PRO D 238 -32.49 -23.22 -9.58
C PRO D 238 -32.57 -22.14 -10.65
N ARG D 239 -32.46 -20.88 -10.23
CA ARG D 239 -32.53 -19.76 -11.17
C ARG D 239 -31.17 -19.40 -11.75
N GLY D 240 -30.10 -19.84 -11.12
CA GLY D 240 -28.76 -19.52 -11.59
C GLY D 240 -27.75 -20.50 -11.06
N ILE D 241 -26.97 -21.06 -11.99
CA ILE D 241 -25.85 -21.94 -11.66
C ILE D 241 -24.59 -21.21 -12.07
N LEU D 242 -23.57 -21.30 -11.21
CA LEU D 242 -22.30 -20.64 -11.44
C LEU D 242 -21.23 -21.73 -11.49
N LEU D 243 -21.02 -22.29 -12.68
CA LEU D 243 -19.88 -23.18 -12.86
C LEU D 243 -18.61 -22.38 -12.64
N TYR D 244 -17.58 -23.03 -12.12
CA TYR D 244 -16.29 -22.35 -12.02
C TYR D 244 -15.17 -23.36 -11.87
N GLY D 245 -13.96 -22.86 -12.09
CA GLY D 245 -12.78 -23.68 -12.20
C GLY D 245 -11.82 -23.01 -13.15
N PRO D 246 -10.57 -23.45 -13.18
CA PRO D 246 -9.55 -22.76 -13.96
C PRO D 246 -9.91 -22.76 -15.43
N PRO D 247 -9.44 -21.76 -16.18
CA PRO D 247 -9.82 -21.67 -17.59
C PRO D 247 -9.37 -22.89 -18.36
N GLY D 248 -10.16 -23.28 -19.35
CA GLY D 248 -9.93 -24.51 -20.06
C GLY D 248 -10.37 -25.74 -19.33
N THR D 249 -11.01 -25.60 -18.17
CA THR D 249 -11.44 -26.75 -17.40
C THR D 249 -12.58 -27.50 -18.08
N GLY D 250 -13.25 -26.87 -19.03
CA GLY D 250 -14.42 -27.44 -19.65
C GLY D 250 -15.73 -26.85 -19.23
N LYS D 251 -15.72 -25.65 -18.64
CA LYS D 251 -16.94 -25.06 -18.12
C LYS D 251 -17.94 -24.79 -19.25
N THR D 252 -17.50 -24.08 -20.29
CA THR D 252 -18.37 -23.83 -21.43
C THR D 252 -18.77 -25.12 -22.09
N LEU D 253 -17.86 -26.11 -22.12
CA LEU D 253 -18.23 -27.41 -22.66
C LEU D 253 -19.38 -28.01 -21.88
N ILE D 254 -19.32 -27.95 -20.55
CA ILE D 254 -20.37 -28.55 -19.74
C ILE D 254 -21.68 -27.83 -19.97
N ALA D 255 -21.65 -26.51 -19.98
CA ALA D 255 -22.87 -25.75 -20.20
C ALA D 255 -23.47 -26.07 -21.56
N ARG D 256 -22.63 -26.15 -22.58
CA ARG D 256 -23.13 -26.46 -23.92
C ARG D 256 -23.67 -27.88 -23.99
N ALA D 257 -23.04 -28.82 -23.29
CA ALA D 257 -23.54 -30.19 -23.28
C ALA D 257 -24.90 -30.26 -22.62
N VAL D 258 -25.08 -29.54 -21.52
CA VAL D 258 -26.38 -29.55 -20.85
C VAL D 258 -27.43 -28.86 -21.72
N ALA D 259 -27.05 -27.74 -22.34
CA ALA D 259 -27.99 -26.98 -23.16
C ALA D 259 -28.28 -27.65 -24.49
N ASN D 260 -27.48 -28.64 -24.89
CA ASN D 260 -27.79 -29.34 -26.13
C ASN D 260 -29.00 -30.23 -26.02
N GLU D 261 -29.61 -30.31 -24.84
CA GLU D 261 -30.95 -30.87 -24.69
C GLU D 261 -32.03 -29.82 -24.86
N THR D 262 -31.67 -28.54 -24.80
CA THR D 262 -32.63 -27.44 -24.95
C THR D 262 -32.02 -26.33 -25.80
N GLY D 263 -31.31 -26.70 -26.86
CA GLY D 263 -30.56 -25.74 -27.63
C GLY D 263 -31.37 -24.97 -28.65
N ALA D 264 -32.53 -24.46 -28.24
CA ALA D 264 -33.34 -23.65 -29.15
C ALA D 264 -32.73 -22.27 -29.34
N PHE D 265 -32.30 -21.63 -28.26
CA PHE D 265 -31.77 -20.27 -28.37
C PHE D 265 -30.57 -20.04 -27.46
N PHE D 266 -29.99 -21.08 -26.88
CA PHE D 266 -28.86 -20.90 -25.96
C PHE D 266 -27.63 -20.33 -26.66
N PHE D 267 -27.36 -20.81 -27.88
CA PHE D 267 -26.02 -20.68 -28.46
C PHE D 267 -25.62 -19.24 -28.68
N LEU D 268 -26.56 -18.41 -29.13
CA LEU D 268 -26.25 -17.01 -29.44
C LEU D 268 -26.04 -16.16 -28.20
N ILE D 269 -26.23 -16.71 -27.00
CA ILE D 269 -26.33 -15.90 -25.79
C ILE D 269 -25.09 -15.98 -24.91
N ASN D 270 -24.04 -16.67 -25.34
CA ASN D 270 -22.76 -16.55 -24.64
C ASN D 270 -22.36 -15.08 -24.58
N GLY D 271 -21.96 -14.63 -23.39
CA GLY D 271 -21.78 -13.21 -23.18
C GLY D 271 -20.39 -12.75 -22.76
N PRO D 272 -19.33 -13.27 -23.37
CA PRO D 272 -18.00 -12.73 -23.06
C PRO D 272 -17.71 -11.42 -23.78
N GLU D 273 -18.39 -11.23 -24.93
CA GLU D 273 -18.20 -10.03 -25.73
C GLU D 273 -18.98 -8.84 -25.17
N ILE D 274 -19.93 -9.10 -24.28
CA ILE D 274 -20.87 -8.06 -23.86
C ILE D 274 -20.14 -6.90 -23.20
N MET D 275 -19.18 -7.21 -22.32
CA MET D 275 -18.54 -6.18 -21.51
C MET D 275 -17.74 -5.19 -22.34
N SER D 276 -17.50 -5.50 -23.61
CA SER D 276 -16.50 -4.77 -24.37
C SER D 276 -17.09 -3.89 -25.47
N LYS D 277 -18.42 -3.73 -25.51
CA LYS D 277 -19.04 -2.85 -26.48
C LYS D 277 -19.30 -1.49 -25.84
N LEU D 278 -18.89 -0.42 -26.52
CA LEU D 278 -18.75 0.89 -25.88
C LEU D 278 -20.04 1.34 -25.20
N ALA D 279 -19.95 1.51 -23.88
CA ALA D 279 -21.00 2.13 -23.05
C ALA D 279 -22.32 1.40 -23.26
N GLY D 280 -23.45 2.11 -23.42
CA GLY D 280 -24.75 1.48 -23.39
C GLY D 280 -24.96 0.42 -24.44
N GLU D 281 -24.14 0.41 -25.49
CA GLU D 281 -24.23 -0.64 -26.49
C GLU D 281 -24.15 -2.02 -25.84
N SER D 282 -23.33 -2.14 -24.79
CA SER D 282 -23.33 -3.38 -24.02
C SER D 282 -24.62 -3.56 -23.25
N GLU D 283 -25.04 -2.52 -22.51
CA GLU D 283 -26.22 -2.63 -21.67
C GLU D 283 -27.45 -2.97 -22.51
N SER D 284 -27.57 -2.39 -23.70
CA SER D 284 -28.62 -2.82 -24.61
C SER D 284 -28.43 -4.27 -25.02
N ASN D 285 -27.24 -4.62 -25.50
CA ASN D 285 -26.99 -5.98 -25.95
C ASN D 285 -27.36 -6.99 -24.88
N LEU D 286 -26.84 -6.78 -23.67
CA LEU D 286 -27.15 -7.68 -22.55
C LEU D 286 -28.65 -7.86 -22.40
N ARG D 287 -29.42 -6.77 -22.43
CA ARG D 287 -30.86 -6.89 -22.34
C ARG D 287 -31.40 -7.80 -23.42
N LYS D 288 -31.02 -7.54 -24.68
CA LYS D 288 -31.47 -8.39 -25.77
C LYS D 288 -31.08 -9.83 -25.52
N ALA D 289 -29.90 -10.06 -24.94
CA ALA D 289 -29.46 -11.42 -24.66
C ALA D 289 -30.46 -12.14 -23.77
N PHE D 290 -30.94 -11.45 -22.73
CA PHE D 290 -31.97 -12.03 -21.89
C PHE D 290 -33.30 -12.09 -22.62
N GLU D 291 -33.58 -11.08 -23.44
CA GLU D 291 -34.87 -10.99 -24.10
C GLU D 291 -35.05 -12.09 -25.13
N GLU D 292 -33.99 -12.44 -25.85
CA GLU D 292 -34.08 -13.39 -26.96
C GLU D 292 -33.85 -14.83 -26.54
N ALA D 293 -33.14 -15.06 -25.43
CA ALA D 293 -32.90 -16.44 -25.00
C ALA D 293 -34.21 -17.11 -24.60
N GLU D 294 -35.08 -16.39 -23.90
CA GLU D 294 -36.33 -16.95 -23.41
C GLU D 294 -37.39 -17.10 -24.49
N LYS D 295 -37.17 -16.51 -25.67
CA LYS D 295 -38.25 -16.35 -26.64
C LYS D 295 -38.78 -17.69 -27.17
N ASN D 296 -37.99 -18.76 -27.12
CA ASN D 296 -38.41 -20.04 -27.64
C ASN D 296 -37.82 -21.17 -26.81
N ALA D 297 -38.69 -22.00 -26.23
CA ALA D 297 -38.30 -23.21 -25.51
C ALA D 297 -37.47 -22.86 -24.28
N PRO D 298 -37.25 -23.80 -23.35
CA PRO D 298 -36.29 -23.55 -22.28
C PRO D 298 -34.91 -23.31 -22.85
N ALA D 299 -34.20 -22.36 -22.25
CA ALA D 299 -32.91 -21.93 -22.81
C ALA D 299 -31.95 -21.65 -21.67
N ILE D 300 -30.68 -21.91 -21.92
CA ILE D 300 -29.60 -21.61 -21.00
C ILE D 300 -28.95 -20.31 -21.45
N ILE D 301 -28.70 -19.41 -20.51
CA ILE D 301 -28.04 -18.15 -20.80
C ILE D 301 -26.67 -18.20 -20.15
N PHE D 302 -25.66 -18.49 -20.93
CA PHE D 302 -24.31 -18.71 -20.43
C PHE D 302 -23.59 -17.38 -20.37
N ILE D 303 -23.35 -16.88 -19.16
CA ILE D 303 -22.58 -15.65 -19.00
C ILE D 303 -21.12 -16.02 -18.94
N ASP D 304 -20.50 -16.23 -20.10
CA ASP D 304 -19.12 -16.70 -20.15
C ASP D 304 -18.20 -15.67 -19.51
N GLU D 305 -17.28 -16.15 -18.67
CA GLU D 305 -16.33 -15.29 -17.99
C GLU D 305 -17.06 -14.18 -17.22
N LEU D 306 -17.96 -14.61 -16.33
CA LEU D 306 -18.60 -13.68 -15.42
C LEU D 306 -17.58 -12.97 -14.55
N ASP D 307 -16.39 -13.56 -14.41
CA ASP D 307 -15.30 -12.90 -13.69
C ASP D 307 -15.00 -11.53 -14.28
N ALA D 308 -15.24 -11.35 -15.57
CA ALA D 308 -14.93 -10.10 -16.25
C ALA D 308 -16.12 -9.16 -16.36
N ILE D 309 -17.31 -9.69 -16.60
CA ILE D 309 -18.49 -8.85 -16.72
C ILE D 309 -18.88 -8.24 -15.38
N ALA D 310 -18.80 -9.03 -14.31
CA ALA D 310 -19.26 -8.61 -12.98
C ALA D 310 -18.19 -8.83 -11.93
N PRO D 311 -17.09 -8.09 -11.99
CA PRO D 311 -16.05 -8.21 -10.97
C PRO D 311 -16.47 -7.49 -9.70
N LYS D 312 -15.70 -7.74 -8.64
CA LYS D 312 -15.93 -7.06 -7.37
C LYS D 312 -15.86 -5.56 -7.56
N ARG D 313 -16.94 -4.87 -7.20
CA ARG D 313 -17.00 -3.42 -7.38
C ARG D 313 -15.93 -2.71 -6.54
N GLU D 314 -15.40 -3.40 -5.53
CA GLU D 314 -14.35 -2.86 -4.69
C GLU D 314 -13.15 -2.38 -5.51
N LYS D 315 -12.90 -3.03 -6.64
CA LYS D 315 -11.73 -2.77 -7.46
C LYS D 315 -12.11 -2.25 -8.84
N THR D 316 -13.05 -1.32 -8.91
CA THR D 316 -13.44 -0.66 -10.14
C THR D 316 -13.15 0.84 -10.04
N HIS D 317 -12.79 1.44 -11.17
CA HIS D 317 -12.43 2.86 -11.22
C HIS D 317 -13.25 3.65 -12.23
N GLY D 318 -14.46 3.17 -12.56
CA GLY D 318 -15.31 3.87 -13.49
C GLY D 318 -16.76 3.49 -13.31
N GLU D 319 -17.66 4.47 -13.35
CA GLU D 319 -19.06 4.17 -13.05
C GLU D 319 -19.74 3.43 -14.18
N VAL D 320 -19.28 3.58 -15.42
CA VAL D 320 -19.95 2.88 -16.51
C VAL D 320 -19.82 1.37 -16.36
N GLU D 321 -18.64 0.89 -15.96
CA GLU D 321 -18.49 -0.55 -15.71
C GLU D 321 -19.25 -0.99 -14.46
N ARG D 322 -19.26 -0.14 -13.43
CA ARG D 322 -20.06 -0.43 -12.24
C ARG D 322 -21.53 -0.57 -12.60
N ARG D 323 -22.02 0.26 -13.51
CA ARG D 323 -23.41 0.17 -13.94
C ARG D 323 -23.64 -1.06 -14.79
N ILE D 324 -22.64 -1.46 -15.59
CA ILE D 324 -22.77 -2.71 -16.34
C ILE D 324 -22.98 -3.87 -15.38
N VAL D 325 -22.13 -3.98 -14.36
CA VAL D 325 -22.26 -5.09 -13.41
C VAL D 325 -23.58 -4.97 -12.65
N SER D 326 -23.95 -3.76 -12.22
CA SER D 326 -25.13 -3.61 -11.38
C SER D 326 -26.43 -3.55 -12.16
N GLN D 327 -26.40 -3.63 -13.49
CA GLN D 327 -27.59 -3.97 -14.27
C GLN D 327 -27.47 -5.35 -14.88
N LEU D 328 -26.38 -6.06 -14.63
CA LEU D 328 -26.45 -7.52 -14.74
C LEU D 328 -27.35 -8.09 -13.66
N LEU D 329 -27.24 -7.57 -12.44
CA LEU D 329 -28.01 -8.09 -11.32
C LEU D 329 -29.51 -7.92 -11.55
N THR D 330 -29.90 -6.75 -12.04
CA THR D 330 -31.32 -6.44 -12.19
C THR D 330 -31.95 -7.24 -13.33
N LEU D 331 -31.19 -7.57 -14.36
CA LEU D 331 -31.65 -8.49 -15.39
C LEU D 331 -31.65 -9.93 -14.89
N MET D 332 -30.78 -10.26 -13.94
CA MET D 332 -30.83 -11.56 -13.29
C MET D 332 -32.12 -11.73 -12.51
N ASP D 333 -32.48 -10.71 -11.73
CA ASP D 333 -33.63 -10.82 -10.85
C ASP D 333 -34.92 -11.05 -11.63
N GLY D 334 -35.02 -10.45 -12.81
CA GLY D 334 -36.23 -10.60 -13.61
C GLY D 334 -36.55 -12.03 -13.99
N LEU D 335 -35.56 -12.92 -13.99
CA LEU D 335 -35.79 -14.30 -14.39
C LEU D 335 -36.29 -15.17 -13.25
N LYS D 336 -36.48 -14.62 -12.06
CA LYS D 336 -37.01 -15.39 -10.95
C LYS D 336 -38.48 -15.76 -11.14
N GLN D 337 -39.14 -15.21 -12.16
CA GLN D 337 -40.58 -15.41 -12.31
C GLN D 337 -40.91 -16.80 -12.86
N ARG D 338 -40.00 -17.42 -13.60
CA ARG D 338 -40.31 -18.65 -14.31
C ARG D 338 -39.06 -19.51 -14.45
N ALA D 339 -39.28 -20.78 -14.79
CA ALA D 339 -38.25 -21.80 -14.65
C ALA D 339 -37.55 -22.16 -15.95
N HIS D 340 -38.16 -21.87 -17.11
CA HIS D 340 -37.64 -22.42 -18.35
C HIS D 340 -36.27 -21.88 -18.73
N VAL D 341 -35.82 -20.78 -18.12
CA VAL D 341 -34.53 -20.18 -18.43
C VAL D 341 -33.59 -20.37 -17.27
N ILE D 342 -32.35 -20.74 -17.57
CA ILE D 342 -31.32 -21.01 -16.58
C ILE D 342 -30.11 -20.17 -16.95
N VAL D 343 -29.54 -19.46 -15.98
CA VAL D 343 -28.39 -18.60 -16.25
C VAL D 343 -27.14 -19.32 -15.74
N MET D 344 -26.50 -20.09 -16.61
CA MET D 344 -25.31 -20.86 -16.25
C MET D 344 -24.09 -19.98 -16.47
N ALA D 345 -23.68 -19.25 -15.43
CA ALA D 345 -22.49 -18.44 -15.57
C ALA D 345 -21.25 -19.32 -15.61
N ALA D 346 -20.08 -18.67 -15.64
CA ALA D 346 -18.81 -19.36 -15.57
C ALA D 346 -17.74 -18.37 -15.12
N THR D 347 -16.81 -18.85 -14.31
CA THR D 347 -15.80 -17.98 -13.75
C THR D 347 -14.59 -18.79 -13.31
N ASN D 348 -13.44 -18.13 -13.19
CA ASN D 348 -12.23 -18.82 -12.78
C ASN D 348 -12.29 -19.22 -11.30
N ARG D 349 -12.82 -18.34 -10.45
CA ARG D 349 -12.96 -18.64 -9.04
C ARG D 349 -14.11 -17.80 -8.49
N PRO D 350 -14.75 -18.23 -7.42
CA PRO D 350 -16.00 -17.59 -6.98
C PRO D 350 -15.80 -16.26 -6.28
N ASN D 351 -14.70 -16.12 -5.55
CA ASN D 351 -14.48 -14.92 -4.75
C ASN D 351 -13.95 -13.75 -5.58
N SER D 352 -13.74 -13.93 -6.87
CA SER D 352 -13.37 -12.82 -7.75
C SER D 352 -14.59 -12.07 -8.28
N ILE D 353 -15.80 -12.60 -8.08
CA ILE D 353 -17.01 -11.96 -8.54
C ILE D 353 -17.64 -11.15 -7.41
N ASP D 354 -18.32 -10.08 -7.77
CA ASP D 354 -18.97 -9.22 -6.80
C ASP D 354 -19.97 -10.03 -5.98
N PRO D 355 -19.92 -10.00 -4.64
CA PRO D 355 -20.90 -10.76 -3.86
C PRO D 355 -22.33 -10.32 -4.05
N ALA D 356 -22.56 -9.27 -4.85
CA ALA D 356 -23.93 -8.95 -5.26
C ALA D 356 -24.58 -10.11 -6.01
N LEU D 357 -23.78 -10.98 -6.60
CA LEU D 357 -24.26 -12.27 -7.10
C LEU D 357 -24.17 -13.30 -5.98
N ARG D 358 -24.64 -14.50 -6.27
CA ARG D 358 -24.74 -15.57 -5.28
C ARG D 358 -25.73 -15.22 -4.16
N ARG D 359 -26.61 -14.27 -4.42
CA ARG D 359 -27.76 -14.04 -3.56
C ARG D 359 -28.82 -15.08 -3.86
N PHE D 360 -29.82 -15.16 -2.99
CA PHE D 360 -30.95 -16.03 -3.25
C PHE D 360 -31.63 -15.63 -4.55
N GLY D 361 -31.50 -16.48 -5.56
CA GLY D 361 -32.06 -16.23 -6.88
C GLY D 361 -31.08 -15.72 -7.91
N ARG D 362 -29.94 -15.18 -7.48
CA ARG D 362 -28.90 -14.67 -8.38
C ARG D 362 -27.71 -15.62 -8.28
N PHE D 363 -27.62 -16.55 -9.22
CA PHE D 363 -26.57 -17.57 -9.21
C PHE D 363 -26.54 -18.29 -7.86
N ASP D 364 -27.70 -18.83 -7.51
CA ASP D 364 -27.84 -19.45 -6.20
C ASP D 364 -26.94 -20.67 -6.03
N ARG D 365 -26.59 -21.37 -7.11
CA ARG D 365 -25.92 -22.67 -6.98
C ARG D 365 -24.56 -22.64 -7.68
N GLU D 366 -23.49 -22.56 -6.91
CA GLU D 366 -22.14 -22.61 -7.47
C GLU D 366 -21.72 -24.06 -7.64
N VAL D 367 -20.85 -24.31 -8.63
CA VAL D 367 -20.40 -25.66 -8.93
C VAL D 367 -18.94 -25.64 -9.37
N ASP D 368 -18.07 -26.24 -8.56
CA ASP D 368 -16.64 -26.24 -8.86
C ASP D 368 -16.30 -27.40 -9.78
N ILE D 369 -16.08 -27.12 -11.06
CA ILE D 369 -15.68 -28.19 -11.97
C ILE D 369 -14.30 -28.72 -11.59
N GLY D 370 -13.37 -27.82 -11.30
CA GLY D 370 -12.07 -28.23 -10.80
C GLY D 370 -11.23 -28.98 -11.81
N ILE D 371 -9.94 -29.08 -11.55
CA ILE D 371 -9.02 -29.75 -12.46
C ILE D 371 -9.33 -31.25 -12.47
N PRO D 372 -9.16 -31.96 -13.59
CA PRO D 372 -9.37 -33.41 -13.55
C PRO D 372 -8.30 -34.12 -12.76
N ASP D 373 -8.64 -35.30 -12.25
CA ASP D 373 -7.70 -36.11 -11.50
C ASP D 373 -7.01 -37.11 -12.43
N ALA D 374 -6.22 -38.02 -11.84
CA ALA D 374 -5.45 -38.96 -12.63
C ALA D 374 -6.33 -39.87 -13.48
N THR D 375 -7.58 -40.08 -13.10
CA THR D 375 -8.52 -40.83 -13.93
C THR D 375 -9.47 -39.94 -14.70
N GLY D 376 -9.67 -38.69 -14.29
CA GLY D 376 -10.40 -37.75 -15.10
C GLY D 376 -9.65 -37.41 -16.38
N ARG D 377 -8.33 -37.19 -16.25
CA ARG D 377 -7.53 -36.89 -17.43
C ARG D 377 -7.49 -38.08 -18.37
N LEU D 378 -7.53 -39.30 -17.82
CA LEU D 378 -7.61 -40.48 -18.67
C LEU D 378 -8.90 -40.47 -19.48
N GLU D 379 -10.01 -40.10 -18.84
CA GLU D 379 -11.28 -40.08 -19.55
C GLU D 379 -11.30 -38.98 -20.60
N ILE D 380 -10.70 -37.82 -20.29
CA ILE D 380 -10.62 -36.74 -21.26
C ILE D 380 -9.80 -37.17 -22.47
N LEU D 381 -8.66 -37.80 -22.21
CA LEU D 381 -7.82 -38.27 -23.31
C LEU D 381 -8.54 -39.30 -24.15
N GLN D 382 -9.29 -40.20 -23.51
CA GLN D 382 -10.03 -41.20 -24.27
C GLN D 382 -11.13 -40.55 -25.09
N ILE D 383 -11.76 -39.49 -24.55
CA ILE D 383 -12.80 -38.79 -25.29
C ILE D 383 -12.22 -38.11 -26.52
N HIS D 384 -11.09 -37.43 -26.36
CA HIS D 384 -10.52 -36.67 -27.47
C HIS D 384 -9.88 -37.58 -28.51
N THR D 385 -9.25 -38.66 -28.08
CA THR D 385 -8.59 -39.57 -29.01
C THR D 385 -9.59 -40.40 -29.81
N LYS D 386 -10.88 -40.37 -29.44
CA LYS D 386 -11.81 -41.38 -29.94
C LYS D 386 -11.98 -41.35 -31.45
N ASN D 387 -11.59 -40.27 -32.12
CA ASN D 387 -11.63 -40.24 -33.59
C ASN D 387 -10.26 -40.47 -34.21
N MET D 388 -9.20 -40.56 -33.41
CA MET D 388 -7.85 -40.81 -33.92
C MET D 388 -7.56 -42.30 -33.87
N LYS D 389 -6.91 -42.80 -34.92
CA LYS D 389 -6.44 -44.18 -34.93
C LYS D 389 -5.28 -44.24 -33.95
N LEU D 390 -5.58 -44.60 -32.70
CA LEU D 390 -4.65 -44.43 -31.60
C LEU D 390 -3.56 -45.49 -31.56
N ALA D 391 -3.37 -46.23 -32.65
CA ALA D 391 -2.30 -47.22 -32.74
C ALA D 391 -2.53 -48.36 -31.75
N ASP D 392 -1.49 -49.15 -31.48
CA ASP D 392 -1.59 -50.31 -30.62
C ASP D 392 -0.61 -50.26 -29.44
N ASP D 393 0.10 -49.14 -29.26
CA ASP D 393 1.07 -49.02 -28.18
C ASP D 393 0.85 -47.76 -27.35
N VAL D 394 -0.34 -47.18 -27.36
CA VAL D 394 -0.61 -45.95 -26.62
C VAL D 394 -0.95 -46.37 -25.18
N ASP D 395 -0.03 -46.12 -24.25
CA ASP D 395 -0.28 -46.37 -22.83
C ASP D 395 -1.02 -45.15 -22.26
N LEU D 396 -2.32 -45.10 -22.55
CA LEU D 396 -3.13 -43.97 -22.09
C LEU D 396 -3.04 -43.81 -20.58
N GLU D 397 -3.11 -44.92 -19.84
CA GLU D 397 -3.02 -44.85 -18.39
C GLU D 397 -1.69 -44.24 -17.95
N GLN D 398 -0.62 -44.47 -18.70
CA GLN D 398 0.67 -43.92 -18.33
C GLN D 398 0.71 -42.41 -18.52
N VAL D 399 0.25 -41.93 -19.69
CA VAL D 399 0.25 -40.49 -19.92
C VAL D 399 -0.71 -39.79 -18.97
N ALA D 400 -1.79 -40.47 -18.57
CA ALA D 400 -2.76 -39.86 -17.67
C ALA D 400 -2.11 -39.48 -16.34
N ASN D 401 -1.25 -40.33 -15.81
CA ASN D 401 -0.48 -39.96 -14.62
C ASN D 401 0.68 -39.03 -14.98
N GLU D 402 1.22 -39.18 -16.20
CA GLU D 402 2.32 -38.33 -16.64
C GLU D 402 1.88 -36.89 -16.79
N THR D 403 0.60 -36.67 -17.09
CA THR D 403 0.11 -35.35 -17.47
C THR D 403 -0.56 -34.65 -16.29
N HIS D 404 -0.03 -34.85 -15.09
CA HIS D 404 -0.60 -34.22 -13.90
C HIS D 404 -0.57 -32.71 -14.02
N GLY D 405 -1.68 -32.07 -13.64
CA GLY D 405 -1.81 -30.63 -13.71
C GLY D 405 -2.40 -30.09 -14.99
N HIS D 406 -2.58 -30.93 -16.01
CA HIS D 406 -3.14 -30.47 -17.28
C HIS D 406 -4.64 -30.29 -17.13
N VAL D 407 -5.10 -29.06 -17.25
CA VAL D 407 -6.50 -28.73 -16.99
C VAL D 407 -7.30 -28.93 -18.25
N GLY D 408 -8.04 -30.04 -18.34
CA GLY D 408 -9.10 -30.11 -19.32
C GLY D 408 -8.64 -29.91 -20.75
N ALA D 409 -8.87 -28.70 -21.26
CA ALA D 409 -8.59 -28.40 -22.66
C ALA D 409 -7.14 -28.67 -23.02
N ASP D 410 -6.22 -28.66 -22.06
CA ASP D 410 -4.83 -29.00 -22.37
C ASP D 410 -4.73 -30.43 -22.90
N LEU D 411 -5.40 -31.39 -22.26
CA LEU D 411 -5.45 -32.73 -22.81
C LEU D 411 -6.10 -32.76 -24.18
N ALA D 412 -6.91 -31.75 -24.51
CA ALA D 412 -7.43 -31.62 -25.86
C ALA D 412 -6.35 -31.11 -26.81
N ALA D 413 -5.55 -30.14 -26.36
CA ALA D 413 -4.43 -29.68 -27.17
C ALA D 413 -3.39 -30.78 -27.34
N LEU D 414 -3.08 -31.47 -26.24
CA LEU D 414 -2.14 -32.58 -26.30
C LEU D 414 -2.61 -33.63 -27.31
N CYS D 415 -3.87 -34.03 -27.22
CA CYS D 415 -4.39 -35.04 -28.14
C CYS D 415 -4.33 -34.56 -29.58
N SER D 416 -4.20 -33.24 -29.79
CA SER D 416 -3.95 -32.74 -31.14
C SER D 416 -2.46 -32.64 -31.42
N GLU D 417 -1.68 -32.15 -30.45
CA GLU D 417 -0.24 -32.07 -30.64
C GLU D 417 0.34 -33.42 -31.03
N ALA D 418 -0.17 -34.49 -30.43
CA ALA D 418 0.22 -35.83 -30.85
C ALA D 418 -0.28 -36.13 -32.25
N ALA D 419 -1.56 -35.87 -32.51
CA ALA D 419 -2.12 -36.21 -33.80
C ALA D 419 -1.40 -35.47 -34.92
N LEU D 420 -1.14 -34.18 -34.74
CA LEU D 420 -0.36 -33.45 -35.73
C LEU D 420 1.04 -34.02 -35.85
N GLN D 421 1.64 -34.43 -34.72
CA GLN D 421 2.95 -35.05 -34.79
C GLN D 421 2.92 -36.34 -35.59
N ALA D 422 1.73 -36.93 -35.76
CA ALA D 422 1.59 -38.10 -36.61
C ALA D 422 1.27 -37.71 -38.04
N ILE D 423 0.68 -36.54 -38.25
CA ILE D 423 0.46 -36.05 -39.61
C ILE D 423 1.77 -35.55 -40.21
N ARG D 424 2.43 -34.63 -39.50
CA ARG D 424 3.63 -34.00 -40.06
C ARG D 424 4.75 -35.00 -40.28
N LYS D 425 4.70 -36.17 -39.66
CA LYS D 425 5.66 -37.25 -39.92
C LYS D 425 5.12 -38.27 -40.92
N LYS D 426 3.94 -38.02 -41.48
CA LYS D 426 3.40 -38.86 -42.55
C LYS D 426 3.25 -38.02 -43.81
N MET D 427 3.14 -36.71 -43.66
CA MET D 427 2.95 -35.83 -44.80
C MET D 427 4.19 -35.76 -45.69
N ASP D 428 5.32 -36.28 -45.24
CA ASP D 428 6.47 -36.44 -46.13
C ASP D 428 6.29 -37.60 -47.09
N LEU D 429 5.77 -38.73 -46.62
CA LEU D 429 5.48 -39.85 -47.51
C LEU D 429 4.43 -39.46 -48.53
N ILE D 430 3.31 -38.90 -48.07
CA ILE D 430 2.24 -38.43 -48.94
C ILE D 430 2.51 -36.94 -49.14
N ASP D 431 3.06 -36.59 -50.31
CA ASP D 431 3.52 -35.24 -50.57
C ASP D 431 2.39 -34.34 -51.04
N LEU D 432 1.14 -34.70 -50.75
CA LEU D 432 0.01 -33.87 -51.11
C LEU D 432 0.09 -32.52 -50.40
N GLU D 433 -0.37 -31.48 -51.08
CA GLU D 433 -0.30 -30.12 -50.56
C GLU D 433 -1.58 -29.69 -49.88
N ASP D 434 -2.57 -30.56 -49.77
CA ASP D 434 -3.94 -30.15 -49.49
C ASP D 434 -4.63 -31.23 -48.66
N GLU D 435 -5.82 -30.90 -48.17
CA GLU D 435 -6.61 -31.79 -47.32
C GLU D 435 -7.34 -32.85 -48.12
N THR D 436 -7.41 -32.71 -49.43
CA THR D 436 -8.06 -33.72 -50.26
C THR D 436 -7.22 -34.99 -50.27
N ILE D 437 -6.13 -35.01 -49.50
CA ILE D 437 -5.55 -36.26 -49.03
C ILE D 437 -6.66 -37.17 -48.58
N ASP D 438 -6.60 -38.42 -49.03
CA ASP D 438 -7.74 -39.31 -48.92
C ASP D 438 -7.92 -39.79 -47.48
N ALA D 439 -9.17 -40.09 -47.11
CA ALA D 439 -9.44 -40.53 -45.75
C ALA D 439 -8.70 -41.82 -45.43
N GLU D 440 -8.46 -42.65 -46.45
CA GLU D 440 -7.81 -43.94 -46.20
C GLU D 440 -6.42 -43.77 -45.60
N VAL D 441 -5.62 -42.84 -46.12
CA VAL D 441 -4.29 -42.62 -45.54
C VAL D 441 -4.37 -41.81 -44.24
N MET D 442 -5.50 -41.18 -43.95
CA MET D 442 -5.70 -40.60 -42.62
C MET D 442 -6.02 -41.68 -41.59
N ASN D 443 -6.72 -42.73 -42.01
CA ASN D 443 -6.91 -43.89 -41.15
C ASN D 443 -5.59 -44.59 -40.84
N SER D 444 -4.58 -44.42 -41.69
CA SER D 444 -3.27 -45.02 -41.45
C SER D 444 -2.40 -44.18 -40.52
N LEU D 445 -2.89 -43.03 -40.05
CA LEU D 445 -2.12 -42.22 -39.12
C LEU D 445 -2.14 -42.82 -37.72
N ALA D 446 -1.48 -43.97 -37.55
CA ALA D 446 -1.40 -44.59 -36.23
C ALA D 446 -0.57 -43.70 -35.34
N VAL D 447 -1.23 -42.97 -34.44
CA VAL D 447 -0.53 -42.00 -33.61
C VAL D 447 0.16 -42.76 -32.49
N THR D 448 1.42 -43.15 -32.72
CA THR D 448 2.12 -43.99 -31.77
C THR D 448 2.42 -43.21 -30.49
N MET D 449 2.78 -43.95 -29.44
CA MET D 449 3.05 -43.32 -28.15
C MET D 449 4.31 -42.48 -28.20
N ASP D 450 5.15 -42.66 -29.22
CA ASP D 450 6.28 -41.75 -29.40
C ASP D 450 5.81 -40.34 -29.71
N ASP D 451 4.80 -40.20 -30.57
CA ASP D 451 4.22 -38.90 -30.87
C ASP D 451 3.58 -38.25 -29.65
N PHE D 452 2.88 -39.04 -28.82
CA PHE D 452 2.32 -38.48 -27.60
C PHE D 452 3.43 -38.13 -26.60
N ARG D 453 4.50 -38.92 -26.58
CA ARG D 453 5.64 -38.58 -25.74
C ARG D 453 6.21 -37.22 -26.13
N TRP D 454 6.32 -36.97 -27.44
CA TRP D 454 6.77 -35.67 -27.90
C TRP D 454 5.78 -34.57 -27.55
N ALA D 455 4.49 -34.84 -27.77
CA ALA D 455 3.48 -33.81 -27.51
C ALA D 455 3.45 -33.41 -26.04
N LEU D 456 3.58 -34.37 -25.14
CA LEU D 456 3.65 -34.04 -23.72
C LEU D 456 4.87 -33.19 -23.41
N SER D 457 6.01 -33.49 -24.03
CA SER D 457 7.19 -32.66 -23.84
C SER D 457 6.94 -31.24 -24.32
N GLN D 458 6.15 -31.06 -25.37
CA GLN D 458 5.81 -29.71 -25.82
C GLN D 458 4.76 -29.05 -24.93
N SER D 459 3.77 -29.81 -24.45
CA SER D 459 2.61 -29.23 -23.80
C SER D 459 3.00 -28.55 -22.49
N ASN D 460 2.32 -27.44 -22.19
CA ASN D 460 2.54 -26.66 -20.98
C ASN D 460 1.23 -26.51 -20.23
N PRO D 461 1.14 -26.89 -18.94
CA PRO D 461 -0.12 -26.74 -18.22
C PRO D 461 -0.32 -25.34 -17.66
N SER D 462 -0.08 -24.32 -18.49
CA SER D 462 -0.17 -22.93 -18.05
C SER D 462 -1.58 -22.49 -17.74
N ALA D 463 -2.61 -23.32 -17.91
CA ALA D 463 -3.95 -22.90 -17.52
C ALA D 463 -4.00 -22.62 -16.02
N LEU D 464 -3.57 -23.61 -15.22
CA LEU D 464 -3.41 -23.43 -13.78
C LEU D 464 -2.84 -24.72 -13.21
N ARG D 465 -2.16 -24.58 -12.07
CA ARG D 465 -1.78 -25.72 -11.24
C ARG D 465 -1.96 -25.27 -9.79
N GLU D 466 -3.12 -25.62 -9.23
CA GLU D 466 -3.51 -25.21 -7.89
C GLU D 466 -3.90 -26.47 -7.13
N THR D 467 -4.09 -26.33 -5.82
CA THR D 467 -4.44 -27.46 -4.96
C THR D 467 -5.47 -28.35 -5.62
N VAL D 468 -5.12 -29.62 -5.79
CA VAL D 468 -5.85 -30.55 -6.64
C VAL D 468 -6.67 -31.49 -5.77
N VAL D 469 -7.95 -31.62 -6.10
CA VAL D 469 -8.87 -32.49 -5.41
C VAL D 469 -9.08 -33.71 -6.28
N GLU D 470 -9.01 -34.89 -5.68
CA GLU D 470 -8.87 -36.12 -6.45
C GLU D 470 -9.56 -37.26 -5.74
N VAL D 471 -9.90 -38.30 -6.51
CA VAL D 471 -10.35 -39.57 -5.96
C VAL D 471 -9.18 -40.56 -6.08
N PRO D 472 -8.32 -40.68 -5.08
CA PRO D 472 -7.06 -41.41 -5.28
C PRO D 472 -7.30 -42.86 -5.67
N GLN D 473 -6.42 -43.37 -6.54
CA GLN D 473 -6.55 -44.72 -7.07
C GLN D 473 -5.84 -45.77 -6.23
N VAL D 474 -5.25 -45.38 -5.09
CA VAL D 474 -4.66 -46.37 -4.19
C VAL D 474 -5.77 -47.07 -3.41
N THR D 475 -5.49 -48.30 -2.99
CA THR D 475 -6.49 -49.08 -2.27
C THR D 475 -5.78 -50.00 -1.29
N TRP D 476 -6.58 -50.73 -0.50
CA TRP D 476 -6.03 -51.55 0.57
C TRP D 476 -4.92 -52.47 0.09
N GLU D 477 -5.07 -53.07 -1.08
CA GLU D 477 -4.07 -54.01 -1.55
C GLU D 477 -2.70 -53.37 -1.68
N ASP D 478 -2.63 -52.04 -1.80
CA ASP D 478 -1.36 -51.33 -1.82
C ASP D 478 -0.87 -50.93 -0.44
N ILE D 479 -1.68 -51.10 0.60
CA ILE D 479 -1.27 -50.81 1.97
C ILE D 479 -0.92 -52.14 2.61
N GLY D 480 0.34 -52.54 2.51
CA GLY D 480 0.77 -53.76 3.15
C GLY D 480 0.68 -53.64 4.66
N GLY D 481 0.32 -54.73 5.32
CA GLY D 481 0.25 -54.69 6.76
C GLY D 481 -0.81 -53.72 7.24
N LEU D 482 -0.60 -53.18 8.44
CA LEU D 482 -1.58 -52.32 9.09
C LEU D 482 -2.96 -52.97 9.08
N GLU D 483 -2.99 -54.25 9.45
CA GLU D 483 -4.25 -54.96 9.50
C GLU D 483 -5.17 -54.40 10.58
N ASP D 484 -4.61 -53.96 11.71
CA ASP D 484 -5.43 -53.41 12.78
C ASP D 484 -5.91 -52.00 12.43
N VAL D 485 -5.04 -51.18 11.86
CA VAL D 485 -5.40 -49.79 11.61
C VAL D 485 -6.46 -49.68 10.53
N LYS D 486 -6.39 -50.55 9.52
CA LYS D 486 -7.39 -50.49 8.45
C LYS D 486 -8.78 -50.82 8.99
N ARG D 487 -8.87 -51.80 9.90
CA ARG D 487 -10.15 -52.06 10.56
C ARG D 487 -10.57 -50.89 11.44
N GLU D 488 -9.60 -50.30 12.15
CA GLU D 488 -9.91 -49.22 13.07
C GLU D 488 -10.37 -47.96 12.33
N LEU D 489 -9.96 -47.81 11.07
CA LEU D 489 -10.42 -46.70 10.24
C LEU D 489 -11.68 -47.04 9.45
N GLN D 490 -11.87 -48.31 9.11
CA GLN D 490 -13.14 -48.72 8.52
C GLN D 490 -14.27 -48.49 9.51
N GLU D 491 -14.06 -48.79 10.77
CA GLU D 491 -15.10 -48.50 11.75
C GLU D 491 -15.13 -47.04 12.17
N LEU D 492 -14.43 -46.14 11.52
CA LEU D 492 -14.37 -44.74 11.93
C LEU D 492 -14.74 -43.77 10.82
N VAL D 493 -14.48 -44.12 9.56
CA VAL D 493 -14.88 -43.27 8.45
C VAL D 493 -16.07 -43.85 7.71
N GLN D 494 -16.32 -45.14 7.83
CA GLN D 494 -17.28 -45.86 7.01
C GLN D 494 -18.52 -46.30 7.79
N TYR D 495 -18.38 -46.60 9.07
CA TYR D 495 -19.56 -46.89 9.89
C TYR D 495 -20.49 -45.70 10.06
N PRO D 496 -20.00 -44.49 10.37
CA PRO D 496 -20.93 -43.35 10.50
C PRO D 496 -21.56 -42.90 9.20
N VAL D 497 -21.21 -43.49 8.05
CA VAL D 497 -21.79 -43.12 6.77
C VAL D 497 -22.53 -44.27 6.13
N GLU D 498 -22.61 -45.41 6.81
CA GLU D 498 -23.40 -46.52 6.32
C GLU D 498 -24.27 -47.13 7.40
N HIS D 499 -24.22 -46.62 8.63
CA HIS D 499 -25.21 -46.94 9.67
C HIS D 499 -25.50 -45.72 10.54
N PRO D 500 -25.80 -44.56 9.94
CA PRO D 500 -26.08 -43.38 10.75
C PRO D 500 -27.30 -43.53 11.64
N ASP D 501 -28.17 -44.49 11.33
CA ASP D 501 -29.27 -44.79 12.24
C ASP D 501 -28.75 -45.16 13.62
N LYS D 502 -27.66 -45.93 13.67
CA LYS D 502 -27.10 -46.35 14.96
C LYS D 502 -26.41 -45.20 15.66
N PHE D 503 -25.83 -44.27 14.90
CA PHE D 503 -25.17 -43.12 15.51
C PHE D 503 -26.17 -42.08 16.00
N LEU D 504 -27.39 -42.06 15.44
CA LEU D 504 -28.43 -41.22 16.02
C LEU D 504 -29.12 -41.93 17.17
N LYS D 505 -29.27 -43.25 17.09
CA LYS D 505 -30.00 -44.00 18.10
C LYS D 505 -29.34 -43.85 19.46
N PHE D 506 -28.03 -43.68 19.49
CA PHE D 506 -27.27 -43.47 20.72
C PHE D 506 -26.83 -42.03 20.90
N GLY D 507 -27.01 -41.17 19.89
CA GLY D 507 -26.56 -39.79 20.00
C GLY D 507 -25.07 -39.65 20.14
N MET D 508 -24.30 -40.36 19.31
CA MET D 508 -22.87 -40.42 19.51
C MET D 508 -22.14 -39.18 19.01
N THR D 509 -22.59 -38.59 17.90
CA THR D 509 -21.84 -37.51 17.28
C THR D 509 -20.44 -38.01 16.95
N PRO D 510 -20.30 -38.91 15.98
CA PRO D 510 -19.00 -39.53 15.73
C PRO D 510 -17.90 -38.52 15.47
N SER D 511 -16.67 -39.03 15.46
CA SER D 511 -15.52 -38.16 15.33
C SER D 511 -15.29 -37.77 13.87
N LYS D 512 -15.30 -36.48 13.61
CA LYS D 512 -14.94 -35.93 12.31
C LYS D 512 -13.47 -35.53 12.31
N GLY D 513 -12.60 -36.48 12.60
CA GLY D 513 -11.20 -36.15 12.69
C GLY D 513 -10.34 -37.36 12.98
N VAL D 514 -9.10 -37.35 12.51
CA VAL D 514 -8.12 -38.34 12.91
C VAL D 514 -6.75 -37.69 12.89
N LEU D 515 -5.89 -38.10 13.81
CA LEU D 515 -4.48 -37.75 13.77
C LEU D 515 -3.68 -39.04 13.74
N PHE D 516 -3.00 -39.28 12.63
CA PHE D 516 -2.10 -40.41 12.49
C PHE D 516 -0.75 -39.97 13.03
N TYR D 517 -0.42 -40.38 14.25
CA TYR D 517 0.91 -40.17 14.76
C TYR D 517 1.69 -41.46 14.63
N GLY D 518 2.84 -41.37 13.99
CA GLY D 518 3.68 -42.53 13.80
C GLY D 518 4.96 -42.18 13.11
N PRO D 519 5.91 -43.10 13.10
CA PRO D 519 7.21 -42.82 12.52
C PRO D 519 7.07 -42.35 11.08
N PRO D 520 7.89 -41.39 10.65
CA PRO D 520 7.73 -40.87 9.29
C PRO D 520 8.00 -41.94 8.25
N GLY D 521 7.36 -41.79 7.10
CA GLY D 521 7.53 -42.77 6.04
C GLY D 521 7.04 -44.14 6.41
N CYS D 522 5.90 -44.25 7.07
CA CYS D 522 5.39 -45.52 7.55
C CYS D 522 4.02 -45.89 6.97
N GLY D 523 3.37 -45.00 6.23
CA GLY D 523 2.11 -45.33 5.60
C GLY D 523 0.94 -44.50 6.11
N LYS D 524 1.18 -43.25 6.46
CA LYS D 524 0.08 -42.41 6.91
C LYS D 524 -0.65 -41.77 5.73
N THR D 525 0.09 -41.12 4.83
CA THR D 525 -0.54 -40.54 3.66
C THR D 525 -1.16 -41.61 2.79
N LEU D 526 -0.48 -42.75 2.66
CA LEU D 526 -1.05 -43.86 1.90
C LEU D 526 -2.33 -44.35 2.54
N LEU D 527 -2.38 -44.43 3.86
CA LEU D 527 -3.62 -44.83 4.53
C LEU D 527 -4.73 -43.83 4.26
N ALA D 528 -4.41 -42.54 4.32
CA ALA D 528 -5.45 -41.53 4.06
C ALA D 528 -5.97 -41.63 2.64
N LYS D 529 -5.08 -41.76 1.66
CA LYS D 529 -5.52 -41.90 0.28
C LYS D 529 -6.36 -43.15 0.09
N ALA D 530 -5.92 -44.27 0.70
CA ALA D 530 -6.68 -45.51 0.56
C ALA D 530 -8.04 -45.39 1.20
N ILE D 531 -8.15 -44.68 2.32
CA ILE D 531 -9.45 -44.45 2.95
C ILE D 531 -10.35 -43.65 2.03
N ALA D 532 -9.81 -42.56 1.47
CA ALA D 532 -10.61 -41.76 0.54
C ALA D 532 -11.04 -42.58 -0.66
N ASN D 533 -10.21 -43.53 -1.08
CA ASN D 533 -10.55 -44.36 -2.24
C ASN D 533 -11.62 -45.37 -1.89
N GLU D 534 -11.56 -45.97 -0.70
CA GLU D 534 -12.56 -46.95 -0.31
C GLU D 534 -13.95 -46.32 -0.29
N CYS D 535 -14.06 -45.11 0.22
CA CYS D 535 -15.32 -44.39 0.21
C CYS D 535 -15.55 -43.65 -1.10
N GLN D 536 -14.63 -43.74 -2.05
CA GLN D 536 -14.73 -43.00 -3.31
C GLN D 536 -14.88 -41.51 -3.05
N ALA D 537 -14.12 -40.99 -2.09
CA ALA D 537 -14.26 -39.61 -1.66
C ALA D 537 -13.19 -38.74 -2.29
N ASN D 538 -13.46 -37.44 -2.28
CA ASN D 538 -12.55 -36.48 -2.90
C ASN D 538 -11.41 -36.14 -1.94
N PHE D 539 -10.31 -36.86 -2.05
CA PHE D 539 -9.16 -36.62 -1.19
C PHE D 539 -8.53 -35.27 -1.51
N ILE D 540 -8.11 -34.57 -0.47
CA ILE D 540 -7.46 -33.27 -0.62
C ILE D 540 -6.23 -33.20 0.26
N SER D 541 -5.07 -33.52 -0.29
CA SER D 541 -3.85 -33.51 0.51
C SER D 541 -3.28 -32.10 0.56
N ILE D 542 -3.02 -31.62 1.77
CA ILE D 542 -2.33 -30.35 1.99
C ILE D 542 -1.00 -30.68 2.63
N LYS D 543 0.02 -30.85 1.81
CA LYS D 543 1.31 -31.35 2.25
C LYS D 543 1.96 -30.39 3.24
N GLY D 544 3.07 -30.83 3.82
CA GLY D 544 3.79 -30.04 4.79
C GLY D 544 4.25 -28.71 4.24
N PRO D 545 4.88 -28.72 3.06
CA PRO D 545 5.28 -27.46 2.44
C PRO D 545 4.12 -26.52 2.20
N GLU D 546 2.92 -27.01 1.89
CA GLU D 546 1.82 -26.09 1.60
C GLU D 546 1.37 -25.34 2.85
N LEU D 547 1.33 -26.01 4.01
CA LEU D 547 1.00 -25.32 5.24
C LEU D 547 2.14 -24.40 5.67
N LEU D 548 3.35 -24.92 5.61
CA LEU D 548 4.49 -24.17 6.08
C LEU D 548 4.74 -22.93 5.22
N THR D 549 4.34 -22.98 3.95
CA THR D 549 4.43 -21.80 3.10
C THR D 549 3.44 -20.73 3.54
N MET D 550 2.22 -21.13 3.87
CA MET D 550 1.26 -20.16 4.39
C MET D 550 1.78 -19.53 5.67
N TRP D 551 2.43 -20.32 6.52
CA TRP D 551 3.04 -19.72 7.71
C TRP D 551 4.13 -18.73 7.34
N PHE D 552 4.99 -19.09 6.38
CA PHE D 552 6.09 -18.20 6.01
C PHE D 552 5.58 -16.88 5.47
N GLY D 553 4.65 -16.93 4.52
CA GLY D 553 4.13 -15.72 3.91
C GLY D 553 3.23 -14.91 4.83
N GLU D 554 2.98 -15.39 6.05
CA GLU D 554 2.08 -14.72 6.96
C GLU D 554 0.70 -14.56 6.32
N SER D 555 0.33 -15.55 5.52
CA SER D 555 -0.90 -15.56 4.75
C SER D 555 -1.78 -16.72 5.18
N GLU D 556 -1.99 -16.87 6.49
CA GLU D 556 -2.83 -17.94 6.99
C GLU D 556 -4.24 -17.86 6.44
N ALA D 557 -4.65 -16.70 5.93
CA ALA D 557 -5.97 -16.58 5.32
C ALA D 557 -6.17 -17.57 4.17
N ASN D 558 -5.09 -18.00 3.52
CA ASN D 558 -5.22 -19.01 2.48
C ASN D 558 -5.86 -20.29 3.01
N VAL D 559 -5.73 -20.58 4.30
CA VAL D 559 -6.40 -21.75 4.87
C VAL D 559 -7.90 -21.65 4.66
N ARG D 560 -8.46 -20.45 4.81
CA ARG D 560 -9.89 -20.28 4.58
C ARG D 560 -10.27 -20.75 3.18
N GLU D 561 -9.35 -20.58 2.22
CA GLU D 561 -9.59 -21.12 0.88
C GLU D 561 -9.55 -22.64 0.89
N ILE D 562 -8.52 -23.21 1.51
CA ILE D 562 -8.34 -24.66 1.47
C ILE D 562 -9.58 -25.36 1.99
N PHE D 563 -9.98 -25.07 3.22
CA PHE D 563 -11.18 -25.68 3.76
C PHE D 563 -12.39 -25.40 2.87
N ASP D 564 -12.47 -24.20 2.30
CA ASP D 564 -13.59 -23.90 1.41
C ASP D 564 -13.62 -24.88 0.25
N LYS D 565 -12.45 -25.21 -0.32
CA LYS D 565 -12.42 -26.23 -1.36
C LYS D 565 -13.05 -27.51 -0.86
N ALA D 566 -12.69 -27.95 0.34
CA ALA D 566 -13.33 -29.14 0.89
C ALA D 566 -14.82 -28.96 1.02
N ARG D 567 -15.27 -27.79 1.49
CA ARG D 567 -16.71 -27.55 1.61
C ARG D 567 -17.40 -27.68 0.27
N GLN D 568 -16.66 -27.48 -0.83
CA GLN D 568 -17.25 -27.63 -2.15
C GLN D 568 -17.03 -29.03 -2.70
N ALA D 569 -15.97 -29.72 -2.24
CA ALA D 569 -15.62 -31.01 -2.81
C ALA D 569 -16.23 -32.18 -2.06
N ALA D 570 -17.07 -31.94 -1.08
CA ALA D 570 -17.59 -33.02 -0.26
C ALA D 570 -18.35 -34.01 -1.15
N PRO D 571 -18.30 -35.32 -0.84
CA PRO D 571 -17.67 -35.98 0.31
C PRO D 571 -16.17 -36.01 0.16
N CYS D 572 -15.46 -35.41 1.12
CA CYS D 572 -14.04 -35.17 1.00
C CYS D 572 -13.33 -35.85 2.15
N VAL D 573 -12.01 -36.00 2.00
CA VAL D 573 -11.16 -36.39 3.11
C VAL D 573 -9.95 -35.49 3.11
N LEU D 574 -10.01 -34.37 3.81
CA LEU D 574 -8.85 -33.52 3.94
C LEU D 574 -7.71 -34.33 4.52
N PHE D 575 -6.47 -33.89 4.30
CA PHE D 575 -5.33 -34.56 4.89
C PHE D 575 -4.19 -33.57 5.02
N PHE D 576 -3.84 -33.25 6.25
CA PHE D 576 -2.73 -32.32 6.52
C PHE D 576 -1.49 -33.15 6.80
N ASP D 577 -0.82 -33.57 5.74
CA ASP D 577 0.43 -34.28 5.91
C ASP D 577 1.43 -33.40 6.63
N GLU D 578 2.19 -33.99 7.53
CA GLU D 578 3.14 -33.27 8.37
C GLU D 578 2.46 -32.08 9.02
N LEU D 579 1.36 -32.38 9.72
CA LEU D 579 0.62 -31.35 10.43
C LEU D 579 1.47 -30.64 11.46
N ASP D 580 2.53 -31.29 11.94
CA ASP D 580 3.48 -30.63 12.83
C ASP D 580 4.61 -29.94 12.09
N SER D 581 4.43 -29.66 10.80
CA SER D 581 5.52 -29.07 10.02
C SER D 581 5.97 -27.75 10.62
N ILE D 582 5.02 -26.90 11.00
CA ILE D 582 5.38 -25.58 11.52
C ILE D 582 6.07 -25.72 12.88
N ALA D 583 5.55 -26.59 13.74
CA ALA D 583 6.17 -26.77 15.05
C ALA D 583 7.59 -27.29 14.91
N LYS D 584 7.83 -28.19 13.96
CA LYS D 584 9.19 -28.62 13.67
C LYS D 584 10.03 -27.45 13.15
N ALA D 585 9.44 -26.61 12.30
CA ALA D 585 10.18 -25.47 11.75
C ALA D 585 10.30 -24.34 12.76
N ARG D 586 9.82 -24.54 13.99
CA ARG D 586 10.11 -23.61 15.07
C ARG D 586 11.05 -24.19 16.10
N GLY D 587 10.90 -25.49 16.40
CA GLY D 587 11.49 -26.08 17.58
C GLY D 587 10.54 -26.20 18.75
N GLY D 588 9.43 -25.44 18.75
CA GLY D 588 8.40 -25.57 19.76
C GLY D 588 8.74 -25.00 21.12
N ASN D 589 9.74 -24.11 21.21
CA ASN D 589 10.19 -23.60 22.51
C ASN D 589 10.10 -22.08 22.63
N ILE D 590 10.51 -21.33 21.61
CA ILE D 590 10.57 -19.87 21.69
C ILE D 590 10.02 -19.29 20.40
N GLY D 591 9.46 -18.09 20.51
CA GLY D 591 9.05 -17.34 19.34
C GLY D 591 8.03 -16.29 19.72
N ASP D 592 8.19 -15.13 19.09
CA ASP D 592 7.19 -14.06 19.17
C ASP D 592 6.04 -14.46 18.27
N GLY D 593 5.05 -15.11 18.86
CA GLY D 593 4.01 -15.78 18.11
C GLY D 593 3.29 -16.86 18.87
N GLY D 594 3.17 -18.05 18.31
CA GLY D 594 2.22 -19.01 18.83
C GLY D 594 2.71 -19.88 19.97
N GLY D 595 3.93 -19.65 20.44
CA GLY D 595 4.44 -20.43 21.57
C GLY D 595 4.38 -21.90 21.24
N ALA D 596 3.44 -22.59 21.88
CA ALA D 596 3.07 -23.92 21.43
C ALA D 596 2.26 -23.88 20.13
N ALA D 597 1.39 -22.88 19.97
CA ALA D 597 0.57 -22.75 18.78
C ALA D 597 1.35 -22.09 17.65
N ASP D 598 0.65 -21.82 16.56
CA ASP D 598 1.22 -21.21 15.37
C ASP D 598 0.17 -20.34 14.68
N ARG D 599 0.60 -19.56 13.69
CA ARG D 599 -0.35 -18.83 12.85
C ARG D 599 -1.27 -19.80 12.12
N VAL D 600 -0.69 -20.61 11.25
CA VAL D 600 -1.48 -21.47 10.38
C VAL D 600 -2.16 -22.61 11.14
N ILE D 601 -1.51 -23.17 12.17
CA ILE D 601 -2.20 -24.18 12.97
C ILE D 601 -3.41 -23.56 13.65
N ASN D 602 -3.28 -22.34 14.15
CA ASN D 602 -4.42 -21.68 14.78
C ASN D 602 -5.53 -21.44 13.78
N GLN D 603 -5.19 -21.02 12.57
CA GLN D 603 -6.22 -20.86 11.55
C GLN D 603 -6.87 -22.20 11.22
N ILE D 604 -6.08 -23.27 11.24
CA ILE D 604 -6.62 -24.60 10.98
C ILE D 604 -7.60 -25.00 12.07
N LEU D 605 -7.30 -24.67 13.33
CA LEU D 605 -8.27 -24.92 14.39
C LEU D 605 -9.53 -24.10 14.17
N THR D 606 -9.37 -22.83 13.81
CA THR D 606 -10.53 -21.97 13.59
C THR D 606 -11.43 -22.53 12.50
N GLU D 607 -10.84 -23.12 11.47
CA GLU D 607 -11.63 -23.67 10.37
C GLU D 607 -12.13 -25.08 10.66
N MET D 608 -11.40 -25.86 11.45
CA MET D 608 -11.90 -27.17 11.86
C MET D 608 -13.14 -27.02 12.72
N ASP D 609 -13.16 -26.01 13.59
CA ASP D 609 -14.37 -25.74 14.36
C ASP D 609 -15.53 -25.44 13.44
N GLY D 610 -15.30 -24.68 12.38
CA GLY D 610 -16.37 -24.37 11.45
C GLY D 610 -16.85 -25.59 10.68
N MET D 611 -15.91 -26.42 10.23
CA MET D 611 -16.28 -27.58 9.43
C MET D 611 -16.75 -28.76 10.27
N SER D 612 -16.68 -28.67 11.60
CA SER D 612 -17.28 -29.71 12.42
C SER D 612 -18.78 -29.82 12.17
N THR D 613 -19.39 -28.77 11.64
CA THR D 613 -20.77 -28.87 11.18
C THR D 613 -20.88 -29.75 9.95
N LYS D 614 -20.01 -29.55 8.97
CA LYS D 614 -20.09 -30.23 7.67
C LYS D 614 -19.93 -31.72 7.92
N LYS D 615 -21.01 -32.46 7.75
CA LYS D 615 -20.99 -33.89 8.06
C LYS D 615 -20.21 -34.68 7.02
N ASN D 616 -20.19 -34.22 5.77
CA ASN D 616 -19.62 -35.02 4.69
C ASN D 616 -18.09 -35.08 4.72
N VAL D 617 -17.42 -33.98 5.06
CA VAL D 617 -15.97 -33.93 4.97
C VAL D 617 -15.35 -34.60 6.18
N PHE D 618 -14.28 -35.34 5.94
CA PHE D 618 -13.48 -35.95 6.98
C PHE D 618 -12.13 -35.27 6.99
N ILE D 619 -11.60 -35.00 8.19
CA ILE D 619 -10.34 -34.29 8.33
C ILE D 619 -9.33 -35.22 8.96
N ILE D 620 -8.17 -35.34 8.33
CA ILE D 620 -7.12 -36.23 8.78
C ILE D 620 -5.85 -35.40 8.86
N GLY D 621 -5.02 -35.72 9.84
CA GLY D 621 -3.71 -35.10 9.93
C GLY D 621 -2.68 -36.18 10.13
N ALA D 622 -1.45 -35.93 9.74
CA ALA D 622 -0.37 -36.89 9.95
C ALA D 622 0.80 -36.16 10.59
N THR D 623 1.21 -36.65 11.75
CA THR D 623 2.29 -36.05 12.50
C THR D 623 3.33 -37.12 12.78
N ASN D 624 4.51 -36.97 12.19
CA ASN D 624 5.65 -37.79 12.59
C ASN D 624 6.37 -37.22 13.79
N ARG D 625 5.89 -36.09 14.33
CA ARG D 625 6.41 -35.52 15.57
C ARG D 625 5.21 -35.12 16.41
N PRO D 626 4.53 -36.10 17.02
CA PRO D 626 3.28 -35.81 17.73
C PRO D 626 3.46 -35.04 19.03
N ASP D 627 4.63 -35.09 19.65
CA ASP D 627 4.82 -34.32 20.87
C ASP D 627 4.92 -32.83 20.56
N ILE D 628 5.64 -32.48 19.51
CA ILE D 628 5.81 -31.10 19.10
C ILE D 628 4.69 -30.70 18.15
N ILE D 629 3.53 -30.36 18.70
CA ILE D 629 2.39 -29.88 17.92
C ILE D 629 1.36 -29.36 18.91
N ASP D 630 0.67 -28.28 18.52
CA ASP D 630 -0.29 -27.60 19.36
C ASP D 630 -1.28 -28.61 19.94
N PRO D 631 -1.28 -28.86 21.26
CA PRO D 631 -2.25 -29.79 21.82
C PRO D 631 -3.68 -29.35 21.61
N ALA D 632 -3.89 -28.06 21.34
CA ALA D 632 -5.22 -27.54 21.09
C ALA D 632 -5.88 -28.19 19.88
N ILE D 633 -5.09 -28.80 18.98
CA ILE D 633 -5.67 -29.49 17.84
C ILE D 633 -6.18 -30.87 18.21
N LEU D 634 -5.75 -31.43 19.34
CA LEU D 634 -6.23 -32.73 19.78
C LEU D 634 -7.52 -32.63 20.57
N ARG D 635 -8.12 -31.45 20.65
CA ARG D 635 -9.32 -31.27 21.43
C ARG D 635 -10.50 -31.96 20.75
N PRO D 636 -11.54 -32.36 21.50
CA PRO D 636 -12.71 -32.96 20.85
C PRO D 636 -13.35 -32.04 19.81
N GLY D 637 -13.87 -32.63 18.75
CA GLY D 637 -14.35 -31.89 17.60
C GLY D 637 -13.29 -31.63 16.54
N ARG D 638 -12.09 -31.27 16.96
CA ARG D 638 -10.94 -31.19 16.08
C ARG D 638 -10.35 -32.59 15.95
N LEU D 639 -9.10 -32.73 15.50
CA LEU D 639 -8.56 -34.05 15.20
C LEU D 639 -8.41 -34.84 16.51
N ASP D 640 -9.55 -35.34 16.97
CA ASP D 640 -9.66 -35.90 18.31
C ASP D 640 -9.17 -37.34 18.40
N GLN D 641 -9.45 -38.17 17.41
CA GLN D 641 -9.17 -39.59 17.47
C GLN D 641 -7.75 -39.83 16.96
N LEU D 642 -6.81 -39.93 17.88
CA LEU D 642 -5.43 -40.22 17.51
C LEU D 642 -5.29 -41.71 17.23
N ILE D 643 -4.67 -42.05 16.11
CA ILE D 643 -4.44 -43.43 15.70
C ILE D 643 -2.95 -43.61 15.49
N TYR D 644 -2.38 -44.67 16.05
CA TYR D 644 -0.96 -44.93 15.93
C TYR D 644 -0.69 -45.71 14.65
N ILE D 645 0.35 -45.31 13.93
CA ILE D 645 0.74 -45.96 12.68
C ILE D 645 2.10 -46.62 12.89
N PRO D 646 2.18 -47.80 13.48
CA PRO D 646 3.46 -48.31 13.98
C PRO D 646 4.41 -48.69 12.86
N LEU D 647 5.69 -48.79 13.23
CA LEU D 647 6.65 -49.40 12.33
C LEU D 647 6.19 -50.83 12.02
N PRO D 648 6.29 -51.27 10.77
CA PRO D 648 5.83 -52.61 10.44
C PRO D 648 6.62 -53.67 11.19
N ASP D 649 5.92 -54.70 11.64
CA ASP D 649 6.55 -55.90 12.15
C ASP D 649 6.90 -56.84 10.98
N GLU D 650 7.54 -57.97 11.32
CA GLU D 650 8.09 -58.84 10.29
C GLU D 650 7.06 -59.21 9.23
N LYS D 651 5.88 -59.65 9.66
CA LYS D 651 4.84 -60.01 8.69
C LYS D 651 4.39 -58.78 7.90
N SER D 652 4.22 -57.65 8.58
CA SER D 652 3.84 -56.44 7.86
C SER D 652 4.94 -55.96 6.93
N ARG D 653 6.20 -56.21 7.27
CA ARG D 653 7.28 -55.90 6.34
C ARG D 653 7.21 -56.80 5.11
N VAL D 654 6.90 -58.08 5.30
CA VAL D 654 6.65 -58.95 4.16
C VAL D 654 5.55 -58.36 3.29
N ALA D 655 4.46 -57.92 3.93
CA ALA D 655 3.34 -57.36 3.19
C ALA D 655 3.75 -56.12 2.41
N ILE D 656 4.55 -55.25 3.03
CA ILE D 656 4.96 -54.02 2.36
C ILE D 656 5.86 -54.33 1.18
N LEU D 657 6.80 -55.26 1.36
CA LEU D 657 7.68 -55.63 0.26
C LEU D 657 6.89 -56.21 -0.89
N LYS D 658 5.92 -57.08 -0.58
CA LYS D 658 5.08 -57.63 -1.63
C LYS D 658 4.27 -56.53 -2.33
N ALA D 659 3.74 -55.58 -1.56
CA ALA D 659 2.95 -54.51 -2.14
C ALA D 659 3.79 -53.68 -3.09
N ASN D 660 5.02 -53.36 -2.70
CA ASN D 660 5.87 -52.51 -3.52
C ASN D 660 6.41 -53.25 -4.73
N LEU D 661 6.61 -54.56 -4.62
CA LEU D 661 7.12 -55.32 -5.75
C LEU D 661 6.01 -55.82 -6.67
N ARG D 662 4.74 -55.69 -6.27
CA ARG D 662 3.63 -56.15 -7.12
C ARG D 662 3.67 -55.52 -8.50
N LYS D 663 3.98 -54.23 -8.59
CA LYS D 663 3.91 -53.51 -9.85
C LYS D 663 5.14 -53.71 -10.71
N SER D 664 6.11 -54.50 -10.27
CA SER D 664 7.35 -54.71 -11.00
C SER D 664 7.61 -56.20 -11.19
N PRO D 665 8.31 -56.58 -12.26
CA PRO D 665 8.60 -58.01 -12.49
C PRO D 665 9.73 -58.47 -11.59
N VAL D 666 9.50 -59.54 -10.84
CA VAL D 666 10.48 -60.07 -9.90
C VAL D 666 10.63 -61.56 -10.15
N ALA D 667 11.87 -62.03 -10.15
CA ALA D 667 12.14 -63.45 -10.33
C ALA D 667 11.36 -64.26 -9.30
N LYS D 668 11.10 -65.51 -9.65
CA LYS D 668 10.27 -66.39 -8.83
C LYS D 668 11.06 -67.15 -7.77
N ASP D 669 12.21 -66.62 -7.36
CA ASP D 669 12.98 -67.22 -6.27
C ASP D 669 13.48 -66.17 -5.29
N VAL D 670 12.91 -64.98 -5.28
CA VAL D 670 13.27 -63.99 -4.27
C VAL D 670 12.64 -64.40 -2.95
N ASP D 671 13.46 -64.44 -1.90
CA ASP D 671 13.02 -64.90 -0.58
C ASP D 671 12.58 -63.70 0.26
N LEU D 672 11.36 -63.24 -0.01
CA LEU D 672 10.88 -62.03 0.63
C LEU D 672 10.63 -62.22 2.12
N GLU D 673 10.27 -63.43 2.55
CA GLU D 673 10.08 -63.65 3.98
C GLU D 673 11.38 -63.53 4.75
N PHE D 674 12.53 -63.59 4.07
CA PHE D 674 13.84 -63.35 4.67
C PHE D 674 14.23 -61.88 4.57
N LEU D 675 13.96 -61.29 3.40
CA LEU D 675 14.19 -59.86 3.20
C LEU D 675 13.41 -59.05 4.21
N ALA D 676 12.30 -59.59 4.71
CA ALA D 676 11.59 -58.95 5.82
C ALA D 676 12.31 -59.17 7.15
N LYS D 677 12.79 -60.39 7.39
CA LYS D 677 13.46 -60.66 8.67
C LYS D 677 14.63 -59.72 8.88
N MET D 678 15.41 -59.46 7.84
CA MET D 678 16.58 -58.60 8.02
C MET D 678 16.18 -57.23 8.53
N THR D 679 15.18 -56.62 7.89
CA THR D 679 14.82 -55.23 8.12
C THR D 679 14.14 -55.07 9.48
N ASN D 680 14.93 -55.26 10.53
CA ASN D 680 14.40 -55.40 11.89
C ASN D 680 13.49 -54.24 12.28
N GLY D 681 13.73 -53.05 11.75
CA GLY D 681 12.87 -51.92 12.06
C GLY D 681 12.61 -50.95 10.93
N PHE D 682 12.75 -51.39 9.68
CA PHE D 682 12.59 -50.46 8.58
C PHE D 682 11.18 -49.90 8.56
N SER D 683 11.06 -48.62 8.26
CA SER D 683 9.75 -48.07 7.96
C SER D 683 9.27 -48.58 6.60
N GLY D 684 8.06 -48.20 6.24
CA GLY D 684 7.56 -48.55 4.92
C GLY D 684 8.33 -47.88 3.82
N ALA D 685 8.68 -46.60 4.01
CA ALA D 685 9.44 -45.89 3.00
C ALA D 685 10.80 -46.54 2.77
N ASP D 686 11.43 -47.06 3.83
CA ASP D 686 12.73 -47.69 3.66
C ASP D 686 12.62 -48.97 2.84
N LEU D 687 11.58 -49.77 3.06
CA LEU D 687 11.40 -50.97 2.25
C LEU D 687 11.08 -50.60 0.80
N THR D 688 10.32 -49.52 0.59
CA THR D 688 10.13 -49.04 -0.77
C THR D 688 11.45 -48.60 -1.38
N GLU D 689 12.33 -47.98 -0.59
CA GLU D 689 13.63 -47.59 -1.12
C GLU D 689 14.46 -48.81 -1.47
N ILE D 690 14.35 -49.89 -0.69
CA ILE D 690 15.06 -51.11 -1.06
C ILE D 690 14.51 -51.65 -2.37
N CYS D 691 13.20 -51.62 -2.54
CA CYS D 691 12.63 -52.04 -3.82
C CYS D 691 13.15 -51.17 -4.97
N GLN D 692 13.23 -49.87 -4.74
CA GLN D 692 13.69 -48.96 -5.80
C GLN D 692 15.16 -49.13 -6.09
N ARG D 693 15.99 -49.40 -5.07
CA ARG D 693 17.39 -49.71 -5.33
C ARG D 693 17.52 -51.00 -6.12
N ALA D 694 16.69 -51.99 -5.80
CA ALA D 694 16.72 -53.21 -6.59
C ALA D 694 16.35 -52.95 -8.04
N CYS D 695 15.33 -52.13 -8.28
CA CYS D 695 14.98 -51.78 -9.65
C CYS D 695 16.11 -51.01 -10.33
N LYS D 696 16.71 -50.05 -9.64
CA LYS D 696 17.78 -49.27 -10.25
C LYS D 696 18.95 -50.16 -10.63
N LEU D 697 19.34 -51.07 -9.74
CA LEU D 697 20.40 -52.00 -10.08
C LEU D 697 19.98 -52.98 -11.16
N ALA D 698 18.68 -53.26 -11.28
CA ALA D 698 18.18 -54.10 -12.36
C ALA D 698 18.30 -53.43 -13.73
N ILE D 699 17.89 -52.16 -13.85
CA ILE D 699 18.15 -51.48 -15.12
C ILE D 699 19.63 -51.33 -15.34
N ARG D 700 20.42 -51.11 -14.30
CA ARG D 700 21.86 -51.04 -14.52
C ARG D 700 22.35 -52.33 -15.19
N GLU D 701 22.03 -53.47 -14.60
CA GLU D 701 22.51 -54.74 -15.13
C GLU D 701 21.82 -55.13 -16.43
N SER D 702 20.69 -54.48 -16.77
CA SER D 702 19.98 -54.84 -18.00
C SER D 702 20.37 -53.91 -19.15
N ILE D 703 20.48 -52.62 -18.87
CA ILE D 703 21.03 -51.67 -19.85
C ILE D 703 22.44 -52.06 -20.21
N GLU D 704 23.25 -52.41 -19.21
CA GLU D 704 24.65 -52.73 -19.49
C GLU D 704 24.81 -54.06 -20.21
N SER D 705 23.73 -54.79 -20.46
CA SER D 705 23.75 -55.95 -21.32
C SER D 705 22.98 -55.75 -22.62
N GLU D 706 22.09 -54.76 -22.69
CA GLU D 706 21.51 -54.37 -23.97
C GLU D 706 22.51 -53.60 -24.81
N ILE D 707 23.22 -52.66 -24.19
CA ILE D 707 24.26 -51.93 -24.92
C ILE D 707 25.39 -52.88 -25.30
N ARG D 708 25.67 -53.86 -24.44
CA ARG D 708 26.63 -54.90 -24.79
C ARG D 708 26.18 -55.66 -26.03
N ARG D 709 24.88 -55.97 -26.12
CA ARG D 709 24.37 -56.61 -27.33
C ARG D 709 24.51 -55.72 -28.55
N GLU D 710 24.22 -54.42 -28.39
CA GLU D 710 24.39 -53.50 -29.52
C GLU D 710 25.83 -53.47 -30.00
N ARG D 711 26.79 -53.46 -29.08
CA ARG D 711 28.19 -53.57 -29.45
C ARG D 711 28.48 -54.91 -30.12
N GLU D 712 27.81 -55.97 -29.66
CA GLU D 712 27.99 -57.28 -30.27
C GLU D 712 27.57 -57.27 -31.74
N ARG D 713 26.45 -56.63 -32.05
CA ARG D 713 25.94 -56.53 -33.41
C ARG D 713 26.54 -55.36 -34.19
N GLN D 714 27.40 -54.56 -33.56
CA GLN D 714 28.06 -53.45 -34.24
C GLN D 714 28.85 -53.95 -35.44
N ASP D 726 16.12 -59.47 -24.53
CA ASP D 726 15.79 -59.53 -23.11
C ASP D 726 16.87 -60.26 -22.33
N PRO D 727 17.98 -59.58 -22.02
CA PRO D 727 19.01 -60.22 -21.18
C PRO D 727 18.46 -60.71 -19.86
N VAL D 728 17.87 -59.82 -19.07
CA VAL D 728 17.07 -60.21 -17.91
C VAL D 728 15.74 -59.47 -18.02
N PRO D 729 14.61 -60.16 -18.19
CA PRO D 729 13.33 -59.45 -18.27
C PRO D 729 12.78 -58.98 -16.94
N GLU D 730 13.43 -59.33 -15.82
CA GLU D 730 12.89 -59.04 -14.51
C GLU D 730 14.03 -58.84 -13.52
N ILE D 731 13.73 -58.11 -12.45
CA ILE D 731 14.67 -58.03 -11.34
C ILE D 731 14.75 -59.40 -10.67
N ARG D 732 15.86 -59.63 -9.97
CA ARG D 732 16.17 -60.98 -9.51
C ARG D 732 16.75 -60.94 -8.11
N ARG D 733 16.85 -62.13 -7.52
CA ARG D 733 17.46 -62.28 -6.21
C ARG D 733 18.88 -61.74 -6.18
N ASP D 734 19.55 -61.71 -7.34
CA ASP D 734 20.93 -61.25 -7.38
C ASP D 734 21.04 -59.77 -7.04
N HIS D 735 20.11 -58.95 -7.56
CA HIS D 735 20.25 -57.50 -7.48
C HIS D 735 19.95 -56.97 -6.09
N PHE D 736 19.06 -57.64 -5.34
CA PHE D 736 18.74 -57.18 -3.99
C PHE D 736 19.97 -57.21 -3.09
N GLU D 737 20.95 -58.06 -3.41
CA GLU D 737 22.13 -58.16 -2.57
C GLU D 737 23.02 -56.93 -2.64
N GLU D 738 22.92 -56.14 -3.70
CA GLU D 738 23.55 -54.82 -3.75
C GLU D 738 22.56 -53.70 -3.49
N ALA D 739 21.26 -53.99 -3.58
CA ALA D 739 20.26 -52.99 -3.24
C ALA D 739 20.16 -52.79 -1.73
N MET D 740 20.32 -53.86 -0.95
CA MET D 740 20.16 -53.76 0.50
C MET D 740 21.32 -53.04 1.15
N ARG D 741 22.52 -53.13 0.58
CA ARG D 741 23.69 -52.55 1.22
C ARG D 741 23.57 -51.04 1.35
N PHE D 742 22.65 -50.42 0.62
CA PHE D 742 22.37 -49.00 0.75
C PHE D 742 21.14 -48.72 1.60
N ALA D 743 20.93 -49.47 2.68
CA ALA D 743 19.68 -49.43 3.40
C ALA D 743 19.82 -48.79 4.78
N ARG D 744 18.74 -48.16 5.24
CA ARG D 744 18.66 -47.54 6.56
C ARG D 744 17.50 -48.12 7.34
N ARG D 745 17.54 -47.92 8.65
CA ARG D 745 16.32 -47.73 9.42
C ARG D 745 16.13 -46.25 9.63
N SER D 746 15.18 -45.65 8.91
CA SER D 746 15.02 -44.21 8.89
C SER D 746 14.58 -43.64 10.24
N VAL D 747 14.35 -44.47 11.25
CA VAL D 747 14.04 -44.00 12.60
C VAL D 747 14.88 -44.78 13.59
N SER D 748 15.59 -44.05 14.45
CA SER D 748 16.34 -44.71 15.50
C SER D 748 15.39 -45.23 16.58
N ASP D 749 15.88 -46.18 17.36
CA ASP D 749 15.08 -46.68 18.48
C ASP D 749 14.74 -45.56 19.45
N ASN D 750 15.52 -44.48 19.47
CA ASN D 750 15.18 -43.32 20.29
C ASN D 750 13.99 -42.55 19.74
N ASP D 751 13.58 -42.82 18.50
CA ASP D 751 12.34 -42.28 17.96
C ASP D 751 11.19 -43.29 18.07
N ILE D 752 11.46 -44.57 17.86
CA ILE D 752 10.44 -45.57 18.13
C ILE D 752 9.96 -45.45 19.56
N ARG D 753 10.89 -45.31 20.50
CA ARG D 753 10.52 -45.12 21.90
C ARG D 753 9.91 -43.75 22.14
N LYS D 754 10.23 -42.75 21.33
CA LYS D 754 9.52 -41.47 21.44
C LYS D 754 8.05 -41.63 21.11
N TYR D 755 7.73 -42.36 20.04
CA TYR D 755 6.33 -42.57 19.69
C TYR D 755 5.63 -43.50 20.66
N GLU D 756 6.34 -44.50 21.18
CA GLU D 756 5.76 -45.32 22.24
C GLU D 756 5.49 -44.49 23.49
N MET D 757 6.39 -43.56 23.81
CA MET D 757 6.18 -42.68 24.96
C MET D 757 4.97 -41.78 24.74
N PHE D 758 4.83 -41.23 23.54
CA PHE D 758 3.64 -40.42 23.26
C PHE D 758 2.38 -41.27 23.30
N ALA D 759 2.49 -42.54 22.91
CA ALA D 759 1.33 -43.42 22.97
C ALA D 759 0.92 -43.69 24.41
N GLN D 760 1.89 -44.01 25.27
CA GLN D 760 1.59 -44.23 26.69
C GLN D 760 1.12 -42.96 27.37
N THR D 761 1.55 -41.79 26.90
CA THR D 761 0.95 -40.55 27.35
C THR D 761 -0.49 -40.44 26.85
N LEU D 762 -0.75 -40.95 25.65
CA LEU D 762 -2.07 -40.91 25.04
C LEU D 762 -2.73 -42.29 24.95
N GLN D 763 -2.22 -43.28 25.69
CA GLN D 763 -2.95 -44.54 25.83
C GLN D 763 -3.95 -44.45 26.98
N GLN D 764 -3.65 -43.63 27.98
CA GLN D 764 -4.65 -43.13 28.91
C GLN D 764 -5.33 -44.25 29.70
N SER D 765 -4.58 -44.91 30.59
CA SER D 765 -5.18 -45.98 31.38
C SER D 765 -5.31 -45.62 32.86
N ARG D 766 -4.21 -45.28 33.54
CA ARG D 766 -4.20 -45.11 35.00
C ARG D 766 -4.91 -46.25 35.72
N GLY D 767 -4.34 -47.45 35.60
CA GLY D 767 -4.64 -48.54 36.50
C GLY D 767 -6.09 -48.95 36.61
N PHE D 768 -6.90 -48.71 35.58
CA PHE D 768 -8.26 -49.26 35.54
C PHE D 768 -8.29 -50.69 35.01
N GLY D 769 -7.14 -51.36 34.95
CA GLY D 769 -7.12 -52.77 34.59
C GLY D 769 -7.87 -53.61 35.60
N SER D 770 -8.65 -54.58 35.10
CA SER D 770 -9.42 -55.49 35.95
C SER D 770 -10.57 -54.78 36.67
N PHE D 771 -10.80 -53.51 36.36
CA PHE D 771 -11.96 -52.79 36.87
C PHE D 771 -13.23 -53.54 36.48
N ARG D 772 -14.18 -53.67 37.40
CA ARG D 772 -15.45 -54.29 37.10
C ARG D 772 -16.52 -53.74 38.03
N PHE D 773 -17.61 -53.23 37.46
CA PHE D 773 -18.79 -52.91 38.24
C PHE D 773 -19.24 -54.17 38.98
N PRO D 774 -19.06 -54.27 40.30
CA PRO D 774 -19.42 -55.52 40.98
C PRO D 774 -20.91 -55.81 40.86
N SER D 775 -21.22 -57.10 40.83
CA SER D 775 -22.61 -57.55 40.74
C SER D 775 -23.39 -57.14 41.98
N ARG E 22 8.65 -39.37 -57.77
CA ARG E 22 9.93 -39.76 -58.35
C ARG E 22 11.00 -39.89 -57.27
N PRO E 23 11.94 -40.82 -57.42
CA PRO E 23 13.01 -40.96 -56.43
C PRO E 23 14.09 -39.90 -56.56
N ASN E 24 14.04 -39.06 -57.60
CA ASN E 24 15.05 -38.04 -57.82
C ASN E 24 14.64 -36.71 -57.17
N ARG E 25 13.80 -36.78 -56.13
CA ARG E 25 13.30 -35.60 -55.45
C ARG E 25 13.62 -35.69 -53.97
N LEU E 26 13.81 -34.52 -53.36
CA LEU E 26 14.04 -34.42 -51.93
C LEU E 26 13.26 -33.22 -51.41
N ILE E 27 13.39 -32.95 -50.12
CA ILE E 27 12.71 -31.83 -49.48
C ILE E 27 13.76 -30.81 -49.05
N VAL E 28 13.51 -29.54 -49.37
CA VAL E 28 14.49 -28.49 -49.05
C VAL E 28 14.39 -28.13 -47.59
N ASP E 29 15.54 -27.94 -46.96
CA ASP E 29 15.61 -27.58 -45.54
C ASP E 29 16.69 -26.52 -45.36
N GLU E 30 16.80 -26.02 -44.13
CA GLU E 30 17.69 -24.90 -43.86
C GLU E 30 19.13 -25.26 -44.15
N ALA E 31 19.92 -24.26 -44.54
CA ALA E 31 21.29 -24.47 -44.97
C ALA E 31 22.22 -24.63 -43.78
N ILE E 32 23.33 -25.35 -44.02
CA ILE E 32 24.37 -25.49 -43.01
C ILE E 32 25.45 -24.43 -43.13
N ASN E 33 25.58 -23.79 -44.29
CA ASN E 33 26.60 -22.78 -44.51
C ASN E 33 25.98 -21.57 -45.17
N GLU E 34 26.62 -20.42 -44.99
CA GLU E 34 26.14 -19.17 -45.57
C GLU E 34 26.38 -19.08 -47.07
N ASP E 35 27.29 -19.86 -47.63
CA ASP E 35 27.60 -19.78 -49.04
C ASP E 35 26.46 -20.37 -49.86
N ASN E 36 26.19 -19.74 -51.00
CA ASN E 36 25.20 -20.24 -51.94
C ASN E 36 25.87 -21.16 -52.96
N SER E 37 25.07 -21.71 -53.86
CA SER E 37 25.52 -22.59 -54.93
C SER E 37 26.09 -23.91 -54.41
N VAL E 38 25.98 -24.17 -53.11
CA VAL E 38 26.47 -25.41 -52.51
C VAL E 38 25.30 -26.05 -51.77
N VAL E 39 25.00 -27.30 -52.10
CA VAL E 39 23.81 -27.99 -51.60
C VAL E 39 24.26 -29.27 -50.93
N SER E 40 23.71 -29.55 -49.75
CA SER E 40 24.12 -30.71 -48.97
C SER E 40 23.19 -31.88 -49.25
N LEU E 41 23.78 -33.05 -49.47
CA LEU E 41 23.03 -34.29 -49.71
C LEU E 41 23.51 -35.36 -48.74
N SER E 42 22.55 -36.12 -48.21
CA SER E 42 22.91 -37.27 -47.38
C SER E 42 23.79 -38.22 -48.18
N GLN E 43 24.94 -38.58 -47.61
CA GLN E 43 25.86 -39.45 -48.33
C GLN E 43 25.22 -40.78 -48.71
N PRO E 44 24.45 -41.44 -47.86
CA PRO E 44 23.69 -42.61 -48.33
C PRO E 44 22.76 -42.30 -49.49
N LYS E 45 22.17 -41.10 -49.54
CA LYS E 45 21.26 -40.75 -50.61
C LYS E 45 21.97 -40.37 -51.90
N MET E 46 23.25 -39.98 -51.82
CA MET E 46 23.95 -39.50 -53.00
C MET E 46 24.05 -40.59 -54.08
N ASP E 47 24.54 -41.77 -53.69
CA ASP E 47 24.75 -42.82 -54.68
C ASP E 47 23.43 -43.27 -55.30
N GLU E 48 22.39 -43.45 -54.49
CA GLU E 48 21.09 -43.81 -55.03
C GLU E 48 20.57 -42.71 -55.95
N LEU E 49 20.95 -41.47 -55.69
CA LEU E 49 20.62 -40.34 -56.55
C LEU E 49 21.53 -40.24 -57.76
N GLN E 50 22.51 -41.14 -57.89
CA GLN E 50 23.46 -41.14 -59.01
C GLN E 50 24.26 -39.83 -59.04
N LEU E 51 24.70 -39.39 -57.85
CA LEU E 51 25.56 -38.23 -57.69
C LEU E 51 26.74 -38.60 -56.80
N PHE E 52 27.88 -38.00 -57.09
CA PHE E 52 29.14 -38.35 -56.44
C PHE E 52 29.69 -37.15 -55.67
N ARG E 53 30.92 -37.31 -55.18
CA ARG E 53 31.47 -36.41 -54.16
C ARG E 53 31.50 -34.95 -54.58
N GLY E 54 31.65 -34.64 -55.86
CA GLY E 54 31.79 -33.26 -56.30
C GLY E 54 31.03 -32.95 -57.57
N ASP E 55 29.99 -33.75 -57.86
CA ASP E 55 29.24 -33.57 -59.08
C ASP E 55 28.41 -32.28 -59.01
N THR E 56 27.93 -31.86 -60.17
CA THR E 56 27.06 -30.69 -60.28
C THR E 56 25.62 -31.15 -60.09
N VAL E 57 25.01 -30.73 -58.98
CA VAL E 57 23.64 -31.12 -58.64
C VAL E 57 22.71 -30.13 -59.33
N LEU E 58 22.18 -30.51 -60.48
CA LEU E 58 21.14 -29.70 -61.11
C LEU E 58 19.87 -29.81 -60.28
N LEU E 59 19.03 -28.77 -60.33
CA LEU E 59 17.86 -28.68 -59.48
C LEU E 59 16.70 -28.13 -60.29
N LYS E 60 15.51 -28.69 -60.05
CA LYS E 60 14.28 -28.26 -60.72
C LYS E 60 13.25 -27.97 -59.66
N GLY E 61 12.82 -26.71 -59.58
CA GLY E 61 11.97 -26.26 -58.51
C GLY E 61 10.51 -26.59 -58.72
N LYS E 62 9.71 -26.20 -57.74
CA LYS E 62 8.27 -26.45 -57.80
C LYS E 62 7.64 -25.74 -58.99
N LYS E 63 7.96 -24.46 -59.18
CA LYS E 63 7.51 -23.77 -60.36
C LYS E 63 8.32 -24.24 -61.56
N ARG E 64 8.01 -23.69 -62.74
CA ARG E 64 8.73 -24.05 -63.95
C ARG E 64 10.09 -23.38 -63.95
N ARG E 65 10.89 -23.66 -62.92
CA ARG E 65 12.11 -22.92 -62.64
C ARG E 65 13.21 -23.90 -62.28
N GLU E 66 14.40 -23.67 -62.83
CA GLU E 66 15.52 -24.59 -62.68
C GLU E 66 16.77 -23.82 -62.31
N ALA E 67 17.69 -24.50 -61.62
CA ALA E 67 18.96 -23.93 -61.22
C ALA E 67 19.95 -25.08 -61.07
N VAL E 68 21.09 -24.79 -60.45
CA VAL E 68 22.14 -25.78 -60.28
C VAL E 68 23.00 -25.38 -59.09
N CYS E 69 23.63 -26.37 -58.46
CA CYS E 69 24.52 -26.12 -57.33
C CYS E 69 25.64 -27.15 -57.35
N ILE E 70 26.54 -27.03 -56.39
CA ILE E 70 27.60 -28.01 -56.19
C ILE E 70 27.23 -28.88 -54.99
N VAL E 71 27.62 -30.15 -55.04
CA VAL E 71 27.22 -31.09 -54.01
C VAL E 71 28.04 -30.87 -52.75
N LEU E 72 27.42 -31.19 -51.62
CA LEU E 72 28.06 -31.16 -50.31
C LEU E 72 27.37 -32.23 -49.46
N SER E 73 27.88 -32.46 -48.26
CA SER E 73 27.23 -33.39 -47.36
C SER E 73 27.59 -33.06 -45.92
N ASP E 74 26.59 -33.18 -45.04
CA ASP E 74 26.79 -33.15 -43.61
C ASP E 74 25.99 -34.29 -43.01
N ASP E 75 26.63 -35.08 -42.13
CA ASP E 75 26.03 -36.30 -41.64
C ASP E 75 24.75 -36.07 -40.86
N THR E 76 24.49 -34.84 -40.41
CA THR E 76 23.21 -34.54 -39.77
C THR E 76 22.05 -34.59 -40.76
N CYS E 77 22.32 -34.43 -42.05
CA CYS E 77 21.26 -34.47 -43.05
C CYS E 77 20.65 -35.87 -43.11
N SER E 78 19.32 -35.93 -43.10
CA SER E 78 18.61 -37.17 -43.35
C SER E 78 18.49 -37.41 -44.84
N ASP E 79 18.18 -38.65 -45.22
CA ASP E 79 17.97 -38.98 -46.62
C ASP E 79 16.83 -38.17 -47.23
N GLU E 80 15.93 -37.64 -46.40
CA GLU E 80 14.82 -36.82 -46.87
C GLU E 80 15.25 -35.41 -47.22
N LYS E 81 16.24 -34.86 -46.51
CA LYS E 81 16.53 -33.44 -46.57
C LYS E 81 17.65 -33.14 -47.56
N ILE E 82 17.52 -31.99 -48.22
CA ILE E 82 18.57 -31.37 -49.01
C ILE E 82 18.62 -29.91 -48.61
N ARG E 83 19.82 -29.40 -48.35
CA ARG E 83 19.99 -28.09 -47.73
C ARG E 83 20.23 -27.03 -48.80
N MET E 84 19.36 -26.02 -48.84
CA MET E 84 19.51 -24.90 -49.75
C MET E 84 19.11 -23.61 -49.03
N ASN E 85 19.98 -22.60 -49.10
CA ASN E 85 19.71 -21.32 -48.46
C ASN E 85 18.87 -20.43 -49.37
N ARG E 86 18.53 -19.25 -48.85
CA ARG E 86 17.59 -18.37 -49.54
C ARG E 86 18.04 -18.06 -50.96
N VAL E 87 19.35 -17.99 -51.18
CA VAL E 87 19.83 -17.64 -52.51
C VAL E 87 19.38 -18.67 -53.53
N VAL E 88 19.33 -19.94 -53.13
CA VAL E 88 18.93 -21.01 -54.05
C VAL E 88 17.43 -21.26 -53.99
N ARG E 89 16.84 -21.20 -52.80
CA ARG E 89 15.42 -21.50 -52.66
C ARG E 89 14.56 -20.56 -53.50
N ASN E 90 14.56 -19.28 -53.15
CA ASN E 90 13.74 -18.34 -53.90
C ASN E 90 14.28 -18.10 -55.31
N ASN E 91 15.45 -18.66 -55.64
CA ASN E 91 15.86 -18.72 -57.03
C ASN E 91 15.08 -19.78 -57.79
N LEU E 92 14.67 -20.86 -57.10
CA LEU E 92 13.70 -21.81 -57.63
C LEU E 92 12.27 -21.43 -57.27
N ARG E 93 12.07 -20.33 -56.55
CA ARG E 93 10.74 -19.92 -56.08
C ARG E 93 10.12 -21.03 -55.24
N VAL E 94 10.94 -21.68 -54.43
CA VAL E 94 10.52 -22.78 -53.58
C VAL E 94 10.59 -22.33 -52.14
N ARG E 95 9.45 -22.35 -51.44
CA ARG E 95 9.46 -22.05 -50.02
C ARG E 95 10.13 -23.19 -49.25
N LEU E 96 10.59 -22.85 -48.05
CA LEU E 96 11.33 -23.82 -47.24
C LEU E 96 10.43 -25.00 -46.90
N GLY E 97 10.96 -26.21 -47.06
CA GLY E 97 10.24 -27.42 -46.73
C GLY E 97 9.46 -28.06 -47.87
N ASP E 98 9.70 -27.65 -49.11
CA ASP E 98 8.98 -28.19 -50.26
C ASP E 98 9.90 -29.08 -51.09
N VAL E 99 9.33 -29.66 -52.15
CA VAL E 99 10.00 -30.72 -52.89
C VAL E 99 10.81 -30.12 -54.04
N ILE E 100 12.07 -30.55 -54.13
CA ILE E 100 13.01 -30.11 -55.16
C ILE E 100 13.49 -31.33 -55.92
N SER E 101 13.48 -31.24 -57.24
CA SER E 101 13.88 -32.33 -58.12
C SER E 101 15.32 -32.14 -58.57
N ILE E 102 16.09 -33.22 -58.55
CA ILE E 102 17.51 -33.21 -58.89
C ILE E 102 17.70 -33.99 -60.18
N GLN E 103 18.41 -33.39 -61.15
CA GLN E 103 18.47 -33.89 -62.52
C GLN E 103 19.88 -33.70 -63.07
N PRO E 104 20.85 -34.48 -62.58
CA PRO E 104 22.26 -34.21 -62.91
C PRO E 104 22.57 -34.51 -64.37
N CYS E 105 22.98 -33.49 -65.11
CA CYS E 105 23.44 -33.65 -66.48
C CYS E 105 24.28 -32.43 -66.91
N PRO E 106 25.56 -32.39 -66.58
CA PRO E 106 26.38 -31.22 -66.93
C PRO E 106 27.06 -31.34 -68.28
N ASP E 107 27.27 -30.19 -68.90
CA ASP E 107 28.08 -30.07 -70.11
C ASP E 107 29.53 -29.76 -69.74
N VAL E 108 30.41 -29.87 -70.74
CA VAL E 108 31.81 -29.52 -70.56
C VAL E 108 32.12 -28.09 -70.96
N LYS E 109 31.13 -27.36 -71.49
CA LYS E 109 31.35 -26.02 -72.03
C LYS E 109 31.19 -24.98 -70.92
N TYR E 110 32.32 -24.58 -70.34
CA TYR E 110 32.30 -23.47 -69.40
C TYR E 110 31.82 -22.21 -70.11
N GLY E 111 31.07 -21.38 -69.38
CA GLY E 111 30.36 -20.29 -70.02
C GLY E 111 31.30 -19.36 -70.77
N LYS E 112 30.78 -18.78 -71.86
CA LYS E 112 31.46 -17.74 -72.61
C LYS E 112 30.57 -16.52 -72.72
N ARG E 113 31.16 -15.35 -72.44
CA ARG E 113 30.47 -14.07 -72.56
C ARG E 113 29.25 -14.00 -71.64
N ILE E 114 29.32 -14.68 -70.49
CA ILE E 114 28.22 -14.62 -69.55
C ILE E 114 28.04 -13.19 -69.07
N HIS E 115 26.84 -12.88 -68.60
CA HIS E 115 26.41 -11.50 -68.45
C HIS E 115 25.55 -11.40 -67.19
N VAL E 116 25.49 -10.22 -66.61
CA VAL E 116 24.65 -9.97 -65.46
C VAL E 116 24.42 -8.46 -65.38
N LEU E 117 23.42 -8.02 -64.62
CA LEU E 117 23.11 -6.61 -64.52
C LEU E 117 22.75 -6.28 -63.08
N PRO E 118 22.80 -4.99 -62.70
CA PRO E 118 22.22 -4.57 -61.42
C PRO E 118 20.79 -4.13 -61.57
N ILE E 119 19.94 -4.96 -62.15
CA ILE E 119 18.52 -4.60 -62.27
C ILE E 119 17.87 -5.00 -60.95
N ASP E 120 18.04 -4.15 -59.95
CA ASP E 120 17.65 -4.45 -58.58
C ASP E 120 17.62 -3.16 -57.78
N ASP E 121 16.83 -3.16 -56.71
CA ASP E 121 16.82 -2.05 -55.78
C ASP E 121 17.93 -2.13 -54.75
N THR E 122 18.71 -3.22 -54.75
CA THR E 122 19.77 -3.39 -53.76
C THR E 122 20.89 -2.38 -53.93
N VAL E 123 21.04 -1.81 -55.13
CA VAL E 123 22.19 -0.96 -55.45
C VAL E 123 21.84 0.51 -55.26
N GLU E 124 20.79 0.79 -54.50
CA GLU E 124 20.40 2.18 -54.24
C GLU E 124 21.56 2.94 -53.61
N GLY E 125 21.86 4.11 -54.18
CA GLY E 125 22.92 4.95 -53.68
C GLY E 125 24.34 4.47 -53.92
N ILE E 126 24.52 3.19 -54.28
CA ILE E 126 25.87 2.67 -54.44
C ILE E 126 26.52 3.30 -55.67
N THR E 127 27.83 3.51 -55.58
CA THR E 127 28.58 4.15 -56.66
C THR E 127 29.84 3.35 -56.92
N GLY E 128 30.65 3.84 -57.86
CA GLY E 128 31.88 3.16 -58.21
C GLY E 128 31.61 1.94 -59.08
N ASN E 129 32.69 1.23 -59.37
CA ASN E 129 32.60 0.00 -60.16
C ASN E 129 32.25 -1.14 -59.22
N LEU E 130 30.95 -1.25 -58.94
CA LEU E 130 30.43 -2.35 -58.15
C LEU E 130 30.70 -3.70 -58.81
N PHE E 131 31.03 -3.71 -60.10
CA PHE E 131 31.36 -4.96 -60.77
C PHE E 131 32.69 -5.49 -60.28
N GLU E 132 33.68 -4.61 -60.12
CA GLU E 132 35.02 -5.03 -59.71
C GLU E 132 35.01 -5.60 -58.30
N VAL E 133 34.30 -4.96 -57.38
CA VAL E 133 34.39 -5.33 -55.96
C VAL E 133 33.55 -6.57 -55.66
N TYR E 134 32.34 -6.63 -56.21
CA TYR E 134 31.41 -7.71 -55.87
C TYR E 134 31.48 -8.88 -56.84
N LEU E 135 31.19 -8.63 -58.11
CA LEU E 135 30.93 -9.71 -59.03
C LEU E 135 32.20 -10.46 -59.41
N LYS E 136 33.28 -9.73 -59.69
CA LYS E 136 34.49 -10.38 -60.17
C LYS E 136 35.08 -11.37 -59.16
N PRO E 137 35.24 -11.05 -57.88
CA PRO E 137 35.76 -12.07 -56.96
C PRO E 137 34.77 -13.20 -56.71
N TYR E 138 33.49 -12.88 -56.61
CA TYR E 138 32.48 -13.93 -56.40
C TYR E 138 32.47 -14.92 -57.56
N PHE E 139 32.82 -14.46 -58.76
CA PHE E 139 32.86 -15.35 -59.91
C PHE E 139 34.19 -16.10 -60.01
N LEU E 140 35.29 -15.37 -60.11
CA LEU E 140 36.57 -16.00 -60.43
C LEU E 140 37.17 -16.78 -59.26
N GLU E 141 37.02 -16.30 -58.04
CA GLU E 141 37.60 -17.01 -56.91
C GLU E 141 36.90 -18.35 -56.66
N ALA E 142 35.63 -18.47 -57.05
CA ALA E 142 34.86 -19.66 -56.76
C ALA E 142 34.77 -20.63 -57.93
N TYR E 143 34.73 -20.11 -59.16
CA TYR E 143 34.51 -20.95 -60.34
C TYR E 143 33.25 -21.78 -60.17
N ARG E 144 32.21 -21.15 -59.66
CA ARG E 144 30.97 -21.82 -59.27
C ARG E 144 30.03 -21.96 -60.47
N PRO E 145 29.04 -22.85 -60.38
CA PRO E 145 28.09 -23.02 -61.48
C PRO E 145 27.06 -21.91 -61.53
N ILE E 146 26.81 -21.43 -62.74
CA ILE E 146 25.89 -20.32 -62.98
C ILE E 146 24.92 -20.75 -64.07
N ARG E 147 23.66 -20.33 -63.92
CA ARG E 147 22.63 -20.58 -64.92
C ARG E 147 21.84 -19.31 -65.12
N LYS E 148 21.49 -19.00 -66.37
CA LYS E 148 20.90 -17.71 -66.65
C LYS E 148 19.50 -17.59 -66.08
N GLY E 149 19.09 -16.35 -65.82
CA GLY E 149 17.84 -16.06 -65.17
C GLY E 149 17.86 -16.22 -63.67
N ASP E 150 19.00 -16.57 -63.08
CA ASP E 150 19.05 -16.89 -61.67
C ASP E 150 19.68 -15.75 -60.88
N ILE E 151 19.01 -15.36 -59.81
CA ILE E 151 19.52 -14.32 -58.92
C ILE E 151 20.55 -14.94 -57.98
N PHE E 152 21.63 -14.21 -57.74
CA PHE E 152 22.68 -14.66 -56.84
C PHE E 152 23.14 -13.49 -55.99
N LEU E 153 23.36 -13.76 -54.70
CA LEU E 153 23.67 -12.75 -53.71
C LEU E 153 25.15 -12.81 -53.35
N VAL E 154 25.81 -11.66 -53.33
CA VAL E 154 27.19 -11.53 -52.91
C VAL E 154 27.27 -10.43 -51.86
N ARG E 155 27.96 -10.73 -50.76
CA ARG E 155 28.01 -9.82 -49.63
C ARG E 155 29.40 -9.23 -49.50
N GLY E 156 29.45 -7.94 -49.17
CA GLY E 156 30.70 -7.23 -49.04
C GLY E 156 30.45 -5.74 -49.03
N GLY E 157 31.45 -4.96 -48.62
CA GLY E 157 31.27 -3.51 -48.57
C GLY E 157 30.10 -3.10 -47.72
N MET E 158 29.76 -3.91 -46.71
CA MET E 158 28.64 -3.62 -45.81
C MET E 158 27.31 -3.61 -46.55
N ARG E 159 27.24 -4.26 -47.71
CA ARG E 159 26.02 -4.43 -48.47
C ARG E 159 25.90 -5.87 -48.94
N ALA E 160 24.67 -6.35 -49.03
CA ALA E 160 24.36 -7.62 -49.68
C ALA E 160 23.71 -7.29 -51.02
N VAL E 161 24.43 -7.54 -52.11
CA VAL E 161 24.02 -7.13 -53.44
C VAL E 161 23.72 -8.39 -54.24
N GLU E 162 22.50 -8.48 -54.77
CA GLU E 162 22.07 -9.63 -55.56
C GLU E 162 21.84 -9.19 -57.00
N PHE E 163 22.31 -10.01 -57.94
CA PHE E 163 22.16 -9.72 -59.36
C PHE E 163 21.52 -10.90 -60.07
N LYS E 164 20.76 -10.60 -61.13
CA LYS E 164 20.09 -11.60 -61.94
C LYS E 164 20.91 -11.87 -63.20
N VAL E 165 21.49 -13.06 -63.29
CA VAL E 165 22.27 -13.46 -64.46
C VAL E 165 21.39 -13.25 -65.69
N VAL E 166 22.01 -13.03 -66.84
CA VAL E 166 21.27 -12.73 -68.06
C VAL E 166 21.77 -13.50 -69.27
N GLU E 167 22.92 -14.15 -69.22
CA GLU E 167 23.37 -14.95 -70.35
C GLU E 167 24.41 -15.94 -69.86
N THR E 168 24.30 -17.17 -70.35
CA THR E 168 25.24 -18.22 -69.95
C THR E 168 25.61 -19.14 -71.11
N ASP E 169 25.30 -18.77 -72.36
CA ASP E 169 25.19 -19.69 -73.49
C ASP E 169 23.94 -20.54 -73.26
N PRO E 170 23.39 -21.18 -74.29
CA PRO E 170 22.15 -21.94 -74.08
C PRO E 170 22.30 -23.20 -73.23
N SER E 171 23.49 -23.46 -72.69
CA SER E 171 23.74 -24.66 -71.92
C SER E 171 22.84 -24.67 -70.68
N PRO E 172 22.37 -25.84 -70.22
CA PRO E 172 21.56 -25.87 -69.00
C PRO E 172 22.31 -25.41 -67.77
N TYR E 173 23.64 -25.43 -67.81
CA TYR E 173 24.45 -24.91 -66.72
C TYR E 173 25.72 -24.34 -67.32
N CYS E 174 26.42 -23.52 -66.54
CA CYS E 174 27.74 -23.07 -66.93
C CYS E 174 28.55 -22.75 -65.68
N ILE E 175 29.81 -23.19 -65.70
CA ILE E 175 30.74 -22.95 -64.60
C ILE E 175 31.71 -21.87 -65.03
N VAL E 176 31.89 -20.88 -64.19
CA VAL E 176 32.82 -19.79 -64.48
C VAL E 176 34.24 -20.30 -64.40
N ALA E 177 35.06 -19.89 -65.36
CA ALA E 177 36.43 -20.38 -65.49
C ALA E 177 37.28 -19.30 -66.15
N PRO E 178 38.59 -19.50 -66.30
CA PRO E 178 39.42 -18.47 -66.95
C PRO E 178 38.95 -18.08 -68.34
N ASP E 179 38.47 -19.04 -69.13
CA ASP E 179 37.95 -18.73 -70.46
C ASP E 179 36.55 -18.14 -70.42
N THR E 180 35.95 -17.99 -69.24
CA THR E 180 34.65 -17.34 -69.09
C THR E 180 34.87 -15.83 -69.06
N VAL E 181 34.58 -15.18 -70.19
CA VAL E 181 34.80 -13.74 -70.27
C VAL E 181 33.54 -13.05 -69.74
N ILE E 182 33.50 -12.89 -68.42
CA ILE E 182 32.34 -12.31 -67.74
C ILE E 182 32.07 -10.93 -68.30
N HIS E 183 30.85 -10.42 -68.07
CA HIS E 183 30.44 -9.13 -68.59
C HIS E 183 29.44 -8.52 -67.61
N CYS E 184 29.25 -7.21 -67.74
CA CYS E 184 28.25 -6.50 -66.95
C CYS E 184 27.70 -5.34 -67.75
N GLU E 185 26.48 -4.93 -67.41
CA GLU E 185 25.83 -3.79 -68.01
C GLU E 185 24.87 -3.20 -66.99
N GLY E 186 24.39 -1.99 -67.26
CA GLY E 186 23.54 -1.28 -66.31
C GLY E 186 22.15 -0.98 -66.83
N GLU E 187 21.15 -1.16 -65.98
CA GLU E 187 19.77 -0.82 -66.32
C GLU E 187 19.02 -0.47 -65.04
N PRO E 188 17.89 0.23 -65.14
CA PRO E 188 17.19 0.68 -63.92
C PRO E 188 16.08 -0.24 -63.45
N ILE E 189 15.74 -1.26 -64.23
CA ILE E 189 14.57 -2.09 -63.93
C ILE E 189 14.82 -2.86 -62.63
N LYS E 190 13.77 -2.98 -61.83
CA LYS E 190 13.85 -3.65 -60.53
C LYS E 190 13.42 -5.11 -60.66
N ARG E 191 13.37 -5.80 -59.53
CA ARG E 191 13.05 -7.22 -59.53
C ARG E 191 11.58 -7.44 -59.89
N GLU E 192 11.29 -8.64 -60.37
CA GLU E 192 9.93 -8.99 -60.74
C GLU E 192 9.12 -9.38 -59.51
N ASP E 193 7.79 -9.41 -59.68
CA ASP E 193 6.92 -9.86 -58.60
C ASP E 193 7.23 -11.28 -58.17
N GLU E 194 7.63 -12.14 -59.11
CA GLU E 194 7.96 -13.52 -58.77
C GLU E 194 9.17 -13.61 -57.85
N GLU E 195 10.06 -12.62 -57.88
CA GLU E 195 11.27 -12.64 -57.07
C GLU E 195 10.97 -12.18 -55.66
N GLU E 196 11.54 -12.89 -54.69
CA GLU E 196 11.39 -12.51 -53.30
C GLU E 196 12.31 -11.34 -52.98
N SER E 197 11.83 -10.47 -52.08
CA SER E 197 12.63 -9.33 -51.63
C SER E 197 13.70 -9.87 -50.68
N LEU E 198 14.85 -10.22 -51.26
CA LEU E 198 15.92 -10.83 -50.49
C LEU E 198 16.54 -9.87 -49.49
N ASN E 199 16.25 -8.57 -49.57
CA ASN E 199 16.79 -7.65 -48.58
C ASN E 199 16.14 -7.83 -47.21
N GLU E 200 15.02 -8.55 -47.13
CA GLU E 200 14.31 -8.73 -45.87
C GLU E 200 14.49 -10.16 -45.37
N VAL E 201 14.10 -10.36 -44.11
CA VAL E 201 14.58 -11.47 -43.29
C VAL E 201 14.13 -12.82 -43.84
N GLY E 202 14.74 -13.87 -43.32
CA GLY E 202 14.34 -15.23 -43.59
C GLY E 202 14.68 -16.09 -42.40
N TYR E 203 14.72 -17.41 -42.63
CA TYR E 203 15.09 -18.31 -41.54
C TYR E 203 16.57 -18.24 -41.20
N ASP E 204 17.42 -17.92 -42.18
CA ASP E 204 18.85 -17.85 -41.94
C ASP E 204 19.27 -16.57 -41.21
N ASP E 205 18.36 -15.61 -41.07
CA ASP E 205 18.67 -14.35 -40.40
C ASP E 205 18.35 -14.40 -38.91
N ILE E 206 18.13 -15.59 -38.35
CA ILE E 206 17.97 -15.78 -36.91
C ILE E 206 18.99 -16.81 -36.46
N GLY E 207 19.79 -16.44 -35.46
CA GLY E 207 20.87 -17.31 -35.04
C GLY E 207 20.82 -17.72 -33.58
N GLY E 208 20.23 -16.88 -32.73
CA GLY E 208 20.32 -17.10 -31.29
C GLY E 208 19.39 -18.17 -30.76
N CYS E 209 18.36 -18.53 -31.51
CA CYS E 209 17.29 -19.35 -30.97
C CYS E 209 16.93 -20.48 -31.95
N ARG E 210 17.93 -21.23 -32.40
CA ARG E 210 17.64 -22.33 -33.31
C ARG E 210 16.68 -23.33 -32.70
N LYS E 211 16.75 -23.55 -31.39
CA LYS E 211 15.79 -24.46 -30.74
C LYS E 211 14.37 -23.91 -30.84
N GLN E 212 14.17 -22.67 -30.41
CA GLN E 212 12.83 -22.10 -30.45
C GLN E 212 12.38 -21.85 -31.89
N LEU E 213 13.32 -21.52 -32.77
CA LEU E 213 12.96 -21.38 -34.18
C LEU E 213 12.50 -22.69 -34.77
N ALA E 214 13.18 -23.79 -34.43
CA ALA E 214 12.70 -25.10 -34.88
C ALA E 214 11.35 -25.41 -34.30
N GLN E 215 11.14 -25.08 -33.03
CA GLN E 215 9.82 -25.27 -32.41
C GLN E 215 8.75 -24.51 -33.18
N ILE E 216 8.98 -23.23 -33.47
CA ILE E 216 7.98 -22.41 -34.13
C ILE E 216 7.71 -22.91 -35.54
N LYS E 217 8.77 -23.20 -36.29
CA LYS E 217 8.57 -23.62 -37.67
C LYS E 217 7.87 -24.97 -37.74
N GLU E 218 8.21 -25.90 -36.84
CA GLU E 218 7.47 -27.16 -36.77
C GLU E 218 6.03 -26.92 -36.35
N MET E 219 5.81 -25.91 -35.50
CA MET E 219 4.48 -25.65 -34.98
C MET E 219 3.56 -25.02 -36.01
N VAL E 220 4.12 -24.29 -36.98
CA VAL E 220 3.32 -23.56 -37.95
C VAL E 220 3.68 -23.87 -39.39
N GLU E 221 4.36 -24.99 -39.67
CA GLU E 221 4.57 -25.36 -41.06
C GLU E 221 3.34 -26.03 -41.66
N LEU E 222 2.51 -26.66 -40.82
CA LEU E 222 1.33 -27.35 -41.35
C LEU E 222 0.20 -26.37 -41.61
N PRO E 223 -0.16 -25.46 -40.69
CA PRO E 223 -1.21 -24.49 -41.00
C PRO E 223 -0.87 -23.57 -42.15
N LEU E 224 0.33 -23.03 -42.20
CA LEU E 224 0.62 -21.97 -43.15
C LEU E 224 0.97 -22.52 -44.53
N ARG E 225 1.81 -23.56 -44.58
CA ARG E 225 2.10 -24.17 -45.87
C ARG E 225 0.88 -24.93 -46.41
N HIS E 226 0.14 -25.59 -45.53
CA HIS E 226 -1.02 -26.41 -45.92
C HIS E 226 -2.22 -26.05 -45.06
N PRO E 227 -2.75 -24.83 -45.17
CA PRO E 227 -3.97 -24.52 -44.43
C PRO E 227 -5.14 -25.39 -44.83
N ALA E 228 -5.20 -25.80 -46.10
CA ALA E 228 -6.24 -26.72 -46.53
C ALA E 228 -6.21 -28.00 -45.70
N LEU E 229 -5.04 -28.64 -45.61
CA LEU E 229 -4.84 -29.85 -44.83
C LEU E 229 -5.61 -29.81 -43.52
N PHE E 230 -5.55 -28.69 -42.82
CA PHE E 230 -6.46 -28.49 -41.70
C PHE E 230 -7.91 -28.28 -42.15
N LYS E 231 -8.13 -27.59 -43.27
CA LYS E 231 -9.50 -27.26 -43.66
C LYS E 231 -10.40 -28.49 -43.65
N ALA E 232 -9.93 -29.64 -44.15
CA ALA E 232 -10.79 -30.84 -44.03
C ALA E 232 -10.48 -31.66 -42.78
N ILE E 233 -9.22 -31.92 -42.48
CA ILE E 233 -8.88 -32.76 -41.34
C ILE E 233 -9.41 -32.09 -40.08
N GLY E 234 -9.76 -32.91 -39.09
CA GLY E 234 -10.51 -32.44 -37.95
C GLY E 234 -9.73 -31.74 -36.86
N VAL E 235 -8.39 -31.86 -36.85
CA VAL E 235 -7.63 -31.27 -35.75
C VAL E 235 -7.73 -29.77 -35.81
N LYS E 236 -7.81 -29.14 -34.65
CA LYS E 236 -7.81 -27.69 -34.55
C LYS E 236 -6.37 -27.20 -34.59
N PRO E 237 -5.99 -26.37 -35.55
CA PRO E 237 -4.58 -25.99 -35.67
C PRO E 237 -4.17 -25.06 -34.55
N PRO E 238 -2.89 -24.77 -34.42
CA PRO E 238 -2.48 -23.66 -33.55
C PRO E 238 -3.11 -22.37 -34.01
N ARG E 239 -4.03 -21.81 -33.23
CA ARG E 239 -4.70 -20.58 -33.60
C ARG E 239 -3.96 -19.34 -33.14
N GLY E 240 -3.08 -19.46 -32.17
CA GLY E 240 -2.36 -18.32 -31.66
C GLY E 240 -1.07 -18.74 -30.98
N ILE E 241 0.02 -18.12 -31.41
CA ILE E 241 1.33 -18.27 -30.79
C ILE E 241 1.67 -16.97 -30.10
N LEU E 242 2.31 -17.06 -28.95
CA LEU E 242 2.68 -15.91 -28.14
C LEU E 242 4.19 -15.99 -27.91
N LEU E 243 4.95 -15.45 -28.85
CA LEU E 243 6.38 -15.30 -28.62
C LEU E 243 6.58 -14.35 -27.45
N TYR E 244 7.63 -14.59 -26.67
CA TYR E 244 7.94 -13.65 -25.62
C TYR E 244 9.39 -13.79 -25.21
N GLY E 245 9.87 -12.75 -24.52
CA GLY E 245 11.28 -12.60 -24.21
C GLY E 245 11.59 -11.12 -24.16
N PRO E 246 12.75 -10.77 -23.63
CA PRO E 246 13.06 -9.35 -23.40
C PRO E 246 13.09 -8.59 -24.72
N PRO E 247 12.79 -7.29 -24.69
CA PRO E 247 12.72 -6.53 -25.94
C PRO E 247 14.05 -6.55 -26.67
N GLY E 248 13.98 -6.56 -28.00
CA GLY E 248 15.17 -6.72 -28.81
C GLY E 248 15.66 -8.15 -28.91
N THR E 249 14.94 -9.11 -28.33
CA THR E 249 15.37 -10.49 -28.40
C THR E 249 15.30 -11.05 -29.82
N GLY E 250 14.55 -10.41 -30.69
CA GLY E 250 14.32 -10.93 -32.03
C GLY E 250 12.93 -11.47 -32.26
N LYS E 251 11.96 -11.12 -31.41
CA LYS E 251 10.63 -11.69 -31.53
C LYS E 251 9.98 -11.29 -32.85
N THR E 252 9.95 -9.99 -33.13
CA THR E 252 9.40 -9.54 -34.41
C THR E 252 10.21 -10.08 -35.57
N LEU E 253 11.52 -10.24 -35.37
CA LEU E 253 12.33 -10.85 -36.42
C LEU E 253 11.87 -12.27 -36.69
N ILE E 254 11.63 -13.04 -35.64
CA ILE E 254 11.22 -14.42 -35.83
C ILE E 254 9.87 -14.48 -36.52
N ALA E 255 8.94 -13.64 -36.09
CA ALA E 255 7.62 -13.63 -36.71
C ALA E 255 7.73 -13.26 -38.19
N ARG E 256 8.54 -12.25 -38.51
CA ARG E 256 8.69 -11.84 -39.89
C ARG E 256 9.38 -12.91 -40.72
N ALA E 257 10.36 -13.61 -40.14
CA ALA E 257 11.03 -14.67 -40.86
C ALA E 257 10.08 -15.82 -41.17
N VAL E 258 9.23 -16.16 -40.21
CA VAL E 258 8.25 -17.22 -40.46
C VAL E 258 7.22 -16.77 -41.49
N ALA E 259 6.76 -15.53 -41.38
CA ALA E 259 5.74 -15.02 -42.28
C ALA E 259 6.28 -14.72 -43.67
N ASN E 260 7.59 -14.67 -43.84
CA ASN E 260 8.14 -14.46 -45.17
C ASN E 260 7.96 -15.65 -46.07
N GLU E 261 7.40 -16.75 -45.57
CA GLU E 261 6.92 -17.84 -46.40
C GLU E 261 5.45 -17.65 -46.82
N THR E 262 4.74 -16.75 -46.15
CA THR E 262 3.34 -16.47 -46.46
C THR E 262 3.07 -14.97 -46.39
N GLY E 263 4.00 -14.17 -46.88
CA GLY E 263 3.94 -12.73 -46.71
C GLY E 263 3.04 -12.02 -47.72
N ALA E 264 1.83 -12.53 -47.92
CA ALA E 264 0.90 -11.86 -48.80
C ALA E 264 0.33 -10.60 -48.15
N PHE E 265 -0.06 -10.69 -46.87
CA PHE E 265 -0.68 -9.54 -46.22
C PHE E 265 -0.22 -9.38 -44.77
N PHE E 266 0.83 -10.09 -44.34
CA PHE E 266 1.25 -10.01 -42.95
C PHE E 266 1.77 -8.63 -42.58
N PHE E 267 2.53 -8.00 -43.48
CA PHE E 267 3.43 -6.91 -43.10
C PHE E 267 2.65 -5.71 -42.55
N LEU E 268 1.51 -5.38 -43.16
CA LEU E 268 0.75 -4.21 -42.76
C LEU E 268 0.02 -4.41 -41.43
N ILE E 269 0.07 -5.60 -40.82
CA ILE E 269 -0.81 -5.94 -39.72
C ILE E 269 -0.09 -5.95 -38.37
N ASN E 270 1.18 -5.56 -38.32
CA ASN E 270 1.80 -5.30 -37.03
C ASN E 270 0.97 -4.29 -36.26
N GLY E 271 0.69 -4.58 -35.00
CA GLY E 271 -0.27 -3.79 -34.26
C GLY E 271 0.22 -3.10 -33.00
N PRO E 272 1.41 -2.49 -33.01
CA PRO E 272 1.83 -1.72 -31.83
C PRO E 272 1.18 -0.34 -31.78
N GLU E 273 0.83 0.18 -32.96
CA GLU E 273 0.22 1.51 -33.05
C GLU E 273 -1.27 1.48 -32.71
N ILE E 274 -1.87 0.28 -32.68
CA ILE E 274 -3.32 0.18 -32.57
C ILE E 274 -3.81 0.79 -31.27
N MET E 275 -3.13 0.52 -30.16
CA MET E 275 -3.62 0.92 -28.85
C MET E 275 -3.67 2.44 -28.68
N SER E 276 -3.04 3.18 -29.59
CA SER E 276 -2.79 4.60 -29.32
C SER E 276 -3.62 5.54 -30.19
N LYS E 277 -4.57 5.02 -30.97
CA LYS E 277 -5.45 5.88 -31.76
C LYS E 277 -6.73 6.14 -30.98
N LEU E 278 -7.12 7.41 -30.90
CA LEU E 278 -8.12 7.85 -29.92
C LEU E 278 -9.42 7.06 -30.01
N ALA E 279 -9.73 6.35 -28.93
CA ALA E 279 -11.02 5.68 -28.69
C ALA E 279 -11.33 4.75 -29.85
N GLY E 280 -12.55 4.72 -30.38
CA GLY E 280 -12.97 3.69 -31.31
C GLY E 280 -12.14 3.61 -32.56
N GLU E 281 -11.40 4.69 -32.89
CA GLU E 281 -10.51 4.64 -34.04
C GLU E 281 -9.57 3.43 -33.95
N SER E 282 -9.11 3.11 -32.74
CA SER E 282 -8.32 1.89 -32.56
C SER E 282 -9.19 0.65 -32.79
N GLU E 283 -10.35 0.60 -32.12
CA GLU E 283 -11.21 -0.58 -32.22
C GLU E 283 -11.60 -0.86 -33.67
N SER E 284 -11.90 0.19 -34.43
CA SER E 284 -12.11 -0.01 -35.86
C SER E 284 -10.85 -0.51 -36.54
N ASN E 285 -9.73 0.17 -36.33
CA ASN E 285 -8.49 -0.22 -36.97
C ASN E 285 -8.18 -1.69 -36.70
N LEU E 286 -8.22 -2.09 -35.42
CA LEU E 286 -7.97 -3.48 -35.07
C LEU E 286 -8.84 -4.42 -35.88
N ARG E 287 -10.14 -4.12 -35.98
CA ARG E 287 -11.01 -4.96 -36.79
C ARG E 287 -10.50 -5.07 -38.21
N LYS E 288 -10.21 -3.92 -38.83
CA LYS E 288 -9.68 -3.95 -40.19
C LYS E 288 -8.41 -4.77 -40.25
N ALA E 289 -7.59 -4.71 -39.20
CA ALA E 289 -6.35 -5.48 -39.19
C ALA E 289 -6.65 -6.97 -39.34
N PHE E 290 -7.66 -7.46 -38.62
CA PHE E 290 -8.05 -8.85 -38.77
C PHE E 290 -8.74 -9.06 -40.12
N GLU E 291 -9.51 -8.07 -40.56
CA GLU E 291 -10.29 -8.23 -41.78
C GLU E 291 -9.41 -8.33 -43.01
N GLU E 292 -8.33 -7.56 -43.06
CA GLU E 292 -7.50 -7.49 -44.25
C GLU E 292 -6.37 -8.50 -44.27
N ALA E 293 -5.93 -8.98 -43.09
CA ALA E 293 -4.87 -9.98 -43.06
C ALA E 293 -5.31 -11.27 -43.75
N GLU E 294 -6.55 -11.69 -43.49
CA GLU E 294 -7.06 -12.95 -44.03
C GLU E 294 -7.45 -12.86 -45.50
N LYS E 295 -7.48 -11.65 -46.06
CA LYS E 295 -8.11 -11.46 -47.37
C LYS E 295 -7.39 -12.19 -48.50
N ASN E 296 -6.10 -12.49 -48.34
CA ASN E 296 -5.33 -13.13 -49.41
C ASN E 296 -4.28 -14.05 -48.81
N ALA E 297 -4.35 -15.34 -49.17
CA ALA E 297 -3.35 -16.33 -48.79
C ALA E 297 -3.32 -16.52 -47.28
N PRO E 298 -2.67 -17.57 -46.77
CA PRO E 298 -2.42 -17.64 -45.33
C PRO E 298 -1.58 -16.45 -44.87
N ALA E 299 -1.93 -15.92 -43.71
CA ALA E 299 -1.33 -14.68 -43.26
C ALA E 299 -1.15 -14.72 -41.75
N ILE E 300 -0.04 -14.16 -41.30
CA ILE E 300 0.25 -14.03 -39.88
C ILE E 300 -0.20 -12.64 -39.44
N ILE E 301 -0.78 -12.55 -38.25
CA ILE E 301 -1.18 -11.28 -37.68
C ILE E 301 -0.36 -11.07 -36.42
N PHE E 302 0.66 -10.23 -36.52
CA PHE E 302 1.61 -10.03 -35.43
C PHE E 302 1.08 -8.92 -34.54
N ILE E 303 0.66 -9.26 -33.34
CA ILE E 303 0.23 -8.25 -32.38
C ILE E 303 1.45 -7.80 -31.61
N ASP E 304 2.23 -6.89 -32.19
CA ASP E 304 3.47 -6.46 -31.58
C ASP E 304 3.20 -5.82 -30.23
N GLU E 305 3.98 -6.22 -29.23
CA GLU E 305 3.85 -5.69 -27.87
C GLU E 305 2.42 -5.86 -27.36
N LEU E 306 1.97 -7.12 -27.36
CA LEU E 306 0.68 -7.45 -26.76
C LEU E 306 0.66 -7.07 -25.29
N ASP E 307 1.84 -6.94 -24.67
CA ASP E 307 1.92 -6.47 -23.29
C ASP E 307 1.23 -5.13 -23.11
N ALA E 308 1.22 -4.30 -24.15
CA ALA E 308 0.64 -2.96 -24.08
C ALA E 308 -0.80 -2.91 -24.55
N ILE E 309 -1.15 -3.67 -25.59
CA ILE E 309 -2.52 -3.65 -26.09
C ILE E 309 -3.47 -4.34 -25.12
N ALA E 310 -3.04 -5.45 -24.52
CA ALA E 310 -3.90 -6.27 -23.67
C ALA E 310 -3.23 -6.56 -22.34
N PRO E 311 -3.04 -5.54 -21.51
CA PRO E 311 -2.45 -5.76 -20.18
C PRO E 311 -3.47 -6.34 -19.22
N LYS E 312 -2.98 -6.78 -18.07
CA LYS E 312 -3.87 -7.30 -17.03
C LYS E 312 -4.89 -6.24 -16.64
N ARG E 313 -6.17 -6.59 -16.76
CA ARG E 313 -7.23 -5.64 -16.45
C ARG E 313 -7.21 -5.24 -14.98
N GLU E 314 -6.54 -6.02 -14.15
CA GLU E 314 -6.40 -5.73 -12.72
C GLU E 314 -5.82 -4.34 -12.50
N LYS E 315 -4.97 -3.89 -13.41
CA LYS E 315 -4.24 -2.63 -13.27
C LYS E 315 -4.62 -1.62 -14.35
N THR E 316 -5.91 -1.49 -14.63
CA THR E 316 -6.43 -0.50 -15.56
C THR E 316 -7.34 0.47 -14.82
N HIS E 317 -7.36 1.73 -15.29
CA HIS E 317 -8.14 2.79 -14.66
C HIS E 317 -9.06 3.50 -15.64
N GLY E 318 -9.42 2.84 -16.74
CA GLY E 318 -10.31 3.44 -17.72
C GLY E 318 -11.06 2.39 -18.51
N GLU E 319 -12.37 2.58 -18.68
CA GLU E 319 -13.16 1.55 -19.36
C GLU E 319 -12.83 1.44 -20.83
N VAL E 320 -12.40 2.53 -21.47
CA VAL E 320 -12.14 2.47 -22.91
C VAL E 320 -10.97 1.53 -23.20
N GLU E 321 -9.90 1.59 -22.40
CA GLU E 321 -8.80 0.65 -22.60
C GLU E 321 -9.21 -0.78 -22.25
N ARG E 322 -10.03 -0.94 -21.21
CA ARG E 322 -10.56 -2.25 -20.88
C ARG E 322 -11.36 -2.83 -22.05
N ARG E 323 -12.13 -1.98 -22.73
CA ARG E 323 -12.90 -2.44 -23.88
C ARG E 323 -11.98 -2.75 -25.05
N ILE E 324 -10.88 -2.01 -25.19
CA ILE E 324 -9.92 -2.34 -26.24
C ILE E 324 -9.38 -3.75 -26.03
N VAL E 325 -8.93 -4.04 -24.81
CA VAL E 325 -8.37 -5.37 -24.54
C VAL E 325 -9.45 -6.44 -24.68
N SER E 326 -10.67 -6.14 -24.21
CA SER E 326 -11.71 -7.17 -24.18
C SER E 326 -12.46 -7.28 -25.50
N GLN E 327 -12.16 -6.46 -26.51
CA GLN E 327 -12.55 -6.76 -27.89
C GLN E 327 -11.35 -7.15 -28.73
N LEU E 328 -10.15 -7.20 -28.14
CA LEU E 328 -9.11 -8.03 -28.74
C LEU E 328 -9.47 -9.50 -28.64
N LEU E 329 -10.01 -9.91 -27.49
CA LEU E 329 -10.35 -11.32 -27.28
C LEU E 329 -11.41 -11.78 -28.25
N THR E 330 -12.44 -10.96 -28.47
CA THR E 330 -13.56 -11.36 -29.30
C THR E 330 -13.18 -11.43 -30.77
N LEU E 331 -12.23 -10.61 -31.21
CA LEU E 331 -11.67 -10.75 -32.54
C LEU E 331 -10.71 -11.92 -32.64
N MET E 332 -10.06 -12.28 -31.53
CA MET E 332 -9.25 -13.50 -31.50
C MET E 332 -10.12 -14.73 -31.72
N ASP E 333 -11.25 -14.80 -31.02
CA ASP E 333 -12.08 -15.99 -31.07
C ASP E 333 -12.61 -16.25 -32.48
N GLY E 334 -12.90 -15.19 -33.22
CA GLY E 334 -13.43 -15.35 -34.56
C GLY E 334 -12.52 -16.12 -35.50
N LEU E 335 -11.23 -16.16 -35.21
CA LEU E 335 -10.28 -16.84 -36.10
C LEU E 335 -10.19 -18.34 -35.82
N LYS E 336 -10.94 -18.87 -34.86
CA LYS E 336 -10.92 -20.29 -34.59
C LYS E 336 -11.55 -21.12 -35.71
N GLN E 337 -12.20 -20.46 -36.67
CA GLN E 337 -12.97 -21.19 -37.67
C GLN E 337 -12.09 -21.85 -38.72
N ARG E 338 -10.89 -21.30 -38.97
CA ARG E 338 -10.09 -21.77 -40.10
C ARG E 338 -8.60 -21.61 -39.78
N ALA E 339 -7.78 -22.30 -40.58
CA ALA E 339 -6.39 -22.55 -40.24
C ALA E 339 -5.41 -21.59 -40.88
N HIS E 340 -5.84 -20.79 -41.85
CA HIS E 340 -4.87 -20.09 -42.69
C HIS E 340 -4.32 -18.83 -42.04
N VAL E 341 -4.93 -18.34 -40.96
CA VAL E 341 -4.47 -17.13 -40.28
C VAL E 341 -3.92 -17.51 -38.92
N ILE E 342 -2.77 -16.94 -38.58
CA ILE E 342 -2.05 -17.23 -37.35
C ILE E 342 -1.81 -15.90 -36.65
N VAL E 343 -2.07 -15.84 -35.34
CA VAL E 343 -1.92 -14.60 -34.60
C VAL E 343 -0.69 -14.73 -33.71
N MET E 344 0.46 -14.32 -34.23
CA MET E 344 1.71 -14.42 -33.51
C MET E 344 1.90 -13.16 -32.67
N ALA E 345 1.45 -13.19 -31.43
CA ALA E 345 1.66 -12.04 -30.57
C ALA E 345 3.13 -11.92 -30.19
N ALA E 346 3.44 -10.95 -29.34
CA ALA E 346 4.77 -10.78 -28.80
C ALA E 346 4.69 -9.94 -27.53
N THR E 347 5.46 -10.34 -26.53
CA THR E 347 5.36 -9.69 -25.22
C THR E 347 6.65 -9.88 -24.46
N ASN E 348 6.94 -8.93 -23.56
CA ASN E 348 8.17 -9.04 -22.77
C ASN E 348 8.14 -10.23 -21.84
N ARG E 349 7.01 -10.51 -21.22
CA ARG E 349 6.87 -11.67 -20.35
C ARG E 349 5.40 -12.07 -20.31
N PRO E 350 5.10 -13.34 -20.03
CA PRO E 350 3.73 -13.83 -20.22
C PRO E 350 2.76 -13.41 -19.14
N ASN E 351 3.23 -13.27 -17.90
CA ASN E 351 2.34 -12.95 -16.79
C ASN E 351 1.98 -11.48 -16.73
N SER E 352 2.49 -10.66 -17.65
CA SER E 352 2.07 -9.27 -17.73
C SER E 352 0.82 -9.07 -18.59
N ILE E 353 0.39 -10.11 -19.30
CA ILE E 353 -0.81 -10.02 -20.14
C ILE E 353 -2.01 -10.56 -19.38
N ASP E 354 -3.17 -10.02 -19.69
CA ASP E 354 -4.41 -10.43 -19.04
C ASP E 354 -4.62 -11.92 -19.28
N PRO E 355 -4.85 -12.73 -18.23
CA PRO E 355 -5.07 -14.17 -18.46
C PRO E 355 -6.32 -14.48 -19.28
N ALA E 356 -7.08 -13.45 -19.67
CA ALA E 356 -8.13 -13.66 -20.65
C ALA E 356 -7.58 -14.19 -21.96
N LEU E 357 -6.31 -13.93 -22.24
CA LEU E 357 -5.59 -14.62 -23.31
C LEU E 357 -4.98 -15.90 -22.75
N ARG E 358 -4.36 -16.68 -23.62
CA ARG E 358 -3.83 -18.00 -23.29
C ARG E 358 -4.94 -18.97 -22.91
N ARG E 359 -6.16 -18.67 -23.30
CA ARG E 359 -7.24 -19.65 -23.23
C ARG E 359 -7.12 -20.59 -24.43
N PHE E 360 -7.87 -21.69 -24.37
CA PHE E 360 -7.92 -22.59 -25.51
C PHE E 360 -8.41 -21.86 -26.75
N GLY E 361 -7.51 -21.66 -27.70
CA GLY E 361 -7.83 -20.95 -28.93
C GLY E 361 -7.37 -19.51 -28.97
N ARG E 362 -7.06 -18.90 -27.83
CA ARG E 362 -6.58 -17.52 -27.75
C ARG E 362 -5.13 -17.56 -27.29
N PHE E 363 -4.21 -17.49 -28.25
CA PHE E 363 -2.79 -17.60 -27.98
C PHE E 363 -2.49 -18.87 -27.17
N ASP E 364 -2.93 -19.98 -27.73
CA ASP E 364 -2.82 -21.25 -27.04
C ASP E 364 -1.38 -21.68 -26.81
N ARG E 365 -0.42 -21.22 -27.63
CA ARG E 365 0.94 -21.74 -27.58
C ARG E 365 1.94 -20.61 -27.31
N GLU E 366 2.45 -20.54 -26.09
CA GLU E 366 3.47 -19.56 -25.77
C GLU E 366 4.85 -20.10 -26.11
N VAL E 367 5.78 -19.19 -26.43
CA VAL E 367 7.12 -19.58 -26.84
C VAL E 367 8.14 -18.58 -26.32
N ASP E 368 9.00 -19.01 -25.42
CA ASP E 368 10.01 -18.12 -24.82
C ASP E 368 11.23 -18.07 -25.73
N ILE E 369 11.40 -16.99 -26.47
CA ILE E 369 12.61 -16.84 -27.27
C ILE E 369 13.83 -16.73 -26.37
N GLY E 370 13.73 -15.93 -25.31
CA GLY E 370 14.78 -15.86 -24.31
C GLY E 370 16.07 -15.26 -24.82
N ILE E 371 16.94 -14.87 -23.90
CA ILE E 371 18.21 -14.25 -24.28
C ILE E 371 19.10 -15.29 -24.94
N PRO E 372 19.95 -14.93 -25.90
CA PRO E 372 20.85 -15.93 -26.48
C PRO E 372 21.93 -16.35 -25.48
N ASP E 373 22.49 -17.53 -25.71
CA ASP E 373 23.57 -18.04 -24.87
C ASP E 373 24.92 -17.70 -25.49
N ALA E 374 26.00 -18.22 -24.89
CA ALA E 374 27.34 -17.88 -25.35
C ALA E 374 27.60 -18.31 -26.79
N THR E 375 26.85 -19.29 -27.29
CA THR E 375 26.94 -19.67 -28.69
C THR E 375 25.81 -19.11 -29.53
N GLY E 376 24.69 -18.73 -28.93
CA GLY E 376 23.67 -18.00 -29.65
C GLY E 376 24.15 -16.62 -30.06
N ARG E 377 24.82 -15.93 -29.14
CA ARG E 377 25.35 -14.61 -29.46
C ARG E 377 26.43 -14.71 -30.52
N LEU E 378 27.19 -15.80 -30.53
CA LEU E 378 28.16 -16.00 -31.60
C LEU E 378 27.46 -16.12 -32.94
N GLU E 379 26.34 -16.84 -32.97
CA GLU E 379 25.61 -17.00 -34.23
C GLU E 379 25.00 -15.68 -34.66
N ILE E 380 24.49 -14.89 -33.72
CA ILE E 380 23.93 -13.58 -34.06
C ILE E 380 25.01 -12.67 -34.62
N LEU E 381 26.18 -12.67 -33.99
CA LEU E 381 27.28 -11.85 -34.48
C LEU E 381 27.70 -12.29 -35.87
N GLN E 382 27.75 -13.60 -36.11
CA GLN E 382 28.12 -14.09 -37.43
C GLN E 382 27.07 -13.71 -38.46
N ILE E 383 25.79 -13.70 -38.07
CA ILE E 383 24.73 -13.31 -38.99
C ILE E 383 24.84 -11.84 -39.35
N HIS E 384 25.05 -10.98 -38.36
CA HIS E 384 25.08 -9.55 -38.62
C HIS E 384 26.35 -9.10 -39.32
N THR E 385 27.48 -9.74 -39.00
CA THR E 385 28.74 -9.38 -39.62
C THR E 385 28.85 -9.86 -41.06
N LYS E 386 27.92 -10.69 -41.51
CA LYS E 386 28.13 -11.43 -42.75
C LYS E 386 28.28 -10.54 -43.97
N ASN E 387 27.88 -9.28 -43.90
CA ASN E 387 28.11 -8.34 -44.99
C ASN E 387 29.28 -7.41 -44.73
N MET E 388 29.87 -7.45 -43.55
CA MET E 388 31.03 -6.62 -43.23
C MET E 388 32.31 -7.38 -43.51
N LYS E 389 33.30 -6.69 -44.08
CA LYS E 389 34.62 -7.27 -44.26
C LYS E 389 35.25 -7.35 -42.88
N LEU E 390 35.11 -8.50 -42.24
CA LEU E 390 35.38 -8.64 -40.82
C LEU E 390 36.87 -8.76 -40.51
N ALA E 391 37.73 -8.41 -41.45
CA ALA E 391 39.17 -8.43 -41.22
C ALA E 391 39.67 -9.85 -41.01
N ASP E 392 40.89 -9.99 -40.47
CA ASP E 392 41.50 -11.29 -40.27
C ASP E 392 41.90 -11.54 -38.82
N ASP E 393 41.50 -10.66 -37.90
CA ASP E 393 41.84 -10.81 -36.48
C ASP E 393 40.63 -10.68 -35.57
N VAL E 394 39.43 -10.91 -36.08
CA VAL E 394 38.22 -10.78 -35.26
C VAL E 394 38.02 -12.10 -34.53
N ASP E 395 38.26 -12.11 -33.23
CA ASP E 395 38.02 -13.28 -32.39
C ASP E 395 36.54 -13.29 -31.98
N LEU E 396 35.70 -13.70 -32.94
CA LEU E 396 34.26 -13.72 -32.69
C LEU E 396 33.93 -14.55 -31.47
N GLU E 397 34.56 -15.72 -31.32
CA GLU E 397 34.31 -16.54 -30.15
C GLU E 397 34.64 -15.81 -28.86
N GLN E 398 35.66 -14.95 -28.89
CA GLN E 398 36.04 -14.23 -27.68
C GLN E 398 34.99 -13.18 -27.31
N VAL E 399 34.55 -12.38 -28.29
CA VAL E 399 33.54 -11.36 -28.00
C VAL E 399 32.22 -12.01 -27.62
N ALA E 400 31.94 -13.20 -28.16
CA ALA E 400 30.69 -13.88 -27.83
C ALA E 400 30.59 -14.18 -26.35
N ASN E 401 31.68 -14.61 -25.72
CA ASN E 401 31.69 -14.77 -24.28
C ASN E 401 31.84 -13.42 -23.57
N GLU E 402 32.51 -12.48 -24.23
CA GLU E 402 32.69 -11.15 -23.63
C GLU E 402 31.37 -10.40 -23.53
N THR E 403 30.42 -10.71 -24.41
CA THR E 403 29.20 -9.93 -24.55
C THR E 403 28.03 -10.59 -23.83
N HIS E 404 28.30 -11.21 -22.68
CA HIS E 404 27.25 -11.87 -21.92
C HIS E 404 26.19 -10.86 -21.49
N GLY E 405 24.92 -11.26 -21.63
CA GLY E 405 23.80 -10.42 -21.29
C GLY E 405 23.25 -9.58 -22.42
N HIS E 406 23.93 -9.52 -23.56
CA HIS E 406 23.47 -8.73 -24.68
C HIS E 406 22.33 -9.45 -25.39
N VAL E 407 21.14 -8.86 -25.37
CA VAL E 407 19.95 -9.51 -25.88
C VAL E 407 19.83 -9.20 -27.37
N GLY E 408 20.19 -10.16 -28.21
CA GLY E 408 19.74 -10.11 -29.58
C GLY E 408 20.15 -8.86 -30.32
N ALA E 409 19.20 -7.93 -30.44
CA ALA E 409 19.41 -6.71 -31.22
C ALA E 409 20.62 -5.92 -30.72
N ASP E 410 21.02 -6.10 -29.47
CA ASP E 410 22.23 -5.42 -29.01
C ASP E 410 23.44 -5.88 -29.80
N LEU E 411 23.59 -7.19 -30.03
CA LEU E 411 24.66 -7.65 -30.91
C LEU E 411 24.49 -7.11 -32.32
N ALA E 412 23.28 -6.70 -32.69
CA ALA E 412 23.10 -6.01 -33.97
C ALA E 412 23.60 -4.59 -33.89
N ALA E 413 23.35 -3.90 -32.77
CA ALA E 413 23.88 -2.55 -32.60
C ALA E 413 25.40 -2.60 -32.47
N LEU E 414 25.90 -3.54 -31.67
CA LEU E 414 27.34 -3.70 -31.55
C LEU E 414 27.98 -3.94 -32.91
N CYS E 415 27.42 -4.87 -33.68
CA CYS E 415 27.99 -5.15 -35.01
C CYS E 415 27.95 -3.93 -35.90
N SER E 416 27.12 -2.94 -35.56
CA SER E 416 27.16 -1.66 -36.27
C SER E 416 28.14 -0.70 -35.60
N GLU E 417 28.11 -0.63 -34.27
CA GLU E 417 29.04 0.24 -33.56
C GLU E 417 30.47 -0.04 -33.95
N ALA E 418 30.80 -1.30 -34.17
CA ALA E 418 32.13 -1.64 -34.69
C ALA E 418 32.28 -1.18 -36.12
N ALA E 419 31.31 -1.49 -36.97
CA ALA E 419 31.44 -1.13 -38.38
C ALA E 419 31.57 0.37 -38.55
N LEU E 420 30.75 1.14 -37.84
CA LEU E 420 30.89 2.58 -37.90
C LEU E 420 32.24 3.02 -37.35
N GLN E 421 32.73 2.36 -36.31
CA GLN E 421 34.05 2.68 -35.79
C GLN E 421 35.12 2.41 -36.83
N ALA E 422 34.83 1.58 -37.83
CA ALA E 422 35.76 1.37 -38.93
C ALA E 422 35.52 2.35 -40.06
N ILE E 423 34.31 2.92 -40.13
CA ILE E 423 34.05 3.96 -41.13
C ILE E 423 34.65 5.28 -40.67
N ARG E 424 34.28 5.70 -39.45
CA ARG E 424 34.71 7.01 -38.97
C ARG E 424 36.22 7.11 -38.82
N LYS E 425 36.93 5.99 -38.77
CA LYS E 425 38.38 5.98 -38.77
C LYS E 425 38.97 5.73 -40.15
N LYS E 426 38.12 5.65 -41.18
CA LYS E 426 38.58 5.57 -42.55
C LYS E 426 38.10 6.79 -43.33
N MET E 427 37.04 7.43 -42.84
CA MET E 427 36.50 8.60 -43.53
C MET E 427 37.42 9.81 -43.45
N ASP E 428 38.45 9.76 -42.61
CA ASP E 428 39.48 10.79 -42.67
C ASP E 428 40.40 10.62 -43.88
N LEU E 429 40.78 9.39 -44.20
CA LEU E 429 41.56 9.14 -45.41
C LEU E 429 40.77 9.55 -46.65
N ILE E 430 39.54 9.09 -46.76
CA ILE E 430 38.67 9.41 -47.88
C ILE E 430 37.76 10.53 -47.38
N ASP E 431 38.04 11.76 -47.82
CA ASP E 431 37.39 12.94 -47.28
C ASP E 431 36.04 13.22 -47.95
N LEU E 432 35.44 12.20 -48.53
CA LEU E 432 34.13 12.38 -49.18
C LEU E 432 33.07 12.71 -48.14
N GLU E 433 31.99 13.34 -48.62
CA GLU E 433 30.90 13.80 -47.76
C GLU E 433 29.66 12.92 -47.84
N ASP E 434 29.74 11.74 -48.45
CA ASP E 434 28.57 10.90 -48.68
C ASP E 434 29.05 9.49 -49.03
N GLU E 435 28.14 8.50 -49.00
CA GLU E 435 28.52 7.20 -49.52
C GLU E 435 28.40 7.10 -51.03
N THR E 436 28.45 8.21 -51.74
CA THR E 436 28.80 8.14 -53.16
C THR E 436 30.28 7.80 -53.25
N ILE E 437 30.92 7.68 -52.09
CA ILE E 437 32.16 6.91 -51.97
C ILE E 437 31.97 5.57 -52.66
N ASP E 438 33.04 5.08 -53.27
CA ASP E 438 32.93 3.90 -54.10
C ASP E 438 32.91 2.63 -53.25
N ALA E 439 32.19 1.61 -53.73
CA ALA E 439 32.07 0.37 -52.96
C ALA E 439 33.42 -0.30 -52.74
N GLU E 440 34.39 -0.04 -53.63
CA GLU E 440 35.69 -0.68 -53.50
C GLU E 440 36.36 -0.32 -52.18
N VAL E 441 36.34 0.96 -51.78
CA VAL E 441 36.95 1.34 -50.52
C VAL E 441 36.07 0.98 -49.34
N MET E 442 34.78 0.70 -49.56
CA MET E 442 33.96 0.12 -48.50
C MET E 442 34.34 -1.33 -48.24
N ASN E 443 34.72 -2.06 -49.30
CA ASN E 443 35.28 -3.39 -49.12
C ASN E 443 36.60 -3.35 -48.36
N SER E 444 37.30 -2.21 -48.37
CA SER E 444 38.53 -2.07 -47.64
C SER E 444 38.33 -1.73 -46.17
N LEU E 445 37.08 -1.59 -45.72
CA LEU E 445 36.81 -1.31 -44.32
C LEU E 445 36.99 -2.57 -43.48
N ALA E 446 38.22 -3.03 -43.33
CA ALA E 446 38.49 -4.19 -42.49
C ALA E 446 38.20 -3.82 -41.05
N VAL E 447 37.07 -4.29 -40.53
CA VAL E 447 36.66 -3.94 -39.19
C VAL E 447 37.45 -4.78 -38.21
N THR E 448 38.60 -4.25 -37.78
CA THR E 448 39.51 -5.02 -36.93
C THR E 448 38.90 -5.22 -35.55
N MET E 449 39.48 -6.14 -34.79
CA MET E 449 38.97 -6.44 -33.46
C MET E 449 39.18 -5.29 -32.50
N ASP E 450 40.05 -4.33 -32.84
CA ASP E 450 40.16 -3.13 -32.03
C ASP E 450 38.87 -2.32 -32.06
N ASP E 451 38.27 -2.19 -33.25
CA ASP E 451 36.98 -1.51 -33.39
C ASP E 451 35.87 -2.22 -32.63
N PHE E 452 35.83 -3.54 -32.67
CA PHE E 452 34.83 -4.27 -31.88
C PHE E 452 35.12 -4.15 -30.39
N ARG E 453 36.39 -4.11 -30.01
CA ARG E 453 36.75 -3.88 -28.62
C ARG E 453 36.20 -2.55 -28.14
N TRP E 454 36.32 -1.52 -28.96
CA TRP E 454 35.74 -0.22 -28.63
C TRP E 454 34.22 -0.29 -28.59
N ALA E 455 33.61 -0.93 -29.58
CA ALA E 455 32.15 -0.98 -29.65
C ALA E 455 31.57 -1.69 -28.43
N LEU E 456 32.20 -2.76 -27.99
CA LEU E 456 31.75 -3.43 -26.77
C LEU E 456 31.87 -2.51 -25.56
N SER E 457 32.96 -1.75 -25.47
CA SER E 457 33.09 -0.80 -24.38
C SER E 457 31.99 0.25 -24.41
N GLN E 458 31.48 0.59 -25.60
CA GLN E 458 30.35 1.51 -25.69
C GLN E 458 29.02 0.84 -25.41
N SER E 459 28.84 -0.40 -25.87
CA SER E 459 27.52 -1.02 -25.86
C SER E 459 27.04 -1.24 -24.42
N ASN E 460 25.73 -1.08 -24.22
CA ASN E 460 25.08 -1.29 -22.94
C ASN E 460 23.98 -2.32 -23.08
N PRO E 461 23.97 -3.41 -22.30
CA PRO E 461 22.89 -4.39 -22.45
C PRO E 461 21.63 -4.00 -21.67
N SER E 462 21.20 -2.76 -21.81
CA SER E 462 20.04 -2.25 -21.08
C SER E 462 18.74 -2.87 -21.53
N ALA E 463 18.70 -3.76 -22.53
CA ALA E 463 17.44 -4.43 -22.87
C ALA E 463 16.94 -5.24 -21.69
N LEU E 464 17.79 -6.12 -21.15
CA LEU E 464 17.51 -6.86 -19.93
C LEU E 464 18.73 -7.71 -19.60
N ARG E 465 18.86 -8.02 -18.31
CA ARG E 465 19.79 -9.05 -17.85
C ARG E 465 19.07 -9.80 -16.73
N GLU E 466 18.45 -10.92 -17.08
CA GLU E 466 17.64 -11.72 -16.18
C GLU E 466 18.19 -13.14 -16.25
N THR E 467 17.72 -13.98 -15.33
CA THR E 467 18.14 -15.38 -15.24
C THR E 467 18.25 -16.00 -16.63
N VAL E 468 19.44 -16.50 -16.96
CA VAL E 468 19.79 -16.87 -18.32
C VAL E 468 19.77 -18.38 -18.44
N VAL E 469 19.08 -18.86 -19.48
CA VAL E 469 18.99 -20.28 -19.78
C VAL E 469 19.91 -20.56 -20.96
N GLU E 470 20.71 -21.60 -20.85
CA GLU E 470 21.85 -21.77 -21.74
C GLU E 470 22.11 -23.24 -21.99
N VAL E 471 22.83 -23.52 -23.07
CA VAL E 471 23.37 -24.85 -23.35
C VAL E 471 24.87 -24.79 -23.09
N PRO E 472 25.35 -25.06 -21.88
CA PRO E 472 26.74 -24.76 -21.55
C PRO E 472 27.71 -25.51 -22.45
N GLN E 473 28.82 -24.85 -22.78
CA GLN E 473 29.81 -25.39 -23.69
C GLN E 473 30.89 -26.20 -22.99
N VAL E 474 30.79 -26.39 -21.67
CA VAL E 474 31.73 -27.27 -20.98
C VAL E 474 31.35 -28.72 -21.24
N THR E 475 32.35 -29.60 -21.17
CA THR E 475 32.13 -31.01 -21.45
C THR E 475 33.09 -31.84 -20.61
N TRP E 476 32.98 -33.16 -20.74
CA TRP E 476 33.74 -34.07 -19.89
C TRP E 476 35.23 -33.76 -19.90
N GLU E 477 35.78 -33.45 -21.06
CA GLU E 477 37.23 -33.22 -21.13
C GLU E 477 37.67 -32.08 -20.22
N ASP E 478 36.76 -31.19 -19.84
CA ASP E 478 37.08 -30.14 -18.88
C ASP E 478 36.82 -30.55 -17.43
N ILE E 479 36.22 -31.71 -17.20
CA ILE E 479 36.02 -32.23 -15.84
C ILE E 479 37.11 -33.25 -15.61
N GLY E 480 38.25 -32.81 -15.10
CA GLY E 480 39.33 -33.73 -14.81
C GLY E 480 38.95 -34.66 -13.67
N GLY E 481 39.35 -35.92 -13.79
CA GLY E 481 39.03 -36.85 -12.73
C GLY E 481 37.53 -37.07 -12.64
N LEU E 482 37.07 -37.41 -11.43
CA LEU E 482 35.67 -37.78 -11.22
C LEU E 482 35.22 -38.84 -12.21
N GLU E 483 36.07 -39.86 -12.38
CA GLU E 483 35.74 -40.93 -13.30
C GLU E 483 34.52 -41.72 -12.83
N ASP E 484 34.37 -41.90 -11.52
CA ASP E 484 33.22 -42.65 -11.01
C ASP E 484 31.94 -41.82 -11.09
N VAL E 485 32.01 -40.53 -10.74
CA VAL E 485 30.82 -39.72 -10.69
C VAL E 485 30.25 -39.49 -12.07
N LYS E 486 31.12 -39.35 -13.08
CA LYS E 486 30.62 -39.13 -14.43
C LYS E 486 29.85 -40.35 -14.93
N ARG E 487 30.33 -41.55 -14.63
CA ARG E 487 29.56 -42.75 -14.95
C ARG E 487 28.27 -42.80 -14.16
N GLU E 488 28.33 -42.44 -12.88
CA GLU E 488 27.16 -42.52 -12.02
C GLU E 488 26.09 -41.52 -12.42
N LEU E 489 26.48 -40.42 -13.07
CA LEU E 489 25.51 -39.46 -13.59
C LEU E 489 25.09 -39.77 -15.01
N GLN E 490 25.96 -40.39 -15.80
CA GLN E 490 25.53 -40.89 -17.11
C GLN E 490 24.43 -41.92 -16.95
N GLU E 491 24.56 -42.81 -15.98
CA GLU E 491 23.49 -43.78 -15.76
C GLU E 491 22.31 -43.20 -14.99
N LEU E 492 22.24 -41.90 -14.76
CA LEU E 492 21.18 -41.32 -13.96
C LEU E 492 20.44 -40.20 -14.67
N VAL E 493 21.08 -39.50 -15.61
CA VAL E 493 20.40 -38.48 -16.39
C VAL E 493 20.20 -38.90 -17.84
N GLN E 494 20.96 -39.89 -18.30
CA GLN E 494 21.01 -40.27 -19.71
C GLN E 494 20.40 -41.62 -19.98
N TYR E 495 20.46 -42.55 -19.04
CA TYR E 495 19.75 -43.82 -19.18
C TYR E 495 18.23 -43.66 -19.18
N PRO E 496 17.62 -42.90 -18.27
CA PRO E 496 16.16 -42.75 -18.31
C PRO E 496 15.63 -41.95 -19.48
N VAL E 497 16.49 -41.43 -20.36
CA VAL E 497 16.05 -40.67 -21.52
C VAL E 497 16.49 -41.32 -22.82
N GLU E 498 17.22 -42.44 -22.75
CA GLU E 498 17.59 -43.18 -23.94
C GLU E 498 17.27 -44.66 -23.84
N HIS E 499 16.70 -45.11 -22.71
CA HIS E 499 16.10 -46.44 -22.62
C HIS E 499 14.85 -46.41 -21.74
N PRO E 500 13.92 -45.49 -22.00
CA PRO E 500 12.71 -45.44 -21.15
C PRO E 500 11.87 -46.68 -21.24
N ASP E 501 12.05 -47.50 -22.29
CA ASP E 501 11.39 -48.79 -22.35
C ASP E 501 11.74 -49.64 -21.14
N LYS E 502 13.01 -49.63 -20.73
CA LYS E 502 13.43 -50.43 -19.59
C LYS E 502 12.87 -49.87 -18.29
N PHE E 503 12.74 -48.54 -18.20
CA PHE E 503 12.22 -47.94 -16.98
C PHE E 503 10.72 -48.13 -16.85
N LEU E 504 10.00 -48.25 -17.96
CA LEU E 504 8.59 -48.64 -17.89
C LEU E 504 8.45 -50.13 -17.64
N LYS E 505 9.36 -50.93 -18.19
CA LYS E 505 9.24 -52.38 -18.11
C LYS E 505 9.30 -52.84 -16.66
N PHE E 506 10.09 -52.16 -15.83
CA PHE E 506 10.19 -52.46 -14.42
C PHE E 506 9.39 -51.49 -13.55
N GLY E 507 8.83 -50.44 -14.14
CA GLY E 507 8.08 -49.47 -13.36
C GLY E 507 8.92 -48.73 -12.33
N MET E 508 10.09 -48.23 -12.75
CA MET E 508 11.04 -47.70 -11.78
C MET E 508 10.69 -46.29 -11.34
N THR E 509 10.16 -45.46 -12.22
CA THR E 509 9.98 -44.06 -11.91
C THR E 509 11.33 -43.46 -11.52
N PRO E 510 12.25 -43.31 -12.47
CA PRO E 510 13.61 -42.90 -12.12
C PRO E 510 13.65 -41.60 -11.35
N SER E 511 14.83 -41.31 -10.80
CA SER E 511 15.00 -40.14 -9.95
C SER E 511 15.12 -38.88 -10.78
N LYS E 512 14.21 -37.94 -10.55
CA LYS E 512 14.31 -36.61 -11.13
C LYS E 512 14.95 -35.66 -10.14
N GLY E 513 16.19 -35.95 -9.76
CA GLY E 513 16.84 -35.12 -8.78
C GLY E 513 18.23 -35.61 -8.43
N VAL E 514 19.11 -34.70 -8.06
CA VAL E 514 20.41 -35.07 -7.52
C VAL E 514 20.83 -34.00 -6.53
N LEU E 515 21.54 -34.40 -5.50
CA LEU E 515 22.21 -33.47 -4.59
C LEU E 515 23.69 -33.84 -4.58
N PHE E 516 24.52 -32.93 -5.08
CA PHE E 516 25.96 -33.08 -5.03
C PHE E 516 26.43 -32.51 -3.69
N TYR E 517 26.67 -33.39 -2.73
CA TYR E 517 27.30 -32.96 -1.50
C TYR E 517 28.79 -33.25 -1.60
N GLY E 518 29.59 -32.23 -1.41
CA GLY E 518 31.02 -32.39 -1.48
C GLY E 518 31.73 -31.10 -1.12
N PRO E 519 33.03 -31.17 -0.87
CA PRO E 519 33.77 -30.00 -0.45
C PRO E 519 33.60 -28.87 -1.44
N PRO E 520 33.51 -27.63 -0.98
CA PRO E 520 33.27 -26.51 -1.89
C PRO E 520 34.42 -26.36 -2.88
N GLY E 521 34.09 -25.86 -4.06
CA GLY E 521 35.10 -25.68 -5.07
C GLY E 521 35.75 -26.97 -5.53
N CYS E 522 34.96 -28.02 -5.72
CA CYS E 522 35.49 -29.32 -6.09
C CYS E 522 34.98 -29.84 -7.42
N GLY E 523 34.03 -29.16 -8.05
CA GLY E 523 33.56 -29.56 -9.36
C GLY E 523 32.11 -29.97 -9.41
N LYS E 524 31.27 -29.35 -8.59
CA LYS E 524 29.85 -29.67 -8.62
C LYS E 524 29.13 -28.90 -9.71
N THR E 525 29.32 -27.58 -9.76
CA THR E 525 28.69 -26.80 -10.81
C THR E 525 29.25 -27.19 -12.18
N LEU E 526 30.54 -27.44 -12.25
CA LEU E 526 31.13 -27.89 -13.51
C LEU E 526 30.54 -29.22 -13.94
N LEU E 527 30.32 -30.13 -13.00
CA LEU E 527 29.68 -31.40 -13.35
C LEU E 527 28.26 -31.17 -13.86
N ALA E 528 27.51 -30.28 -13.21
CA ALA E 528 26.15 -30.02 -13.66
C ALA E 528 26.13 -29.44 -15.06
N LYS E 529 27.00 -28.47 -15.33
CA LYS E 529 27.05 -27.88 -16.67
C LYS E 529 27.47 -28.93 -17.69
N ALA E 530 28.45 -29.77 -17.35
CA ALA E 530 28.89 -30.80 -18.28
C ALA E 530 27.79 -31.80 -18.56
N ILE E 531 26.98 -32.14 -17.55
CA ILE E 531 25.85 -33.03 -17.76
C ILE E 531 24.84 -32.40 -18.70
N ALA E 532 24.50 -31.13 -18.46
CA ALA E 532 23.56 -30.45 -19.33
C ALA E 532 24.11 -30.36 -20.75
N ASN E 533 25.43 -30.29 -20.89
CA ASN E 533 26.02 -30.21 -22.23
C ASN E 533 25.99 -31.55 -22.93
N GLU E 534 26.26 -32.63 -22.20
CA GLU E 534 26.27 -33.95 -22.82
C GLU E 534 24.91 -34.28 -23.40
N CYS E 535 23.84 -33.97 -22.67
CA CYS E 535 22.49 -34.15 -23.18
C CYS E 535 22.02 -33.00 -24.06
N GLN E 536 22.85 -31.97 -24.25
CA GLN E 536 22.46 -30.78 -25.00
C GLN E 536 21.20 -30.17 -24.42
N ALA E 537 21.16 -30.05 -23.09
CA ALA E 537 19.99 -29.57 -22.39
C ALA E 537 20.17 -28.13 -21.96
N ASN E 538 19.04 -27.47 -21.70
CA ASN E 538 19.06 -26.06 -21.33
C ASN E 538 19.38 -25.91 -19.84
N PHE E 539 20.65 -25.74 -19.52
CA PHE E 539 21.07 -25.58 -18.14
C PHE E 539 20.55 -24.27 -17.57
N ILE E 540 20.10 -24.31 -16.31
CA ILE E 540 19.61 -23.11 -15.64
C ILE E 540 20.21 -23.03 -14.24
N SER E 541 21.31 -22.30 -14.10
CA SER E 541 21.95 -22.19 -12.80
C SER E 541 21.25 -21.12 -11.96
N ILE E 542 20.90 -21.48 -10.74
CA ILE E 542 20.38 -20.54 -9.76
C ILE E 542 21.37 -20.50 -8.61
N LYS E 543 22.31 -19.55 -8.69
CA LYS E 543 23.43 -19.49 -7.78
C LYS E 543 22.96 -19.23 -6.35
N GLY E 544 23.90 -19.29 -5.42
CA GLY E 544 23.61 -19.07 -4.03
C GLY E 544 23.03 -17.71 -3.74
N PRO E 545 23.67 -16.66 -4.26
CA PRO E 545 23.10 -15.32 -4.08
C PRO E 545 21.71 -15.15 -4.64
N GLU E 546 21.35 -15.87 -5.70
CA GLU E 546 20.02 -15.70 -6.28
C GLU E 546 18.94 -16.27 -5.37
N LEU E 547 19.22 -17.37 -4.68
CA LEU E 547 18.28 -17.90 -3.70
C LEU E 547 18.27 -17.03 -2.44
N LEU E 548 19.46 -16.63 -2.00
CA LEU E 548 19.57 -15.87 -0.77
C LEU E 548 18.90 -14.51 -0.92
N THR E 549 18.91 -13.94 -2.14
CA THR E 549 18.21 -12.69 -2.38
C THR E 549 16.71 -12.85 -2.22
N MET E 550 16.16 -13.95 -2.75
CA MET E 550 14.74 -14.19 -2.56
C MET E 550 14.40 -14.36 -1.10
N TRP E 551 15.25 -15.05 -0.34
CA TRP E 551 14.99 -15.16 1.09
C TRP E 551 15.05 -13.82 1.79
N PHE E 552 16.03 -12.98 1.44
CA PHE E 552 16.17 -11.68 2.09
C PHE E 552 14.96 -10.80 1.80
N GLY E 553 14.57 -10.68 0.54
CA GLY E 553 13.45 -9.84 0.17
C GLY E 553 12.11 -10.38 0.61
N GLU E 554 12.08 -11.57 1.21
CA GLU E 554 10.82 -12.21 1.60
C GLU E 554 9.94 -12.38 0.39
N SER E 555 10.57 -12.62 -0.76
CA SER E 555 9.90 -12.75 -2.05
C SER E 555 10.13 -14.14 -2.61
N GLU E 556 9.86 -15.17 -1.80
CA GLU E 556 10.02 -16.53 -2.28
C GLU E 556 9.13 -16.83 -3.46
N ALA E 557 8.11 -16.01 -3.70
CA ALA E 557 7.27 -16.20 -4.89
C ALA E 557 8.07 -16.15 -6.18
N ASN E 558 9.22 -15.47 -6.18
CA ASN E 558 10.08 -15.47 -7.36
C ASN E 558 10.49 -16.88 -7.76
N VAL E 559 10.55 -17.80 -6.81
CA VAL E 559 10.86 -19.19 -7.15
C VAL E 559 9.84 -19.73 -8.14
N ARG E 560 8.57 -19.38 -7.96
CA ARG E 560 7.55 -19.83 -8.91
C ARG E 560 7.90 -19.40 -10.32
N GLU E 561 8.57 -18.24 -10.47
CA GLU E 561 9.04 -17.82 -11.77
C GLU E 561 10.20 -18.71 -12.24
N ILE E 562 11.18 -18.94 -11.37
CA ILE E 562 12.37 -19.69 -11.76
C ILE E 562 11.97 -21.05 -12.32
N PHE E 563 11.27 -21.85 -11.53
CA PHE E 563 10.81 -23.14 -12.02
C PHE E 563 9.99 -23.00 -13.28
N ASP E 564 9.15 -21.96 -13.36
CA ASP E 564 8.37 -21.77 -14.58
C ASP E 564 9.28 -21.64 -15.79
N LYS E 565 10.39 -20.91 -15.66
CA LYS E 565 11.35 -20.83 -16.75
C LYS E 565 11.78 -22.23 -17.17
N ALA E 566 12.11 -23.09 -16.20
CA ALA E 566 12.48 -24.45 -16.55
C ALA E 566 11.32 -25.16 -17.24
N ARG E 567 10.09 -24.97 -16.75
CA ARG E 567 8.95 -25.61 -17.39
C ARG E 567 8.83 -25.17 -18.84
N GLN E 568 9.33 -23.99 -19.18
CA GLN E 568 9.29 -23.53 -20.56
C GLN E 568 10.56 -23.92 -21.31
N ALA E 569 11.66 -24.08 -20.59
CA ALA E 569 12.95 -24.31 -21.24
C ALA E 569 13.30 -25.77 -21.39
N ALA E 570 12.41 -26.68 -21.05
CA ALA E 570 12.74 -28.09 -21.09
C ALA E 570 13.12 -28.49 -22.51
N PRO E 571 14.02 -29.48 -22.69
CA PRO E 571 14.69 -30.30 -21.68
C PRO E 571 15.76 -29.51 -20.94
N CYS E 572 15.62 -29.40 -19.63
CA CYS E 572 16.43 -28.49 -18.84
C CYS E 572 17.19 -29.28 -17.79
N VAL E 573 18.18 -28.61 -17.19
CA VAL E 573 18.82 -29.13 -16.00
C VAL E 573 18.96 -28.01 -15.00
N LEU E 574 17.96 -27.83 -14.15
CA LEU E 574 18.07 -26.82 -13.10
C LEU E 574 19.31 -27.12 -12.27
N PHE E 575 19.83 -26.11 -11.58
CA PHE E 575 20.96 -26.33 -10.70
C PHE E 575 20.95 -25.27 -9.62
N PHE E 576 20.67 -25.69 -8.38
CA PHE E 576 20.65 -24.78 -7.24
C PHE E 576 22.00 -24.83 -6.57
N ASP E 577 22.95 -24.07 -7.11
CA ASP E 577 24.26 -24.01 -6.49
C ASP E 577 24.14 -23.46 -5.08
N GLU E 578 24.92 -24.02 -4.17
CA GLU E 578 24.87 -23.66 -2.76
C GLU E 578 23.43 -23.69 -2.26
N LEU E 579 22.80 -24.85 -2.48
CA LEU E 579 21.42 -25.03 -2.05
C LEU E 579 21.28 -24.87 -0.54
N ASP E 580 22.35 -25.04 0.21
CA ASP E 580 22.34 -24.75 1.64
C ASP E 580 22.73 -23.31 1.95
N SER E 581 22.65 -22.41 0.97
CA SER E 581 23.08 -21.03 1.20
C SER E 581 22.29 -20.40 2.33
N ILE E 582 20.97 -20.61 2.33
CA ILE E 582 20.13 -19.99 3.35
C ILE E 582 20.43 -20.57 4.72
N ALA E 583 20.57 -21.89 4.80
CA ALA E 583 20.88 -22.51 6.08
C ALA E 583 22.23 -22.04 6.63
N LYS E 584 23.22 -21.87 5.75
CA LYS E 584 24.49 -21.30 6.18
C LYS E 584 24.30 -19.86 6.65
N ALA E 585 23.47 -19.09 5.94
CA ALA E 585 23.23 -17.71 6.33
C ALA E 585 22.28 -17.61 7.51
N ARG E 586 21.87 -18.75 8.08
CA ARG E 586 21.15 -18.74 9.35
C ARG E 586 22.00 -19.30 10.49
N GLY E 587 22.78 -20.34 10.22
CA GLY E 587 23.36 -21.16 11.26
C GLY E 587 22.59 -22.42 11.56
N GLY E 588 21.32 -22.49 11.18
CA GLY E 588 20.54 -23.71 11.29
C GLY E 588 20.10 -24.08 12.69
N ASN E 589 20.05 -23.14 13.63
CA ASN E 589 19.75 -23.45 15.03
C ASN E 589 18.54 -22.68 15.58
N ILE E 590 18.41 -21.39 15.27
CA ILE E 590 17.36 -20.55 15.84
C ILE E 590 16.76 -19.70 14.74
N GLY E 591 15.48 -19.39 14.88
CA GLY E 591 14.87 -18.40 14.03
C GLY E 591 13.36 -18.53 14.04
N ASP E 592 12.71 -17.39 14.16
CA ASP E 592 11.30 -17.25 13.80
C ASP E 592 11.26 -17.10 12.29
N GLY E 593 10.56 -18.02 11.65
CA GLY E 593 10.83 -18.38 10.29
C GLY E 593 10.80 -19.87 10.03
N GLY E 594 11.90 -20.48 9.61
CA GLY E 594 11.83 -21.85 9.14
C GLY E 594 12.49 -22.90 10.01
N GLY E 595 12.98 -22.51 11.19
CA GLY E 595 13.65 -23.46 12.07
C GLY E 595 14.74 -24.18 11.32
N ALA E 596 14.54 -25.47 11.09
CA ALA E 596 15.38 -26.20 10.15
C ALA E 596 15.08 -25.84 8.70
N ALA E 597 13.82 -25.54 8.38
CA ALA E 597 13.43 -25.16 7.04
C ALA E 597 13.68 -23.67 6.81
N ASP E 598 13.27 -23.20 5.63
CA ASP E 598 13.43 -21.80 5.23
C ASP E 598 12.26 -21.39 4.36
N ARG E 599 12.14 -20.08 4.14
CA ARG E 599 11.16 -19.58 3.17
C ARG E 599 11.43 -20.16 1.78
N VAL E 600 12.60 -19.83 1.24
CA VAL E 600 12.89 -20.16 -0.15
C VAL E 600 13.18 -21.64 -0.36
N ILE E 601 13.85 -22.31 0.59
CA ILE E 601 13.99 -23.77 0.47
C ILE E 601 12.62 -24.41 0.47
N ASN E 602 11.71 -23.92 1.31
CA ASN E 602 10.37 -24.48 1.34
C ASN E 602 9.65 -24.27 0.01
N GLN E 603 9.77 -23.07 -0.57
CA GLN E 603 9.16 -22.85 -1.87
C GLN E 603 9.79 -23.76 -2.92
N ILE E 604 11.08 -24.04 -2.79
CA ILE E 604 11.74 -24.96 -3.70
C ILE E 604 11.16 -26.35 -3.55
N LEU E 605 10.89 -26.79 -2.31
CA LEU E 605 10.24 -28.08 -2.14
C LEU E 605 8.86 -28.08 -2.77
N THR E 606 8.09 -27.02 -2.56
CA THR E 606 6.75 -26.95 -3.10
C THR E 606 6.77 -27.03 -4.62
N GLU E 607 7.77 -26.42 -5.25
CA GLU E 607 7.84 -26.44 -6.70
C GLU E 607 8.50 -27.70 -7.24
N MET E 608 9.39 -28.33 -6.48
CA MET E 608 9.93 -29.62 -6.87
C MET E 608 8.85 -30.67 -6.88
N ASP E 609 7.93 -30.61 -5.91
CA ASP E 609 6.78 -31.50 -5.95
C ASP E 609 5.97 -31.30 -7.22
N GLY E 610 5.80 -30.04 -7.63
CA GLY E 610 5.05 -29.77 -8.85
C GLY E 610 5.76 -30.28 -10.10
N MET E 611 7.07 -30.06 -10.18
CA MET E 611 7.81 -30.46 -11.37
C MET E 611 8.22 -31.92 -11.37
N SER E 612 7.94 -32.67 -10.29
CA SER E 612 8.14 -34.11 -10.36
C SER E 612 7.29 -34.73 -11.45
N THR E 613 6.22 -34.05 -11.88
CA THR E 613 5.48 -34.49 -13.05
C THR E 613 6.29 -34.28 -14.33
N LYS E 614 6.90 -33.11 -14.48
CA LYS E 614 7.59 -32.74 -15.71
C LYS E 614 8.74 -33.70 -15.92
N LYS E 615 8.61 -34.57 -16.92
CA LYS E 615 9.61 -35.60 -17.13
C LYS E 615 10.89 -35.02 -17.73
N ASN E 616 10.80 -33.95 -18.50
CA ASN E 616 11.95 -33.47 -19.25
C ASN E 616 12.99 -32.76 -18.39
N VAL E 617 12.57 -32.00 -17.38
CA VAL E 617 13.52 -31.20 -16.60
C VAL E 617 14.16 -32.07 -15.54
N PHE E 618 15.45 -31.85 -15.33
CA PHE E 618 16.22 -32.50 -14.28
C PHE E 618 16.63 -31.44 -13.28
N ILE E 619 16.60 -31.79 -12.01
CA ILE E 619 16.87 -30.83 -10.95
C ILE E 619 18.10 -31.29 -10.19
N ILE E 620 19.06 -30.38 -10.03
CA ILE E 620 20.32 -30.68 -9.37
C ILE E 620 20.53 -29.62 -8.31
N GLY E 621 21.07 -30.03 -7.18
CA GLY E 621 21.44 -29.10 -6.14
C GLY E 621 22.89 -29.35 -5.77
N ALA E 622 23.59 -28.34 -5.29
CA ALA E 622 24.95 -28.52 -4.83
C ALA E 622 25.05 -27.94 -3.42
N THR E 623 25.50 -28.77 -2.49
CA THR E 623 25.62 -28.37 -1.11
C THR E 623 27.03 -28.69 -0.63
N ASN E 624 27.81 -27.66 -0.34
CA ASN E 624 29.07 -27.84 0.35
C ASN E 624 28.89 -27.92 1.86
N ARG E 625 27.65 -27.83 2.34
CA ARG E 625 27.32 -28.02 3.76
C ARG E 625 26.09 -28.91 3.82
N PRO E 626 26.26 -30.20 3.54
CA PRO E 626 25.09 -31.09 3.47
C PRO E 626 24.41 -31.38 4.79
N ASP E 627 25.09 -31.21 5.92
CA ASP E 627 24.43 -31.44 7.19
C ASP E 627 23.47 -30.32 7.52
N ILE E 628 23.87 -29.08 7.25
CA ILE E 628 23.04 -27.91 7.51
C ILE E 628 22.19 -27.61 6.28
N ILE E 629 21.08 -28.33 6.13
CA ILE E 629 20.14 -28.11 5.04
C ILE E 629 18.89 -28.92 5.35
N ASP E 630 17.73 -28.36 5.01
CA ASP E 630 16.44 -28.97 5.31
C ASP E 630 16.42 -30.43 4.84
N PRO E 631 16.36 -31.41 5.74
CA PRO E 631 16.30 -32.81 5.29
C PRO E 631 15.06 -33.09 4.46
N ALA E 632 14.05 -32.25 4.57
CA ALA E 632 12.84 -32.43 3.77
C ALA E 632 13.12 -32.35 2.27
N ILE E 633 14.25 -31.76 1.86
CA ILE E 633 14.58 -31.72 0.45
C ILE E 633 15.19 -33.04 -0.02
N LEU E 634 15.70 -33.86 0.88
CA LEU E 634 16.26 -35.15 0.51
C LEU E 634 15.20 -36.23 0.40
N ARG E 635 13.93 -35.87 0.50
CA ARG E 635 12.86 -36.85 0.44
C ARG E 635 12.73 -37.41 -0.96
N PRO E 636 12.23 -38.63 -1.13
CA PRO E 636 12.02 -39.16 -2.49
C PRO E 636 11.11 -38.27 -3.34
N GLY E 637 11.40 -38.21 -4.64
CA GLY E 637 10.75 -37.27 -5.53
C GLY E 637 11.44 -35.93 -5.64
N ARG E 638 11.89 -35.39 -4.51
CA ARG E 638 12.75 -34.22 -4.48
C ARG E 638 14.18 -34.69 -4.70
N LEU E 639 15.18 -33.88 -4.35
CA LEU E 639 16.57 -34.20 -4.67
C LEU E 639 16.99 -35.43 -3.87
N ASP E 640 16.57 -36.59 -4.37
CA ASP E 640 16.64 -37.83 -3.62
C ASP E 640 17.99 -38.53 -3.74
N GLN E 641 18.62 -38.50 -4.91
CA GLN E 641 19.83 -39.25 -5.17
C GLN E 641 21.03 -38.38 -4.82
N LEU E 642 21.50 -38.49 -3.59
CA LEU E 642 22.68 -37.77 -3.17
C LEU E 642 23.92 -38.43 -3.77
N ILE E 643 24.79 -37.61 -4.36
CA ILE E 643 26.03 -38.07 -4.97
C ILE E 643 27.17 -37.31 -4.31
N TYR E 644 28.23 -38.04 -3.95
CA TYR E 644 29.37 -37.42 -3.31
C TYR E 644 30.38 -36.96 -4.36
N ILE E 645 30.86 -35.73 -4.21
CA ILE E 645 31.83 -35.14 -5.13
C ILE E 645 33.16 -35.01 -4.41
N PRO E 646 33.96 -36.07 -4.29
CA PRO E 646 35.06 -36.06 -3.33
C PRO E 646 36.18 -35.13 -3.74
N LEU E 647 37.04 -34.82 -2.77
CA LEU E 647 38.28 -34.13 -3.08
C LEU E 647 39.09 -34.99 -4.06
N PRO E 648 39.73 -34.38 -5.05
CA PRO E 648 40.49 -35.18 -6.01
C PRO E 648 41.64 -35.89 -5.33
N ASP E 649 41.84 -37.15 -5.71
CA ASP E 649 43.05 -37.88 -5.36
C ASP E 649 44.16 -37.53 -6.34
N GLU E 650 45.34 -38.10 -6.10
CA GLU E 650 46.55 -37.70 -6.83
C GLU E 650 46.33 -37.74 -8.34
N LYS E 651 45.80 -38.86 -8.85
CA LYS E 651 45.56 -38.97 -10.29
C LYS E 651 44.51 -37.96 -10.74
N SER E 652 43.45 -37.77 -9.96
CA SER E 652 42.44 -36.79 -10.31
C SER E 652 42.99 -35.37 -10.23
N ARG E 653 43.93 -35.12 -9.32
CA ARG E 653 44.58 -33.82 -9.29
C ARG E 653 45.42 -33.60 -10.55
N VAL E 654 46.12 -34.65 -11.00
CA VAL E 654 46.81 -34.57 -12.29
C VAL E 654 45.81 -34.21 -13.38
N ALA E 655 44.66 -34.88 -13.38
CA ALA E 655 43.65 -34.63 -14.40
C ALA E 655 43.15 -33.19 -14.35
N ILE E 656 42.92 -32.66 -13.15
CA ILE E 656 42.41 -31.31 -13.01
C ILE E 656 43.46 -30.30 -13.47
N LEU E 657 44.72 -30.51 -13.10
CA LEU E 657 45.77 -29.61 -13.53
C LEU E 657 45.89 -29.61 -15.05
N LYS E 658 45.83 -30.79 -15.65
CA LYS E 658 45.88 -30.87 -17.11
C LYS E 658 44.68 -30.16 -17.73
N ALA E 659 43.49 -30.35 -17.14
CA ALA E 659 42.29 -29.71 -17.69
C ALA E 659 42.41 -28.20 -17.65
N ASN E 660 42.91 -27.66 -16.55
CA ASN E 660 42.99 -26.22 -16.39
C ASN E 660 44.11 -25.63 -17.24
N LEU E 661 45.18 -26.38 -17.47
CA LEU E 661 46.29 -25.88 -18.27
C LEU E 661 46.10 -26.13 -19.76
N ARG E 662 45.10 -26.94 -20.15
CA ARG E 662 44.87 -27.21 -21.57
C ARG E 662 44.68 -25.94 -22.38
N LYS E 663 43.95 -24.96 -21.85
CA LYS E 663 43.61 -23.77 -22.59
C LYS E 663 44.72 -22.73 -22.60
N SER E 664 45.86 -23.02 -21.97
CA SER E 664 46.96 -22.08 -21.86
C SER E 664 48.25 -22.71 -22.35
N PRO E 665 49.20 -21.90 -22.84
CA PRO E 665 50.47 -22.45 -23.32
C PRO E 665 51.40 -22.74 -22.16
N VAL E 666 51.89 -23.97 -22.07
CA VAL E 666 52.75 -24.41 -20.98
C VAL E 666 53.98 -25.07 -21.57
N ALA E 667 55.14 -24.74 -21.01
CA ALA E 667 56.38 -25.36 -21.45
C ALA E 667 56.27 -26.88 -21.40
N LYS E 668 57.09 -27.54 -22.20
CA LYS E 668 57.03 -28.99 -22.35
C LYS E 668 57.91 -29.73 -21.35
N ASP E 669 58.18 -29.11 -20.19
CA ASP E 669 58.92 -29.79 -19.13
C ASP E 669 58.29 -29.55 -17.76
N VAL E 670 57.04 -29.11 -17.70
CA VAL E 670 56.36 -28.99 -16.42
C VAL E 670 56.01 -30.39 -15.93
N ASP E 671 56.37 -30.69 -14.68
CA ASP E 671 56.19 -32.01 -14.12
C ASP E 671 54.88 -32.05 -13.34
N LEU E 672 53.78 -32.19 -14.09
CA LEU E 672 52.45 -32.11 -13.49
C LEU E 672 52.16 -33.30 -12.58
N GLU E 673 52.73 -34.46 -12.86
CA GLU E 673 52.51 -35.60 -11.98
C GLU E 673 53.14 -35.38 -10.60
N PHE E 674 54.06 -34.42 -10.48
CA PHE E 674 54.63 -34.03 -9.20
C PHE E 674 53.84 -32.88 -8.58
N LEU E 675 53.45 -31.91 -9.41
CA LEU E 675 52.60 -30.82 -8.96
C LEU E 675 51.30 -31.35 -8.37
N ALA E 676 50.87 -32.54 -8.82
CA ALA E 676 49.73 -33.19 -8.19
C ALA E 676 50.11 -33.84 -6.86
N LYS E 677 51.30 -34.47 -6.78
CA LYS E 677 51.69 -35.10 -5.54
C LYS E 677 51.75 -34.10 -4.40
N MET E 678 52.27 -32.91 -4.65
CA MET E 678 52.36 -31.93 -3.57
C MET E 678 50.99 -31.60 -2.99
N THR E 679 50.01 -31.37 -3.87
CA THR E 679 48.72 -30.83 -3.46
C THR E 679 47.92 -31.89 -2.71
N ASN E 680 48.35 -32.16 -1.47
CA ASN E 680 47.86 -33.27 -0.68
C ASN E 680 46.35 -33.42 -0.71
N GLY E 681 45.61 -32.32 -0.59
CA GLY E 681 44.17 -32.42 -0.64
C GLY E 681 43.49 -31.25 -1.31
N PHE E 682 44.17 -30.60 -2.24
CA PHE E 682 43.62 -29.41 -2.86
C PHE E 682 42.31 -29.73 -3.54
N SER E 683 41.32 -28.88 -3.31
CA SER E 683 40.10 -28.96 -4.10
C SER E 683 40.42 -28.57 -5.54
N GLY E 684 39.45 -28.81 -6.43
CA GLY E 684 39.65 -28.43 -7.81
C GLY E 684 39.84 -26.93 -7.99
N ALA E 685 39.11 -26.15 -7.21
CA ALA E 685 39.27 -24.69 -7.30
C ALA E 685 40.68 -24.28 -6.90
N ASP E 686 41.27 -24.95 -5.91
CA ASP E 686 42.62 -24.59 -5.49
C ASP E 686 43.64 -24.89 -6.60
N LEU E 687 43.50 -26.02 -7.29
CA LEU E 687 44.41 -26.29 -8.40
C LEU E 687 44.19 -25.31 -9.54
N THR E 688 42.93 -24.90 -9.78
CA THR E 688 42.71 -23.83 -10.75
C THR E 688 43.38 -22.54 -10.31
N GLU E 689 43.36 -22.24 -9.01
CA GLU E 689 44.03 -21.05 -8.52
C GLU E 689 45.54 -21.16 -8.70
N ILE E 690 46.10 -22.35 -8.54
CA ILE E 690 47.53 -22.50 -8.82
C ILE E 690 47.80 -22.24 -10.28
N CYS E 691 46.95 -22.76 -11.17
CA CYS E 691 47.12 -22.47 -12.59
C CYS E 691 47.05 -20.97 -12.86
N GLN E 692 46.10 -20.30 -12.20
CA GLN E 692 45.92 -18.87 -12.44
C GLN E 692 47.08 -18.06 -11.87
N ARG E 693 47.62 -18.46 -10.71
CA ARG E 693 48.81 -17.78 -10.21
C ARG E 693 49.99 -18.00 -11.15
N ALA E 694 50.11 -19.21 -11.71
CA ALA E 694 51.17 -19.44 -12.68
C ALA E 694 51.01 -18.53 -13.89
N CYS E 695 49.80 -18.38 -14.40
CA CYS E 695 49.57 -17.47 -15.52
C CYS E 695 49.87 -16.02 -15.12
N LYS E 696 49.44 -15.60 -13.94
CA LYS E 696 49.67 -14.22 -13.53
C LYS E 696 51.15 -13.94 -13.42
N LEU E 697 51.92 -14.85 -12.83
CA LEU E 697 53.36 -14.67 -12.78
C LEU E 697 54.00 -14.79 -14.15
N ALA E 698 53.37 -15.51 -15.08
CA ALA E 698 53.85 -15.55 -16.46
C ALA E 698 53.70 -14.22 -17.17
N ILE E 699 52.52 -13.59 -17.10
CA ILE E 699 52.42 -12.25 -17.67
C ILE E 699 53.33 -11.29 -16.93
N ARG E 700 53.49 -11.44 -15.63
CA ARG E 700 54.43 -10.56 -14.94
C ARG E 700 55.81 -10.67 -15.57
N GLU E 701 56.32 -11.89 -15.69
CA GLU E 701 57.67 -12.07 -16.22
C GLU E 701 57.77 -11.83 -17.71
N SER E 702 56.63 -11.76 -18.42
CA SER E 702 56.65 -11.54 -19.86
C SER E 702 56.45 -10.07 -20.20
N ILE E 703 55.52 -9.42 -19.51
CA ILE E 703 55.35 -7.98 -19.62
C ILE E 703 56.63 -7.27 -19.20
N GLU E 704 57.23 -7.72 -18.10
CA GLU E 704 58.42 -7.05 -17.60
C GLU E 704 59.64 -7.29 -18.47
N SER E 705 59.51 -8.10 -19.53
CA SER E 705 60.55 -8.21 -20.54
C SER E 705 60.12 -7.64 -21.88
N GLU E 706 58.83 -7.46 -22.13
CA GLU E 706 58.40 -6.70 -23.30
C GLU E 706 58.62 -5.21 -23.09
N ILE E 707 58.27 -4.69 -21.92
CA ILE E 707 58.55 -3.29 -21.62
C ILE E 707 60.06 -3.06 -21.56
N ARG E 708 60.81 -4.05 -21.07
CA ARG E 708 62.26 -3.97 -21.12
C ARG E 708 62.75 -3.86 -22.55
N ARG E 709 62.16 -4.62 -23.47
CA ARG E 709 62.52 -4.49 -24.88
C ARG E 709 62.18 -3.11 -25.42
N GLU E 710 61.01 -2.58 -25.05
CA GLU E 710 60.65 -1.23 -25.50
C GLU E 710 61.66 -0.20 -25.00
N ARG E 711 62.12 -0.32 -23.76
CA ARG E 711 63.18 0.55 -23.26
C ARG E 711 64.47 0.32 -24.03
N GLU E 712 64.73 -0.93 -24.43
CA GLU E 712 65.93 -1.24 -25.21
C GLU E 712 65.92 -0.49 -26.54
N ARG E 713 64.77 -0.47 -27.22
CA ARG E 713 64.62 0.22 -28.49
C ARG E 713 64.29 1.70 -28.34
N GLN E 714 64.13 2.19 -27.11
CA GLN E 714 63.87 3.61 -26.87
C GLN E 714 64.98 4.47 -27.47
N ASP E 726 58.70 -12.01 -28.51
CA ASP E 726 58.26 -13.11 -27.65
C ASP E 726 59.37 -13.53 -26.67
N PRO E 727 59.53 -12.77 -25.59
CA PRO E 727 60.52 -13.18 -24.57
C PRO E 727 60.28 -14.58 -24.06
N VAL E 728 59.09 -14.83 -23.51
CA VAL E 728 58.63 -16.19 -23.22
C VAL E 728 57.23 -16.33 -23.82
N PRO E 729 57.04 -17.19 -24.83
CA PRO E 729 55.69 -17.33 -25.40
C PRO E 729 54.74 -18.18 -24.57
N GLU E 730 55.21 -18.77 -23.46
CA GLU E 730 54.40 -19.69 -22.70
C GLU E 730 54.82 -19.65 -21.24
N ILE E 731 53.89 -20.04 -20.36
CA ILE E 731 54.26 -20.24 -18.96
C ILE E 731 55.20 -21.42 -18.87
N ARG E 732 55.91 -21.52 -17.76
CA ARG E 732 57.03 -22.45 -17.67
C ARG E 732 57.11 -23.05 -16.29
N ARG E 733 57.94 -24.09 -16.17
CA ARG E 733 58.22 -24.71 -14.89
C ARG E 733 58.75 -23.71 -13.88
N ASP E 734 59.38 -22.65 -14.35
CA ASP E 734 59.97 -21.67 -13.44
C ASP E 734 58.89 -20.94 -12.64
N HIS E 735 57.78 -20.58 -13.30
CA HIS E 735 56.78 -19.70 -12.70
C HIS E 735 55.94 -20.40 -11.65
N PHE E 736 55.72 -21.70 -11.81
CA PHE E 736 54.93 -22.43 -10.82
C PHE E 736 55.61 -22.44 -9.46
N GLU E 737 56.93 -22.25 -9.43
CA GLU E 737 57.65 -22.25 -8.15
C GLU E 737 57.33 -21.04 -7.29
N GLU E 738 56.82 -19.96 -7.87
CA GLU E 738 56.29 -18.85 -7.10
C GLU E 738 54.76 -18.83 -7.12
N ALA E 739 54.15 -19.57 -8.05
CA ALA E 739 52.70 -19.69 -8.04
C ALA E 739 52.20 -20.59 -6.92
N MET E 740 52.98 -21.62 -6.58
CA MET E 740 52.52 -22.59 -5.57
C MET E 740 52.61 -22.01 -4.17
N ARG E 741 53.53 -21.09 -3.93
CA ARG E 741 53.75 -20.58 -2.57
C ARG E 741 52.53 -19.83 -2.05
N PHE E 742 51.59 -19.47 -2.91
CA PHE E 742 50.33 -18.84 -2.50
C PHE E 742 49.18 -19.82 -2.48
N ALA E 743 49.41 -21.05 -2.04
CA ALA E 743 48.45 -22.11 -2.25
C ALA E 743 47.78 -22.54 -0.96
N ARG E 744 46.58 -23.07 -1.07
CA ARG E 744 45.81 -23.59 0.05
C ARG E 744 45.26 -24.97 -0.24
N ARG E 745 44.86 -25.66 0.83
CA ARG E 745 43.72 -26.56 0.75
C ARG E 745 42.54 -25.83 1.35
N SER E 746 41.58 -25.46 0.52
CA SER E 746 40.43 -24.67 0.93
C SER E 746 39.48 -25.44 1.85
N VAL E 747 39.79 -26.69 2.20
CA VAL E 747 39.03 -27.44 3.19
C VAL E 747 39.99 -28.11 4.16
N SER E 748 39.79 -27.85 5.46
CA SER E 748 40.58 -28.54 6.46
C SER E 748 40.14 -29.99 6.54
N ASP E 749 41.01 -30.83 7.07
CA ASP E 749 40.65 -32.23 7.27
C ASP E 749 39.43 -32.37 8.16
N ASN E 750 39.14 -31.37 8.99
CA ASN E 750 37.93 -31.39 9.79
C ASN E 750 36.67 -31.18 8.95
N ASP E 751 36.83 -30.72 7.70
CA ASP E 751 35.71 -30.67 6.76
C ASP E 751 35.69 -31.90 5.86
N ILE E 752 36.85 -32.40 5.45
CA ILE E 752 36.88 -33.66 4.73
C ILE E 752 36.21 -34.74 5.56
N ARG E 753 36.54 -34.81 6.84
CA ARG E 753 35.89 -35.77 7.73
C ARG E 753 34.44 -35.38 8.01
N LYS E 754 34.07 -34.11 7.92
CA LYS E 754 32.67 -33.75 8.00
C LYS E 754 31.86 -34.36 6.87
N TYR E 755 32.39 -34.28 5.64
CA TYR E 755 31.68 -34.86 4.50
C TYR E 755 31.73 -36.38 4.53
N GLU E 756 32.84 -36.97 4.99
CA GLU E 756 32.86 -38.41 5.18
C GLU E 756 31.85 -38.85 6.24
N MET E 757 31.69 -38.05 7.29
CA MET E 757 30.70 -38.35 8.32
C MET E 757 29.30 -38.27 7.74
N PHE E 758 29.01 -37.24 6.94
CA PHE E 758 27.70 -37.15 6.31
C PHE E 758 27.49 -38.31 5.34
N ALA E 759 28.56 -38.78 4.71
CA ALA E 759 28.44 -39.92 3.80
C ALA E 759 28.12 -41.19 4.55
N GLN E 760 28.83 -41.45 5.65
CA GLN E 760 28.53 -42.63 6.45
C GLN E 760 27.17 -42.54 7.10
N THR E 761 26.68 -41.33 7.37
CA THR E 761 25.29 -41.15 7.77
C THR E 761 24.36 -41.47 6.60
N LEU E 762 24.79 -41.15 5.38
CA LEU E 762 24.00 -41.38 4.18
C LEU E 762 24.60 -42.46 3.27
N GLN E 763 25.52 -43.28 3.80
CA GLN E 763 25.95 -44.46 3.05
C GLN E 763 25.01 -45.63 3.33
N GLN E 764 24.45 -45.68 4.54
CA GLN E 764 23.26 -46.49 4.80
C GLN E 764 23.51 -47.98 4.61
N SER E 765 24.34 -48.57 5.49
CA SER E 765 24.60 -50.00 5.38
C SER E 765 24.02 -50.79 6.55
N ARG E 766 24.41 -50.45 7.79
CA ARG E 766 24.07 -51.22 9.00
C ARG E 766 24.26 -52.72 8.81
N GLY E 767 25.50 -53.12 8.57
CA GLY E 767 25.88 -54.51 8.74
C GLY E 767 25.16 -55.52 7.87
N PHE E 768 24.60 -55.11 6.74
CA PHE E 768 24.12 -56.05 5.73
C PHE E 768 25.24 -56.59 4.85
N GLY E 769 26.50 -56.39 5.22
CA GLY E 769 27.60 -57.00 4.52
C GLY E 769 27.55 -58.51 4.59
N SER E 770 27.84 -59.17 3.48
CA SER E 770 27.83 -60.63 3.38
C SER E 770 26.42 -61.22 3.50
N PHE E 771 25.40 -60.37 3.53
CA PHE E 771 24.01 -60.83 3.47
C PHE E 771 23.82 -61.63 2.20
N ARG E 772 23.12 -62.76 2.30
CA ARG E 772 22.82 -63.57 1.13
C ARG E 772 21.54 -64.36 1.37
N PHE E 773 20.58 -64.21 0.46
CA PHE E 773 19.42 -65.10 0.47
C PHE E 773 19.91 -66.54 0.36
N PRO E 774 19.83 -67.34 1.42
CA PRO E 774 20.37 -68.70 1.33
C PRO E 774 19.65 -69.54 0.30
N SER E 775 20.39 -70.45 -0.32
CA SER E 775 19.82 -71.34 -1.33
C SER E 775 18.79 -72.28 -0.71
N ARG F 22 45.21 17.53 -51.09
CA ARG F 22 46.44 18.29 -50.91
C ARG F 22 47.03 18.03 -49.52
N PRO F 23 48.36 18.04 -49.41
CA PRO F 23 48.98 17.85 -48.08
C PRO F 23 48.93 19.10 -47.21
N ASN F 24 48.47 20.23 -47.74
CA ASN F 24 48.42 21.48 -46.99
C ASN F 24 47.07 21.65 -46.31
N ARG F 25 46.39 20.54 -46.04
CA ARG F 25 45.06 20.56 -45.43
C ARG F 25 45.07 19.73 -44.15
N LEU F 26 44.21 20.12 -43.22
CA LEU F 26 44.03 19.40 -41.97
C LEU F 26 42.55 19.39 -41.65
N ILE F 27 42.19 18.81 -40.51
CA ILE F 27 40.80 18.74 -40.06
C ILE F 27 40.64 19.58 -38.81
N VAL F 28 39.62 20.43 -38.79
CA VAL F 28 39.43 21.34 -37.66
C VAL F 28 38.84 20.56 -36.49
N ASP F 29 39.34 20.85 -35.29
CA ASP F 29 38.87 20.20 -34.07
C ASP F 29 38.76 21.24 -32.96
N GLU F 30 38.25 20.80 -31.81
CA GLU F 30 37.96 21.72 -30.72
C GLU F 30 39.23 22.40 -30.22
N ALA F 31 39.09 23.65 -29.81
CA ALA F 31 40.22 24.45 -29.39
C ALA F 31 40.73 24.03 -28.02
N ILE F 32 42.01 24.31 -27.77
CA ILE F 32 42.60 24.08 -26.45
C ILE F 32 42.54 25.30 -25.57
N ASN F 33 42.36 26.49 -26.15
CA ASN F 33 42.34 27.73 -25.39
C ASN F 33 41.16 28.57 -25.84
N GLU F 34 40.71 29.46 -24.96
CA GLU F 34 39.58 30.33 -25.26
C GLU F 34 39.94 31.47 -26.21
N ASP F 35 41.23 31.77 -26.40
CA ASP F 35 41.63 32.88 -27.24
C ASP F 35 41.46 32.52 -28.71
N ASN F 36 41.05 33.50 -29.51
CA ASN F 36 40.94 33.33 -30.94
C ASN F 36 42.25 33.73 -31.61
N SER F 37 42.29 33.61 -32.94
CA SER F 37 43.44 33.97 -33.76
C SER F 37 44.68 33.13 -33.46
N VAL F 38 44.55 32.08 -32.65
CA VAL F 38 45.65 31.19 -32.34
C VAL F 38 45.21 29.77 -32.67
N VAL F 39 46.01 29.09 -33.49
CA VAL F 39 45.65 27.78 -34.03
C VAL F 39 46.76 26.80 -33.68
N SER F 40 46.38 25.63 -33.19
CA SER F 40 47.36 24.64 -32.76
C SER F 40 47.66 23.66 -33.89
N LEU F 41 48.94 23.38 -34.10
CA LEU F 41 49.39 22.43 -35.10
C LEU F 41 50.31 21.40 -34.45
N SER F 42 50.14 20.14 -34.83
CA SER F 42 51.06 19.11 -34.39
C SER F 42 52.48 19.48 -34.80
N GLN F 43 53.40 19.45 -33.82
CA GLN F 43 54.78 19.85 -34.10
C GLN F 43 55.40 18.99 -35.20
N PRO F 44 55.21 17.66 -35.23
CA PRO F 44 55.65 16.90 -36.41
C PRO F 44 55.03 17.37 -37.71
N LYS F 45 53.79 17.85 -37.68
CA LYS F 45 53.13 18.30 -38.91
C LYS F 45 53.55 19.69 -39.33
N MET F 46 54.11 20.49 -38.42
CA MET F 46 54.44 21.88 -38.74
C MET F 46 55.50 21.96 -39.84
N ASP F 47 56.61 21.24 -39.66
CA ASP F 47 57.70 21.33 -40.62
C ASP F 47 57.28 20.82 -41.99
N GLU F 48 56.59 19.68 -42.05
CA GLU F 48 56.09 19.18 -43.33
C GLU F 48 55.12 20.17 -43.96
N LEU F 49 54.42 20.93 -43.13
CA LEU F 49 53.54 21.99 -43.60
C LEU F 49 54.29 23.26 -43.96
N GLN F 50 55.62 23.28 -43.79
CA GLN F 50 56.45 24.45 -44.08
C GLN F 50 56.02 25.64 -43.21
N LEU F 51 55.77 25.37 -41.93
CA LEU F 51 55.47 26.38 -40.94
C LEU F 51 56.35 26.17 -39.72
N PHE F 52 56.68 27.27 -39.04
CA PHE F 52 57.63 27.27 -37.95
C PHE F 52 56.97 27.77 -36.66
N ARG F 53 57.81 27.96 -35.64
CA ARG F 53 57.33 28.11 -34.27
C ARG F 53 56.34 29.26 -34.08
N GLY F 54 56.45 30.33 -34.87
CA GLY F 54 55.61 31.50 -34.65
C GLY F 54 55.12 32.12 -35.95
N ASP F 55 55.09 31.33 -37.01
CA ASP F 55 54.68 31.86 -38.30
C ASP F 55 53.18 32.17 -38.32
N THR F 56 52.78 32.94 -39.32
CA THR F 56 51.37 33.26 -39.53
C THR F 56 50.73 32.15 -40.35
N VAL F 57 49.81 31.41 -39.75
CA VAL F 57 49.15 30.29 -40.42
C VAL F 57 47.92 30.86 -41.13
N LEU F 58 48.05 31.11 -42.43
CA LEU F 58 46.90 31.49 -43.23
C LEU F 58 45.98 30.27 -43.38
N LEU F 59 44.69 30.53 -43.54
CA LEU F 59 43.70 29.47 -43.56
C LEU F 59 42.69 29.73 -44.67
N LYS F 60 42.31 28.67 -45.37
CA LYS F 60 41.33 28.74 -46.45
C LYS F 60 40.25 27.72 -46.16
N GLY F 61 39.03 28.19 -45.94
CA GLY F 61 37.95 27.34 -45.48
C GLY F 61 37.25 26.60 -46.59
N LYS F 62 36.25 25.82 -46.18
CA LYS F 62 35.49 25.02 -47.13
C LYS F 62 34.78 25.90 -48.16
N LYS F 63 34.10 26.95 -47.69
CA LYS F 63 33.53 27.90 -48.61
C LYS F 63 34.62 28.79 -49.19
N ARG F 64 34.23 29.70 -50.08
CA ARG F 64 35.19 30.61 -50.69
C ARG F 64 35.57 31.68 -49.68
N ARG F 65 36.12 31.26 -48.54
CA ARG F 65 36.33 32.11 -47.38
C ARG F 65 37.71 31.84 -46.80
N GLU F 66 38.42 32.91 -46.45
CA GLU F 66 39.79 32.82 -45.98
C GLU F 66 39.97 33.65 -44.73
N ALA F 67 40.94 33.25 -43.91
CA ALA F 67 41.28 33.94 -42.69
C ALA F 67 42.75 33.66 -42.37
N VAL F 68 43.17 33.99 -41.15
CA VAL F 68 44.55 33.79 -40.75
C VAL F 68 44.59 33.70 -39.24
N CYS F 69 45.62 33.02 -38.72
CA CYS F 69 45.81 32.88 -37.29
C CYS F 69 47.30 32.82 -36.99
N ILE F 70 47.63 32.74 -35.71
CA ILE F 70 49.01 32.54 -35.26
C ILE F 70 49.17 31.08 -34.87
N VAL F 71 50.37 30.55 -35.09
CA VAL F 71 50.60 29.13 -34.87
C VAL F 71 50.74 28.85 -33.37
N LEU F 72 50.36 27.65 -32.98
CA LEU F 72 50.52 27.14 -31.64
C LEU F 72 50.69 25.63 -31.75
N SER F 73 50.98 24.97 -30.63
CA SER F 73 51.07 23.52 -30.63
C SER F 73 50.79 22.98 -29.24
N ASP F 74 50.08 21.86 -29.21
CA ASP F 74 49.93 21.06 -28.01
C ASP F 74 50.13 19.61 -28.39
N ASP F 75 50.96 18.89 -27.61
CA ASP F 75 51.37 17.54 -27.99
C ASP F 75 50.20 16.57 -28.07
N THR F 76 49.05 16.90 -27.47
CA THR F 76 47.88 16.05 -27.63
C THR F 76 47.34 16.07 -29.05
N CYS F 77 47.63 17.12 -29.81
CA CYS F 77 47.15 17.20 -31.19
C CYS F 77 47.78 16.11 -32.04
N SER F 78 46.95 15.44 -32.84
CA SER F 78 47.45 14.51 -33.83
C SER F 78 47.83 15.26 -35.10
N ASP F 79 48.61 14.60 -35.97
CA ASP F 79 48.97 15.19 -37.24
C ASP F 79 47.75 15.51 -38.09
N GLU F 80 46.61 14.86 -37.82
CA GLU F 80 45.38 15.12 -38.55
C GLU F 80 44.70 16.40 -38.10
N LYS F 81 44.80 16.73 -36.82
CA LYS F 81 43.96 17.76 -36.22
C LYS F 81 44.65 19.12 -36.23
N ILE F 82 43.85 20.16 -36.45
CA ILE F 82 44.23 21.55 -36.23
C ILE F 82 43.12 22.19 -35.41
N ARG F 83 43.47 22.90 -34.36
CA ARG F 83 42.50 23.36 -33.38
C ARG F 83 42.09 24.79 -33.69
N MET F 84 40.78 25.00 -33.87
CA MET F 84 40.21 26.33 -34.09
C MET F 84 38.89 26.45 -33.34
N ASN F 85 38.72 27.55 -32.62
CA ASN F 85 37.50 27.79 -31.87
C ASN F 85 36.46 28.51 -32.73
N ARG F 86 35.27 28.69 -32.16
CA ARG F 86 34.14 29.20 -32.92
C ARG F 86 34.45 30.52 -33.61
N VAL F 87 35.32 31.33 -33.00
CA VAL F 87 35.63 32.63 -33.59
C VAL F 87 36.27 32.44 -34.95
N VAL F 88 37.08 31.39 -35.11
CA VAL F 88 37.79 31.14 -36.36
C VAL F 88 36.98 30.22 -37.28
N ARG F 89 36.31 29.22 -36.72
CA ARG F 89 35.60 28.25 -37.54
C ARG F 89 34.50 28.94 -38.35
N ASN F 90 33.48 29.46 -37.69
CA ASN F 90 32.40 30.11 -38.41
C ASN F 90 32.84 31.42 -39.05
N ASN F 91 34.07 31.85 -38.81
CA ASN F 91 34.66 32.90 -39.63
C ASN F 91 35.08 32.37 -40.99
N LEU F 92 35.46 31.09 -41.07
CA LEU F 92 35.60 30.39 -42.34
C LEU F 92 34.33 29.69 -42.78
N ARG F 93 33.26 29.79 -42.00
CA ARG F 93 32.01 29.09 -42.28
C ARG F 93 32.26 27.59 -42.37
N VAL F 94 33.11 27.10 -41.50
CA VAL F 94 33.50 25.69 -41.46
C VAL F 94 32.95 25.07 -40.18
N ARG F 95 32.11 24.05 -40.33
CA ARG F 95 31.64 23.33 -39.17
C ARG F 95 32.75 22.49 -38.57
N LEU F 96 32.61 22.17 -37.30
CA LEU F 96 33.64 21.42 -36.58
C LEU F 96 33.85 20.06 -37.23
N GLY F 97 35.11 19.69 -37.43
CA GLY F 97 35.47 18.41 -38.01
C GLY F 97 35.61 18.37 -39.51
N ASP F 98 35.68 19.53 -40.18
CA ASP F 98 35.81 19.58 -41.62
C ASP F 98 37.23 20.01 -42.02
N VAL F 99 37.48 20.02 -43.32
CA VAL F 99 38.84 20.19 -43.84
C VAL F 99 39.14 21.67 -44.03
N ILE F 100 40.30 22.10 -43.53
CA ILE F 100 40.78 23.47 -43.62
C ILE F 100 42.13 23.47 -44.31
N SER F 101 42.29 24.36 -45.29
CA SER F 101 43.52 24.45 -46.06
C SER F 101 44.39 25.56 -45.50
N ILE F 102 45.70 25.28 -45.39
CA ILE F 102 46.68 26.21 -44.82
C ILE F 102 47.61 26.65 -45.94
N GLN F 103 47.84 27.96 -46.05
CA GLN F 103 48.52 28.55 -47.19
C GLN F 103 49.39 29.72 -46.73
N PRO F 104 50.50 29.43 -46.05
CA PRO F 104 51.29 30.51 -45.42
C PRO F 104 51.98 31.39 -46.45
N CYS F 105 51.66 32.68 -46.43
CA CYS F 105 52.34 33.68 -47.25
C CYS F 105 52.07 35.08 -46.71
N PRO F 106 52.84 35.52 -45.71
CA PRO F 106 52.57 36.83 -45.12
C PRO F 106 53.36 37.96 -45.76
N ASP F 107 52.75 39.14 -45.77
CA ASP F 107 53.43 40.37 -46.15
C ASP F 107 54.06 41.04 -44.93
N VAL F 108 54.91 42.04 -45.19
CA VAL F 108 55.53 42.80 -44.13
C VAL F 108 54.75 44.06 -43.77
N LYS F 109 53.67 44.35 -44.49
CA LYS F 109 52.94 45.60 -44.32
C LYS F 109 51.87 45.43 -43.24
N TYR F 110 52.20 45.87 -42.03
CA TYR F 110 51.19 45.92 -40.98
C TYR F 110 50.10 46.90 -41.38
N GLY F 111 48.86 46.57 -41.01
CA GLY F 111 47.71 47.28 -41.54
C GLY F 111 47.78 48.77 -41.25
N LYS F 112 47.23 49.55 -42.17
CA LYS F 112 47.05 50.99 -42.00
C LYS F 112 45.59 51.36 -42.19
N ARG F 113 45.08 52.16 -41.26
CA ARG F 113 43.70 52.66 -41.33
C ARG F 113 42.69 51.52 -41.32
N ILE F 114 43.03 50.42 -40.65
CA ILE F 114 42.10 49.30 -40.57
C ILE F 114 40.85 49.77 -39.83
N HIS F 115 39.73 49.10 -40.12
CA HIS F 115 38.42 49.62 -39.77
C HIS F 115 37.55 48.46 -39.32
N VAL F 116 36.55 48.76 -38.51
CA VAL F 116 35.59 47.77 -38.06
C VAL F 116 34.33 48.51 -37.62
N LEU F 117 33.21 47.80 -37.50
CA LEU F 117 31.96 48.43 -37.12
C LEU F 117 31.21 47.53 -36.15
N PRO F 118 30.23 48.07 -35.41
CA PRO F 118 29.32 47.22 -34.65
C PRO F 118 28.07 46.89 -35.44
N ILE F 119 28.23 46.34 -36.65
CA ILE F 119 27.06 45.96 -37.43
C ILE F 119 26.67 44.56 -36.96
N ASP F 120 25.97 44.51 -35.83
CA ASP F 120 25.69 43.26 -35.14
C ASP F 120 24.57 43.50 -34.13
N ASP F 121 23.86 42.44 -33.80
CA ASP F 121 22.84 42.50 -32.74
C ASP F 121 23.45 42.34 -31.35
N THR F 122 24.75 42.06 -31.26
CA THR F 122 25.38 41.84 -29.97
C THR F 122 25.41 43.11 -29.11
N VAL F 123 25.30 44.28 -29.74
CA VAL F 123 25.49 45.54 -29.03
C VAL F 123 24.14 46.14 -28.64
N GLU F 124 23.10 45.30 -28.56
CA GLU F 124 21.80 45.79 -28.16
C GLU F 124 21.86 46.44 -26.79
N GLY F 125 21.34 47.66 -26.69
CA GLY F 125 21.29 48.38 -25.43
C GLY F 125 22.61 48.89 -24.92
N ILE F 126 23.73 48.46 -25.49
CA ILE F 126 25.03 48.88 -24.97
C ILE F 126 25.23 50.35 -25.27
N THR F 127 25.91 51.05 -24.37
CA THR F 127 26.14 52.48 -24.49
C THR F 127 27.61 52.78 -24.24
N GLY F 128 27.96 54.05 -24.40
CA GLY F 128 29.33 54.49 -24.19
C GLY F 128 30.22 54.12 -25.36
N ASN F 129 31.49 54.47 -25.22
CA ASN F 129 32.49 54.18 -26.25
C ASN F 129 32.90 52.73 -26.12
N LEU F 130 32.09 51.85 -26.71
CA LEU F 130 32.42 50.43 -26.76
C LEU F 130 33.70 50.18 -27.52
N PHE F 131 34.16 51.15 -28.32
CA PHE F 131 35.43 50.98 -29.03
C PHE F 131 36.60 51.04 -28.05
N GLU F 132 36.55 51.95 -27.09
CA GLU F 132 37.65 52.10 -26.14
C GLU F 132 37.81 50.86 -25.26
N VAL F 133 36.70 50.31 -24.78
CA VAL F 133 36.77 49.25 -23.79
C VAL F 133 37.08 47.91 -24.44
N TYR F 134 36.45 47.62 -25.57
CA TYR F 134 36.57 46.30 -26.19
C TYR F 134 37.66 46.27 -27.26
N LEU F 135 37.53 47.08 -28.30
CA LEU F 135 38.32 46.89 -29.50
C LEU F 135 39.76 47.30 -29.29
N LYS F 136 39.99 48.45 -28.66
CA LYS F 136 41.34 48.96 -28.53
C LYS F 136 42.28 48.03 -27.76
N PRO F 137 41.91 47.46 -26.60
CA PRO F 137 42.84 46.52 -25.95
C PRO F 137 42.99 45.23 -26.71
N TYR F 138 41.90 44.70 -27.27
CA TYR F 138 41.98 43.46 -28.03
C TYR F 138 42.90 43.61 -29.24
N PHE F 139 42.99 44.81 -29.79
CA PHE F 139 43.88 45.04 -30.93
C PHE F 139 45.31 45.30 -30.48
N LEU F 140 45.52 46.33 -29.65
CA LEU F 140 46.87 46.78 -29.36
C LEU F 140 47.61 45.85 -28.40
N GLU F 141 46.93 45.30 -27.40
CA GLU F 141 47.62 44.43 -26.44
C GLU F 141 48.09 43.14 -27.10
N ALA F 142 47.42 42.69 -28.15
CA ALA F 142 47.73 41.41 -28.77
C ALA F 142 48.59 41.54 -30.02
N TYR F 143 48.41 42.61 -30.79
CA TYR F 143 49.10 42.77 -32.07
C TYR F 143 48.86 41.55 -32.95
N ARG F 144 47.61 41.08 -32.96
CA ARG F 144 47.23 39.83 -33.61
C ARG F 144 46.95 40.05 -35.09
N PRO F 145 46.95 38.97 -35.89
CA PRO F 145 46.66 39.12 -37.31
C PRO F 145 45.17 39.31 -37.58
N ILE F 146 44.87 40.25 -38.48
CA ILE F 146 43.51 40.62 -38.82
C ILE F 146 43.38 40.58 -40.33
N ARG F 147 42.23 40.12 -40.81
CA ARG F 147 41.91 40.11 -42.23
C ARG F 147 40.48 40.61 -42.41
N LYS F 148 40.26 41.41 -43.44
CA LYS F 148 38.97 42.08 -43.57
C LYS F 148 37.87 41.09 -43.92
N GLY F 149 36.64 41.47 -43.59
CA GLY F 149 35.50 40.60 -43.73
C GLY F 149 35.35 39.58 -42.64
N ASP F 150 36.25 39.56 -41.65
CA ASP F 150 36.27 38.50 -40.65
C ASP F 150 35.71 38.98 -39.33
N ILE F 151 34.75 38.23 -38.80
CA ILE F 151 34.17 38.53 -37.49
C ILE F 151 35.13 38.07 -36.41
N PHE F 152 35.26 38.87 -35.36
CA PHE F 152 36.11 38.54 -34.22
C PHE F 152 35.40 38.92 -32.94
N LEU F 153 35.52 38.07 -31.93
CA LEU F 153 34.79 38.18 -30.68
C LEU F 153 35.73 38.64 -29.57
N VAL F 154 35.28 39.64 -28.81
CA VAL F 154 35.99 40.13 -27.63
C VAL F 154 35.04 40.08 -26.46
N ARG F 155 35.51 39.56 -25.33
CA ARG F 155 34.69 39.38 -24.15
C ARG F 155 35.14 40.35 -23.06
N GLY F 156 34.18 40.94 -22.36
CA GLY F 156 34.44 41.90 -21.32
C GLY F 156 33.19 42.67 -20.97
N GLY F 157 33.20 43.36 -19.83
CA GLY F 157 32.01 44.09 -19.43
C GLY F 157 30.77 43.22 -19.33
N MET F 158 30.97 41.94 -19.05
CA MET F 158 29.87 40.97 -18.93
C MET F 158 29.13 40.80 -20.25
N ARG F 159 29.78 41.12 -21.36
CA ARG F 159 29.24 40.91 -22.70
C ARG F 159 30.31 40.27 -23.60
N ALA F 160 29.86 39.44 -24.52
CA ALA F 160 30.68 38.97 -25.62
C ALA F 160 30.25 39.72 -26.87
N VAL F 161 31.12 40.60 -27.37
CA VAL F 161 30.80 41.50 -28.46
C VAL F 161 31.69 41.13 -29.64
N GLU F 162 31.07 40.81 -30.77
CA GLU F 162 31.79 40.43 -31.98
C GLU F 162 31.59 41.49 -33.06
N PHE F 163 32.67 41.84 -33.73
CA PHE F 163 32.64 42.84 -34.80
C PHE F 163 33.22 42.29 -36.09
N LYS F 164 32.70 42.76 -37.22
CA LYS F 164 33.14 42.34 -38.54
C LYS F 164 34.10 43.37 -39.11
N VAL F 165 35.38 43.00 -39.21
CA VAL F 165 36.40 43.88 -39.78
C VAL F 165 35.90 44.34 -41.14
N VAL F 166 36.36 45.51 -41.60
CA VAL F 166 35.87 46.08 -42.84
C VAL F 166 36.99 46.63 -43.72
N GLU F 167 38.19 46.83 -43.22
CA GLU F 167 39.29 47.31 -44.05
C GLU F 167 40.60 46.90 -43.41
N THR F 168 41.53 46.43 -44.24
CA THR F 168 42.83 46.00 -43.74
C THR F 168 43.95 46.38 -44.69
N ASP F 169 43.72 47.24 -45.69
CA ASP F 169 44.53 47.36 -46.89
C ASP F 169 44.30 46.09 -47.71
N PRO F 170 44.59 46.09 -49.02
CA PRO F 170 44.29 44.90 -49.83
C PRO F 170 45.16 43.69 -49.51
N SER F 171 46.04 43.77 -48.50
CA SER F 171 46.93 42.68 -48.16
C SER F 171 46.12 41.45 -47.76
N PRO F 172 46.57 40.24 -48.09
CA PRO F 172 45.83 39.04 -47.67
C PRO F 172 45.78 38.88 -46.16
N TYR F 173 46.69 39.50 -45.43
CA TYR F 173 46.67 39.49 -43.97
C TYR F 173 47.26 40.80 -43.49
N CYS F 174 46.90 41.19 -42.27
CA CYS F 174 47.53 42.34 -41.65
C CYS F 174 47.58 42.11 -40.15
N ILE F 175 48.69 42.52 -39.54
CA ILE F 175 48.90 42.43 -38.10
C ILE F 175 48.84 43.82 -37.51
N VAL F 176 48.05 43.97 -36.46
CA VAL F 176 47.91 45.26 -35.79
C VAL F 176 49.21 45.60 -35.07
N ALA F 177 49.63 46.85 -35.19
CA ALA F 177 50.90 47.31 -34.65
C ALA F 177 50.79 48.79 -34.29
N PRO F 178 51.83 49.41 -33.73
CA PRO F 178 51.73 50.84 -33.39
C PRO F 178 51.39 51.72 -34.58
N ASP F 179 51.93 51.42 -35.76
CA ASP F 179 51.62 52.20 -36.96
C ASP F 179 50.26 51.86 -37.55
N THR F 180 49.55 50.88 -36.98
CA THR F 180 48.20 50.54 -37.42
C THR F 180 47.24 51.52 -36.77
N VAL F 181 46.79 52.50 -37.55
CA VAL F 181 45.89 53.52 -37.02
C VAL F 181 44.46 52.98 -37.11
N ILE F 182 44.06 52.21 -36.10
CA ILE F 182 42.76 51.57 -36.08
C ILE F 182 41.67 52.62 -36.20
N HIS F 183 40.47 52.20 -36.58
CA HIS F 183 39.35 53.09 -36.77
C HIS F 183 38.06 52.35 -36.43
N CYS F 184 37.00 53.12 -36.19
CA CYS F 184 35.69 52.55 -35.95
C CYS F 184 34.62 53.50 -36.47
N GLU F 185 33.46 52.94 -36.77
CA GLU F 185 32.29 53.68 -37.23
C GLU F 185 31.06 52.91 -36.81
N GLY F 186 29.89 53.56 -36.92
CA GLY F 186 28.65 52.96 -36.47
C GLY F 186 27.61 52.79 -37.55
N GLU F 187 26.91 51.66 -37.54
CA GLU F 187 25.83 51.40 -38.48
C GLU F 187 24.85 50.43 -37.84
N PRO F 188 23.60 50.37 -38.34
CA PRO F 188 22.59 49.51 -37.70
C PRO F 188 22.46 48.12 -38.29
N ILE F 189 23.14 47.85 -39.41
CA ILE F 189 22.93 46.59 -40.12
C ILE F 189 23.41 45.43 -39.27
N LYS F 190 22.67 44.32 -39.31
CA LYS F 190 22.96 43.14 -38.51
C LYS F 190 23.78 42.14 -39.34
N ARG F 191 24.03 40.98 -38.75
CA ARG F 191 24.87 39.98 -39.39
C ARG F 191 24.13 39.34 -40.57
N GLU F 192 24.90 38.79 -41.49
CA GLU F 192 24.33 38.16 -42.67
C GLU F 192 23.85 36.74 -42.34
N ASP F 193 23.06 36.18 -43.25
CA ASP F 193 22.60 34.81 -43.09
C ASP F 193 23.76 33.82 -43.07
N GLU F 194 24.83 34.11 -43.81
CA GLU F 194 26.00 33.23 -43.81
C GLU F 194 26.67 33.16 -42.46
N GLU F 195 26.54 34.20 -41.63
CA GLU F 195 27.20 34.27 -40.34
C GLU F 195 26.41 33.49 -39.31
N GLU F 196 27.11 32.71 -38.49
CA GLU F 196 26.48 31.99 -37.41
C GLU F 196 26.17 32.93 -36.25
N SER F 197 25.07 32.66 -35.56
CA SER F 197 24.67 33.43 -34.39
C SER F 197 25.59 33.05 -33.24
N LEU F 198 26.70 33.80 -33.12
CA LEU F 198 27.70 33.48 -32.11
C LEU F 198 27.21 33.73 -30.69
N ASN F 199 26.08 34.40 -30.51
CA ASN F 199 25.56 34.58 -29.16
C ASN F 199 25.03 33.29 -28.57
N GLU F 200 24.81 32.26 -29.38
CA GLU F 200 24.26 30.99 -28.91
C GLU F 200 25.35 29.92 -28.90
N VAL F 201 25.01 28.79 -28.29
CA VAL F 201 25.98 27.86 -27.75
C VAL F 201 26.78 27.17 -28.84
N GLY F 202 27.83 26.47 -28.43
CA GLY F 202 28.62 25.64 -29.31
C GLY F 202 29.25 24.53 -28.50
N TYR F 203 30.30 23.92 -29.07
CA TYR F 203 31.01 22.87 -28.35
C TYR F 203 31.85 23.45 -27.22
N ASP F 204 32.36 24.66 -27.37
CA ASP F 204 33.19 25.28 -26.36
C ASP F 204 32.40 25.79 -25.17
N ASP F 205 31.07 25.84 -25.26
CA ASP F 205 30.24 26.30 -24.16
C ASP F 205 29.78 25.17 -23.25
N ILE F 206 30.42 24.00 -23.34
CA ILE F 206 30.18 22.90 -22.43
C ILE F 206 31.52 22.49 -21.84
N GLY F 207 31.61 22.45 -20.51
CA GLY F 207 32.87 22.18 -19.86
C GLY F 207 32.86 21.00 -18.91
N GLY F 208 31.69 20.68 -18.35
CA GLY F 208 31.65 19.70 -17.29
C GLY F 208 31.72 18.26 -17.76
N CYS F 209 31.45 18.01 -19.04
CA CYS F 209 31.22 16.64 -19.51
C CYS F 209 31.99 16.39 -20.81
N ARG F 210 33.29 16.71 -20.82
CA ARG F 210 34.07 16.49 -22.04
C ARG F 210 34.06 15.03 -22.46
N LYS F 211 34.01 14.09 -21.50
CA LYS F 211 33.93 12.67 -21.87
C LYS F 211 32.62 12.37 -22.58
N GLN F 212 31.50 12.75 -21.97
CA GLN F 212 30.21 12.47 -22.59
C GLN F 212 30.02 13.30 -23.85
N LEU F 213 30.55 14.52 -23.87
CA LEU F 213 30.47 15.33 -25.07
C LEU F 213 31.25 14.69 -26.22
N ALA F 214 32.43 14.14 -25.93
CA ALA F 214 33.17 13.42 -26.95
C ALA F 214 32.40 12.20 -27.41
N GLN F 215 31.77 11.48 -26.47
CA GLN F 215 30.95 10.34 -26.83
C GLN F 215 29.83 10.75 -27.80
N ILE F 216 29.11 11.81 -27.45
CA ILE F 216 27.96 12.24 -28.25
C ILE F 216 28.42 12.71 -29.62
N LYS F 217 29.46 13.53 -29.66
CA LYS F 217 29.90 14.08 -30.95
C LYS F 217 30.44 12.97 -31.84
N GLU F 218 31.17 12.00 -31.28
CA GLU F 218 31.59 10.85 -32.07
C GLU F 218 30.39 10.02 -32.51
N MET F 219 29.34 10.00 -31.69
CA MET F 219 28.18 9.17 -31.97
C MET F 219 27.31 9.77 -33.07
N VAL F 220 27.32 11.10 -33.23
CA VAL F 220 26.42 11.76 -34.16
C VAL F 220 27.13 12.70 -35.13
N GLU F 221 28.45 12.59 -35.29
CA GLU F 221 29.11 13.36 -36.34
C GLU F 221 28.93 12.70 -37.70
N LEU F 222 28.71 11.39 -37.72
CA LEU F 222 28.65 10.68 -38.99
C LEU F 222 27.27 10.78 -39.61
N PRO F 223 26.16 10.64 -38.87
CA PRO F 223 24.85 10.92 -39.48
C PRO F 223 24.66 12.37 -39.87
N LEU F 224 24.91 13.30 -38.95
CA LEU F 224 24.49 14.67 -39.16
C LEU F 224 25.38 15.40 -40.15
N ARG F 225 26.70 15.27 -40.01
CA ARG F 225 27.58 15.92 -40.96
C ARG F 225 27.44 15.32 -42.36
N HIS F 226 27.30 13.99 -42.44
CA HIS F 226 27.20 13.28 -43.72
C HIS F 226 26.00 12.35 -43.70
N PRO F 227 24.77 12.90 -43.79
CA PRO F 227 23.60 12.02 -43.83
C PRO F 227 23.61 11.05 -44.99
N ALA F 228 24.23 11.43 -46.11
CA ALA F 228 24.34 10.51 -47.23
C ALA F 228 25.30 9.38 -46.89
N LEU F 229 26.22 9.64 -45.95
CA LEU F 229 27.21 8.64 -45.55
C LEU F 229 26.52 7.46 -44.87
N PHE F 230 25.28 7.65 -44.45
CA PHE F 230 24.41 6.54 -44.12
C PHE F 230 23.42 6.22 -45.21
N LYS F 231 22.97 7.22 -45.97
CA LYS F 231 21.93 6.97 -46.96
C LYS F 231 22.30 5.83 -47.89
N ALA F 232 23.50 5.84 -48.49
CA ALA F 232 23.81 4.81 -49.46
C ALA F 232 24.26 3.49 -48.84
N ILE F 233 25.03 3.52 -47.76
CA ILE F 233 25.46 2.29 -47.11
C ILE F 233 24.40 1.82 -46.12
N GLY F 234 24.38 0.52 -45.85
CA GLY F 234 23.27 -0.10 -45.17
C GLY F 234 23.29 -0.09 -43.66
N VAL F 235 24.36 0.40 -43.01
CA VAL F 235 24.38 0.39 -41.55
C VAL F 235 23.28 1.32 -41.03
N LYS F 236 22.62 0.88 -39.97
CA LYS F 236 21.54 1.66 -39.37
C LYS F 236 22.16 2.68 -38.41
N PRO F 237 21.96 3.97 -38.62
CA PRO F 237 22.62 4.97 -37.78
C PRO F 237 22.01 4.99 -36.39
N PRO F 238 22.61 5.71 -35.46
CA PRO F 238 21.89 6.03 -34.22
C PRO F 238 20.63 6.80 -34.53
N ARG F 239 19.48 6.19 -34.29
CA ARG F 239 18.20 6.84 -34.57
C ARG F 239 17.69 7.65 -33.40
N GLY F 240 18.18 7.38 -32.20
CA GLY F 240 17.74 8.11 -31.02
C GLY F 240 18.75 8.03 -29.91
N ILE F 241 19.12 9.20 -29.42
CA ILE F 241 19.97 9.34 -28.24
C ILE F 241 19.10 9.85 -27.10
N LEU F 242 19.37 9.36 -25.90
CA LEU F 242 18.61 9.72 -24.71
C LEU F 242 19.61 10.28 -23.70
N LEU F 243 19.91 11.56 -23.80
CA LEU F 243 20.69 12.20 -22.76
C LEU F 243 19.92 12.13 -21.45
N TYR F 244 20.62 11.99 -20.34
CA TYR F 244 19.94 12.05 -19.07
C TYR F 244 20.92 12.41 -17.95
N GLY F 245 20.34 12.83 -16.84
CA GLY F 245 21.07 13.40 -15.74
C GLY F 245 20.19 14.40 -15.03
N PRO F 246 20.59 14.84 -13.84
CA PRO F 246 19.72 15.69 -13.03
C PRO F 246 19.43 17.00 -13.74
N PRO F 247 18.28 17.61 -13.48
CA PRO F 247 17.91 18.82 -14.22
C PRO F 247 18.93 19.92 -13.99
N GLY F 248 19.14 20.73 -15.03
CA GLY F 248 20.18 21.72 -15.00
C GLY F 248 21.56 21.18 -15.26
N THR F 249 21.69 19.89 -15.55
CA THR F 249 23.00 19.30 -15.80
C THR F 249 23.62 19.83 -17.08
N GLY F 250 22.84 20.44 -17.96
CA GLY F 250 23.32 20.86 -19.25
C GLY F 250 22.85 20.03 -20.41
N LYS F 251 21.79 19.24 -20.22
CA LYS F 251 21.34 18.32 -21.28
C LYS F 251 20.88 19.09 -22.51
N THR F 252 19.97 20.04 -22.31
CA THR F 252 19.51 20.86 -23.43
C THR F 252 20.67 21.66 -24.01
N LEU F 253 21.59 22.10 -23.17
CA LEU F 253 22.78 22.79 -23.68
C LEU F 253 23.56 21.88 -24.61
N ILE F 254 23.76 20.62 -24.22
CA ILE F 254 24.55 19.71 -25.04
C ILE F 254 23.85 19.45 -26.35
N ALA F 255 22.55 19.21 -26.30
CA ALA F 255 21.81 18.95 -27.54
C ALA F 255 21.87 20.17 -28.46
N ARG F 256 21.70 21.36 -27.91
CA ARG F 256 21.75 22.57 -28.72
C ARG F 256 23.14 22.79 -29.28
N ALA F 257 24.18 22.48 -28.51
CA ALA F 257 25.54 22.64 -29.00
C ALA F 257 25.81 21.70 -30.16
N VAL F 258 25.34 20.46 -30.06
CA VAL F 258 25.54 19.51 -31.15
C VAL F 258 24.72 19.94 -32.37
N ALA F 259 23.49 20.39 -32.15
CA ALA F 259 22.62 20.77 -33.25
C ALA F 259 23.02 22.09 -33.88
N ASN F 260 23.87 22.88 -33.22
CA ASN F 260 24.32 24.12 -33.84
C ASN F 260 25.26 23.89 -34.99
N GLU F 261 25.59 22.65 -35.32
CA GLU F 261 26.21 22.30 -36.58
C GLU F 261 25.19 21.99 -37.67
N THR F 262 23.94 21.75 -37.29
CA THR F 262 22.89 21.43 -38.24
C THR F 262 21.59 22.14 -37.84
N GLY F 263 21.70 23.40 -37.43
CA GLY F 263 20.57 24.12 -36.87
C GLY F 263 19.64 24.72 -37.88
N ALA F 264 19.27 23.95 -38.91
CA ALA F 264 18.32 24.45 -39.89
C ALA F 264 16.90 24.50 -39.32
N PHE F 265 16.48 23.43 -38.64
CA PHE F 265 15.11 23.37 -38.12
C PHE F 265 15.04 22.76 -36.72
N PHE F 266 16.16 22.57 -36.04
CA PHE F 266 16.13 21.93 -34.73
C PHE F 266 15.39 22.78 -33.70
N PHE F 267 15.60 24.10 -33.73
CA PHE F 267 15.31 24.94 -32.57
C PHE F 267 13.83 24.95 -32.22
N LEU F 268 12.96 24.97 -33.22
CA LEU F 268 11.52 25.07 -32.97
C LEU F 268 10.92 23.75 -32.46
N ILE F 269 11.72 22.68 -32.34
CA ILE F 269 11.19 21.35 -32.13
C ILE F 269 11.41 20.83 -30.71
N ASN F 270 11.93 21.65 -29.81
CA ASN F 270 11.90 21.28 -28.40
C ASN F 270 10.47 20.99 -27.99
N GLY F 271 10.26 19.88 -27.29
CA GLY F 271 8.92 19.41 -27.03
C GLY F 271 8.51 19.26 -25.57
N PRO F 272 8.85 20.21 -24.71
CA PRO F 272 8.34 20.13 -23.33
C PRO F 272 6.90 20.61 -23.21
N GLU F 273 6.51 21.49 -24.12
CA GLU F 273 5.15 22.04 -24.12
C GLU F 273 4.14 21.09 -24.74
N ILE F 274 4.62 20.07 -25.45
CA ILE F 274 3.72 19.22 -26.23
C ILE F 274 2.70 18.53 -25.35
N MET F 275 3.15 17.99 -24.21
CA MET F 275 2.29 17.17 -23.38
C MET F 275 1.12 17.94 -22.78
N SER F 276 1.15 19.28 -22.86
CA SER F 276 0.24 20.09 -22.06
C SER F 276 -0.82 20.81 -22.89
N LYS F 277 -0.93 20.52 -24.18
CA LYS F 277 -1.99 21.10 -25.00
C LYS F 277 -3.16 20.14 -25.06
N LEU F 278 -4.36 20.65 -24.81
CA LEU F 278 -5.52 19.81 -24.50
C LEU F 278 -5.77 18.75 -25.57
N ALA F 279 -5.66 17.48 -25.16
CA ALA F 279 -6.07 16.32 -25.96
C ALA F 279 -5.35 16.34 -27.30
N GLY F 280 -6.05 16.06 -28.40
CA GLY F 280 -5.39 15.83 -29.68
C GLY F 280 -4.56 17.00 -30.18
N GLU F 281 -4.80 18.20 -29.63
CA GLU F 281 -3.97 19.34 -30.00
C GLU F 281 -2.49 19.03 -29.78
N SER F 282 -2.17 18.27 -28.74
CA SER F 282 -0.80 17.80 -28.56
C SER F 282 -0.43 16.79 -29.64
N GLU F 283 -1.28 15.78 -29.84
CA GLU F 283 -0.96 14.72 -30.79
C GLU F 283 -0.73 15.27 -32.18
N SER F 284 -1.55 16.23 -32.60
CA SER F 284 -1.29 16.92 -33.86
C SER F 284 0.04 17.66 -33.80
N ASN F 285 0.24 18.49 -32.77
CA ASN F 285 1.47 19.26 -32.67
C ASN F 285 2.69 18.35 -32.76
N LEU F 286 2.72 17.28 -31.96
CA LEU F 286 3.83 16.35 -32.00
C LEU F 286 4.10 15.89 -33.43
N ARG F 287 3.05 15.49 -34.15
CA ARG F 287 3.24 15.07 -35.53
C ARG F 287 3.92 16.17 -36.33
N LYS F 288 3.38 17.39 -36.26
CA LYS F 288 3.98 18.50 -36.96
C LYS F 288 5.44 18.67 -36.54
N ALA F 289 5.73 18.45 -35.27
CA ALA F 289 7.10 18.58 -34.79
C ALA F 289 8.03 17.64 -35.54
N PHE F 290 7.58 16.39 -35.74
CA PHE F 290 8.37 15.46 -36.53
C PHE F 290 8.33 15.84 -38.01
N GLU F 291 7.18 16.35 -38.46
CA GLU F 291 7.01 16.63 -39.89
C GLU F 291 7.89 17.78 -40.34
N GLU F 292 8.04 18.80 -39.48
CA GLU F 292 8.74 20.02 -39.88
C GLU F 292 10.22 19.99 -39.57
N ALA F 293 10.65 19.18 -38.60
CA ALA F 293 12.07 19.10 -38.29
C ALA F 293 12.86 18.54 -39.47
N GLU F 294 12.32 17.52 -40.14
CA GLU F 294 13.01 16.88 -41.24
C GLU F 294 12.97 17.67 -42.54
N LYS F 295 12.16 18.73 -42.59
CA LYS F 295 11.85 19.36 -43.86
C LYS F 295 13.06 20.00 -44.54
N ASN F 296 14.10 20.35 -43.77
CA ASN F 296 15.26 21.02 -44.34
C ASN F 296 16.52 20.61 -43.57
N ALA F 297 17.48 20.03 -44.30
CA ALA F 297 18.79 19.69 -43.77
C ALA F 297 18.68 18.65 -42.67
N PRO F 298 19.79 18.03 -42.25
CA PRO F 298 19.74 17.19 -41.05
C PRO F 298 19.34 18.02 -39.85
N ALA F 299 18.48 17.43 -39.01
CA ALA F 299 17.90 18.18 -37.91
C ALA F 299 17.79 17.28 -36.69
N ILE F 300 18.04 17.85 -35.53
CA ILE F 300 17.87 17.16 -34.26
C ILE F 300 16.48 17.49 -33.74
N ILE F 301 15.80 16.49 -33.19
CA ILE F 301 14.49 16.68 -32.59
C ILE F 301 14.65 16.40 -31.10
N PHE F 302 14.66 17.46 -30.30
CA PHE F 302 14.94 17.35 -28.88
C PHE F 302 13.62 17.19 -28.15
N ILE F 303 13.37 16.01 -27.61
CA ILE F 303 12.17 15.78 -26.81
C ILE F 303 12.50 16.15 -25.37
N ASP F 304 12.45 17.44 -25.07
CA ASP F 304 12.85 17.91 -23.75
C ASP F 304 11.96 17.32 -22.68
N GLU F 305 12.57 16.83 -21.61
CA GLU F 305 11.84 16.24 -20.50
C GLU F 305 10.94 15.11 -21.01
N LEU F 306 11.56 14.13 -21.67
CA LEU F 306 10.85 12.93 -22.06
C LEU F 306 10.31 12.20 -20.84
N ASP F 307 10.87 12.48 -19.66
CA ASP F 307 10.33 11.92 -18.43
C ASP F 307 8.85 12.26 -18.26
N ALA F 308 8.43 13.41 -18.77
CA ALA F 308 7.06 13.88 -18.61
C ALA F 308 6.15 13.50 -19.77
N ILE F 309 6.66 13.54 -21.00
CA ILE F 309 5.84 13.19 -22.16
C ILE F 309 5.55 11.70 -22.19
N ALA F 310 6.53 10.86 -21.87
CA ALA F 310 6.41 9.41 -22.00
C ALA F 310 6.81 8.72 -20.70
N PRO F 311 6.03 8.89 -19.64
CA PRO F 311 6.34 8.19 -18.39
C PRO F 311 5.90 6.75 -18.45
N LYS F 312 6.36 5.99 -17.46
CA LYS F 312 5.96 4.59 -17.36
C LYS F 312 4.45 4.46 -17.32
N ARG F 313 3.89 3.71 -18.26
CA ARG F 313 2.44 3.56 -18.34
C ARG F 313 1.89 2.87 -17.09
N GLU F 314 2.74 2.20 -16.33
CA GLU F 314 2.35 1.53 -15.11
C GLU F 314 1.67 2.50 -14.14
N LYS F 315 2.07 3.77 -14.18
CA LYS F 315 1.59 4.78 -13.24
C LYS F 315 0.82 5.90 -13.94
N THR F 316 -0.07 5.52 -14.86
CA THR F 316 -0.96 6.45 -15.54
C THR F 316 -2.41 6.12 -15.20
N HIS F 317 -3.25 7.15 -15.15
CA HIS F 317 -4.66 7.00 -14.78
C HIS F 317 -5.60 7.61 -15.82
N GLY F 318 -5.15 7.75 -17.07
CA GLY F 318 -6.00 8.28 -18.11
C GLY F 318 -5.59 7.77 -19.47
N GLU F 319 -6.55 7.34 -20.28
CA GLU F 319 -6.19 6.74 -21.57
C GLU F 319 -5.60 7.78 -22.52
N VAL F 320 -6.00 9.04 -22.41
CA VAL F 320 -5.52 10.02 -23.39
C VAL F 320 -4.03 10.27 -23.21
N GLU F 321 -3.54 10.33 -21.97
CA GLU F 321 -2.09 10.45 -21.77
C GLU F 321 -1.37 9.18 -22.22
N ARG F 322 -1.97 8.02 -21.96
CA ARG F 322 -1.40 6.77 -22.45
C ARG F 322 -1.29 6.79 -23.97
N ARG F 323 -2.28 7.37 -24.65
CA ARG F 323 -2.22 7.45 -26.10
C ARG F 323 -1.18 8.47 -26.56
N ILE F 324 -0.99 9.54 -25.78
CA ILE F 324 0.08 10.48 -26.11
C ILE F 324 1.41 9.76 -26.09
N VAL F 325 1.71 9.03 -25.02
CA VAL F 325 2.99 8.34 -24.94
C VAL F 325 3.08 7.26 -26.02
N SER F 326 1.99 6.53 -26.26
CA SER F 326 2.07 5.41 -27.19
C SER F 326 1.90 5.82 -28.64
N GLN F 327 1.68 7.10 -28.95
CA GLN F 327 1.90 7.62 -30.30
C GLN F 327 3.12 8.52 -30.36
N LEU F 328 3.84 8.68 -29.25
CA LEU F 328 5.24 9.07 -29.37
C LEU F 328 6.06 7.95 -29.98
N LEU F 329 5.79 6.70 -29.58
CA LEU F 329 6.55 5.56 -30.06
C LEU F 329 6.40 5.38 -31.56
N THR F 330 5.16 5.52 -32.05
CA THR F 330 4.89 5.26 -33.46
C THR F 330 5.44 6.35 -34.36
N LEU F 331 5.55 7.59 -33.86
CA LEU F 331 6.25 8.64 -34.57
C LEU F 331 7.76 8.47 -34.47
N MET F 332 8.23 7.84 -33.40
CA MET F 332 9.65 7.50 -33.31
C MET F 332 10.04 6.48 -34.37
N ASP F 333 9.21 5.44 -34.52
CA ASP F 333 9.55 4.35 -35.41
C ASP F 333 9.66 4.83 -36.86
N GLY F 334 8.83 5.78 -37.25
CA GLY F 334 8.84 6.26 -38.62
C GLY F 334 10.17 6.84 -39.05
N LEU F 335 10.99 7.29 -38.10
CA LEU F 335 12.27 7.90 -38.44
C LEU F 335 13.39 6.89 -38.66
N LYS F 336 13.10 5.59 -38.55
CA LYS F 336 14.11 4.58 -38.81
C LYS F 336 14.49 4.49 -40.28
N GLN F 337 13.77 5.19 -41.16
CA GLN F 337 13.99 5.02 -42.59
C GLN F 337 15.25 5.74 -43.08
N ARG F 338 15.68 6.79 -42.38
CA ARG F 338 16.75 7.64 -42.89
C ARG F 338 17.54 8.25 -41.74
N ALA F 339 18.73 8.76 -42.08
CA ALA F 339 19.73 9.09 -41.07
C ALA F 339 19.78 10.57 -40.72
N HIS F 340 19.25 11.45 -41.57
CA HIS F 340 19.51 12.87 -41.39
C HIS F 340 18.86 13.46 -40.14
N VAL F 341 17.88 12.78 -39.55
CA VAL F 341 17.17 13.27 -38.39
C VAL F 341 17.55 12.43 -37.17
N ILE F 342 17.81 13.10 -36.06
CA ILE F 342 18.21 12.47 -34.80
C ILE F 342 17.22 12.93 -33.75
N VAL F 343 16.81 12.03 -32.86
CA VAL F 343 15.86 12.37 -31.81
C VAL F 343 16.61 12.33 -30.48
N MET F 344 17.14 13.47 -30.06
CA MET F 344 17.90 13.56 -28.81
C MET F 344 16.93 13.87 -27.68
N ALA F 345 16.44 12.85 -27.01
CA ALA F 345 15.57 13.10 -25.87
C ALA F 345 16.37 13.64 -24.69
N ALA F 346 15.69 13.82 -23.57
CA ALA F 346 16.33 14.22 -22.32
C ALA F 346 15.43 13.82 -21.17
N THR F 347 16.03 13.38 -20.07
CA THR F 347 15.26 12.89 -18.94
C THR F 347 16.12 12.93 -17.69
N ASN F 348 15.44 13.05 -16.54
CA ASN F 348 16.17 13.10 -15.28
C ASN F 348 16.87 11.78 -14.98
N ARG F 349 16.22 10.65 -15.27
CA ARG F 349 16.82 9.35 -15.07
C ARG F 349 16.15 8.37 -16.02
N PRO F 350 16.84 7.29 -16.40
CA PRO F 350 16.34 6.44 -17.49
C PRO F 350 15.19 5.53 -17.10
N ASN F 351 15.16 5.08 -15.86
CA ASN F 351 14.15 4.12 -15.43
C ASN F 351 12.81 4.78 -15.10
N SER F 352 12.71 6.10 -15.25
CA SER F 352 11.43 6.78 -15.10
C SER F 352 10.64 6.84 -16.40
N ILE F 353 11.24 6.48 -17.53
CA ILE F 353 10.56 6.47 -18.81
C ILE F 353 10.02 5.08 -19.11
N ASP F 354 8.92 5.03 -19.84
CA ASP F 354 8.31 3.75 -20.20
C ASP F 354 9.30 2.91 -20.99
N PRO F 355 9.54 1.65 -20.60
CA PRO F 355 10.48 0.83 -21.38
C PRO F 355 10.05 0.56 -22.81
N ALA F 356 8.88 1.05 -23.21
CA ALA F 356 8.53 1.03 -24.63
C ALA F 356 9.52 1.83 -25.45
N LEU F 357 10.24 2.77 -24.85
CA LEU F 357 11.39 3.40 -25.46
C LEU F 357 12.64 2.57 -25.13
N ARG F 358 13.77 2.98 -25.67
CA ARG F 358 15.02 2.24 -25.54
C ARG F 358 14.95 0.88 -26.23
N ARG F 359 13.99 0.70 -27.13
CA ARG F 359 14.00 -0.45 -28.01
C ARG F 359 14.99 -0.22 -29.14
N PHE F 360 15.26 -1.27 -29.91
CA PHE F 360 16.12 -1.11 -31.08
C PHE F 360 15.48 -0.12 -32.04
N GLY F 361 16.11 1.04 -32.18
CA GLY F 361 15.61 2.10 -33.02
C GLY F 361 14.87 3.21 -32.31
N ARG F 362 14.40 2.99 -31.09
CA ARG F 362 13.68 3.98 -30.30
C ARG F 362 14.58 4.38 -29.14
N PHE F 363 15.29 5.49 -29.30
CA PHE F 363 16.25 5.96 -28.30
C PHE F 363 17.22 4.84 -27.94
N ASP F 364 17.84 4.30 -28.99
CA ASP F 364 18.72 3.15 -28.81
C ASP F 364 19.93 3.46 -27.94
N ARG F 365 20.36 4.72 -27.85
CA ARG F 365 21.63 5.03 -27.19
C ARG F 365 21.42 6.03 -26.05
N GLU F 366 21.47 5.54 -24.82
CA GLU F 366 21.35 6.41 -23.66
C GLU F 366 22.72 6.99 -23.30
N VAL F 367 22.72 8.18 -22.71
CA VAL F 367 23.97 8.86 -22.37
C VAL F 367 23.81 9.64 -21.08
N ASP F 368 24.51 9.23 -20.02
CA ASP F 368 24.41 9.87 -18.72
C ASP F 368 25.34 11.06 -18.67
N ILE F 369 24.80 12.27 -18.76
CA ILE F 369 25.64 13.46 -18.62
C ILE F 369 26.18 13.55 -17.21
N GLY F 370 25.34 13.31 -16.21
CA GLY F 370 25.80 13.23 -14.84
C GLY F 370 26.31 14.55 -14.28
N ILE F 371 26.41 14.62 -12.96
CA ILE F 371 26.87 15.85 -12.30
C ILE F 371 28.34 16.07 -12.64
N PRO F 372 28.81 17.32 -12.75
CA PRO F 372 30.24 17.53 -13.00
C PRO F 372 31.08 17.16 -11.78
N ASP F 373 32.35 16.85 -12.03
CA ASP F 373 33.28 16.54 -10.95
C ASP F 373 34.03 17.80 -10.53
N ALA F 374 34.99 17.64 -9.62
CA ALA F 374 35.70 18.79 -9.08
C ALA F 374 36.45 19.57 -10.14
N THR F 375 36.79 18.95 -11.27
CA THR F 375 37.38 19.67 -12.39
C THR F 375 36.37 19.99 -13.48
N GLY F 376 35.24 19.27 -13.54
CA GLY F 376 34.18 19.68 -14.43
C GLY F 376 33.56 20.99 -14.01
N ARG F 377 33.34 21.15 -12.71
CA ARG F 377 32.77 22.39 -12.21
C ARG F 377 33.72 23.55 -12.42
N LEU F 378 35.03 23.30 -12.31
CA LEU F 378 35.99 24.35 -12.61
C LEU F 378 35.87 24.77 -14.08
N GLU F 379 35.70 23.80 -14.98
CA GLU F 379 35.57 24.16 -16.39
C GLU F 379 34.27 24.91 -16.64
N ILE F 380 33.19 24.52 -15.99
CA ILE F 380 31.92 25.24 -16.14
C ILE F 380 32.07 26.68 -15.65
N LEU F 381 32.70 26.86 -14.50
CA LEU F 381 32.90 28.20 -13.96
C LEU F 381 33.77 29.02 -14.90
N GLN F 382 34.80 28.42 -15.47
CA GLN F 382 35.66 29.15 -16.38
C GLN F 382 34.92 29.51 -17.66
N ILE F 383 33.98 28.66 -18.07
CA ILE F 383 33.18 28.96 -19.26
C ILE F 383 32.26 30.13 -18.99
N HIS F 384 31.57 30.11 -17.84
CA HIS F 384 30.58 31.15 -17.56
C HIS F 384 31.22 32.48 -17.19
N THR F 385 32.36 32.45 -16.51
CA THR F 385 33.04 33.67 -16.11
C THR F 385 33.71 34.36 -17.29
N LYS F 386 33.79 33.70 -18.45
CA LYS F 386 34.71 34.16 -19.49
C LYS F 386 34.37 35.54 -20.02
N ASN F 387 33.17 36.06 -19.77
CA ASN F 387 32.83 37.42 -20.16
C ASN F 387 32.87 38.39 -18.99
N MET F 388 33.05 37.90 -17.77
CA MET F 388 33.16 38.77 -16.60
C MET F 388 34.62 39.11 -16.34
N LYS F 389 34.86 40.37 -15.95
CA LYS F 389 36.19 40.77 -15.52
C LYS F 389 36.41 40.13 -14.15
N LEU F 390 37.05 38.96 -14.16
CA LEU F 390 37.07 38.10 -12.99
C LEU F 390 38.08 38.55 -11.92
N ALA F 391 38.56 39.78 -12.02
CA ALA F 391 39.47 40.33 -11.02
C ALA F 391 40.80 39.59 -11.02
N ASP F 392 41.59 39.77 -9.96
CA ASP F 392 42.92 39.16 -9.87
C ASP F 392 43.08 38.30 -8.63
N ASP F 393 42.00 38.04 -7.89
CA ASP F 393 42.06 37.23 -6.68
C ASP F 393 41.01 36.12 -6.65
N VAL F 394 40.48 35.72 -7.80
CA VAL F 394 39.44 34.70 -7.84
C VAL F 394 40.15 33.34 -7.86
N ASP F 395 40.08 32.63 -6.73
CA ASP F 395 40.63 31.28 -6.63
C ASP F 395 39.59 30.29 -7.18
N LEU F 396 39.52 30.24 -8.52
CA LEU F 396 38.55 29.38 -9.17
C LEU F 396 38.70 27.94 -8.72
N GLU F 397 39.95 27.46 -8.63
CA GLU F 397 40.17 26.08 -8.19
C GLU F 397 39.61 25.86 -6.78
N GLN F 398 39.65 26.88 -5.93
CA GLN F 398 39.13 26.73 -4.57
C GLN F 398 37.62 26.61 -4.56
N VAL F 399 36.92 27.49 -5.29
CA VAL F 399 35.47 27.41 -5.33
C VAL F 399 35.02 26.13 -6.01
N ALA F 400 35.82 25.63 -6.97
CA ALA F 400 35.44 24.42 -7.67
C ALA F 400 35.31 23.24 -6.71
N ASN F 401 36.22 23.13 -5.74
CA ASN F 401 36.06 22.12 -4.70
C ASN F 401 35.03 22.55 -3.67
N GLU F 402 34.91 23.86 -3.43
CA GLU F 402 33.94 24.37 -2.46
C GLU F 402 32.51 24.10 -2.91
N THR F 403 32.29 24.02 -4.21
CA THR F 403 30.95 23.97 -4.77
C THR F 403 30.53 22.55 -5.12
N HIS F 404 30.96 21.59 -4.31
CA HIS F 404 30.61 20.19 -4.56
C HIS F 404 29.10 19.99 -4.51
N GLY F 405 28.59 19.22 -5.47
CA GLY F 405 27.17 18.96 -5.58
C GLY F 405 26.40 19.91 -6.46
N HIS F 406 27.02 20.99 -6.93
CA HIS F 406 26.34 21.94 -7.78
C HIS F 406 26.24 21.40 -9.19
N VAL F 407 25.03 21.17 -9.66
CA VAL F 407 24.80 20.53 -10.94
C VAL F 407 24.77 21.58 -12.03
N GLY F 408 25.86 21.73 -12.76
CA GLY F 408 25.79 22.42 -14.03
C GLY F 408 25.27 23.84 -13.92
N ALA F 409 23.99 24.01 -14.27
CA ALA F 409 23.39 25.34 -14.33
C ALA F 409 23.51 26.09 -13.02
N ASP F 410 23.65 25.39 -11.89
CA ASP F 410 23.87 26.11 -10.64
C ASP F 410 25.16 26.93 -10.68
N LEU F 411 26.25 26.36 -11.18
CA LEU F 411 27.46 27.15 -11.39
C LEU F 411 27.22 28.30 -12.35
N ALA F 412 26.20 28.18 -13.21
CA ALA F 412 25.83 29.30 -14.06
C ALA F 412 25.08 30.35 -13.25
N ALA F 413 24.21 29.91 -12.33
CA ALA F 413 23.53 30.86 -11.45
C ALA F 413 24.53 31.50 -10.49
N LEU F 414 25.42 30.68 -9.91
CA LEU F 414 26.46 31.21 -9.04
C LEU F 414 27.29 32.26 -9.78
N CYS F 415 27.74 31.95 -11.00
CA CYS F 415 28.55 32.90 -11.74
C CYS F 415 27.79 34.18 -12.04
N SER F 416 26.45 34.15 -11.91
CA SER F 416 25.69 35.37 -12.00
C SER F 416 25.50 36.01 -10.62
N GLU F 417 25.20 35.19 -9.61
CA GLU F 417 25.05 35.72 -8.26
C GLU F 417 26.28 36.49 -7.85
N ALA F 418 27.46 36.01 -8.23
CA ALA F 418 28.69 36.76 -7.99
C ALA F 418 28.70 38.05 -8.81
N ALA F 419 28.42 37.94 -10.10
CA ALA F 419 28.50 39.12 -10.96
C ALA F 419 27.54 40.20 -10.49
N LEU F 420 26.30 39.81 -10.18
CA LEU F 420 25.36 40.79 -9.64
C LEU F 420 25.83 41.35 -8.32
N GLN F 421 26.46 40.51 -7.49
CA GLN F 421 27.01 41.01 -6.24
C GLN F 421 28.09 42.05 -6.48
N ALA F 422 28.67 42.05 -7.68
CA ALA F 422 29.64 43.08 -8.03
C ALA F 422 28.98 44.27 -8.70
N ILE F 423 27.76 44.09 -9.23
CA ILE F 423 27.02 45.22 -9.79
C ILE F 423 26.36 46.00 -8.66
N ARG F 424 25.57 45.33 -7.84
CA ARG F 424 24.80 46.01 -6.81
C ARG F 424 25.70 46.70 -5.79
N LYS F 425 26.98 46.32 -5.71
CA LYS F 425 27.94 47.01 -4.87
C LYS F 425 28.76 48.02 -5.65
N LYS F 426 28.45 48.22 -6.93
CA LYS F 426 29.08 49.27 -7.73
C LYS F 426 28.01 50.26 -8.19
N MET F 427 26.76 49.81 -8.27
CA MET F 427 25.69 50.69 -8.74
C MET F 427 25.37 51.79 -7.75
N ASP F 428 25.91 51.72 -6.53
CA ASP F 428 25.85 52.87 -5.63
C ASP F 428 26.78 53.99 -6.05
N LEU F 429 28.00 53.65 -6.48
CA LEU F 429 28.92 54.66 -6.98
C LEU F 429 28.35 55.35 -8.22
N ILE F 430 27.91 54.57 -9.19
CA ILE F 430 27.30 55.09 -10.41
C ILE F 430 25.79 54.98 -10.20
N ASP F 431 25.15 56.11 -9.98
CA ASP F 431 23.75 56.13 -9.53
C ASP F 431 22.76 56.08 -10.69
N LEU F 432 23.17 55.49 -11.81
CA LEU F 432 22.30 55.44 -12.97
C LEU F 432 21.14 54.47 -12.75
N GLU F 433 20.07 54.67 -13.51
CA GLU F 433 18.84 53.87 -13.40
C GLU F 433 18.74 52.78 -14.47
N ASP F 434 19.76 52.59 -15.30
CA ASP F 434 19.74 51.60 -16.36
C ASP F 434 21.17 51.37 -16.82
N GLU F 435 21.42 50.26 -17.55
CA GLU F 435 22.82 50.11 -17.96
C GLU F 435 23.16 50.95 -19.17
N THR F 436 22.45 52.06 -19.41
CA THR F 436 23.01 53.08 -20.29
C THR F 436 24.21 53.71 -19.59
N ILE F 437 24.51 53.23 -18.38
CA ILE F 437 25.87 53.20 -17.85
C ILE F 437 26.77 52.68 -18.95
N ASP F 438 27.99 53.20 -19.01
CA ASP F 438 28.84 52.94 -20.16
C ASP F 438 29.60 51.64 -19.96
N ALA F 439 29.91 50.97 -21.08
CA ALA F 439 30.56 49.66 -21.01
C ALA F 439 31.91 49.73 -20.30
N GLU F 440 32.55 50.90 -20.34
CA GLU F 440 33.86 51.03 -19.70
C GLU F 440 33.81 50.73 -18.21
N VAL F 441 32.78 51.23 -17.51
CA VAL F 441 32.70 50.94 -16.07
C VAL F 441 32.09 49.57 -15.81
N MET F 442 31.45 48.95 -16.80
CA MET F 442 31.12 47.53 -16.68
C MET F 442 32.38 46.67 -16.75
N ASN F 443 33.36 47.09 -17.54
CA ASN F 443 34.67 46.45 -17.50
C ASN F 443 35.36 46.63 -16.16
N SER F 444 34.98 47.65 -15.40
CA SER F 444 35.55 47.88 -14.08
C SER F 444 34.89 47.05 -12.99
N LEU F 445 33.88 46.25 -13.33
CA LEU F 445 33.24 45.40 -12.34
C LEU F 445 34.10 44.19 -12.02
N ALA F 446 35.23 44.43 -11.35
CA ALA F 446 36.12 43.33 -10.97
C ALA F 446 35.38 42.49 -9.93
N VAL F 447 34.91 41.32 -10.34
CA VAL F 447 34.12 40.48 -9.45
C VAL F 447 35.09 39.76 -8.53
N THR F 448 35.37 40.36 -7.37
CA THR F 448 36.36 39.82 -6.47
C THR F 448 35.86 38.52 -5.85
N MET F 449 36.79 37.77 -5.25
CA MET F 449 36.44 36.48 -4.66
C MET F 449 35.55 36.66 -3.45
N ASP F 450 35.48 37.87 -2.88
CA ASP F 450 34.52 38.11 -1.81
C ASP F 450 33.09 37.99 -2.32
N ASP F 451 32.82 38.53 -3.52
CA ASP F 451 31.51 38.40 -4.14
C ASP F 451 31.14 36.96 -4.44
N PHE F 452 32.09 36.16 -4.93
CA PHE F 452 31.83 34.74 -5.16
C PHE F 452 31.65 34.01 -3.85
N ARG F 453 32.39 34.40 -2.80
CA ARG F 453 32.19 33.83 -1.49
C ARG F 453 30.77 34.06 -1.01
N TRP F 454 30.25 35.27 -1.21
CA TRP F 454 28.86 35.55 -0.86
C TRP F 454 27.90 34.74 -1.73
N ALA F 455 28.16 34.68 -3.04
CA ALA F 455 27.25 33.98 -3.94
C ALA F 455 27.16 32.50 -3.59
N LEU F 456 28.28 31.88 -3.24
CA LEU F 456 28.25 30.49 -2.82
C LEU F 456 27.44 30.32 -1.55
N SER F 457 27.57 31.24 -0.60
CA SER F 457 26.74 31.18 0.61
C SER F 457 25.26 31.28 0.27
N GLN F 458 24.90 32.04 -0.75
CA GLN F 458 23.51 32.10 -1.20
C GLN F 458 23.08 30.87 -1.98
N SER F 459 23.97 30.33 -2.82
CA SER F 459 23.56 29.30 -3.78
C SER F 459 23.16 28.01 -3.07
N ASN F 460 22.15 27.35 -3.63
CA ASN F 460 21.64 26.08 -3.12
C ASN F 460 21.72 25.03 -4.21
N PRO F 461 22.34 23.86 -3.98
CA PRO F 461 22.37 22.83 -5.03
C PRO F 461 21.12 21.98 -5.06
N SER F 462 19.95 22.61 -5.01
CA SER F 462 18.69 21.88 -4.96
C SER F 462 18.36 21.16 -6.25
N ALA F 463 19.18 21.23 -7.30
CA ALA F 463 18.90 20.44 -8.50
C ALA F 463 18.95 18.95 -8.17
N LEU F 464 20.06 18.51 -7.56
CA LEU F 464 20.18 17.15 -7.05
C LEU F 464 21.54 17.02 -6.38
N ARG F 465 21.62 16.08 -5.43
CA ARG F 465 22.89 15.62 -4.88
C ARG F 465 22.75 14.12 -4.70
N GLU F 466 23.24 13.38 -5.70
CA GLU F 466 23.13 11.93 -5.76
C GLU F 466 24.54 11.38 -5.95
N THR F 467 24.67 10.06 -5.81
CA THR F 467 25.96 9.39 -5.96
C THR F 467 26.74 9.95 -7.14
N VAL F 468 27.94 10.43 -6.86
CA VAL F 468 28.70 11.26 -7.79
C VAL F 468 29.82 10.41 -8.39
N VAL F 469 29.92 10.45 -9.71
CA VAL F 469 30.95 9.75 -10.46
C VAL F 469 31.98 10.79 -10.89
N GLU F 470 33.25 10.50 -10.66
CA GLU F 470 34.28 11.52 -10.74
C GLU F 470 35.58 10.92 -11.25
N VAL F 471 36.43 11.78 -11.78
CA VAL F 471 37.82 11.43 -12.11
C VAL F 471 38.70 12.04 -11.02
N PRO F 472 39.02 11.32 -9.95
CA PRO F 472 39.66 11.97 -8.80
C PRO F 472 41.00 12.59 -9.17
N GLN F 473 41.29 13.73 -8.54
CA GLN F 473 42.50 14.48 -8.83
C GLN F 473 43.67 14.08 -7.95
N VAL F 474 43.51 13.08 -7.09
CA VAL F 474 44.64 12.58 -6.31
C VAL F 474 45.52 11.71 -7.20
N THR F 475 46.80 11.63 -6.85
CA THR F 475 47.75 10.87 -7.65
C THR F 475 48.81 10.28 -6.73
N TRP F 476 49.72 9.51 -7.32
CA TRP F 476 50.72 8.79 -6.54
C TRP F 476 51.48 9.71 -5.59
N GLU F 477 51.83 10.91 -6.03
CA GLU F 477 52.62 11.79 -5.18
C GLU F 477 51.91 12.10 -3.87
N ASP F 478 50.59 11.96 -3.82
CA ASP F 478 49.85 12.14 -2.57
C ASP F 478 49.71 10.85 -1.77
N ILE F 479 50.13 9.72 -2.31
CA ILE F 479 50.10 8.45 -1.59
C ILE F 479 51.53 8.22 -1.10
N GLY F 480 51.84 8.71 0.09
CA GLY F 480 53.15 8.48 0.65
C GLY F 480 53.37 7.01 0.94
N GLY F 481 54.59 6.54 0.72
CA GLY F 481 54.87 5.15 1.00
C GLY F 481 54.06 4.24 0.11
N LEU F 482 53.79 3.03 0.62
CA LEU F 482 53.11 1.99 -0.15
C LEU F 482 53.78 1.78 -1.49
N GLU F 483 55.11 1.69 -1.46
CA GLU F 483 55.86 1.47 -2.69
C GLU F 483 55.55 0.11 -3.29
N ASP F 484 55.33 -0.91 -2.46
CA ASP F 484 55.03 -2.24 -2.97
C ASP F 484 53.60 -2.32 -3.50
N VAL F 485 52.65 -1.73 -2.79
CA VAL F 485 51.24 -1.87 -3.18
C VAL F 485 50.97 -1.13 -4.46
N LYS F 486 51.61 0.03 -4.67
CA LYS F 486 51.37 0.76 -5.90
C LYS F 486 51.86 -0.01 -7.11
N ARG F 487 53.00 -0.69 -6.99
CA ARG F 487 53.45 -1.57 -8.07
C ARG F 487 52.50 -2.75 -8.24
N GLU F 488 52.04 -3.32 -7.13
CA GLU F 488 51.18 -4.50 -7.21
C GLU F 488 49.82 -4.17 -7.80
N LEU F 489 49.39 -2.92 -7.72
CA LEU F 489 48.15 -2.49 -8.34
C LEU F 489 48.37 -1.96 -9.75
N GLN F 490 49.54 -1.40 -10.05
CA GLN F 490 49.86 -1.06 -11.42
C GLN F 490 49.89 -2.31 -12.28
N GLU F 491 50.44 -3.38 -11.77
CA GLU F 491 50.41 -4.63 -12.54
C GLU F 491 49.09 -5.34 -12.45
N LEU F 492 48.04 -4.76 -11.88
CA LEU F 492 46.77 -5.43 -11.71
C LEU F 492 45.60 -4.70 -12.34
N VAL F 493 45.65 -3.36 -12.42
CA VAL F 493 44.59 -2.61 -13.07
C VAL F 493 45.04 -2.04 -14.40
N GLN F 494 46.35 -1.95 -14.63
CA GLN F 494 46.91 -1.26 -15.77
C GLN F 494 47.55 -2.19 -16.79
N TYR F 495 48.12 -3.32 -16.35
CA TYR F 495 48.60 -4.33 -17.28
C TYR F 495 47.49 -4.97 -18.11
N PRO F 496 46.35 -5.38 -17.52
CA PRO F 496 45.30 -5.98 -18.36
C PRO F 496 44.59 -5.00 -19.27
N VAL F 497 44.92 -3.72 -19.25
CA VAL F 497 44.29 -2.73 -20.12
C VAL F 497 45.30 -2.07 -21.05
N GLU F 498 46.58 -2.41 -20.92
CA GLU F 498 47.58 -1.91 -21.84
C GLU F 498 48.44 -3.02 -22.43
N HIS F 499 48.19 -4.28 -22.06
CA HIS F 499 48.76 -5.43 -22.77
C HIS F 499 47.76 -6.58 -22.83
N PRO F 500 46.52 -6.33 -23.25
CA PRO F 500 45.54 -7.42 -23.30
C PRO F 500 45.92 -8.52 -24.26
N ASP F 501 46.84 -8.25 -25.20
CA ASP F 501 47.35 -9.31 -26.05
C ASP F 501 47.98 -10.42 -25.23
N LYS F 502 48.73 -10.05 -24.18
CA LYS F 502 49.39 -11.05 -23.35
C LYS F 502 48.39 -11.81 -22.49
N PHE F 503 47.29 -11.16 -22.11
CA PHE F 503 46.28 -11.84 -21.31
C PHE F 503 45.43 -12.77 -22.14
N LEU F 504 45.24 -12.47 -23.44
CA LEU F 504 44.60 -13.44 -24.32
C LEU F 504 45.56 -14.56 -24.70
N LYS F 505 46.84 -14.23 -24.85
CA LYS F 505 47.81 -15.22 -25.32
C LYS F 505 47.92 -16.39 -24.36
N PHE F 506 47.74 -16.13 -23.07
CA PHE F 506 47.76 -17.17 -22.05
C PHE F 506 46.37 -17.53 -21.54
N GLY F 507 45.34 -16.79 -21.95
CA GLY F 507 44.00 -17.08 -21.48
C GLY F 507 43.83 -16.87 -19.99
N MET F 508 44.32 -15.75 -19.45
CA MET F 508 44.37 -15.58 -18.01
C MET F 508 43.03 -15.17 -17.41
N THR F 509 42.22 -14.41 -18.13
CA THR F 509 41.02 -13.84 -17.53
C THR F 509 41.40 -13.08 -16.27
N PRO F 510 42.06 -11.94 -16.39
CA PRO F 510 42.58 -11.24 -15.20
C PRO F 510 41.50 -10.94 -14.18
N SER F 511 41.95 -10.53 -13.01
CA SER F 511 41.03 -10.31 -11.89
C SER F 511 40.35 -8.96 -12.02
N LYS F 512 39.02 -8.99 -12.08
CA LYS F 512 38.21 -7.79 -12.04
C LYS F 512 37.76 -7.51 -10.61
N GLY F 513 38.71 -7.36 -9.69
CA GLY F 513 38.35 -7.18 -8.32
C GLY F 513 39.56 -7.01 -7.43
N VAL F 514 39.41 -6.26 -6.34
CA VAL F 514 40.43 -6.20 -5.30
C VAL F 514 39.75 -5.98 -3.97
N LEU F 515 40.31 -6.54 -2.92
CA LEU F 515 39.91 -6.23 -1.55
C LEU F 515 41.14 -5.72 -0.83
N PHE F 516 41.11 -4.46 -0.42
CA PHE F 516 42.16 -3.89 0.39
C PHE F 516 41.82 -4.16 1.84
N TYR F 517 42.41 -5.19 2.41
CA TYR F 517 42.29 -5.42 3.85
C TYR F 517 43.49 -4.81 4.54
N GLY F 518 43.24 -3.97 5.52
CA GLY F 518 44.31 -3.34 6.25
C GLY F 518 43.76 -2.41 7.31
N PRO F 519 44.62 -1.98 8.22
CA PRO F 519 44.18 -1.17 9.35
C PRO F 519 43.43 0.06 8.86
N PRO F 520 42.38 0.48 9.57
CA PRO F 520 41.60 1.62 9.09
C PRO F 520 42.43 2.88 9.09
N GLY F 521 42.06 3.80 8.19
CA GLY F 521 42.79 5.04 8.09
C GLY F 521 44.23 4.87 7.69
N CYS F 522 44.52 3.98 6.75
CA CYS F 522 45.88 3.68 6.34
C CYS F 522 46.16 4.00 4.88
N GLY F 523 45.16 4.36 4.09
CA GLY F 523 45.39 4.74 2.71
C GLY F 523 44.74 3.82 1.70
N LYS F 524 43.58 3.26 2.04
CA LYS F 524 42.89 2.39 1.10
C LYS F 524 42.06 3.20 0.11
N THR F 525 41.22 4.10 0.62
CA THR F 525 40.43 4.94 -0.28
C THR F 525 41.32 5.83 -1.11
N LEU F 526 42.38 6.37 -0.51
CA LEU F 526 43.33 7.17 -1.26
C LEU F 526 43.98 6.35 -2.36
N LEU F 527 44.32 5.09 -2.06
CA LEU F 527 44.91 4.24 -3.10
C LEU F 527 43.92 4.02 -4.23
N ALA F 528 42.66 3.76 -3.91
CA ALA F 528 41.68 3.54 -4.97
C ALA F 528 41.49 4.78 -5.82
N LYS F 529 41.38 5.95 -5.20
CA LYS F 529 41.25 7.18 -5.98
C LYS F 529 42.47 7.41 -6.84
N ALA F 530 43.66 7.16 -6.30
CA ALA F 530 44.88 7.34 -7.08
C ALA F 530 44.94 6.38 -8.25
N ILE F 531 44.48 5.14 -8.05
CA ILE F 531 44.43 4.17 -9.15
C ILE F 531 43.50 4.64 -10.24
N ALA F 532 42.32 5.12 -9.86
CA ALA F 532 41.38 5.64 -10.85
C ALA F 532 41.98 6.84 -11.58
N ASN F 533 42.70 7.69 -10.86
CA ASN F 533 43.29 8.87 -11.48
C ASN F 533 44.39 8.48 -12.48
N GLU F 534 45.21 7.50 -12.12
CA GLU F 534 46.28 7.10 -13.01
C GLU F 534 45.72 6.58 -14.33
N CYS F 535 44.65 5.81 -14.28
CA CYS F 535 43.98 5.35 -15.49
C CYS F 535 43.00 6.39 -16.04
N GLN F 536 42.86 7.54 -15.38
CA GLN F 536 41.89 8.55 -15.79
C GLN F 536 40.49 7.94 -15.87
N ALA F 537 40.14 7.14 -14.87
CA ALA F 537 38.89 6.40 -14.88
C ALA F 537 37.86 7.08 -13.99
N ASN F 538 36.60 6.71 -14.21
CA ASN F 538 35.49 7.30 -13.47
C ASN F 538 35.34 6.61 -12.12
N PHE F 539 36.01 7.13 -11.11
CA PHE F 539 35.91 6.57 -9.77
C PHE F 539 34.50 6.73 -9.22
N ILE F 540 34.02 5.70 -8.53
CA ILE F 540 32.69 5.75 -7.92
C ILE F 540 32.77 5.18 -6.51
N SER F 541 32.88 6.05 -5.52
CA SER F 541 32.98 5.58 -4.14
C SER F 541 31.59 5.38 -3.56
N ILE F 542 31.36 4.19 -3.00
CA ILE F 542 30.15 3.89 -2.25
C ILE F 542 30.57 3.68 -0.81
N LYS F 543 30.54 4.75 -0.03
CA LYS F 543 31.07 4.75 1.32
C LYS F 543 30.31 3.77 2.21
N GLY F 544 30.81 3.59 3.42
CA GLY F 544 30.21 2.68 4.36
C GLY F 544 28.78 3.04 4.69
N PRO F 545 28.53 4.30 5.02
CA PRO F 545 27.14 4.72 5.27
C PRO F 545 26.21 4.50 4.10
N GLU F 546 26.69 4.58 2.86
CA GLU F 546 25.79 4.40 1.73
C GLU F 546 25.33 2.95 1.60
N LEU F 547 26.19 1.98 1.92
CA LEU F 547 25.76 0.59 1.94
C LEU F 547 24.90 0.32 3.17
N LEU F 548 25.31 0.85 4.32
CA LEU F 548 24.59 0.58 5.55
C LEU F 548 23.19 1.16 5.50
N THR F 549 23.01 2.28 4.79
CA THR F 549 21.68 2.85 4.62
C THR F 549 20.78 1.92 3.82
N MET F 550 21.31 1.33 2.74
CA MET F 550 20.52 0.38 1.97
C MET F 550 20.14 -0.82 2.83
N TRP F 551 21.06 -1.29 3.66
CA TRP F 551 20.73 -2.41 4.53
C TRP F 551 19.68 -2.03 5.57
N PHE F 552 19.74 -0.80 6.09
CA PHE F 552 18.75 -0.39 7.07
C PHE F 552 17.37 -0.27 6.46
N GLY F 553 17.26 0.42 5.33
CA GLY F 553 15.98 0.59 4.68
C GLY F 553 15.43 -0.66 4.05
N GLU F 554 16.17 -1.77 4.10
CA GLU F 554 15.75 -3.02 3.47
C GLU F 554 15.52 -2.79 1.98
N SER F 555 16.31 -1.89 1.42
CA SER F 555 16.21 -1.48 0.02
C SER F 555 17.50 -1.84 -0.72
N GLU F 556 17.92 -3.10 -0.60
CA GLU F 556 19.12 -3.54 -1.31
C GLU F 556 18.97 -3.38 -2.82
N ALA F 557 17.74 -3.24 -3.32
CA ALA F 557 17.55 -3.01 -4.75
C ALA F 557 18.27 -1.76 -5.24
N ASN F 558 18.52 -0.80 -4.35
CA ASN F 558 19.30 0.38 -4.74
C ASN F 558 20.68 0.00 -5.26
N VAL F 559 21.22 -1.14 -4.82
CA VAL F 559 22.51 -1.59 -5.34
C VAL F 559 22.41 -1.78 -6.84
N ARG F 560 21.30 -2.31 -7.33
CA ARG F 560 21.13 -2.47 -8.77
C ARG F 560 21.30 -1.15 -9.49
N GLU F 561 20.91 -0.05 -8.83
CA GLU F 561 21.17 1.27 -9.40
C GLU F 561 22.65 1.59 -9.39
N ILE F 562 23.31 1.39 -8.24
CA ILE F 562 24.71 1.76 -8.10
C ILE F 562 25.54 1.12 -9.20
N PHE F 563 25.51 -0.21 -9.27
CA PHE F 563 26.28 -0.89 -10.32
C PHE F 563 25.86 -0.41 -11.70
N ASP F 564 24.57 -0.14 -11.90
CA ASP F 564 24.13 0.36 -13.19
C ASP F 564 24.84 1.66 -13.54
N LYS F 565 25.01 2.55 -12.56
CA LYS F 565 25.80 3.75 -12.81
C LYS F 565 27.17 3.40 -13.33
N ALA F 566 27.83 2.42 -12.71
CA ALA F 566 29.13 2.00 -13.21
C ALA F 566 29.02 1.48 -14.64
N ARG F 567 27.98 0.69 -14.93
CA ARG F 567 27.81 0.19 -16.29
C ARG F 567 27.70 1.32 -17.29
N GLN F 568 27.21 2.49 -16.84
CA GLN F 568 27.11 3.64 -17.73
C GLN F 568 28.36 4.50 -17.67
N ALA F 569 29.09 4.45 -16.56
CA ALA F 569 30.21 5.36 -16.36
C ALA F 569 31.56 4.74 -16.73
N ALA F 570 31.57 3.56 -17.32
CA ALA F 570 32.84 2.91 -17.60
C ALA F 570 33.66 3.75 -18.56
N PRO F 571 35.00 3.72 -18.47
CA PRO F 571 35.86 2.92 -17.59
C PRO F 571 35.81 3.42 -16.16
N CYS F 572 35.37 2.58 -15.23
CA CYS F 572 35.05 3.01 -13.88
C CYS F 572 35.90 2.22 -12.90
N VAL F 573 35.98 2.72 -11.68
CA VAL F 573 36.56 1.96 -10.58
C VAL F 573 35.63 2.07 -9.39
N LEU F 574 34.69 1.15 -9.27
CA LEU F 574 33.83 1.14 -8.11
C LEU F 574 34.69 0.98 -6.88
N PHE F 575 34.23 1.49 -5.74
CA PHE F 575 34.98 1.35 -4.50
C PHE F 575 34.00 1.29 -3.34
N PHE F 576 33.93 0.13 -2.70
CA PHE F 576 33.06 -0.08 -1.56
C PHE F 576 33.87 0.14 -0.30
N ASP F 577 34.01 1.39 0.10
CA ASP F 577 34.71 1.69 1.35
C ASP F 577 33.96 1.05 2.51
N GLU F 578 34.71 0.51 3.45
CA GLU F 578 34.15 -0.21 4.59
C GLU F 578 33.13 -1.24 4.11
N LEU F 579 33.61 -2.11 3.21
CA LEU F 579 32.77 -3.16 2.67
C LEU F 579 32.26 -4.09 3.76
N ASP F 580 32.94 -4.14 4.90
CA ASP F 580 32.45 -4.88 6.06
C ASP F 580 31.59 -4.04 6.98
N SER F 581 31.05 -2.91 6.49
CA SER F 581 30.27 -2.04 7.35
C SER F 581 29.09 -2.78 7.96
N ILE F 582 28.38 -3.56 7.15
CA ILE F 582 27.19 -4.25 7.63
C ILE F 582 27.57 -5.33 8.63
N ALA F 583 28.63 -6.09 8.33
CA ALA F 583 29.06 -7.13 9.26
C ALA F 583 29.50 -6.54 10.58
N LYS F 584 30.17 -5.39 10.56
CA LYS F 584 30.50 -4.70 11.80
C LYS F 584 29.24 -4.24 12.52
N ALA F 585 28.25 -3.76 11.76
CA ALA F 585 27.01 -3.29 12.36
C ALA F 585 26.10 -4.45 12.74
N ARG F 586 26.56 -5.68 12.57
CA ARG F 586 25.85 -6.84 13.11
C ARG F 586 26.60 -7.50 14.26
N GLY F 587 27.93 -7.53 14.18
CA GLY F 587 28.72 -8.40 15.03
C GLY F 587 29.09 -9.72 14.38
N GLY F 588 28.38 -10.13 13.34
CA GLY F 588 28.72 -11.31 12.57
C GLY F 588 28.47 -12.63 13.25
N ASN F 589 27.56 -12.69 14.24
CA ASN F 589 27.33 -13.90 15.00
C ASN F 589 25.89 -14.39 14.98
N ILE F 590 24.91 -13.50 15.09
CA ILE F 590 23.51 -13.88 15.18
C ILE F 590 22.68 -12.95 14.30
N GLY F 591 21.61 -13.48 13.75
CA GLY F 591 20.62 -12.66 13.08
C GLY F 591 19.76 -13.47 12.15
N ASP F 592 18.45 -13.23 12.27
CA ASP F 592 17.51 -13.57 11.22
C ASP F 592 17.68 -12.53 10.14
N GLY F 593 18.01 -13.00 8.94
CA GLY F 593 18.71 -12.19 7.98
C GLY F 593 19.81 -12.93 7.26
N GLY F 594 21.07 -12.53 7.39
CA GLY F 594 22.10 -13.08 6.54
C GLY F 594 23.15 -13.94 7.23
N GLY F 595 22.98 -14.23 8.50
CA GLY F 595 23.95 -15.04 9.23
C GLY F 595 25.34 -14.44 9.08
N ALA F 596 26.19 -15.14 8.34
CA ALA F 596 27.45 -14.55 7.89
C ALA F 596 27.23 -13.55 6.77
N ALA F 597 26.24 -13.79 5.90
CA ALA F 597 25.96 -12.89 4.80
C ALA F 597 25.06 -11.75 5.26
N ASP F 598 24.66 -10.92 4.29
CA ASP F 598 23.81 -9.76 4.55
C ASP F 598 22.90 -9.53 3.36
N ARG F 599 21.85 -8.71 3.56
CA ARG F 599 21.03 -8.27 2.44
C ARG F 599 21.88 -7.61 1.37
N VAL F 600 22.52 -6.50 1.73
CA VAL F 600 23.22 -5.68 0.75
C VAL F 600 24.52 -6.32 0.28
N ILE F 601 25.25 -7.02 1.14
CA ILE F 601 26.42 -7.75 0.65
C ILE F 601 26.00 -8.81 -0.35
N ASN F 602 24.90 -9.50 -0.06
CA ASN F 602 24.41 -10.50 -1.01
C ASN F 602 24.03 -9.87 -2.33
N GLN F 603 23.35 -8.73 -2.30
CA GLN F 603 23.02 -8.05 -3.55
C GLN F 603 24.29 -7.61 -4.28
N ILE F 604 25.32 -7.22 -3.52
CA ILE F 604 26.58 -6.85 -4.13
C ILE F 604 27.22 -8.04 -4.83
N LEU F 605 27.15 -9.23 -4.21
CA LEU F 605 27.64 -10.42 -4.88
C LEU F 605 26.84 -10.69 -6.15
N THR F 606 25.52 -10.56 -6.07
CA THR F 606 24.68 -10.83 -7.23
C THR F 606 25.03 -9.90 -8.38
N GLU F 607 25.36 -8.64 -8.07
CA GLU F 607 25.71 -7.70 -9.11
C GLU F 607 27.16 -7.83 -9.57
N MET F 608 28.06 -8.25 -8.68
CA MET F 608 29.44 -8.49 -9.09
C MET F 608 29.49 -9.64 -10.07
N ASP F 609 28.66 -10.66 -9.87
CA ASP F 609 28.61 -11.75 -10.83
C ASP F 609 28.21 -11.24 -12.22
N GLY F 610 27.22 -10.35 -12.27
CA GLY F 610 26.82 -9.79 -13.55
C GLY F 610 27.88 -8.91 -14.18
N MET F 611 28.54 -8.09 -13.35
CA MET F 611 29.52 -7.15 -13.84
C MET F 611 30.88 -7.78 -14.12
N SER F 612 31.07 -9.04 -13.75
CA SER F 612 32.29 -9.74 -14.17
C SER F 612 32.37 -9.85 -15.68
N THR F 613 31.24 -9.70 -16.38
CA THR F 613 31.29 -9.59 -17.84
C THR F 613 31.88 -8.27 -18.28
N LYS F 614 31.46 -7.17 -17.65
CA LYS F 614 31.85 -5.83 -18.06
C LYS F 614 33.36 -5.70 -17.88
N LYS F 615 34.08 -5.66 -19.00
CA LYS F 615 35.54 -5.65 -18.92
C LYS F 615 36.07 -4.31 -18.44
N ASN F 616 35.38 -3.21 -18.73
CA ASN F 616 35.92 -1.89 -18.44
C ASN F 616 35.91 -1.54 -16.97
N VAL F 617 34.89 -1.96 -16.22
CA VAL F 617 34.77 -1.53 -14.83
C VAL F 617 35.65 -2.40 -13.95
N PHE F 618 36.31 -1.75 -12.99
CA PHE F 618 37.08 -2.42 -11.96
C PHE F 618 36.37 -2.23 -10.64
N ILE F 619 36.36 -3.26 -9.80
CA ILE F 619 35.64 -3.22 -8.54
C ILE F 619 36.64 -3.38 -7.42
N ILE F 620 36.59 -2.46 -6.47
CA ILE F 620 37.50 -2.44 -5.34
C ILE F 620 36.67 -2.37 -4.07
N GLY F 621 37.12 -3.07 -3.05
CA GLY F 621 36.49 -2.99 -1.75
C GLY F 621 37.55 -2.69 -0.73
N ALA F 622 37.18 -2.06 0.37
CA ALA F 622 38.12 -1.80 1.45
C ALA F 622 37.52 -2.30 2.74
N THR F 623 38.26 -3.13 3.45
CA THR F 623 37.80 -3.70 4.70
C THR F 623 38.86 -3.49 5.75
N ASN F 624 38.53 -2.73 6.77
CA ASN F 624 39.36 -2.65 7.97
C ASN F 624 39.02 -3.75 8.96
N ARG F 625 38.07 -4.62 8.63
CA ARG F 625 37.73 -5.78 9.44
C ARG F 625 37.56 -6.96 8.49
N PRO F 626 38.67 -7.49 7.95
CA PRO F 626 38.57 -8.54 6.93
C PRO F 626 38.07 -9.88 7.44
N ASP F 627 38.19 -10.16 8.73
CA ASP F 627 37.67 -11.44 9.23
C ASP F 627 36.15 -11.42 9.28
N ILE F 628 35.57 -10.31 9.72
CA ILE F 628 34.12 -10.17 9.83
C ILE F 628 33.59 -9.62 8.51
N ILE F 629 33.42 -10.50 7.53
CA ILE F 629 32.83 -10.14 6.25
C ILE F 629 32.54 -11.43 5.50
N ASP F 630 31.44 -11.44 4.75
CA ASP F 630 30.99 -12.62 4.04
C ASP F 630 32.12 -13.20 3.21
N PRO F 631 32.63 -14.40 3.52
CA PRO F 631 33.72 -14.97 2.70
C PRO F 631 33.30 -15.19 1.26
N ALA F 632 31.99 -15.25 1.01
CA ALA F 632 31.50 -15.43 -0.35
C ALA F 632 31.92 -14.30 -1.28
N ILE F 633 32.28 -13.15 -0.73
CA ILE F 633 32.73 -12.04 -1.57
C ILE F 633 34.18 -12.19 -1.99
N LEU F 634 34.93 -13.07 -1.33
CA LEU F 634 36.32 -13.34 -1.71
C LEU F 634 36.44 -14.42 -2.76
N ARG F 635 35.33 -14.90 -3.29
CA ARG F 635 35.36 -15.98 -4.26
C ARG F 635 35.93 -15.48 -5.59
N PRO F 636 36.53 -16.35 -6.40
CA PRO F 636 37.02 -15.91 -7.71
C PRO F 636 35.94 -15.30 -8.58
N GLY F 637 36.30 -14.28 -9.36
CA GLY F 637 35.35 -13.48 -10.10
C GLY F 637 34.84 -12.28 -9.34
N ARG F 638 34.53 -12.46 -8.06
CA ARG F 638 34.21 -11.36 -7.15
C ARG F 638 35.54 -10.80 -6.64
N LEU F 639 35.53 -10.05 -5.54
CA LEU F 639 36.73 -9.36 -5.10
C LEU F 639 37.76 -10.40 -4.66
N ASP F 640 38.40 -10.99 -5.66
CA ASP F 640 39.24 -12.16 -5.45
C ASP F 640 40.64 -11.83 -4.97
N GLN F 641 41.25 -10.76 -5.49
CA GLN F 641 42.66 -10.46 -5.24
C GLN F 641 42.74 -9.59 -4.00
N LEU F 642 42.95 -10.22 -2.85
CA LEU F 642 43.13 -9.48 -1.61
C LEU F 642 44.53 -8.89 -1.56
N ILE F 643 44.60 -7.59 -1.27
CA ILE F 643 45.87 -6.88 -1.16
C ILE F 643 45.94 -6.27 0.22
N TYR F 644 47.08 -6.43 0.88
CA TYR F 644 47.26 -5.91 2.23
C TYR F 644 47.75 -4.47 2.17
N ILE F 645 47.19 -3.62 3.02
CA ILE F 645 47.55 -2.21 3.08
C ILE F 645 48.19 -1.93 4.43
N PRO F 646 49.46 -2.23 4.63
CA PRO F 646 50.02 -2.30 5.98
C PRO F 646 50.13 -0.93 6.63
N LEU F 647 50.27 -0.94 7.95
CA LEU F 647 50.62 0.28 8.66
C LEU F 647 51.96 0.78 8.13
N PRO F 648 52.11 2.07 7.91
CA PRO F 648 53.38 2.58 7.38
C PRO F 648 54.54 2.28 8.31
N ASP F 649 55.66 1.87 7.72
CA ASP F 649 56.92 1.80 8.44
C ASP F 649 57.58 3.17 8.47
N GLU F 650 58.73 3.25 9.14
CA GLU F 650 59.36 4.54 9.40
C GLU F 650 59.54 5.36 8.13
N LYS F 651 60.10 4.77 7.08
CA LYS F 651 60.29 5.50 5.84
C LYS F 651 58.94 5.88 5.23
N SER F 652 57.97 4.97 5.25
CA SER F 652 56.65 5.30 4.73
C SER F 652 55.97 6.37 5.57
N ARG F 653 56.25 6.40 6.88
CA ARG F 653 55.72 7.48 7.70
C ARG F 653 56.34 8.82 7.32
N VAL F 654 57.64 8.83 7.04
CA VAL F 654 58.27 10.03 6.50
C VAL F 654 57.55 10.45 5.23
N ALA F 655 57.28 9.49 4.36
CA ALA F 655 56.61 9.79 3.09
C ALA F 655 55.23 10.38 3.33
N ILE F 656 54.48 9.81 4.26
CA ILE F 656 53.13 10.29 4.52
C ILE F 656 53.16 11.70 5.09
N LEU F 657 54.07 11.95 6.03
CA LEU F 657 54.19 13.28 6.61
C LEU F 657 54.55 14.30 5.54
N LYS F 658 55.48 13.96 4.67
CA LYS F 658 55.84 14.85 3.58
C LYS F 658 54.65 15.09 2.65
N ALA F 659 53.91 14.03 2.34
CA ALA F 659 52.77 14.17 1.44
C ALA F 659 51.72 15.10 2.03
N ASN F 660 51.44 14.95 3.32
CA ASN F 660 50.41 15.75 3.96
C ASN F 660 50.86 17.19 4.17
N LEU F 661 52.16 17.42 4.38
CA LEU F 661 52.64 18.77 4.60
C LEU F 661 52.99 19.48 3.29
N ARG F 662 52.99 18.76 2.16
CA ARG F 662 53.31 19.39 0.88
C ARG F 662 52.41 20.59 0.58
N LYS F 663 51.13 20.48 0.89
CA LYS F 663 50.16 21.51 0.52
C LYS F 663 50.14 22.68 1.49
N SER F 664 50.98 22.66 2.53
CA SER F 664 50.98 23.69 3.56
C SER F 664 52.38 24.25 3.74
N PRO F 665 52.51 25.51 4.15
CA PRO F 665 53.84 26.11 4.33
C PRO F 665 54.44 25.66 5.65
N VAL F 666 55.62 25.05 5.59
CA VAL F 666 56.29 24.51 6.77
C VAL F 666 57.70 25.08 6.83
N ALA F 667 58.11 25.49 8.02
CA ALA F 667 59.45 26.03 8.21
C ALA F 667 60.49 25.04 7.68
N LYS F 668 61.66 25.57 7.34
CA LYS F 668 62.72 24.79 6.73
C LYS F 668 63.65 24.14 7.75
N ASP F 669 63.17 23.91 8.98
CA ASP F 669 63.95 23.19 9.98
C ASP F 669 63.13 22.14 10.72
N VAL F 670 61.97 21.76 10.17
CA VAL F 670 61.21 20.68 10.77
C VAL F 670 61.91 19.36 10.48
N ASP F 671 62.14 18.56 11.51
CA ASP F 671 62.89 17.31 11.39
C ASP F 671 61.91 16.16 11.20
N LEU F 672 61.44 16.02 9.96
CA LEU F 672 60.39 15.04 9.68
C LEU F 672 60.89 13.60 9.81
N GLU F 673 62.18 13.36 9.54
CA GLU F 673 62.69 12.01 9.71
C GLU F 673 62.69 11.57 11.17
N PHE F 674 62.57 12.51 12.11
CA PHE F 674 62.41 12.21 13.52
C PHE F 674 60.93 12.10 13.91
N LEU F 675 60.13 13.02 13.37
CA LEU F 675 58.69 12.96 13.56
C LEU F 675 58.13 11.63 13.08
N ALA F 676 58.80 11.01 12.11
CA ALA F 676 58.45 9.65 11.72
C ALA F 676 58.90 8.62 12.75
N LYS F 677 60.12 8.78 13.28
CA LYS F 677 60.63 7.80 14.24
C LYS F 677 59.71 7.68 15.45
N MET F 678 59.20 8.81 15.94
CA MET F 678 58.34 8.73 17.11
C MET F 678 57.12 7.87 16.85
N THR F 679 56.46 8.09 15.72
CA THR F 679 55.16 7.50 15.42
C THR F 679 55.29 6.02 15.11
N ASN F 680 55.63 5.25 16.15
CA ASN F 680 56.04 3.86 15.98
C ASN F 680 55.00 3.03 15.24
N GLY F 681 53.72 3.38 15.37
CA GLY F 681 52.70 2.64 14.65
C GLY F 681 51.55 3.46 14.10
N PHE F 682 51.75 4.76 13.90
CA PHE F 682 50.65 5.59 13.44
C PHE F 682 50.12 5.10 12.11
N SER F 683 48.80 5.04 11.98
CA SER F 683 48.21 4.90 10.66
C SER F 683 48.42 6.18 9.87
N GLY F 684 48.05 6.14 8.59
CA GLY F 684 48.15 7.34 7.79
C GLY F 684 47.23 8.44 8.26
N ALA F 685 46.02 8.08 8.70
CA ALA F 685 45.10 9.08 9.21
C ALA F 685 45.66 9.77 10.44
N ASP F 686 46.37 9.04 11.30
CA ASP F 686 46.92 9.65 12.49
C ASP F 686 48.02 10.65 12.16
N LEU F 687 48.88 10.34 11.18
CA LEU F 687 49.88 11.32 10.77
C LEU F 687 49.23 12.52 10.11
N THR F 688 48.17 12.32 9.34
CA THR F 688 47.43 13.47 8.83
C THR F 688 46.82 14.28 9.96
N GLU F 689 46.37 13.63 11.03
CA GLU F 689 45.85 14.37 12.16
C GLU F 689 46.95 15.15 12.87
N ILE F 690 48.16 14.61 12.91
CA ILE F 690 49.26 15.39 13.47
C ILE F 690 49.52 16.61 12.61
N CYS F 691 49.50 16.45 11.29
CA CYS F 691 49.65 17.61 10.41
C CYS F 691 48.55 18.64 10.67
N GLN F 692 47.31 18.16 10.83
CA GLN F 692 46.20 19.08 11.03
C GLN F 692 46.24 19.74 12.39
N ARG F 693 46.69 19.04 13.43
CA ARG F 693 46.89 19.69 14.72
C ARG F 693 47.99 20.74 14.63
N ALA F 694 49.06 20.45 13.89
CA ALA F 694 50.08 21.46 13.70
C ALA F 694 49.53 22.68 13.00
N CYS F 695 48.70 22.49 11.97
CA CYS F 695 48.08 23.62 11.30
C CYS F 695 47.16 24.38 12.24
N LYS F 696 46.34 23.67 13.02
CA LYS F 696 45.41 24.35 13.91
C LYS F 696 46.15 25.18 14.95
N LEU F 697 47.22 24.64 15.53
CA LEU F 697 48.02 25.41 16.44
C LEU F 697 48.78 26.53 15.75
N ALA F 698 49.06 26.38 14.45
CA ALA F 698 49.67 27.46 13.68
C ALA F 698 48.72 28.63 13.49
N ILE F 699 47.47 28.39 13.10
CA ILE F 699 46.53 29.50 13.05
C ILE F 699 46.29 30.05 14.44
N ARG F 700 46.26 29.21 15.47
CA ARG F 700 46.10 29.78 16.80
C ARG F 700 47.20 30.79 17.09
N GLU F 701 48.46 30.39 16.90
CA GLU F 701 49.57 31.27 17.22
C GLU F 701 49.73 32.40 16.21
N SER F 702 49.07 32.33 15.05
CA SER F 702 49.18 33.39 14.06
C SER F 702 48.03 34.39 14.17
N ILE F 703 46.82 33.88 14.38
CA ILE F 703 45.68 34.75 14.67
C ILE F 703 45.93 35.52 15.95
N GLU F 704 46.44 34.84 16.98
CA GLU F 704 46.65 35.51 18.25
C GLU F 704 47.80 36.51 18.22
N SER F 705 48.49 36.63 17.09
CA SER F 705 49.44 37.71 16.89
C SER F 705 49.00 38.71 15.83
N GLU F 706 48.05 38.34 14.96
CA GLU F 706 47.43 39.33 14.08
C GLU F 706 46.46 40.21 14.87
N ILE F 707 45.63 39.60 15.73
CA ILE F 707 44.73 40.40 16.56
C ILE F 707 45.55 41.23 17.55
N ARG F 708 46.67 40.68 18.02
CA ARG F 708 47.58 41.47 18.85
C ARG F 708 48.09 42.69 18.09
N ARG F 709 48.42 42.52 16.81
CA ARG F 709 48.83 43.66 16.00
C ARG F 709 47.69 44.67 15.85
N GLU F 710 46.46 44.19 15.64
CA GLU F 710 45.33 45.11 15.53
C GLU F 710 45.16 45.91 16.81
N ARG F 711 45.30 45.27 17.97
CA ARG F 711 45.27 45.99 19.23
C ARG F 711 46.44 46.96 19.33
N GLU F 712 47.59 46.60 18.76
CA GLU F 712 48.74 47.50 18.77
C GLU F 712 48.44 48.78 18.01
N ARG F 713 47.79 48.67 16.85
CA ARG F 713 47.42 49.82 16.04
C ARG F 713 46.10 50.44 16.45
N GLN F 714 45.42 49.89 17.44
CA GLN F 714 44.16 50.46 17.93
C GLN F 714 44.37 51.89 18.41
N ASP F 726 52.53 39.65 8.65
CA ASP F 726 52.87 38.23 8.68
C ASP F 726 53.72 37.89 9.91
N PRO F 727 53.07 37.74 11.07
CA PRO F 727 53.82 37.33 12.26
C PRO F 727 54.60 36.04 12.05
N VAL F 728 53.91 34.96 11.69
CA VAL F 728 54.55 33.75 11.18
C VAL F 728 53.85 33.39 9.88
N PRO F 729 54.53 33.40 8.74
CA PRO F 729 53.86 33.02 7.48
C PRO F 729 53.69 31.53 7.29
N GLU F 730 54.24 30.71 8.19
CA GLU F 730 54.24 29.27 7.99
C GLU F 730 54.22 28.57 9.33
N ILE F 731 53.73 27.33 9.33
CA ILE F 731 53.86 26.48 10.52
C ILE F 731 55.33 26.18 10.75
N ARG F 732 55.66 25.77 11.96
CA ARG F 732 57.06 25.71 12.36
C ARG F 732 57.29 24.50 13.26
N ARG F 733 58.57 24.23 13.48
CA ARG F 733 58.98 23.16 14.40
C ARG F 733 58.40 23.37 15.79
N ASP F 734 58.11 24.63 16.15
CA ASP F 734 57.61 24.91 17.49
C ASP F 734 56.22 24.31 17.70
N HIS F 735 55.36 24.41 16.68
CA HIS F 735 53.95 24.06 16.85
C HIS F 735 53.72 22.55 16.92
N PHE F 736 54.56 21.77 16.23
CA PHE F 736 54.39 20.32 16.27
C PHE F 736 54.58 19.77 17.67
N GLU F 737 55.30 20.49 18.53
CA GLU F 737 55.52 20.01 19.88
C GLU F 737 54.28 20.00 20.73
N GLU F 738 53.30 20.85 20.43
CA GLU F 738 51.98 20.75 21.05
C GLU F 738 50.97 20.04 20.15
N ALA F 739 51.29 19.87 18.87
CA ALA F 739 50.42 19.11 17.99
C ALA F 739 50.53 17.60 18.26
N MET F 740 51.73 17.13 18.59
CA MET F 740 51.94 15.69 18.78
C MET F 740 51.30 15.20 20.06
N ARG F 741 51.18 16.06 21.07
CA ARG F 741 50.72 15.60 22.38
C ARG F 741 49.27 15.13 22.34
N PHE F 742 48.56 15.41 21.23
CA PHE F 742 47.20 14.93 21.05
C PHE F 742 47.11 13.76 20.08
N ALA F 743 48.07 12.84 20.13
CA ALA F 743 48.21 11.84 19.08
C ALA F 743 47.89 10.43 19.59
N ARG F 744 47.51 9.56 18.67
CA ARG F 744 47.22 8.16 18.95
C ARG F 744 47.98 7.24 18.01
N ARG F 745 48.00 5.96 18.38
CA ARG F 745 47.99 4.90 17.38
C ARG F 745 46.58 4.39 17.25
N SER F 746 45.90 4.72 16.17
CA SER F 746 44.49 4.40 16.01
C SER F 746 44.23 2.91 15.87
N VAL F 747 45.26 2.06 15.93
CA VAL F 747 45.08 0.62 15.96
C VAL F 747 46.01 0.03 17.02
N SER F 748 45.43 -0.69 17.97
CA SER F 748 46.24 -1.37 18.96
C SER F 748 47.01 -2.51 18.29
N ASP F 749 48.10 -2.92 18.95
CA ASP F 749 48.87 -4.04 18.41
C ASP F 749 48.02 -5.29 18.33
N ASN F 750 46.94 -5.38 19.11
CA ASN F 750 46.00 -6.49 18.98
C ASN F 750 45.19 -6.42 17.70
N ASP F 751 45.19 -5.28 17.00
CA ASP F 751 44.60 -5.17 15.68
C ASP F 751 45.63 -5.34 14.58
N ILE F 752 46.84 -4.81 14.78
CA ILE F 752 47.92 -5.09 13.84
C ILE F 752 48.11 -6.60 13.72
N ARG F 753 48.14 -7.28 14.86
CA ARG F 753 48.27 -8.73 14.83
C ARG F 753 47.00 -9.40 14.32
N LYS F 754 45.83 -8.78 14.46
CA LYS F 754 44.64 -9.32 13.83
C LYS F 754 44.77 -9.33 12.31
N TYR F 755 45.26 -8.24 11.73
CA TYR F 755 45.44 -8.20 10.28
C TYR F 755 46.58 -9.09 9.83
N GLU F 756 47.65 -9.20 10.62
CA GLU F 756 48.69 -10.18 10.30
C GLU F 756 48.15 -11.59 10.36
N MET F 757 47.28 -11.88 11.32
CA MET F 757 46.66 -13.20 11.43
C MET F 757 45.79 -13.48 10.21
N PHE F 758 45.01 -12.49 9.78
CA PHE F 758 44.21 -12.68 8.58
C PHE F 758 45.10 -12.86 7.35
N ALA F 759 46.25 -12.19 7.33
CA ALA F 759 47.18 -12.34 6.22
C ALA F 759 47.75 -13.75 6.18
N GLN F 760 48.19 -14.27 7.33
CA GLN F 760 48.71 -15.62 7.38
C GLN F 760 47.64 -16.66 7.11
N THR F 761 46.38 -16.35 7.43
CA THR F 761 45.27 -17.19 6.98
C THR F 761 45.11 -17.09 5.47
N LEU F 762 45.41 -15.93 4.89
CA LEU F 762 45.29 -15.69 3.46
C LEU F 762 46.63 -15.50 2.78
N GLN F 763 47.74 -15.88 3.43
CA GLN F 763 49.03 -15.87 2.75
C GLN F 763 49.26 -17.20 2.05
N GLN F 764 48.69 -18.27 2.61
CA GLN F 764 48.47 -19.50 1.86
C GLN F 764 49.77 -20.12 1.38
N SER F 765 50.62 -20.53 2.32
CA SER F 765 51.91 -21.09 1.94
C SER F 765 52.01 -22.60 2.20
N ARG F 766 51.78 -23.04 3.45
CA ARG F 766 52.01 -24.43 3.87
C ARG F 766 53.28 -25.04 3.28
N GLY F 767 54.42 -24.53 3.73
CA GLY F 767 55.69 -25.23 3.60
C GLY F 767 56.04 -25.73 2.21
N PHE F 768 55.45 -25.20 1.16
CA PHE F 768 56.01 -25.34 -0.18
C PHE F 768 57.27 -24.51 -0.36
N GLY F 769 57.81 -23.93 0.71
CA GLY F 769 59.11 -23.31 0.68
C GLY F 769 60.16 -24.31 0.22
N SER F 770 61.03 -23.89 -0.69
CA SER F 770 62.09 -24.73 -1.24
C SER F 770 61.54 -25.86 -2.11
N PHE F 771 60.24 -25.87 -2.40
CA PHE F 771 59.68 -26.77 -3.39
C PHE F 771 60.38 -26.55 -4.72
N ARG F 772 60.73 -27.62 -5.41
CA ARG F 772 61.33 -27.51 -6.73
C ARG F 772 61.02 -28.76 -7.54
N PHE F 773 60.45 -28.56 -8.73
CA PHE F 773 60.34 -29.65 -9.69
C PHE F 773 61.73 -30.22 -9.95
N PRO F 774 62.07 -31.41 -9.48
CA PRO F 774 63.44 -31.90 -9.67
C PRO F 774 63.78 -32.09 -11.14
N SER F 775 65.04 -31.88 -11.47
CA SER F 775 65.52 -32.05 -12.83
C SER F 775 65.43 -33.51 -13.27
PB ADP G . 0.36 33.48 3.97
O1B ADP G . 1.46 34.06 4.82
O2B ADP G . 0.06 32.02 4.20
O3B ADP G . 0.41 33.88 2.53
PA ADP G . -0.95 35.84 4.35
O1A ADP G . -2.18 36.23 3.58
O2A ADP G . 0.39 36.26 3.81
O3A ADP G . -0.94 34.25 4.50
O5' ADP G . -1.09 36.42 5.83
C5' ADP G . -0.70 37.77 6.03
C4' ADP G . -1.19 38.27 7.39
O4' ADP G . -0.37 37.69 8.41
C3' ADP G . -1.06 39.77 7.52
O3' ADP G . -2.20 40.30 8.22
C2' ADP G . 0.18 39.98 8.31
O2' ADP G . 0.07 41.09 9.20
C1' ADP G . 0.38 38.69 9.08
N9 ADP G . 1.79 38.27 9.06
C8 ADP G . 2.20 37.02 8.81
N7 ADP G . 3.55 36.94 8.88
C5 ADP G . 4.01 38.15 9.18
C6 ADP G . 5.34 38.73 9.39
N6 ADP G . 6.44 37.94 9.28
N1 ADP G . 5.41 40.04 9.70
C2 ADP G . 4.31 40.80 9.79
N3 ADP G . 3.07 40.32 9.61
C4 ADP G . 2.86 39.03 9.32
PB ADP H . 22.37 19.07 28.56
O1B ADP H . 22.94 19.85 27.41
O2B ADP H . 23.36 18.14 29.23
O3B ADP H . 21.01 18.48 28.32
PA ADP H . 21.70 21.66 29.19
O1A ADP H . 22.96 22.44 28.95
O2A ADP H . 20.67 21.51 28.09
O3A ADP H . 22.11 20.18 29.66
O5' ADP H . 20.96 22.26 30.48
C5' ADP H . 20.45 23.57 30.41
C4' ADP H . 19.94 23.99 31.77
O4' ADP H . 21.00 23.79 32.70
C3' ADP H . 19.56 25.46 31.81
O3' ADP H . 18.36 25.66 32.56
C2' ADP H . 20.74 26.14 32.48
O2' ADP H . 20.30 27.14 33.40
C1' ADP H . 21.48 25.03 33.20
N9 ADP H . 22.93 25.08 32.94
C8 ADP H . 23.65 24.03 32.53
N7 ADP H . 24.95 24.37 32.39
C5 ADP H . 25.07 25.66 32.74
C6 ADP H . 26.17 26.61 32.81
N6 ADP H . 27.41 26.19 32.46
N1 ADP H . 25.90 27.85 33.21
C2 ADP H . 24.65 28.24 33.54
N3 ADP H . 23.60 27.41 33.49
C4 ADP H . 23.74 26.13 33.11
C12 XKM I . 41.88 25.83 2.27
C13 XKM I . 40.68 26.36 3.13
C14 XKM I . 39.76 26.83 3.76
C15 XKM I . 38.67 27.42 4.49
C16 XKM I . 38.36 28.74 4.53
C18 XKM I . 37.34 29.29 5.23
C19 XKM I . 36.51 28.55 5.95
C21 XKM I . 34.17 29.17 6.14
C22 XKM I . 33.05 29.32 7.16
C01 XKM I . 45.55 21.38 1.54
C02 XKM I . 46.51 21.11 2.75
C04 XKM I . 46.79 20.32 4.87
C05 XKM I . 44.73 19.86 3.91
C06 XKM I . 43.77 20.07 2.73
C07 XKM I . 44.08 21.29 1.86
C09 XKM I . 43.19 23.80 1.80
C25 XKM I . 31.67 28.90 8.93
C27 XKM I . 29.78 29.45 11.01
C28 XKM I . 28.83 28.49 11.69
C29 XKM I . 27.73 29.27 12.34
C30 XKM I . 27.20 30.52 11.73
C31 XKM I . 28.41 31.16 11.12
C32 XKM I . 28.91 30.25 10.09
C34 XKM I . 33.38 27.46 8.80
C35 XKM I . 33.61 26.29 7.99
C37 XKM I . 34.53 25.33 9.97
C38 XKM I . 34.33 26.39 10.81
C39 XKM I . 33.67 27.62 10.12
C40 XKM I . 36.69 27.15 6.02
C41 XKM I . 37.75 26.66 5.29
F17 XKM I . 39.05 29.62 3.88
F42 XKM I . 37.94 25.37 5.34
N03 XKM I . 46.18 19.94 3.62
N08 XKM I . 43.57 22.55 2.56
N23 XKM I . 31.97 30.18 7.25
N24 XKM I . 31.17 29.96 8.28
N33 XKM I . 32.78 28.53 8.24
N36 XKM I . 34.17 25.32 8.63
O10 XKM I . 43.98 24.31 1.02
O11 XKM I . 41.93 24.40 1.99
O20 XKM I . 35.57 29.32 6.53
S26 XKM I . 30.91 28.34 10.28
PB ADP J . -25.01 17.70 14.12
O1B ADP J . -24.87 18.09 15.57
O2B ADP J . -24.17 16.54 13.67
O3B ADP J . -25.03 18.87 13.16
PA ADP J . -27.69 18.19 14.42
O1A ADP J . -28.63 18.30 13.25
O2A ADP J . -27.04 19.45 14.94
O3A ADP J . -26.52 17.16 14.03
O5' ADP J . -28.48 17.52 15.63
C5' ADP J . -29.26 18.36 16.46
C4' ADP J . -30.22 17.54 17.30
O4' ADP J . -29.48 16.93 18.36
C3' ADP J . -31.30 18.39 17.94
O3' ADP J . -32.53 17.68 17.98
C2' ADP J . -30.78 18.65 19.33
O2' ADP J . -31.86 18.69 20.28
C1' ADP J . -29.85 17.49 19.61
N9 ADP J . -28.63 17.94 20.29
C8 ADP J . -27.39 17.58 19.92
N7 ADP J . -26.48 18.15 20.72
C5 ADP J . -27.13 18.90 21.62
C6 ADP J . -26.74 19.76 22.74
N6 ADP J . -25.43 19.90 23.03
N1 ADP J . -27.71 20.36 23.43
C2 ADP J . -29.00 20.19 23.12
N3 ADP J . -29.42 19.43 22.11
C4 ADP J . -28.54 18.76 21.34
PB ADP K . -4.62 4.12 40.52
O1B ADP K . -4.68 5.54 40.02
O2B ADP K . -3.37 3.79 41.30
O3B ADP K . -5.01 3.08 39.50
PA ADP K . -7.08 4.97 41.42
O1A ADP K . -6.87 6.26 42.17
O2A ADP K . -7.42 4.98 39.95
O3A ADP K . -5.78 4.06 41.62
O5' ADP K . -8.21 4.13 42.18
C5' ADP K . -9.51 4.71 42.29
C4' ADP K . -10.37 3.84 43.18
O4' ADP K . -9.69 3.66 44.40
C3' ADP K . -11.70 4.50 43.48
O3' ADP K . -12.76 3.54 43.40
C2' ADP K . -11.56 5.04 44.88
O2' ADP K . -12.74 4.81 45.65
C1' ADP K . -10.37 4.30 45.47
N9 ADP K . -9.43 5.21 46.14
C8 ADP K . -8.10 5.20 45.91
N7 ADP K . -7.49 6.12 46.67
C5 ADP K . -8.42 6.74 47.40
C6 ADP K . -8.41 7.82 48.39
N6 ADP K . -7.23 8.39 48.72
N1 ADP K . -9.59 8.19 48.92
C2 ADP K . -10.73 7.59 48.56
N3 ADP K . -10.81 6.60 47.66
C4 ADP K . -9.70 6.13 47.05
C12 XKM L . 8.20 34.47 34.22
C13 XKM L . 6.86 33.65 34.37
C14 XKM L . 5.80 33.08 34.47
C15 XKM L . 4.51 32.44 34.60
C16 XKM L . 3.34 33.05 34.86
C18 XKM L . 2.13 32.44 34.97
C19 XKM L . 2.00 31.13 34.83
C21 XKM L . -0.06 30.30 33.83
C22 XKM L . -1.08 29.18 33.98
C01 XKM L . 13.98 33.86 34.52
C02 XKM L . 14.53 33.41 35.91
C04 XKM L . 14.76 31.74 37.44
C05 XKM L . 13.97 31.06 35.38
C06 XKM L . 13.46 31.47 33.99
C07 XKM L . 13.00 32.92 33.87
C09 XKM L . 10.63 34.10 34.09
C25 XKM L . -2.00 27.13 34.36
C27 XKM L . -3.99 25.22 35.06
C28 XKM L . -4.02 23.71 34.84
C29 XKM L . -5.42 23.17 34.91
C30 XKM L . -6.54 23.99 34.35
C31 XKM L . -6.19 25.37 34.82
C32 XKM L . -5.00 25.77 34.08
C34 XKM L . 0.20 27.18 34.79
C35 XKM L . 1.36 27.09 33.93
C37 XKM L . 2.26 25.66 35.63
C38 XKM L . 1.19 25.69 36.48
C39 XKM L . 0.01 26.56 35.98
C40 XKM L . 3.14 30.34 34.55
C41 XKM L . 4.31 31.03 34.44
F17 XKM L . 3.27 34.34 35.03
F42 XKM L . 5.38 30.31 34.18
N03 XKM L . 14.93 31.96 36.03
N08 XKM L . 11.60 33.03 34.48
N23 XKM L . -2.44 29.12 33.72
N24 XKM L . -2.97 27.94 33.95
N33 XKM L . -0.86 27.89 34.39
N36 XKM L . 2.31 26.35 34.41
O10 XKM L . 10.92 35.28 34.18
O11 XKM L . 9.33 33.77 33.64
O20 XKM L . 0.71 30.77 34.99
S26 XKM L . -2.32 25.55 34.74
PB ADP M . -31.95 -10.74 1.86
O1B ADP M . -32.29 -11.55 3.08
O2B ADP M . -30.49 -10.68 1.50
O3B ADP M . -32.66 -9.42 1.76
PA ADP M . -34.20 -11.81 0.75
O1A ADP M . -34.80 -11.39 -0.56
O2A ADP M . -34.69 -11.13 2.00
O3A ADP M . -32.62 -11.59 0.68
O5' ADP M . -34.44 -13.38 0.93
C5' ADP M . -35.70 -13.79 1.43
C4' ADP M . -35.88 -15.29 1.23
O4' ADP M . -35.14 -15.96 2.24
C3' ADP M . -37.32 -15.72 1.39
O3' ADP M . -37.62 -16.77 0.49
C2' ADP M . -37.41 -16.20 2.81
O2' ADP M . -38.33 -17.29 2.93
C1' ADP M . -36.00 -16.63 3.16
N9 ADP M . -35.65 -16.19 4.52
C8 ADP M . -34.49 -15.60 4.83
N7 ADP M . -34.44 -15.33 6.16
C5 ADP M . -35.59 -15.76 6.70
C6 ADP M . -36.17 -15.77 8.04
N6 ADP M . -35.46 -15.24 9.08
N1 ADP M . -37.39 -16.30 8.19
C2 ADP M . -38.08 -16.82 7.16
N3 ADP M . -37.60 -16.84 5.91
C4 ADP M . -36.38 -16.33 5.61
PB ADP N . -13.51 -25.72 29.23
O1B ADP N . -14.41 -24.54 29.39
O2B ADP N . -12.49 -25.90 30.31
O3B ADP N . -12.97 -25.91 27.82
PA ADP N . -15.84 -27.00 28.55
O1A ADP N . -16.92 -26.30 29.33
O2A ADP N . -15.50 -26.58 27.16
O3A ADP N . -14.50 -26.97 29.42
O5' ADP N . -16.24 -28.55 28.48
C5' ADP N . -17.45 -28.87 27.82
C4' ADP N . -17.59 -30.37 27.66
O4' ADP N . -17.29 -30.99 28.91
C3' ADP N . -19.02 -30.74 27.31
O3' ADP N . -19.03 -31.77 26.32
C2' ADP N . -19.64 -31.21 28.60
O2' ADP N . -20.45 -32.37 28.40
C1' ADP N . -18.46 -31.53 29.51
N9 ADP N . -18.60 -30.91 30.84
C8 ADP N . -17.65 -30.14 31.40
N7 ADP N . -18.03 -29.74 32.63
C5 ADP N . -19.24 -30.25 32.86
C6 ADP N . -20.18 -30.19 33.98
N6 ADP N . -19.84 -29.47 35.08
N1 ADP N . -21.33 -30.86 33.87
C2 ADP N . -21.62 -31.57 32.76
N3 ADP N . -20.81 -31.66 31.70
C4 ADP N . -19.61 -31.03 31.69
C12 XKM O . -26.25 2.58 41.57
C13 XKM O . -26.55 1.37 40.62
C14 XKM O . -26.86 0.46 39.87
C15 XKM O . -27.25 -0.61 38.98
C16 XKM O . -28.52 -0.97 38.72
C18 XKM O . -28.89 -1.97 37.89
C19 XKM O . -27.99 -2.71 37.25
C21 XKM O . -28.44 -3.62 35.02
C22 XKM O . -28.35 -4.90 34.20
C01 XKM O . -22.13 5.13 44.83
C02 XKM O . -21.64 4.28 46.04
C04 XKM O . -20.50 2.45 46.78
C05 XKM O . -20.20 2.95 44.55
C06 XKM O . -20.61 3.82 43.35
C07 XKM O . -21.98 4.48 43.48
C09 XKM O . -24.41 3.80 42.67
C25 XKM O . -27.55 -6.85 33.32
C27 XKM O . -27.62 -9.41 32.02
C28 XKM O . -26.51 -10.06 31.23
C29 XKM O . -27.09 -11.11 30.34
C30 XKM O . -28.46 -10.94 29.75
C31 XKM O . -29.24 -10.19 30.78
C32 XKM O . -28.57 -8.91 30.98
C34 XKM O . -26.24 -6.01 34.94
C35 XKM O . -25.24 -4.97 34.94
C37 XKM O . -23.98 -6.42 36.36
C38 XKM O . -24.87 -7.46 36.39
C39 XKM O . -26.18 -7.21 35.57
C40 XKM O . -26.63 -2.45 37.41
C41 XKM O . -26.32 -1.42 38.27
F17 XKM O . -29.54 -0.36 39.27
F42 XKM O . -25.06 -1.15 38.44
N03 XKM O . -20.33 3.57 45.87
N08 XKM O . -23.06 3.44 43.21
N23 XKM O . -29.14 -5.43 33.19
N24 XKM O . -28.70 -6.56 32.69
N33 XKM O . -27.37 -5.85 34.22
N36 XKM O . -24.20 -5.25 35.65
O10 XKM O . -25.11 4.62 43.24
O11 XKM O . -24.93 3.17 41.51
O20 XKM O . -28.61 -3.64 36.49
S26 XKM O . -26.73 -8.23 32.93
PB ADP P . -13.29 -23.15 -20.55
O1B ADP P . -13.08 -24.57 -20.11
O2B ADP P . -12.32 -22.14 -20.00
O3B ADP P . -14.73 -22.70 -20.53
PA ADP P . -13.87 -24.18 -23.00
O1A ADP P . -14.35 -23.41 -24.21
O2A ADP P . -14.89 -24.81 -22.10
O3A ADP P . -12.96 -23.21 -22.12
O5' ADP P . -12.90 -25.34 -23.51
C5' ADP P . -13.52 -26.52 -24.00
C4' ADP P . -12.50 -27.41 -24.71
O4' ADP P . -11.73 -28.09 -23.71
C3' ADP P . -13.17 -28.48 -25.56
O3' ADP P . -12.43 -28.67 -26.77
C2' ADP P . -13.12 -29.71 -24.71
O2' ADP P . -12.90 -30.89 -25.51
C1' ADP P . -11.96 -29.49 -23.75
N9 ADP P . -12.31 -29.93 -22.39
C8 ADP P . -12.05 -29.21 -21.29
N7 ADP P . -12.47 -29.86 -20.19
C5 ADP P . -13.00 -31.02 -20.58
C6 ADP P . -13.62 -32.17 -19.91
N6 ADP P . -13.75 -32.16 -18.56
N1 ADP P . -14.06 -33.19 -20.68
C2 ADP P . -13.93 -33.16 -22.01
N3 ADP P . -13.37 -32.15 -22.68
C4 ADP P . -12.89 -31.07 -22.03
PB ADP Q . 4.53 -40.36 5.55
O1B ADP Q . 3.03 -40.39 5.50
O2B ADP Q . 5.13 -40.69 6.89
O3B ADP Q . 5.15 -39.18 4.84
PA ADP Q . 4.01 -42.00 3.40
O1A ADP Q . 2.96 -42.96 3.90
O2A ADP Q . 3.61 -40.73 2.69
O3A ADP Q . 4.95 -41.61 4.64
O5' ADP Q . 5.01 -42.81 2.45
C5' ADP Q . 4.50 -43.32 1.23
C4' ADP Q . 5.56 -44.17 0.56
O4' ADP Q . 5.99 -45.15 1.50
C3' ADP Q . 5.01 -44.91 -0.65
O3' ADP Q . 5.96 -44.91 -1.71
C2' ADP Q . 4.76 -46.32 -0.15
O2' ADP Q . 5.15 -47.29 -1.13
C1' ADP Q . 5.58 -46.45 1.11
N9 ADP Q . 4.80 -47.03 2.22
C8 ADP Q . 4.72 -46.48 3.44
N7 ADP Q . 3.96 -47.25 4.24
C5 ADP Q . 3.55 -48.30 3.53
C6 ADP Q . 2.71 -49.47 3.82
N6 ADP Q . 2.18 -49.61 5.06
N1 ADP Q . 2.52 -50.35 2.83
C2 ADP Q . 3.07 -50.18 1.61
N3 ADP Q . 3.84 -49.13 1.30
C4 ADP Q . 4.12 -48.17 2.20
C12 XKM R . -26.83 -37.72 16.80
C13 XKM R . -25.96 -37.99 15.53
C14 XKM R . -25.35 -38.23 14.51
C15 XKM R . -24.65 -38.51 13.28
C16 XKM R . -25.15 -39.19 12.21
C18 XKM R . -24.49 -39.46 11.07
C19 XKM R . -23.24 -39.05 10.88
C21 XKM R . -22.50 -38.40 8.66
C22 XKM R . -21.34 -38.58 7.68
C01 XKM R . -26.61 -36.36 22.46
C02 XKM R . -25.91 -37.42 23.35
C04 XKM R . -23.97 -38.39 24.05
C05 XKM R . -23.71 -36.50 22.74
C06 XKM R . -24.37 -35.44 21.85
C07 XKM R . -25.77 -35.77 21.34
C09 XKM R . -26.70 -36.84 19.11
C25 XKM R . -19.23 -38.75 6.84
C27 XKM R . -17.15 -39.45 5.02
C28 XKM R . -15.78 -38.82 4.86
C29 XKM R . -15.23 -39.16 3.51
C30 XKM R . -16.12 -39.30 2.32
C31 XKM R . -17.37 -39.89 2.88
C32 XKM R . -17.93 -38.94 3.84
C34 XKM R . -19.28 -38.62 9.09
C35 XKM R . -19.43 -37.51 10.00
C37 XKM R . -17.74 -38.60 11.30
C38 XKM R . -17.54 -39.68 10.48
C39 XKM R . -18.43 -39.68 9.19
C40 XKM R . -22.57 -38.32 11.89
C41 XKM R . -23.31 -38.09 13.02
F17 XKM R . -26.36 -39.66 12.23
F42 XKM R . -22.71 -37.42 13.97
N03 XKM R . -24.53 -37.08 23.82
N08 XKM R . -25.64 -36.74 20.16
N23 XKM R . -21.29 -38.64 6.29
N24 XKM R . -20.08 -38.76 5.81
N33 XKM R . -20.02 -38.64 7.95
N36 XKM R . -18.67 -37.59 11.03
O10 XKM R . -27.87 -37.05 19.40
O11 XKM R . -26.37 -36.71 17.73
O20 XKM R . -22.80 -39.43 9.66
S26 XKM R . -17.61 -38.88 6.59
PB ADP S . 11.96 -7.36 -30.69
O1B ADP S . 12.85 -8.56 -30.81
O2B ADP S . 11.84 -6.78 -29.30
O3B ADP S . 10.65 -7.47 -31.41
PA ADP S . 12.97 -6.54 -33.09
O1A ADP S . 12.35 -5.44 -33.89
O2A ADP S . 12.52 -7.96 -33.36
O3A ADP S . 12.72 -6.24 -31.53
O5' ADP S . 14.55 -6.49 -33.30
C5' ADP S . 15.08 -7.14 -34.45
C4' ADP S . 16.51 -6.69 -34.68
O4' ADP S . 17.35 -7.34 -33.74
C3' ADP S . 17.01 -7.08 -36.06
O3' ADP S . 17.88 -6.07 -36.58
C2' ADP S . 17.78 -8.35 -35.83
O2' ADP S . 18.90 -8.46 -36.70
C1' ADP S . 18.21 -8.28 -34.38
N9 ADP S . 18.04 -9.58 -33.71
C8 ADP S . 17.47 -9.73 -32.51
N7 ADP S . 17.47 -11.02 -32.15
C5 ADP S . 18.05 -11.72 -33.12
C6 ADP S . 18.36 -13.13 -33.35
N6 ADP S . 18.01 -14.05 -32.43
N1 ADP S . 18.98 -13.45 -34.51
C2 ADP S . 19.31 -12.53 -35.42
N3 ADP S . 19.05 -11.22 -35.26
C4 ADP S . 18.44 -10.76 -34.15
PB ADP T . 31.51 -25.41 -6.42
O1B ADP T . 30.46 -25.94 -7.35
O2B ADP T . 31.81 -26.30 -5.25
O3B ADP T . 31.37 -23.95 -6.10
PA ADP T . 32.75 -25.29 -8.88
O1A ADP T . 32.63 -26.65 -9.51
O2A ADP T . 31.73 -24.23 -9.17
O3A ADP T . 32.85 -25.49 -7.30
O5' ADP T . 34.20 -24.70 -9.26
C5' ADP T . 34.49 -24.48 -10.62
C4' ADP T . 35.94 -24.08 -10.77
O4' ADP T . 36.73 -25.06 -10.13
C3' ADP T . 36.37 -24.02 -12.23
O3' ADP T . 37.18 -22.87 -12.46
C2' ADP T . 37.13 -25.29 -12.46
O2' ADP T . 38.31 -25.04 -13.25
C1' ADP T . 37.51 -25.78 -11.08
N9 ADP T . 37.22 -27.21 -10.91
C8 ADP T . 36.55 -27.72 -9.87
N7 ADP T . 36.45 -29.06 -9.96
C5 ADP T . 37.07 -29.43 -11.08
C6 ADP T . 37.31 -30.71 -11.75
N6 ADP T . 36.84 -31.84 -11.18
N1 ADP T . 38.01 -30.68 -12.89
C2 ADP T . 38.46 -29.54 -13.43
N3 ADP T . 38.26 -28.34 -12.86
C4 ADP T . 37.60 -28.22 -11.71
C12 XKM U . 6.83 -46.36 -15.16
C13 XKM U . 7.85 -45.30 -15.71
C14 XKM U . 8.62 -44.49 -16.19
C15 XKM U . 9.53 -43.55 -16.79
C16 XKM U . 9.88 -43.51 -18.10
C18 XKM U . 10.72 -42.63 -18.66
C19 XKM U . 11.30 -41.67 -17.96
C21 XKM U . 11.72 -39.53 -19.06
C22 XKM U . 12.77 -38.44 -19.16
C01 XKM U . 5.15 -49.02 -10.28
C02 XKM U . 6.26 -49.86 -9.57
C04 XKM U . 8.18 -49.88 -8.36
C05 XKM U . 7.17 -47.82 -8.54
C06 XKM U . 6.07 -46.97 -9.18
C07 XKM U . 5.45 -47.55 -10.45
C09 XKM U . 5.97 -47.25 -13.04
C25 XKM U . 14.42 -36.98 -18.61
C27 XKM U . 16.66 -35.25 -18.99
C28 XKM U . 17.24 -34.17 -18.06
C29 XKM U . 18.08 -33.20 -18.83
C30 XKM U . 17.69 -32.81 -20.22
C31 XKM U . 17.24 -34.12 -20.81
C32 XKM U . 16.01 -34.49 -20.12
C34 XKM U . 13.89 -38.33 -16.91
C35 XKM U . 12.81 -38.32 -15.94
C37 XKM U . 14.49 -38.94 -14.36
C38 XKM U . 15.56 -38.96 -15.22
C39 XKM U . 15.20 -38.61 -16.69
C40 XKM U . 11.04 -41.56 -16.58
C41 XKM U . 10.17 -42.49 -16.08
F17 XKM U . 9.41 -44.38 -18.95
F42 XKM U . 9.91 -42.42 -14.80
N03 XKM U . 6.89 -49.25 -8.36
N08 XKM U . 6.42 -47.30 -11.61
N23 XKM U . 13.12 -37.57 -20.19
N24 XKM U . 14.08 -36.73 -19.87
N33 XKM U . 13.63 -38.00 -18.20
N36 XKM U . 13.19 -38.62 -14.75
O10 XKM U . 5.36 -48.17 -13.54
O11 XKM U . 6.28 -46.12 -13.85
O20 XKM U . 12.10 -40.91 -18.74
S26 XKM U . 15.61 -36.09 -17.89
PB ADP V . 18.94 20.99 -18.50
O1B ADP V . 20.43 20.76 -18.53
O2B ADP V . 18.21 20.40 -17.32
O3B ADP V . 18.26 20.79 -19.82
PA ADP V . 19.45 23.52 -19.42
O1A ADP V . 18.33 24.38 -19.96
O2A ADP V . 20.23 22.66 -20.37
O3A ADP V . 18.82 22.57 -18.28
O5' ADP V . 20.47 24.47 -18.65
C5' ADP V . 21.51 25.07 -19.43
C4' ADP V . 22.16 26.19 -18.63
O4' ADP V . 23.00 25.61 -17.64
C3' ADP V . 23.04 27.06 -19.51
O3' ADP V . 22.99 28.41 -19.08
C2' ADP V . 24.42 26.50 -19.30
O2' ADP V . 25.42 27.52 -19.35
C1' ADP V . 24.37 25.85 -17.93
N9 ADP V . 25.07 24.56 -17.93
C8 ADP V . 24.58 23.44 -17.39
N7 ADP V . 25.46 22.42 -17.53
C5 ADP V . 26.53 22.91 -18.17
C6 ADP V . 27.81 22.35 -18.62
N6 ADP V . 28.09 21.04 -18.41
N1 ADP V . 28.67 23.17 -19.25
C2 ADP V . 28.38 24.47 -19.46
N3 ADP V . 27.23 25.04 -19.06
C4 ADP V . 26.29 24.32 -18.41
PB ADP W . 40.50 4.30 5.07
O1B ADP W . 40.68 3.88 3.64
O2B ADP W . 41.00 3.30 6.08
O3B ADP W . 39.15 4.90 5.39
PA ADP W . 41.64 6.56 4.00
O1A ADP W . 42.69 6.05 3.05
O2A ADP W . 40.26 6.88 3.51
O3A ADP W . 41.51 5.53 5.21
O5' ADP W . 42.23 7.87 4.72
C5' ADP W . 42.52 9.01 3.92
C4' ADP W . 43.16 10.09 4.78
O4' ADP W . 44.28 9.51 5.44
C3' ADP W . 43.65 11.25 3.96
O3' ADP W . 43.39 12.48 4.62
C2' ADP W . 45.14 11.01 3.80
O2' ADP W . 45.87 12.24 3.93
C1' ADP W . 45.50 10.05 4.92
N9 ADP W . 46.32 8.92 4.43
C8 ADP W . 46.03 7.64 4.69
N7 ADP W . 46.96 6.83 4.14
C5 ADP W . 47.85 7.60 3.53
C6 ADP W . 49.08 7.35 2.76
N6 ADP W . 49.48 6.08 2.57
N1 ADP W . 49.74 8.42 2.28
C2 ADP W . 49.30 9.67 2.50
N3 ADP W . 48.20 9.96 3.18
C4 ADP W . 47.44 8.99 3.73
C12 XKM X . 41.34 -14.52 -22.45
C13 XKM X . 41.28 -13.05 -21.93
C14 XKM X . 41.27 -11.88 -21.59
C15 XKM X . 41.26 -10.48 -21.22
C16 XKM X . 41.71 -9.46 -21.99
C18 XKM X . 41.71 -8.15 -21.64
C19 XKM X . 41.22 -7.75 -20.48
C21 XKM X . 40.10 -5.59 -20.28
C22 XKM X . 40.03 -4.34 -19.39
C01 XKM X . 41.09 -20.14 -20.81
C02 XKM X . 42.26 -20.61 -19.90
C04 XKM X . 43.29 -20.51 -17.87
C05 XKM X . 41.17 -19.57 -17.94
C06 XKM X . 39.98 -19.15 -18.80
C07 XKM X . 40.27 -18.97 -20.29
C09 XKM X . 40.91 -16.86 -21.76
C25 XKM X . 39.99 -3.00 -17.55
C27 XKM X . 40.24 -0.59 -16.01
C28 XKM X . 39.51 -0.24 -14.73
C29 XKM X . 39.54 1.25 -14.54
C30 XKM X . 39.52 2.17 -15.71
C31 XKM X . 40.27 1.44 -16.79
C32 XKM X . 39.55 0.21 -17.06
C34 XKM X . 40.36 -5.15 -17.06
C35 XKM X . 39.46 -6.28 -16.91
C37 XKM X . 40.80 -6.88 -15.03
C38 XKM X . 41.68 -5.83 -15.10
C39 XKM X . 41.42 -4.84 -16.27
C40 XKM X . 40.69 -8.68 -19.57
C41 XKM X . 40.74 -9.99 -19.99
F17 XKM X . 42.23 -9.67 -23.17
F42 XKM X . 40.26 -10.88 -19.16
N03 XKM X . 41.97 -20.70 -18.43
N08 XKM X . 40.99 -17.63 -20.48
N23 XKM X . 39.80 -3.00 -19.68
N24 XKM X . 39.79 -2.23 -18.63
N33 XKM X . 40.14 -4.26 -18.04
N36 XKM X . 39.75 -7.06 -15.93
O10 XKM X . 41.22 -17.36 -22.82
O11 XKM X . 40.50 -15.49 -21.77
O20 XKM X . 41.32 -6.40 -20.38
S26 XKM X . 40.04 -2.32 -16.05
#